data_5XMJ
#
_entry.id   5XMJ
#
_cell.length_a   112.136
_cell.length_b   131.772
_cell.length_c   195.428
_cell.angle_alpha   90.000
_cell.angle_beta   94.220
_cell.angle_gamma   90.000
#
_symmetry.space_group_name_H-M   'P 1 21 1'
#
loop_
_entity.id
_entity.type
_entity.pdbx_description
1 polymer 'fumarate reductase flavoprotein subunit'
2 polymer 'Succinate dehydrogenase iron-sulfur subunit'
3 polymer 'fumarate reductase respiratory complex'
4 non-polymer 'FLAVIN-ADENINE DINUCLEOTIDE'
5 non-polymer 'FUMARIC ACID'
6 non-polymer 'FE3-S4 CLUSTER'
7 non-polymer 'IRON/SULFUR CLUSTER'
8 non-polymer 'FE2/S2 (INORGANIC) CLUSTER'
9 non-polymer 'PROTOPORPHYRIN IX CONTAINING FE'
10 non-polymer DODECYL-BETA-D-MALTOSIDE
11 non-polymer MENAQUINONE-7
#
loop_
_entity_poly.entity_id
_entity_poly.type
_entity_poly.pdbx_seq_one_letter_code
_entity_poly.pdbx_strand_id
1 'polypeptide(L)'
;MQIYHTDVLCIGGALAGERVAVEASMAGLKTIMLSLVPPRRSHSSAAQGGMQAALGNAIMGDGDSPDVHFADTVKGSDWG
CDQEVARIFADTAPIVMREVAHWGVPWNRVVPGKHTYYKGGKPFEAEEKAEKAGLIHARAFGGTAAWRTCYTADGTGRSV
LNTLDTKCLQYGVTVHDRMQAEALIHDGGNCLGCIARCLRTGELVAYLATSTLIATGGYGRIYKATTNAVICDGGGQIIA
LDTGLVPMGNMEAVQFHPTGTVPTDILVTEGCRGDGGTLLDVNQYRFMPDYEPDKAQLASRDVVSRRMTEHMRKGLGVKS
PYGDHLWLDIRHLGEKHITTKLREVYDICTNFLGVNPIHQLIPVRPTHHYSMGGVRTNRDGAAYGLKGLFSAGESACWDM
HGFNRLGGNSLAETVVAGRYIGERMVEFTKGATPSFGMQYVEDAHKKVQERITDIVTGRKGKENTFKIRDEMHDIMMEGV
GIFRNGTDLQKAVNKLEELYDRSQKISLSSACKGMNPELSTALRIRGMLKLAQCTAYGALDRTESRGAHTREDFPERNDK
EWLNRTLSYWKEGASMPTLEYEEASPYYEMPPGDRGYGGGVTIANELPPEKFVIPEAAKENLKKAKL
;
A,E,I,M
2 'polypeptide(L)'
;MNRMLTLNIFRYNPLDPDSQPRMQTFTVQEYDSMTLFIALTQIRDEKDPTLKVDFCCRAGICGSCAMVINGRPGLACHTQ
TKDLPAEITLHPLPFFQLLGDLSVDTGSWFRKTGLQIEAWCHSDDKAFDPTADEMRMDNDLANEIFELDRCIECGCCVAA
CGTARMRTDFLGAVSIMRVARFYLDPRDKRSEDDYYDVIGNDQGVFGCMGLLACEDVCPKGIPLQDQLGIMRRMMAMHSV
KGVLPRPLIETIKKKGCCHAHAQS
;
B,F,J,N
3 'polypeptide(L)'
;MNASTITLHVPQRSKIAGRMDFFQMVSGALLILFLWAHMMLVSSVILSPSLMNGIAWFFEATYMAQIGGPAVFVLMVVHF
ILAARKMPFKQDEWKTFRVHACMLHHKDTTMWVVQVISAIFILVLGAVHMFVVLTDLPITAAKSAARLQSGWLYLYLVLL
PLAELHVGVGFYRIGVKYGFVGRNKRKWFQKTENLMMIGFITIGLLTLVRFMLLNIQG
;
C,G,K,O
#
# COMPACT_ATOMS: atom_id res chain seq x y z
N MET A 1 -27.00 -50.47 -3.24
CA MET A 1 -27.17 -50.97 -4.60
C MET A 1 -26.19 -50.27 -5.54
N GLN A 2 -25.52 -51.05 -6.38
CA GLN A 2 -24.58 -50.54 -7.39
C GLN A 2 -23.37 -49.85 -6.76
N ILE A 3 -22.81 -50.46 -5.73
CA ILE A 3 -21.71 -49.86 -4.98
C ILE A 3 -20.42 -49.89 -5.80
N TYR A 4 -19.78 -48.74 -5.94
CA TYR A 4 -18.49 -48.63 -6.62
C TYR A 4 -17.39 -48.33 -5.64
N HIS A 5 -16.20 -48.80 -5.94
CA HIS A 5 -15.04 -48.43 -5.14
C HIS A 5 -13.99 -47.66 -5.91
N THR A 6 -13.31 -46.84 -5.12
CA THR A 6 -12.11 -46.16 -5.58
C THR A 6 -11.28 -45.81 -4.38
N ASP A 7 -10.15 -45.17 -4.64
CA ASP A 7 -9.38 -44.53 -3.59
C ASP A 7 -9.83 -43.09 -3.42
N VAL A 8 -9.69 -42.30 -4.47
CA VAL A 8 -9.95 -40.86 -4.47
C VAL A 8 -11.24 -40.59 -5.26
N LEU A 9 -12.26 -40.13 -4.58
CA LEU A 9 -13.50 -39.80 -5.22
C LEU A 9 -13.51 -38.30 -5.29
N CYS A 10 -13.52 -37.72 -6.49
CA CYS A 10 -13.61 -36.27 -6.68
C CYS A 10 -15.05 -35.97 -7.04
N ILE A 11 -15.79 -35.32 -6.14
CA ILE A 11 -17.18 -34.96 -6.41
C ILE A 11 -17.11 -33.61 -7.07
N GLY A 12 -17.37 -33.60 -8.38
CA GLY A 12 -17.12 -32.52 -9.34
C GLY A 12 -15.94 -32.71 -10.30
N GLY A 13 -16.18 -32.40 -11.56
CA GLY A 13 -15.24 -32.73 -12.60
C GLY A 13 -14.60 -31.53 -13.24
N ALA A 14 -14.60 -30.39 -12.55
CA ALA A 14 -14.35 -29.19 -13.33
C ALA A 14 -12.90 -28.80 -13.52
N LEU A 15 -12.30 -28.09 -12.56
CA LEU A 15 -10.93 -27.62 -12.77
C LEU A 15 -10.10 -28.05 -11.57
N ALA A 16 -10.49 -27.62 -10.36
CA ALA A 16 -9.93 -28.22 -9.15
C ALA A 16 -10.16 -29.72 -9.12
N GLY A 17 -11.42 -30.15 -9.22
CA GLY A 17 -11.67 -31.58 -9.21
C GLY A 17 -10.75 -32.31 -10.17
N GLU A 18 -10.55 -31.75 -11.35
CA GLU A 18 -9.72 -32.41 -12.33
C GLU A 18 -8.25 -32.40 -11.91
N ARG A 19 -7.74 -31.26 -11.42
CA ARG A 19 -6.35 -31.23 -11.00
C ARG A 19 -6.10 -32.25 -9.91
N VAL A 20 -6.97 -32.30 -8.92
CA VAL A 20 -6.77 -33.24 -7.81
C VAL A 20 -6.84 -34.70 -8.31
N ALA A 21 -7.81 -35.02 -9.17
CA ALA A 21 -7.88 -36.38 -9.70
C ALA A 21 -6.62 -36.71 -10.47
N VAL A 22 -6.03 -35.70 -11.10
CA VAL A 22 -4.80 -35.90 -11.85
C VAL A 22 -3.63 -36.06 -10.89
N GLU A 23 -3.68 -35.50 -9.69
CA GLU A 23 -2.55 -35.81 -8.84
C GLU A 23 -2.68 -37.14 -8.14
N ALA A 24 -3.88 -37.51 -7.72
CA ALA A 24 -4.04 -38.83 -7.14
C ALA A 24 -3.61 -39.88 -8.15
N SER A 25 -3.91 -39.60 -9.41
CA SER A 25 -3.58 -40.48 -10.50
C SER A 25 -2.14 -40.30 -10.97
N MET A 26 -1.50 -39.20 -10.66
CA MET A 26 -0.10 -39.10 -11.04
C MET A 26 0.77 -39.94 -10.10
N ALA A 27 0.41 -39.97 -8.83
CA ALA A 27 1.00 -40.86 -7.84
C ALA A 27 0.36 -42.22 -7.87
N GLY A 28 -0.60 -42.40 -8.76
CA GLY A 28 -1.16 -43.71 -8.99
C GLY A 28 -2.17 -44.29 -8.03
N LEU A 29 -3.25 -43.59 -7.75
CA LEU A 29 -4.36 -44.18 -7.04
C LEU A 29 -5.56 -44.27 -7.99
N LYS A 30 -6.48 -45.19 -7.67
CA LYS A 30 -7.71 -45.36 -8.44
C LYS A 30 -8.72 -44.30 -8.07
N THR A 31 -9.42 -43.74 -9.07
CA THR A 31 -10.19 -42.52 -8.88
C THR A 31 -11.50 -42.32 -9.64
N ILE A 32 -12.56 -41.91 -8.97
CA ILE A 32 -13.82 -41.65 -9.65
C ILE A 32 -14.15 -40.18 -9.58
N MET A 33 -14.48 -39.59 -10.70
CA MET A 33 -14.84 -38.19 -10.80
C MET A 33 -16.29 -38.09 -11.17
N LEU A 34 -17.11 -37.64 -10.25
CA LEU A 34 -18.52 -37.46 -10.55
C LEU A 34 -18.70 -36.09 -11.16
N SER A 35 -19.55 -36.00 -12.16
CA SER A 35 -19.76 -34.72 -12.84
C SER A 35 -21.20 -34.61 -13.28
N LEU A 36 -21.75 -33.41 -13.13
CA LEU A 36 -23.14 -33.22 -13.50
C LEU A 36 -23.27 -33.17 -15.01
N VAL A 37 -22.22 -32.74 -15.66
CA VAL A 37 -22.17 -32.72 -17.10
C VAL A 37 -20.73 -33.09 -17.41
N PRO A 38 -20.44 -33.44 -18.64
CA PRO A 38 -19.09 -33.83 -18.99
C PRO A 38 -18.09 -32.85 -18.43
N PRO A 39 -16.96 -33.32 -17.99
CA PRO A 39 -16.01 -32.42 -17.33
C PRO A 39 -15.64 -31.21 -18.20
N ARG A 40 -15.63 -31.36 -19.52
CA ARG A 40 -15.30 -30.23 -20.39
C ARG A 40 -16.20 -29.05 -20.15
N ARG A 41 -17.49 -29.29 -20.10
CA ARG A 41 -18.43 -28.23 -19.80
C ARG A 41 -18.61 -28.25 -18.32
N SER A 42 -18.02 -27.27 -17.68
CA SER A 42 -18.21 -26.99 -16.29
C SER A 42 -18.26 -25.49 -16.27
N HIS A 43 -18.21 -24.90 -15.10
CA HIS A 43 -18.18 -23.46 -15.13
C HIS A 43 -16.79 -22.91 -15.29
N SER A 44 -15.76 -23.74 -15.06
CA SER A 44 -14.41 -23.31 -15.37
C SER A 44 -14.25 -23.02 -16.85
N SER A 45 -15.07 -23.61 -17.70
CA SER A 45 -14.88 -23.34 -19.10
C SER A 45 -15.41 -21.97 -19.49
N ALA A 46 -16.40 -21.47 -18.78
CA ALA A 46 -16.94 -20.16 -19.13
C ALA A 46 -15.99 -19.02 -18.74
N ALA A 47 -14.84 -19.33 -18.15
CA ALA A 47 -13.92 -18.30 -17.67
C ALA A 47 -13.26 -17.59 -18.84
N GLN A 48 -13.51 -16.29 -18.94
CA GLN A 48 -12.96 -15.47 -20.01
C GLN A 48 -11.70 -14.70 -19.66
N GLY A 49 -11.47 -14.40 -18.40
CA GLY A 49 -10.41 -13.45 -18.10
C GLY A 49 -8.97 -13.91 -18.15
N GLY A 50 -8.63 -14.88 -17.35
CA GLY A 50 -7.23 -15.25 -17.25
C GLY A 50 -6.91 -15.81 -15.89
N MET A 51 -5.62 -16.17 -15.76
CA MET A 51 -5.08 -16.95 -14.67
C MET A 51 -3.94 -16.20 -14.02
N GLN A 52 -4.08 -15.93 -12.74
CA GLN A 52 -3.21 -15.01 -12.06
C GLN A 52 -2.07 -15.77 -11.41
N ALA A 53 -0.85 -15.55 -11.87
CA ALA A 53 0.29 -16.06 -11.14
C ALA A 53 1.43 -15.12 -11.42
N ALA A 54 2.22 -14.85 -10.39
CA ALA A 54 3.30 -13.91 -10.56
C ALA A 54 4.35 -14.48 -11.49
N LEU A 55 4.73 -13.71 -12.49
CA LEU A 55 5.68 -14.18 -13.49
C LEU A 55 6.96 -13.35 -13.46
N GLY A 56 6.87 -12.05 -13.76
CA GLY A 56 8.01 -11.18 -13.92
C GLY A 56 8.43 -10.91 -15.35
N ASN A 57 7.75 -11.50 -16.35
CA ASN A 57 8.18 -11.41 -17.73
C ASN A 57 7.68 -10.18 -18.51
N ALA A 58 6.40 -9.82 -18.38
CA ALA A 58 5.90 -8.66 -19.12
C ALA A 58 6.44 -7.37 -18.53
N ILE A 59 6.55 -6.34 -19.37
CA ILE A 59 7.08 -5.05 -18.90
C ILE A 59 6.16 -4.45 -17.85
N MET A 60 4.84 -4.56 -18.07
CA MET A 60 3.85 -4.06 -17.12
C MET A 60 3.77 -4.92 -15.85
N GLY A 61 4.49 -6.02 -15.79
CA GLY A 61 4.69 -6.72 -14.55
C GLY A 61 6.11 -6.71 -14.03
N ASP A 62 7.00 -5.90 -14.60
CA ASP A 62 8.43 -6.01 -14.28
C ASP A 62 8.70 -5.86 -12.79
N GLY A 63 9.35 -6.87 -12.20
CA GLY A 63 9.56 -6.91 -10.76
C GLY A 63 8.51 -7.66 -9.95
N ASP A 64 7.37 -8.04 -10.53
CA ASP A 64 6.32 -8.71 -9.77
C ASP A 64 6.90 -9.98 -9.18
N SER A 65 6.48 -10.28 -7.96
CA SER A 65 6.89 -11.45 -7.20
C SER A 65 5.68 -11.90 -6.40
N PRO A 66 5.68 -13.14 -5.90
CA PRO A 66 4.58 -13.56 -5.02
C PRO A 66 4.51 -12.77 -3.75
N ASP A 67 5.56 -12.06 -3.36
CA ASP A 67 5.37 -11.10 -2.29
C ASP A 67 4.28 -10.11 -2.68
N VAL A 68 4.42 -9.53 -3.86
CA VAL A 68 3.40 -8.62 -4.34
C VAL A 68 2.08 -9.35 -4.44
N HIS A 69 2.11 -10.59 -4.89
CA HIS A 69 0.86 -11.32 -5.11
C HIS A 69 0.13 -11.53 -3.79
N PHE A 70 0.81 -12.12 -2.83
CA PHE A 70 0.27 -12.28 -1.49
C PHE A 70 -0.25 -10.97 -0.98
N ALA A 71 0.58 -9.95 -1.11
CA ALA A 71 0.23 -8.65 -0.56
C ALA A 71 -1.09 -8.19 -1.12
N ASP A 72 -1.18 -8.18 -2.45
CA ASP A 72 -2.37 -7.78 -3.19
C ASP A 72 -3.55 -8.65 -2.81
N THR A 73 -3.29 -9.94 -2.66
CA THR A 73 -4.33 -10.91 -2.35
C THR A 73 -4.99 -10.53 -1.05
N VAL A 74 -4.16 -10.43 0.00
CA VAL A 74 -4.67 -10.11 1.32
C VAL A 74 -5.42 -8.77 1.28
N LYS A 75 -4.82 -7.74 0.67
CA LYS A 75 -5.46 -6.44 0.64
C LYS A 75 -6.83 -6.56 0.01
N GLY A 76 -6.93 -7.23 -1.12
CA GLY A 76 -8.25 -7.44 -1.71
C GLY A 76 -9.19 -8.17 -0.79
N SER A 77 -8.68 -9.06 0.04
CA SER A 77 -9.58 -9.87 0.86
C SER A 77 -10.00 -9.17 2.13
N ASP A 78 -9.59 -7.91 2.31
CA ASP A 78 -9.98 -7.08 3.46
C ASP A 78 -9.46 -7.67 4.77
N TRP A 79 -8.33 -8.34 4.69
CA TRP A 79 -7.78 -9.08 5.81
C TRP A 79 -8.83 -9.99 6.43
N GLY A 80 -9.67 -10.56 5.58
CA GLY A 80 -10.69 -11.54 5.91
C GLY A 80 -10.24 -12.96 5.69
N CYS A 81 -8.98 -13.14 5.33
CA CYS A 81 -8.47 -14.39 4.80
C CYS A 81 -7.40 -14.99 5.69
N ASP A 82 -7.12 -16.26 5.47
CA ASP A 82 -6.06 -16.99 6.16
C ASP A 82 -4.78 -16.70 5.42
N GLN A 83 -3.84 -16.00 6.06
CA GLN A 83 -2.59 -15.57 5.41
C GLN A 83 -1.59 -16.70 5.27
N GLU A 84 -1.81 -17.81 5.96
CA GLU A 84 -1.05 -19.01 5.65
C GLU A 84 -1.52 -19.54 4.32
N VAL A 85 -2.84 -19.61 4.15
CA VAL A 85 -3.40 -20.13 2.90
C VAL A 85 -2.86 -19.31 1.72
N ALA A 86 -2.94 -17.99 1.84
CA ALA A 86 -2.55 -17.09 0.75
C ALA A 86 -1.03 -17.02 0.53
N ARG A 87 -0.19 -17.11 1.57
CA ARG A 87 1.24 -17.32 1.33
C ARG A 87 1.48 -18.52 0.43
N ILE A 88 1.09 -19.69 0.92
CA ILE A 88 1.27 -20.91 0.15
C ILE A 88 0.79 -20.71 -1.28
N PHE A 89 -0.42 -20.21 -1.43
CA PHE A 89 -0.97 -20.02 -2.75
C PHE A 89 -0.13 -19.06 -3.62
N ALA A 90 0.29 -17.92 -3.06
CA ALA A 90 1.00 -16.93 -3.87
C ALA A 90 2.31 -17.48 -4.39
N ASP A 91 3.01 -18.28 -3.56
CA ASP A 91 4.27 -18.89 -4.00
C ASP A 91 4.07 -20.11 -4.92
N THR A 92 2.91 -20.81 -4.80
CA THR A 92 2.58 -22.02 -5.57
C THR A 92 1.94 -21.70 -6.94
N ALA A 93 1.45 -20.48 -7.14
CA ALA A 93 0.87 -20.11 -8.42
C ALA A 93 1.84 -20.25 -9.59
N PRO A 94 3.10 -19.79 -9.51
CA PRO A 94 4.00 -19.95 -10.66
C PRO A 94 4.37 -21.37 -10.94
N ILE A 95 4.68 -22.14 -9.90
CA ILE A 95 5.01 -23.56 -10.09
C ILE A 95 3.94 -24.18 -10.95
N VAL A 96 2.71 -23.86 -10.60
CA VAL A 96 1.54 -24.38 -11.26
C VAL A 96 1.34 -23.80 -12.66
N MET A 97 1.74 -22.56 -12.91
CA MET A 97 1.60 -22.01 -14.26
C MET A 97 2.68 -22.49 -15.22
N ARG A 98 3.92 -22.64 -14.77
CA ARG A 98 4.89 -23.30 -15.62
C ARG A 98 4.42 -24.72 -15.92
N GLU A 99 3.94 -25.42 -14.89
CA GLU A 99 3.48 -26.79 -15.05
C GLU A 99 2.35 -26.87 -16.10
N VAL A 100 1.23 -26.18 -15.86
CA VAL A 100 0.09 -26.25 -16.78
C VAL A 100 0.43 -25.72 -18.16
N ALA A 101 1.33 -24.75 -18.24
CA ALA A 101 1.79 -24.32 -19.55
C ALA A 101 2.51 -25.47 -20.25
N HIS A 102 3.24 -26.27 -19.48
CA HIS A 102 3.94 -27.42 -20.02
C HIS A 102 2.98 -28.52 -20.42
N TRP A 103 1.73 -28.44 -19.97
CA TRP A 103 0.69 -29.38 -20.35
C TRP A 103 0.00 -28.97 -21.64
N GLY A 104 0.51 -27.93 -22.30
CA GLY A 104 0.03 -27.51 -23.59
C GLY A 104 -1.02 -26.44 -23.66
N VAL A 105 -1.12 -25.57 -22.67
CA VAL A 105 -2.12 -24.51 -22.84
C VAL A 105 -1.54 -23.58 -23.90
N PRO A 106 -2.40 -22.92 -24.67
CA PRO A 106 -1.91 -21.95 -25.65
C PRO A 106 -1.79 -20.55 -25.05
N TRP A 107 -0.99 -20.40 -23.98
CA TRP A 107 -0.87 -19.09 -23.36
C TRP A 107 -0.44 -18.08 -24.40
N ASN A 108 -1.04 -16.89 -24.36
CA ASN A 108 -0.56 -15.84 -25.24
C ASN A 108 0.80 -15.42 -24.69
N ARG A 109 1.81 -15.26 -25.56
CA ARG A 109 3.14 -14.94 -25.07
C ARG A 109 3.51 -13.49 -25.38
N VAL A 110 4.74 -13.10 -24.99
CA VAL A 110 5.17 -11.72 -25.23
C VAL A 110 5.71 -11.59 -26.65
N VAL A 111 5.60 -10.37 -27.18
CA VAL A 111 6.11 -9.99 -28.49
C VAL A 111 7.09 -8.85 -28.28
N PRO A 112 8.36 -8.99 -28.65
CA PRO A 112 9.28 -7.88 -28.46
C PRO A 112 8.89 -6.72 -29.36
N GLY A 113 8.94 -5.53 -28.79
CA GLY A 113 8.66 -4.29 -29.48
C GLY A 113 8.14 -3.26 -28.50
N LYS A 114 7.65 -2.15 -29.04
CA LYS A 114 7.01 -1.13 -28.24
C LYS A 114 5.57 -1.08 -28.69
N HIS A 115 4.66 -1.16 -27.73
CA HIS A 115 3.24 -1.23 -28.03
C HIS A 115 2.54 -0.05 -27.38
N THR A 116 1.33 0.19 -27.86
CA THR A 116 0.45 1.23 -27.35
C THR A 116 -0.67 0.62 -26.53
N TYR A 117 -0.58 0.73 -25.21
CA TYR A 117 -1.48 0.06 -24.28
C TYR A 117 -2.65 0.97 -23.94
N TYR A 118 -3.40 0.62 -22.91
CA TYR A 118 -4.39 1.49 -22.29
C TYR A 118 -4.39 1.29 -20.79
N LYS A 119 -4.24 2.38 -20.04
CA LYS A 119 -4.26 2.30 -18.57
C LYS A 119 -5.60 2.79 -18.03
N GLY A 120 -5.91 4.05 -18.27
CA GLY A 120 -7.17 4.66 -17.89
C GLY A 120 -8.10 4.55 -19.07
N GLY A 121 -8.77 5.65 -19.39
CA GLY A 121 -9.50 5.74 -20.62
C GLY A 121 -8.61 6.50 -21.59
N LYS A 122 -7.31 6.45 -21.32
CA LYS A 122 -6.29 7.10 -22.11
C LYS A 122 -5.15 6.11 -22.34
N PRO A 123 -4.65 6.03 -23.56
CA PRO A 123 -3.51 5.14 -23.86
C PRO A 123 -2.16 5.76 -23.52
N PHE A 124 -1.25 4.90 -23.14
CA PHE A 124 0.13 5.27 -22.89
C PHE A 124 0.98 4.30 -23.68
N GLU A 125 2.15 4.74 -24.11
CA GLU A 125 3.05 3.82 -24.78
C GLU A 125 3.86 3.07 -23.75
N ALA A 126 4.17 1.83 -24.07
CA ALA A 126 5.06 1.10 -23.20
C ALA A 126 5.75 0.05 -24.03
N GLU A 127 7.00 -0.23 -23.68
CA GLU A 127 7.79 -1.20 -24.40
C GLU A 127 7.37 -2.61 -23.97
N GLU A 128 8.10 -3.62 -24.43
CA GLU A 128 7.98 -5.00 -23.98
C GLU A 128 9.36 -5.61 -24.02
N LYS A 129 9.69 -6.37 -22.98
CA LYS A 129 11.05 -6.85 -22.74
C LYS A 129 11.67 -7.47 -23.99
N ALA A 130 12.89 -7.06 -24.31
CA ALA A 130 13.51 -7.58 -25.52
C ALA A 130 13.97 -9.02 -25.37
N GLU A 131 14.44 -9.41 -24.17
CA GLU A 131 14.94 -10.78 -23.97
C GLU A 131 13.87 -11.79 -23.53
N LYS A 132 12.71 -11.34 -23.04
CA LYS A 132 11.63 -12.26 -22.69
C LYS A 132 10.60 -12.18 -23.82
N ALA A 133 10.87 -12.91 -24.90
CA ALA A 133 9.97 -12.89 -26.07
C ALA A 133 8.87 -13.92 -25.86
N GLY A 134 9.23 -15.17 -25.96
CA GLY A 134 8.22 -16.18 -25.95
C GLY A 134 7.71 -16.55 -24.58
N LEU A 135 8.04 -15.81 -23.52
CA LEU A 135 7.64 -16.27 -22.20
C LEU A 135 6.15 -15.97 -22.03
N ILE A 136 5.59 -16.18 -20.84
CA ILE A 136 4.13 -16.14 -20.72
C ILE A 136 3.70 -14.72 -20.46
N HIS A 137 2.72 -14.27 -21.22
CA HIS A 137 2.28 -12.89 -21.13
C HIS A 137 1.16 -12.74 -20.09
N ALA A 138 1.02 -11.51 -19.58
CA ALA A 138 0.04 -11.18 -18.56
C ALA A 138 -0.82 -10.01 -19.04
N ARG A 139 -1.70 -9.55 -18.15
CA ARG A 139 -2.57 -8.42 -18.48
C ARG A 139 -3.07 -7.80 -17.19
N ALA A 140 -3.50 -6.55 -17.31
CA ALA A 140 -4.01 -5.86 -16.14
C ALA A 140 -5.38 -6.42 -15.74
N PHE A 141 -5.56 -6.61 -14.44
CA PHE A 141 -6.80 -7.18 -13.98
C PHE A 141 -7.01 -6.77 -12.53
N GLY A 142 -8.27 -6.64 -12.13
CA GLY A 142 -8.60 -6.52 -10.72
C GLY A 142 -7.84 -5.44 -9.97
N GLY A 143 -7.45 -5.79 -8.74
CA GLY A 143 -6.74 -4.94 -7.80
C GLY A 143 -5.26 -5.25 -7.73
N THR A 144 -4.75 -5.84 -8.79
CA THR A 144 -3.34 -6.13 -8.85
C THR A 144 -2.55 -4.84 -9.01
N ALA A 145 -1.26 -4.89 -8.61
CA ALA A 145 -0.32 -3.77 -8.81
C ALA A 145 0.34 -3.91 -10.17
N ALA A 146 1.22 -4.89 -10.29
CA ALA A 146 1.77 -5.31 -11.56
C ALA A 146 0.70 -6.10 -12.34
N TRP A 147 0.93 -6.32 -13.62
CA TRP A 147 -0.01 -7.13 -14.42
C TRP A 147 0.46 -8.59 -14.29
N ARG A 148 -0.26 -9.38 -13.50
CA ARG A 148 0.07 -10.79 -13.36
C ARG A 148 -0.86 -11.77 -14.02
N THR A 149 -1.96 -11.32 -14.60
CA THR A 149 -3.02 -12.24 -15.01
C THR A 149 -2.62 -12.85 -16.33
N CYS A 150 -2.49 -14.17 -16.37
CA CYS A 150 -2.06 -14.88 -17.57
C CYS A 150 -3.26 -15.47 -18.30
N TYR A 151 -3.25 -15.36 -19.62
CA TYR A 151 -4.45 -15.61 -20.40
C TYR A 151 -4.10 -16.31 -21.70
N THR A 152 -5.12 -17.01 -22.26
CA THR A 152 -5.14 -17.46 -23.66
C THR A 152 -6.29 -16.71 -24.34
N ALA A 153 -5.95 -15.67 -25.11
CA ALA A 153 -6.94 -14.91 -25.86
C ALA A 153 -8.11 -14.59 -24.95
N ASP A 154 -9.29 -15.09 -25.29
CA ASP A 154 -10.35 -14.92 -24.33
C ASP A 154 -10.54 -16.16 -23.45
N GLY A 155 -11.13 -17.24 -23.97
CA GLY A 155 -11.39 -18.34 -23.04
C GLY A 155 -10.06 -18.93 -22.64
N THR A 156 -9.68 -18.59 -21.41
CA THR A 156 -8.58 -19.20 -20.69
C THR A 156 -9.07 -20.39 -19.91
N GLY A 157 -10.28 -20.32 -19.37
CA GLY A 157 -10.88 -21.45 -18.69
C GLY A 157 -11.06 -22.62 -19.62
N ARG A 158 -11.60 -22.34 -20.81
CA ARG A 158 -11.71 -23.39 -21.79
C ARG A 158 -10.33 -23.98 -22.02
N SER A 159 -9.34 -23.13 -22.20
CA SER A 159 -8.05 -23.63 -22.65
C SER A 159 -7.21 -24.23 -21.54
N VAL A 160 -7.41 -23.86 -20.28
CA VAL A 160 -6.67 -24.54 -19.21
C VAL A 160 -7.37 -25.82 -18.79
N LEU A 161 -8.68 -25.76 -18.60
CA LEU A 161 -9.39 -26.99 -18.29
C LEU A 161 -9.19 -28.01 -19.39
N ASN A 162 -9.08 -27.55 -20.62
CA ASN A 162 -9.03 -28.47 -21.75
C ASN A 162 -7.78 -29.32 -21.72
N THR A 163 -6.60 -28.74 -21.43
CA THR A 163 -5.42 -29.60 -21.32
C THR A 163 -5.38 -30.35 -19.99
N LEU A 164 -5.96 -29.76 -18.94
CA LEU A 164 -6.16 -30.53 -17.71
C LEU A 164 -6.96 -31.79 -17.96
N ASP A 165 -8.01 -31.68 -18.77
CA ASP A 165 -8.80 -32.86 -19.11
C ASP A 165 -8.01 -33.87 -19.95
N THR A 166 -7.25 -33.39 -20.95
CA THR A 166 -6.44 -34.37 -21.70
C THR A 166 -5.46 -35.09 -20.80
N LYS A 167 -4.91 -34.40 -19.78
CA LYS A 167 -4.14 -35.12 -18.78
C LYS A 167 -5.01 -36.10 -18.01
N CYS A 168 -6.28 -35.74 -17.71
CA CYS A 168 -7.17 -36.74 -17.11
C CYS A 168 -7.25 -38.02 -17.95
N LEU A 169 -7.59 -37.90 -19.24
CA LEU A 169 -7.76 -39.09 -20.07
C LEU A 169 -6.47 -39.87 -20.15
N GLN A 170 -5.34 -39.16 -20.34
CA GLN A 170 -4.06 -39.83 -20.47
C GLN A 170 -3.77 -40.68 -19.25
N TYR A 171 -3.97 -40.13 -18.05
CA TYR A 171 -3.71 -40.89 -16.83
C TYR A 171 -4.89 -41.80 -16.41
N GLY A 172 -5.95 -41.85 -17.21
CA GLY A 172 -7.03 -42.78 -17.00
C GLY A 172 -7.87 -42.57 -15.78
N VAL A 173 -8.44 -41.41 -15.66
CA VAL A 173 -9.35 -41.15 -14.58
C VAL A 173 -10.71 -41.65 -15.02
N THR A 174 -11.29 -42.60 -14.30
CA THR A 174 -12.65 -42.99 -14.68
C THR A 174 -13.63 -41.93 -14.25
N VAL A 175 -14.49 -41.54 -15.19
CA VAL A 175 -15.39 -40.39 -15.08
C VAL A 175 -16.79 -40.88 -15.30
N HIS A 176 -17.66 -40.68 -14.33
CA HIS A 176 -19.09 -40.93 -14.53
C HIS A 176 -19.75 -39.58 -14.65
N ASP A 177 -20.02 -39.19 -15.87
CA ASP A 177 -20.70 -37.93 -16.01
C ASP A 177 -22.15 -38.19 -15.63
N ARG A 178 -22.88 -37.12 -15.37
CA ARG A 178 -24.29 -37.24 -15.04
C ARG A 178 -24.50 -38.03 -13.75
N MET A 179 -23.83 -37.56 -12.68
CA MET A 179 -23.96 -38.12 -11.32
C MET A 179 -24.19 -36.98 -10.32
N GLN A 180 -25.39 -36.91 -9.76
CA GLN A 180 -25.71 -35.80 -8.87
C GLN A 180 -25.60 -36.31 -7.44
N ALA A 181 -24.55 -35.87 -6.74
CA ALA A 181 -24.38 -36.29 -5.37
C ALA A 181 -25.58 -35.85 -4.54
N GLU A 182 -25.90 -36.61 -3.49
CA GLU A 182 -27.12 -36.31 -2.72
C GLU A 182 -26.89 -36.27 -1.23
N ALA A 183 -26.39 -37.34 -0.64
CA ALA A 183 -25.86 -37.24 0.71
C ALA A 183 -24.45 -37.78 0.69
N LEU A 184 -23.75 -37.50 1.78
CA LEU A 184 -22.40 -37.99 2.03
C LEU A 184 -22.47 -39.26 2.83
N ILE A 185 -21.53 -40.17 2.57
CA ILE A 185 -21.46 -41.43 3.30
C ILE A 185 -20.43 -41.28 4.40
N HIS A 186 -20.93 -41.29 5.63
CA HIS A 186 -20.16 -40.94 6.80
C HIS A 186 -20.74 -41.63 8.00
N ASP A 187 -19.89 -41.67 8.98
CA ASP A 187 -20.24 -42.05 10.31
C ASP A 187 -19.10 -42.21 11.21
N GLY A 188 -19.25 -41.52 12.32
CA GLY A 188 -18.23 -41.46 13.32
C GLY A 188 -17.45 -40.30 12.77
N GLY A 189 -18.12 -39.28 12.30
CA GLY A 189 -17.24 -38.24 11.82
C GLY A 189 -16.11 -38.79 10.96
N ASN A 190 -16.33 -39.91 10.27
CA ASN A 190 -15.40 -40.46 9.29
C ASN A 190 -16.14 -40.52 7.95
N CYS A 191 -15.49 -40.10 6.85
CA CYS A 191 -16.17 -40.07 5.55
C CYS A 191 -15.76 -41.22 4.65
N LEU A 192 -16.75 -42.05 4.28
CA LEU A 192 -16.58 -43.22 3.44
C LEU A 192 -16.99 -43.02 1.98
N GLY A 193 -17.53 -41.86 1.63
CA GLY A 193 -17.98 -41.74 0.26
C GLY A 193 -19.18 -40.81 0.20
N CYS A 194 -20.00 -41.03 -0.81
CA CYS A 194 -21.26 -40.31 -0.91
C CYS A 194 -22.27 -41.23 -1.56
N ILE A 195 -23.53 -40.96 -1.34
CA ILE A 195 -24.59 -41.55 -2.14
C ILE A 195 -24.90 -40.56 -3.24
N ALA A 196 -25.09 -41.06 -4.46
CA ALA A 196 -25.31 -40.23 -5.64
C ALA A 196 -26.51 -40.70 -6.43
N ARG A 197 -26.80 -39.99 -7.49
CA ARG A 197 -27.97 -40.26 -8.30
C ARG A 197 -27.55 -40.31 -9.74
N CYS A 198 -27.91 -41.38 -10.43
CA CYS A 198 -27.67 -41.52 -11.86
C CYS A 198 -28.56 -40.54 -12.66
N LEU A 199 -27.94 -39.68 -13.43
CA LEU A 199 -28.70 -38.68 -14.19
C LEU A 199 -29.20 -39.27 -15.48
N ARG A 200 -28.98 -40.56 -15.67
CA ARG A 200 -29.57 -41.34 -16.74
C ARG A 200 -30.65 -42.30 -16.26
N THR A 201 -30.31 -43.30 -15.44
CA THR A 201 -31.32 -44.24 -14.98
C THR A 201 -32.31 -43.56 -14.06
N GLY A 202 -31.78 -42.92 -13.02
CA GLY A 202 -32.56 -42.39 -11.93
C GLY A 202 -32.43 -43.12 -10.60
N GLU A 203 -31.58 -44.13 -10.48
CA GLU A 203 -31.42 -44.77 -9.18
C GLU A 203 -30.06 -44.49 -8.61
N LEU A 204 -30.01 -44.60 -7.29
CA LEU A 204 -28.87 -44.22 -6.49
C LEU A 204 -27.75 -45.24 -6.63
N VAL A 205 -26.55 -44.79 -6.28
CA VAL A 205 -25.37 -45.50 -6.67
C VAL A 205 -24.37 -45.75 -5.54
N ALA A 206 -24.02 -44.72 -4.79
CA ALA A 206 -23.14 -44.95 -3.64
C ALA A 206 -21.71 -45.34 -4.00
N TYR A 207 -20.94 -44.34 -4.38
CA TYR A 207 -19.48 -44.44 -4.48
C TYR A 207 -18.84 -44.51 -3.11
N LEU A 208 -17.99 -45.50 -2.92
CA LEU A 208 -17.31 -45.73 -1.67
C LEU A 208 -15.83 -45.48 -1.90
N ALA A 209 -15.24 -44.68 -1.03
CA ALA A 209 -13.83 -44.49 -1.23
C ALA A 209 -13.22 -43.97 0.04
N THR A 210 -11.92 -44.19 0.18
CA THR A 210 -11.24 -43.56 1.27
C THR A 210 -11.32 -42.04 1.16
N SER A 211 -10.58 -41.41 0.24
CA SER A 211 -10.42 -39.96 0.27
C SER A 211 -11.32 -39.29 -0.73
N THR A 212 -12.21 -38.44 -0.22
CA THR A 212 -13.30 -37.82 -0.96
C THR A 212 -13.17 -36.31 -1.00
N LEU A 213 -13.44 -35.71 -2.15
CA LEU A 213 -13.23 -34.29 -2.42
C LEU A 213 -14.53 -33.65 -2.89
N ILE A 214 -14.71 -32.38 -2.54
CA ILE A 214 -15.89 -31.64 -2.98
C ILE A 214 -15.43 -30.55 -3.93
N ALA A 215 -15.71 -30.72 -5.24
CA ALA A 215 -15.37 -29.75 -6.28
C ALA A 215 -16.57 -28.97 -6.81
N THR A 216 -17.73 -29.09 -6.20
CA THR A 216 -18.95 -28.67 -6.90
C THR A 216 -19.08 -27.17 -7.23
N GLY A 217 -18.20 -26.28 -6.79
CA GLY A 217 -18.32 -24.91 -7.27
C GLY A 217 -19.44 -24.08 -6.63
N GLY A 218 -19.69 -22.92 -7.28
CA GLY A 218 -20.52 -21.89 -6.69
C GLY A 218 -21.99 -22.25 -6.59
N TYR A 219 -22.64 -21.54 -5.65
CA TYR A 219 -24.07 -21.60 -5.35
C TYR A 219 -24.87 -20.44 -5.94
N GLY A 220 -24.30 -19.69 -6.84
CA GLY A 220 -24.97 -18.50 -7.28
C GLY A 220 -26.36 -18.67 -7.89
N ARG A 221 -26.84 -19.89 -8.16
CA ARG A 221 -28.15 -19.89 -8.81
C ARG A 221 -29.28 -19.68 -7.83
N ILE A 222 -28.97 -19.39 -6.56
CA ILE A 222 -30.02 -18.96 -5.64
C ILE A 222 -30.51 -17.53 -5.90
N TYR A 223 -29.84 -16.78 -6.79
CA TYR A 223 -30.12 -15.41 -7.21
C TYR A 223 -30.79 -15.32 -8.57
N LYS A 224 -31.60 -14.28 -8.76
CA LYS A 224 -32.19 -14.09 -10.07
C LYS A 224 -31.11 -13.83 -11.09
N ALA A 225 -30.28 -12.86 -10.81
CA ALA A 225 -29.25 -12.45 -11.74
C ALA A 225 -27.90 -12.93 -11.24
N THR A 226 -27.28 -13.81 -12.02
CA THR A 226 -25.95 -14.31 -11.73
C THR A 226 -25.25 -14.69 -13.02
N THR A 227 -23.93 -14.53 -13.03
CA THR A 227 -23.13 -14.94 -14.16
C THR A 227 -22.83 -16.41 -14.11
N ASN A 228 -23.34 -17.11 -13.10
CA ASN A 228 -23.10 -18.53 -12.91
C ASN A 228 -23.88 -19.37 -13.91
N ALA A 229 -23.31 -20.50 -14.31
CA ALA A 229 -24.05 -21.39 -15.19
C ALA A 229 -25.16 -22.12 -14.43
N VAL A 230 -26.23 -22.50 -15.13
CA VAL A 230 -27.42 -23.06 -14.49
C VAL A 230 -27.15 -24.34 -13.73
N ILE A 231 -25.96 -24.94 -13.90
CA ILE A 231 -25.60 -26.15 -13.16
C ILE A 231 -25.10 -25.85 -11.75
N CYS A 232 -25.03 -24.59 -11.33
CA CYS A 232 -24.42 -24.26 -10.03
C CYS A 232 -25.54 -24.06 -9.01
N ASP A 233 -25.87 -25.14 -8.32
CA ASP A 233 -26.71 -25.09 -7.14
C ASP A 233 -25.88 -25.25 -5.86
N GLY A 234 -24.57 -25.50 -5.98
CA GLY A 234 -23.71 -25.92 -4.87
C GLY A 234 -23.86 -27.29 -4.25
N GLY A 235 -23.88 -28.34 -5.07
CA GLY A 235 -24.17 -29.64 -4.52
C GLY A 235 -23.32 -30.04 -3.34
N GLY A 236 -22.01 -30.10 -3.50
CA GLY A 236 -21.17 -30.55 -2.39
C GLY A 236 -21.39 -29.72 -1.14
N GLN A 237 -21.73 -28.45 -1.30
CA GLN A 237 -22.10 -27.68 -0.14
C GLN A 237 -23.35 -28.28 0.49
N ILE A 238 -24.40 -28.49 -0.29
CA ILE A 238 -25.62 -28.93 0.39
C ILE A 238 -25.46 -30.36 0.94
N ILE A 239 -24.52 -31.15 0.41
CA ILE A 239 -24.34 -32.48 0.99
C ILE A 239 -23.47 -32.41 2.28
N ALA A 240 -22.54 -31.45 2.36
CA ALA A 240 -21.75 -31.23 3.57
C ALA A 240 -22.50 -30.43 4.63
N LEU A 241 -23.59 -29.78 4.21
CA LEU A 241 -24.45 -29.05 5.14
C LEU A 241 -25.45 -29.99 5.83
N ASP A 242 -26.00 -30.93 5.07
CA ASP A 242 -26.94 -31.84 5.70
C ASP A 242 -26.25 -32.81 6.67
N THR A 243 -24.92 -32.86 6.70
CA THR A 243 -24.31 -33.73 7.68
C THR A 243 -24.29 -33.11 9.07
N GLY A 244 -24.34 -31.78 9.19
CA GLY A 244 -24.28 -31.15 10.50
C GLY A 244 -23.00 -31.35 11.27
N LEU A 245 -22.03 -32.01 10.64
CA LEU A 245 -20.71 -32.23 11.22
C LEU A 245 -19.73 -31.18 10.74
N VAL A 246 -19.65 -30.97 9.43
CA VAL A 246 -18.79 -29.97 8.82
C VAL A 246 -19.62 -28.72 8.49
N PRO A 247 -19.06 -27.49 8.80
CA PRO A 247 -19.75 -26.21 8.56
C PRO A 247 -19.42 -25.48 7.26
N MET A 248 -20.09 -24.35 7.05
CA MET A 248 -19.84 -23.44 5.92
C MET A 248 -19.12 -22.19 6.41
N GLY A 249 -18.02 -21.83 5.78
CA GLY A 249 -17.30 -20.62 6.17
C GLY A 249 -17.54 -19.34 5.37
N ASN A 250 -17.46 -18.21 6.10
CA ASN A 250 -17.51 -16.86 5.52
C ASN A 250 -18.58 -16.82 4.49
N MET A 251 -19.77 -17.27 4.87
CA MET A 251 -20.76 -17.61 3.88
C MET A 251 -21.36 -16.36 3.28
N GLU A 252 -21.49 -15.34 4.11
CA GLU A 252 -22.12 -14.09 3.75
C GLU A 252 -21.40 -13.37 2.65
N ALA A 253 -20.18 -13.77 2.31
CA ALA A 253 -19.33 -12.99 1.41
C ALA A 253 -19.66 -13.42 0.00
N VAL A 254 -20.34 -12.54 -0.72
CA VAL A 254 -20.89 -12.83 -2.03
C VAL A 254 -20.43 -11.71 -2.90
N GLN A 255 -19.55 -12.01 -3.82
CA GLN A 255 -18.91 -10.96 -4.59
C GLN A 255 -19.70 -10.73 -5.85
N PHE A 256 -19.97 -9.48 -6.14
CA PHE A 256 -20.70 -9.08 -7.33
C PHE A 256 -19.75 -8.50 -8.34
N HIS A 257 -19.93 -8.89 -9.53
CA HIS A 257 -19.03 -8.37 -10.52
C HIS A 257 -19.72 -7.23 -11.25
N PRO A 258 -19.05 -6.11 -11.44
CA PRO A 258 -19.70 -4.92 -12.00
C PRO A 258 -20.13 -5.04 -13.45
N THR A 259 -19.36 -5.69 -14.30
CA THR A 259 -19.65 -5.62 -15.73
C THR A 259 -20.59 -6.70 -16.17
N GLY A 260 -21.31 -7.33 -15.27
CA GLY A 260 -22.28 -8.30 -15.74
C GLY A 260 -23.19 -7.72 -16.81
N THR A 261 -23.30 -8.38 -17.98
CA THR A 261 -24.13 -7.92 -19.10
C THR A 261 -25.59 -7.73 -18.68
N VAL A 262 -26.20 -6.64 -19.14
CA VAL A 262 -27.56 -6.33 -18.71
C VAL A 262 -28.61 -7.25 -19.32
N PRO A 263 -28.79 -7.32 -20.65
CA PRO A 263 -29.97 -8.07 -21.13
C PRO A 263 -29.94 -9.55 -20.78
N THR A 264 -28.82 -10.24 -20.97
CA THR A 264 -28.78 -11.67 -20.69
C THR A 264 -28.28 -12.02 -19.29
N ASP A 265 -27.65 -11.08 -18.59
CA ASP A 265 -26.91 -11.32 -17.37
C ASP A 265 -25.59 -12.01 -17.61
N ILE A 266 -25.20 -12.30 -18.85
CA ILE A 266 -23.90 -12.92 -19.09
C ILE A 266 -22.76 -11.99 -18.66
N LEU A 267 -21.68 -12.59 -18.22
CA LEU A 267 -20.53 -11.78 -17.88
C LEU A 267 -19.74 -11.40 -19.13
N VAL A 268 -19.33 -10.15 -19.18
CA VAL A 268 -18.31 -9.69 -20.11
C VAL A 268 -17.04 -9.61 -19.29
N THR A 269 -15.92 -9.96 -19.89
CA THR A 269 -14.72 -10.10 -19.11
C THR A 269 -14.26 -8.75 -18.55
N GLU A 270 -13.43 -8.84 -17.51
CA GLU A 270 -12.73 -7.72 -16.90
C GLU A 270 -11.41 -7.41 -17.56
N GLY A 271 -10.92 -8.26 -18.46
CA GLY A 271 -9.82 -7.78 -19.24
C GLY A 271 -10.18 -6.52 -19.99
N CYS A 272 -11.49 -6.25 -20.09
CA CYS A 272 -12.00 -5.03 -20.71
C CYS A 272 -11.71 -3.81 -19.85
N ARG A 273 -12.15 -3.83 -18.61
CA ARG A 273 -11.73 -2.76 -17.71
C ARG A 273 -10.24 -2.85 -17.43
N GLY A 274 -9.65 -4.01 -17.72
CA GLY A 274 -8.25 -4.24 -17.43
C GLY A 274 -7.34 -3.73 -18.52
N ASP A 275 -7.81 -3.69 -19.73
CA ASP A 275 -7.11 -2.94 -20.75
C ASP A 275 -8.03 -1.80 -21.13
N GLY A 276 -7.72 -0.58 -20.65
CA GLY A 276 -8.49 0.59 -21.00
C GLY A 276 -10.00 0.44 -20.93
N GLY A 277 -10.52 -0.06 -19.82
CA GLY A 277 -11.96 -0.04 -19.66
C GLY A 277 -12.45 1.37 -19.39
N THR A 278 -13.67 1.63 -19.77
CA THR A 278 -14.25 2.93 -19.49
C THR A 278 -15.63 2.68 -18.93
N LEU A 279 -15.82 2.99 -17.67
CA LEU A 279 -17.14 2.89 -17.09
C LEU A 279 -17.72 4.29 -17.15
N LEU A 280 -18.89 4.42 -17.78
CA LEU A 280 -19.54 5.69 -18.05
C LEU A 280 -20.95 5.64 -17.47
N ASP A 281 -21.58 6.82 -17.32
CA ASP A 281 -22.92 7.01 -16.75
C ASP A 281 -23.95 7.26 -17.84
N VAL A 282 -25.20 7.51 -17.43
CA VAL A 282 -26.28 7.66 -18.40
C VAL A 282 -25.93 8.74 -19.41
N ASN A 283 -25.19 9.74 -18.97
CA ASN A 283 -24.72 10.84 -19.79
C ASN A 283 -23.37 10.53 -20.41
N GLN A 284 -22.84 9.34 -20.16
CA GLN A 284 -21.54 8.97 -20.68
C GLN A 284 -20.49 9.87 -20.05
N TYR A 285 -20.34 9.72 -18.75
CA TYR A 285 -19.27 10.39 -18.03
C TYR A 285 -18.48 9.35 -17.27
N ARG A 286 -17.13 9.41 -17.38
CA ARG A 286 -16.27 8.50 -16.63
C ARG A 286 -16.21 8.97 -15.18
N PHE A 287 -16.91 8.23 -14.32
CA PHE A 287 -17.22 8.64 -12.95
C PHE A 287 -16.35 7.98 -11.91
N MET A 288 -15.43 7.12 -12.32
CA MET A 288 -14.64 6.38 -11.33
C MET A 288 -13.62 7.26 -10.63
N PRO A 289 -12.91 8.15 -11.32
CA PRO A 289 -12.04 9.09 -10.58
C PRO A 289 -12.80 9.99 -9.59
N ASP A 290 -14.09 10.23 -9.81
CA ASP A 290 -14.90 10.94 -8.82
C ASP A 290 -15.03 10.17 -7.51
N TYR A 291 -15.29 8.86 -7.59
CA TYR A 291 -15.44 8.05 -6.39
C TYR A 291 -14.10 7.47 -5.91
N GLU A 292 -13.47 6.60 -6.71
CA GLU A 292 -12.14 6.08 -6.40
C GLU A 292 -11.14 6.82 -7.29
N PRO A 293 -10.38 7.77 -6.76
CA PRO A 293 -9.62 8.70 -7.63
C PRO A 293 -8.50 8.10 -8.48
N ASP A 294 -7.63 7.32 -7.88
CA ASP A 294 -6.44 6.84 -8.57
C ASP A 294 -6.63 5.46 -9.19
N LYS A 295 -6.72 4.40 -8.41
CA LYS A 295 -7.27 3.18 -8.97
C LYS A 295 -8.73 3.46 -9.28
N ALA A 296 -9.16 3.19 -10.51
CA ALA A 296 -10.50 3.66 -10.82
C ALA A 296 -11.44 2.49 -11.05
N GLN A 297 -11.37 1.87 -12.21
CA GLN A 297 -12.08 0.64 -12.49
C GLN A 297 -11.18 -0.57 -12.38
N LEU A 298 -9.90 -0.35 -12.09
CA LEU A 298 -8.95 -1.37 -11.63
C LEU A 298 -8.96 -1.45 -10.13
N ALA A 299 -10.01 -0.92 -9.51
CA ALA A 299 -10.16 -0.98 -8.07
C ALA A 299 -10.51 -2.39 -7.65
N SER A 300 -10.70 -2.57 -6.35
CA SER A 300 -11.21 -3.84 -5.87
C SER A 300 -12.57 -4.06 -6.47
N ARG A 301 -13.00 -5.31 -6.51
CA ARG A 301 -14.27 -5.54 -7.18
C ARG A 301 -15.42 -5.00 -6.36
N ASP A 302 -15.55 -5.42 -5.09
CA ASP A 302 -16.72 -4.99 -4.35
C ASP A 302 -16.77 -3.47 -4.36
N VAL A 303 -15.61 -2.83 -4.50
CA VAL A 303 -15.54 -1.38 -4.59
C VAL A 303 -16.26 -0.90 -5.85
N VAL A 304 -15.83 -1.31 -7.02
CA VAL A 304 -16.44 -0.81 -8.23
C VAL A 304 -17.91 -1.13 -8.26
N SER A 305 -18.27 -2.30 -7.76
CA SER A 305 -19.67 -2.70 -7.77
C SER A 305 -20.52 -1.81 -6.86
N ARG A 306 -19.98 -1.52 -5.68
CA ARG A 306 -20.61 -0.60 -4.74
C ARG A 306 -20.76 0.79 -5.36
N ARG A 307 -19.64 1.38 -5.81
CA ARG A 307 -19.66 2.69 -6.46
C ARG A 307 -20.71 2.74 -7.55
N MET A 308 -20.84 1.67 -8.31
CA MET A 308 -21.81 1.69 -9.40
C MET A 308 -23.25 1.71 -8.89
N THR A 309 -23.60 0.89 -7.89
CA THR A 309 -24.96 1.03 -7.42
C THR A 309 -25.18 2.39 -6.76
N GLU A 310 -24.15 2.98 -6.15
CA GLU A 310 -24.27 4.34 -5.65
C GLU A 310 -24.66 5.26 -6.79
N HIS A 311 -23.76 5.35 -7.77
CA HIS A 311 -23.90 6.26 -8.88
C HIS A 311 -25.22 6.05 -9.56
N MET A 312 -25.75 4.85 -9.48
CA MET A 312 -27.02 4.53 -10.12
C MET A 312 -28.22 4.92 -9.26
N ARG A 313 -28.09 4.87 -7.93
CA ARG A 313 -29.15 5.39 -7.08
C ARG A 313 -29.32 6.87 -7.32
N LYS A 314 -28.21 7.59 -7.55
CA LYS A 314 -28.30 9.01 -7.83
C LYS A 314 -29.29 9.35 -8.95
N GLY A 315 -29.50 8.45 -9.91
CA GLY A 315 -30.41 8.70 -11.03
C GLY A 315 -29.76 8.68 -12.39
N LEU A 316 -28.47 8.35 -12.44
CA LEU A 316 -27.62 8.44 -13.60
C LEU A 316 -27.50 7.16 -14.40
N GLY A 317 -28.32 6.12 -14.12
CA GLY A 317 -28.22 4.97 -14.99
C GLY A 317 -28.97 5.18 -16.32
N VAL A 318 -28.78 4.23 -17.26
CA VAL A 318 -29.50 4.21 -18.55
C VAL A 318 -30.71 3.31 -18.37
N LYS A 319 -31.86 3.76 -18.84
CA LYS A 319 -33.11 3.08 -18.54
C LYS A 319 -33.52 2.15 -19.67
N SER A 320 -33.76 0.89 -19.30
CA SER A 320 -34.09 -0.22 -20.17
C SER A 320 -35.25 -1.01 -19.61
N PRO A 321 -36.05 -1.65 -20.48
CA PRO A 321 -37.01 -2.65 -20.00
C PRO A 321 -36.31 -3.72 -19.18
N TYR A 322 -35.00 -3.89 -19.40
CA TYR A 322 -34.23 -4.84 -18.61
C TYR A 322 -33.81 -4.27 -17.26
N GLY A 323 -34.12 -3.02 -16.99
CA GLY A 323 -33.66 -2.33 -15.81
C GLY A 323 -32.57 -1.33 -16.15
N ASP A 324 -32.35 -0.39 -15.22
CA ASP A 324 -31.38 0.65 -15.52
C ASP A 324 -29.96 0.09 -15.34
N HIS A 325 -29.04 0.63 -16.13
CA HIS A 325 -27.70 0.09 -16.23
C HIS A 325 -26.71 1.15 -16.62
N LEU A 326 -25.44 0.81 -16.50
CA LEU A 326 -24.39 1.69 -16.94
C LEU A 326 -23.79 1.12 -18.21
N TRP A 327 -22.70 1.74 -18.68
CA TRP A 327 -22.05 1.30 -19.90
C TRP A 327 -20.59 0.96 -19.64
N LEU A 328 -20.11 0.01 -20.43
CA LEU A 328 -18.71 -0.33 -20.47
C LEU A 328 -18.26 -0.03 -21.91
N ASP A 329 -17.17 0.73 -22.04
CA ASP A 329 -16.70 1.20 -23.34
C ASP A 329 -15.38 0.50 -23.68
N ILE A 330 -15.45 -0.49 -24.56
CA ILE A 330 -14.24 -1.04 -25.13
C ILE A 330 -14.00 -0.56 -26.55
N ARG A 331 -14.92 0.20 -27.16
CA ARG A 331 -14.66 0.73 -28.49
C ARG A 331 -13.36 1.53 -28.47
N HIS A 332 -13.06 2.04 -27.31
CA HIS A 332 -11.82 2.62 -26.86
C HIS A 332 -10.64 1.80 -27.36
N LEU A 333 -10.77 0.48 -27.25
CA LEU A 333 -9.61 -0.41 -27.31
C LEU A 333 -9.11 -0.70 -28.72
N GLY A 334 -9.92 -0.55 -29.75
CA GLY A 334 -9.45 -0.86 -31.09
C GLY A 334 -10.12 -2.10 -31.66
N GLU A 335 -10.19 -2.17 -32.99
CA GLU A 335 -11.06 -3.14 -33.65
C GLU A 335 -10.34 -4.46 -33.95
N LYS A 336 -9.28 -4.41 -34.75
CA LYS A 336 -8.54 -5.62 -35.08
C LYS A 336 -7.89 -6.17 -33.80
N HIS A 337 -8.03 -5.46 -32.68
CA HIS A 337 -7.42 -5.89 -31.42
C HIS A 337 -8.42 -6.82 -30.73
N ILE A 338 -9.40 -6.30 -29.99
CA ILE A 338 -10.39 -7.11 -29.28
C ILE A 338 -9.78 -8.42 -28.75
N THR A 339 -8.88 -8.32 -27.76
CA THR A 339 -8.18 -9.42 -27.08
C THR A 339 -7.85 -10.54 -28.06
N THR A 340 -6.88 -10.25 -28.93
CA THR A 340 -6.45 -11.14 -30.01
C THR A 340 -7.61 -11.45 -30.98
N LYS A 341 -8.02 -10.41 -31.71
CA LYS A 341 -8.71 -10.58 -32.98
C LYS A 341 -10.16 -11.05 -32.91
N LEU A 342 -10.55 -11.71 -31.82
CA LEU A 342 -11.80 -12.48 -31.75
C LEU A 342 -12.58 -12.21 -30.46
N ARG A 343 -11.89 -12.40 -29.32
CA ARG A 343 -12.22 -11.90 -27.98
C ARG A 343 -13.34 -12.64 -27.28
N GLU A 344 -14.22 -13.30 -28.02
CA GLU A 344 -15.14 -14.25 -27.40
C GLU A 344 -16.01 -13.59 -26.30
N VAL A 345 -15.74 -12.35 -25.90
CA VAL A 345 -16.83 -11.52 -25.38
C VAL A 345 -17.43 -10.75 -26.56
N TYR A 346 -16.68 -10.60 -27.65
CA TYR A 346 -17.24 -10.06 -28.87
C TYR A 346 -18.46 -10.88 -29.29
N ASP A 347 -18.35 -12.21 -29.24
CA ASP A 347 -19.50 -13.05 -29.56
C ASP A 347 -20.60 -12.90 -28.51
N ILE A 348 -20.26 -12.70 -27.24
CA ILE A 348 -21.31 -12.52 -26.24
C ILE A 348 -22.21 -11.35 -26.65
N CYS A 349 -21.60 -10.17 -26.87
CA CYS A 349 -22.39 -9.00 -27.30
C CYS A 349 -22.97 -9.17 -28.70
N THR A 350 -22.29 -9.92 -29.56
CA THR A 350 -22.75 -10.07 -30.93
C THR A 350 -24.01 -10.91 -31.02
N ASN A 351 -24.02 -12.08 -30.38
CA ASN A 351 -25.16 -12.97 -30.57
C ASN A 351 -26.32 -12.63 -29.65
N PHE A 352 -26.04 -12.37 -28.37
CA PHE A 352 -27.05 -12.17 -27.33
C PHE A 352 -27.59 -10.75 -27.18
N LEU A 353 -26.79 -9.74 -27.51
CA LEU A 353 -27.12 -8.33 -27.34
C LEU A 353 -27.28 -7.68 -28.72
N GLY A 354 -27.57 -6.39 -28.74
CA GLY A 354 -27.66 -5.75 -30.03
C GLY A 354 -26.44 -4.90 -30.27
N VAL A 355 -25.39 -5.12 -29.49
CA VAL A 355 -24.28 -4.18 -29.44
C VAL A 355 -23.07 -4.78 -30.12
N ASN A 356 -22.41 -3.95 -30.94
CA ASN A 356 -21.06 -4.21 -31.38
C ASN A 356 -20.10 -3.40 -30.54
N PRO A 357 -19.15 -4.02 -29.84
CA PRO A 357 -18.26 -3.27 -28.98
C PRO A 357 -17.35 -2.30 -29.69
N ILE A 358 -17.03 -2.50 -30.97
CA ILE A 358 -16.17 -1.49 -31.61
C ILE A 358 -16.97 -0.25 -31.99
N HIS A 359 -18.29 -0.29 -31.84
CA HIS A 359 -19.13 0.89 -32.03
C HIS A 359 -19.77 1.29 -30.71
N GLN A 360 -20.77 0.56 -30.25
CA GLN A 360 -21.64 1.02 -29.19
C GLN A 360 -21.07 0.69 -27.81
N LEU A 361 -21.90 0.91 -26.81
CA LEU A 361 -21.48 0.65 -25.45
C LEU A 361 -22.23 -0.57 -24.92
N ILE A 362 -21.53 -1.33 -24.07
CA ILE A 362 -22.07 -2.58 -23.59
C ILE A 362 -22.92 -2.18 -22.41
N PRO A 363 -24.22 -2.48 -22.43
CA PRO A 363 -25.01 -2.28 -21.21
C PRO A 363 -24.45 -3.24 -20.17
N VAL A 364 -24.11 -2.70 -19.01
CA VAL A 364 -23.46 -3.52 -17.99
C VAL A 364 -24.03 -3.11 -16.65
N ARG A 365 -24.12 -4.06 -15.75
CA ARG A 365 -24.64 -3.77 -14.43
C ARG A 365 -23.94 -4.71 -13.47
N PRO A 366 -23.74 -4.30 -12.22
CA PRO A 366 -23.21 -5.24 -11.24
C PRO A 366 -24.20 -6.39 -11.11
N THR A 367 -23.68 -7.61 -11.23
CA THR A 367 -24.51 -8.78 -11.08
C THR A 367 -23.69 -9.92 -10.49
N HIS A 368 -24.39 -10.92 -9.97
CA HIS A 368 -23.75 -11.94 -9.13
C HIS A 368 -22.69 -12.76 -9.87
N HIS A 369 -21.52 -12.95 -9.23
CA HIS A 369 -20.44 -13.72 -9.84
C HIS A 369 -19.78 -14.85 -9.05
N TYR A 370 -18.72 -14.58 -8.29
CA TYR A 370 -18.02 -15.63 -7.53
C TYR A 370 -18.71 -15.80 -6.19
N SER A 371 -18.58 -16.98 -5.59
CA SER A 371 -19.19 -17.23 -4.29
C SER A 371 -18.13 -17.65 -3.26
N MET A 372 -17.81 -16.74 -2.35
CA MET A 372 -16.59 -16.87 -1.58
C MET A 372 -16.64 -18.00 -0.59
N GLY A 373 -17.71 -18.11 0.18
CA GLY A 373 -17.76 -19.13 1.19
C GLY A 373 -17.88 -20.53 0.62
N GLY A 374 -18.07 -21.47 1.53
CA GLY A 374 -18.24 -22.85 1.10
C GLY A 374 -17.90 -23.83 2.21
N VAL A 375 -17.54 -25.04 1.77
CA VAL A 375 -17.17 -26.06 2.74
C VAL A 375 -15.84 -25.61 3.32
N ARG A 376 -15.83 -25.42 4.63
CA ARG A 376 -14.64 -24.94 5.28
C ARG A 376 -13.62 -26.06 5.22
N THR A 377 -12.37 -25.69 5.06
CA THR A 377 -11.24 -26.59 5.00
C THR A 377 -10.21 -26.09 5.98
N ASN A 378 -9.00 -26.64 5.95
CA ASN A 378 -7.82 -26.18 6.68
C ASN A 378 -6.70 -25.82 5.72
N ARG A 379 -5.54 -25.55 6.29
CA ARG A 379 -4.35 -25.27 5.49
C ARG A 379 -4.03 -26.45 4.57
N ASP A 380 -4.38 -27.65 4.95
CA ASP A 380 -4.22 -28.79 4.06
C ASP A 380 -5.53 -29.18 3.37
N GLY A 381 -6.61 -28.43 3.59
CA GLY A 381 -7.81 -28.64 2.82
C GLY A 381 -8.71 -29.74 3.30
N ALA A 382 -8.47 -30.28 4.46
CA ALA A 382 -9.42 -31.24 4.98
C ALA A 382 -10.59 -30.50 5.61
N ALA A 383 -11.81 -30.87 5.18
CA ALA A 383 -13.04 -30.22 5.62
C ALA A 383 -13.21 -30.33 7.13
N TYR A 384 -14.08 -29.50 7.69
CA TYR A 384 -14.02 -29.36 9.13
C TYR A 384 -14.56 -30.50 9.96
N GLY A 385 -15.88 -30.65 10.03
CA GLY A 385 -16.39 -31.52 11.08
C GLY A 385 -16.32 -33.02 10.86
N LEU A 386 -15.66 -33.46 9.82
CA LEU A 386 -15.77 -34.84 9.38
C LEU A 386 -14.43 -35.25 8.77
N LYS A 387 -14.00 -36.46 9.07
CA LYS A 387 -12.68 -36.92 8.69
C LYS A 387 -12.74 -37.52 7.30
N GLY A 388 -11.73 -37.23 6.50
CA GLY A 388 -11.67 -37.81 5.18
C GLY A 388 -12.42 -37.08 4.11
N LEU A 389 -13.04 -35.95 4.44
CA LEU A 389 -13.72 -35.10 3.46
C LEU A 389 -12.80 -33.95 3.10
N PHE A 390 -12.65 -33.70 1.84
CA PHE A 390 -11.72 -32.70 1.38
C PHE A 390 -12.51 -31.77 0.50
N SER A 391 -11.99 -30.57 0.32
CA SER A 391 -12.66 -29.68 -0.61
C SER A 391 -11.64 -28.72 -1.17
N ALA A 392 -11.89 -28.29 -2.40
CA ALA A 392 -11.14 -27.23 -3.05
C ALA A 392 -12.12 -26.53 -3.96
N GLY A 393 -11.77 -25.33 -4.35
CA GLY A 393 -12.58 -24.62 -5.29
C GLY A 393 -13.56 -23.62 -4.73
N GLU A 394 -14.50 -23.28 -5.60
CA GLU A 394 -15.51 -22.27 -5.32
C GLU A 394 -16.40 -22.74 -4.17
N SER A 395 -16.76 -24.02 -4.21
CA SER A 395 -17.51 -24.70 -3.16
C SER A 395 -16.79 -24.70 -1.83
N ALA A 396 -15.51 -24.38 -1.81
CA ALA A 396 -14.68 -24.53 -0.62
C ALA A 396 -14.39 -23.18 0.05
N CYS A 397 -14.26 -23.20 1.36
CA CYS A 397 -13.65 -22.07 2.00
C CYS A 397 -12.24 -22.50 2.41
N TRP A 398 -11.30 -22.23 1.54
CA TRP A 398 -9.93 -22.33 1.95
C TRP A 398 -9.61 -21.06 2.71
N ASP A 399 -10.16 -19.96 2.20
CA ASP A 399 -10.01 -18.53 2.56
C ASP A 399 -8.60 -17.99 2.36
N MET A 400 -8.17 -18.18 1.13
CA MET A 400 -6.98 -17.57 0.59
C MET A 400 -7.48 -16.18 0.08
N HIS A 401 -8.81 -16.05 -0.09
CA HIS A 401 -9.51 -14.87 -0.52
C HIS A 401 -10.14 -14.09 0.64
N GLY A 402 -10.79 -14.71 1.64
CA GLY A 402 -11.30 -13.76 2.61
C GLY A 402 -12.66 -13.21 2.25
N PHE A 403 -12.78 -11.90 2.40
CA PHE A 403 -14.03 -11.24 2.11
C PHE A 403 -14.08 -10.56 0.76
N ASN A 404 -12.98 -10.51 0.02
CA ASN A 404 -13.18 -10.18 -1.38
C ASN A 404 -12.15 -10.88 -2.22
N ARG A 405 -12.57 -11.54 -3.29
CA ARG A 405 -11.65 -12.26 -4.15
C ARG A 405 -11.09 -11.37 -5.24
N LEU A 406 -9.77 -11.32 -5.29
CA LEU A 406 -9.07 -10.53 -6.29
C LEU A 406 -9.20 -11.23 -7.63
N GLY A 407 -9.59 -10.47 -8.64
CA GLY A 407 -9.82 -11.01 -9.95
C GLY A 407 -8.69 -11.82 -10.53
N GLY A 408 -9.05 -12.93 -11.16
CA GLY A 408 -8.08 -13.81 -11.78
C GLY A 408 -7.38 -14.78 -10.86
N ASN A 409 -7.61 -14.72 -9.54
CA ASN A 409 -6.97 -15.59 -8.58
C ASN A 409 -7.66 -16.94 -8.42
N SER A 410 -8.84 -17.12 -8.98
CA SER A 410 -9.54 -18.38 -8.76
C SER A 410 -9.05 -19.49 -9.64
N LEU A 411 -8.63 -19.20 -10.85
CA LEU A 411 -7.96 -20.20 -11.66
C LEU A 411 -6.68 -20.65 -10.96
N ALA A 412 -5.81 -19.71 -10.62
CA ALA A 412 -4.62 -20.11 -9.88
C ALA A 412 -5.01 -20.85 -8.60
N GLU A 413 -6.16 -20.55 -8.02
CA GLU A 413 -6.52 -21.31 -6.84
C GLU A 413 -6.91 -22.71 -7.24
N THR A 414 -7.54 -22.90 -8.40
CA THR A 414 -7.94 -24.26 -8.71
C THR A 414 -6.73 -25.12 -8.98
N VAL A 415 -5.75 -24.61 -9.73
CA VAL A 415 -4.61 -25.50 -9.98
C VAL A 415 -3.61 -25.44 -8.83
N VAL A 416 -3.32 -24.26 -8.32
CA VAL A 416 -2.47 -24.14 -7.14
C VAL A 416 -3.00 -24.98 -5.98
N ALA A 417 -4.29 -24.80 -5.70
CA ALA A 417 -5.07 -25.40 -4.62
C ALA A 417 -5.43 -26.85 -4.87
N GLY A 418 -5.84 -27.19 -6.07
CA GLY A 418 -6.03 -28.60 -6.36
C GLY A 418 -4.74 -29.39 -6.21
N ARG A 419 -3.61 -28.80 -6.61
CA ARG A 419 -2.31 -29.43 -6.47
C ARG A 419 -1.98 -29.62 -5.01
N TYR A 420 -2.11 -28.59 -4.18
CA TYR A 420 -1.75 -28.73 -2.77
C TYR A 420 -2.73 -29.65 -2.04
N ILE A 421 -4.00 -29.31 -2.06
CA ILE A 421 -4.98 -30.16 -1.38
C ILE A 421 -4.88 -31.59 -1.90
N GLY A 422 -4.65 -31.74 -3.19
CA GLY A 422 -4.48 -33.07 -3.75
C GLY A 422 -3.31 -33.77 -3.11
N GLU A 423 -2.12 -33.13 -3.13
CA GLU A 423 -0.93 -33.71 -2.51
C GLU A 423 -1.25 -34.23 -1.12
N ARG A 424 -1.86 -33.40 -0.27
CA ARG A 424 -2.19 -33.90 1.06
C ARG A 424 -3.22 -35.04 1.01
N MET A 425 -4.14 -35.01 0.06
CA MET A 425 -5.08 -36.09 -0.09
C MET A 425 -4.37 -37.38 -0.47
N VAL A 426 -3.38 -37.26 -1.36
CA VAL A 426 -2.57 -38.38 -1.83
C VAL A 426 -1.88 -39.06 -0.68
N GLU A 427 -1.13 -38.30 0.10
CA GLU A 427 -0.42 -38.97 1.18
C GLU A 427 -1.36 -39.42 2.31
N PHE A 428 -2.54 -38.79 2.48
CA PHE A 428 -3.52 -39.30 3.46
C PHE A 428 -4.14 -40.61 3.03
N THR A 429 -4.33 -40.78 1.73
CA THR A 429 -4.89 -42.01 1.23
C THR A 429 -3.88 -43.14 1.32
N LYS A 430 -2.61 -42.84 0.99
CA LYS A 430 -1.44 -43.73 1.12
C LYS A 430 -1.06 -43.95 2.57
N GLY A 431 -1.80 -43.33 3.47
CA GLY A 431 -1.89 -43.66 4.88
C GLY A 431 -3.10 -44.54 5.19
N ALA A 432 -3.64 -44.32 6.39
CA ALA A 432 -4.60 -45.25 6.98
C ALA A 432 -5.84 -45.43 6.12
N THR A 433 -6.49 -46.59 6.27
CA THR A 433 -7.62 -46.99 5.48
C THR A 433 -8.79 -47.40 6.36
N PRO A 434 -9.99 -47.10 5.92
CA PRO A 434 -11.14 -47.03 6.80
C PRO A 434 -11.69 -48.40 6.95
N SER A 435 -12.91 -48.42 7.45
CA SER A 435 -13.71 -49.62 7.49
C SER A 435 -15.11 -49.23 7.01
N PHE A 436 -15.54 -49.77 5.88
CA PHE A 436 -16.80 -49.28 5.35
C PHE A 436 -17.91 -50.10 5.99
N GLY A 437 -18.51 -49.54 7.04
CA GLY A 437 -19.67 -50.12 7.69
C GLY A 437 -20.90 -49.91 6.85
N MET A 438 -21.62 -50.94 6.48
CA MET A 438 -22.74 -50.64 5.61
C MET A 438 -23.95 -50.08 6.34
N GLN A 439 -23.98 -50.04 7.69
CA GLN A 439 -25.13 -49.36 8.32
C GLN A 439 -24.94 -47.85 8.27
N TYR A 440 -23.95 -47.44 7.49
CA TYR A 440 -23.83 -46.05 7.14
C TYR A 440 -24.33 -45.88 5.70
N VAL A 441 -23.67 -46.50 4.72
CA VAL A 441 -24.18 -46.38 3.36
C VAL A 441 -25.61 -46.88 3.30
N GLU A 442 -25.85 -48.06 3.86
CA GLU A 442 -27.21 -48.52 3.84
C GLU A 442 -28.04 -47.81 4.89
N ASP A 443 -27.71 -47.96 6.18
CA ASP A 443 -28.54 -47.24 7.15
C ASP A 443 -28.33 -45.74 6.92
N ALA A 444 -29.44 -45.04 6.70
CA ALA A 444 -29.60 -43.70 6.15
C ALA A 444 -28.93 -43.65 4.77
N HIS A 445 -28.39 -42.49 4.39
CA HIS A 445 -27.72 -42.39 3.10
C HIS A 445 -28.64 -43.00 2.05
N LYS A 446 -28.32 -44.15 1.47
CA LYS A 446 -29.27 -44.70 0.50
C LYS A 446 -30.70 -44.64 1.04
N LYS A 447 -30.86 -44.88 2.34
CA LYS A 447 -32.19 -44.91 2.93
C LYS A 447 -32.77 -43.51 3.05
N VAL A 448 -32.08 -42.61 3.74
CA VAL A 448 -32.61 -41.25 3.90
C VAL A 448 -32.66 -40.54 2.57
N GLN A 449 -31.70 -40.79 1.72
CA GLN A 449 -31.68 -40.05 0.49
C GLN A 449 -32.72 -40.60 -0.49
N GLU A 450 -32.86 -41.92 -0.53
CA GLU A 450 -34.01 -42.54 -1.23
C GLU A 450 -35.32 -42.12 -0.60
N ARG A 451 -35.31 -41.84 0.69
CA ARG A 451 -36.51 -41.42 1.39
C ARG A 451 -36.92 -40.01 1.00
N ILE A 452 -35.97 -39.08 0.89
CA ILE A 452 -36.36 -37.75 0.42
C ILE A 452 -36.82 -37.84 -1.03
N THR A 453 -36.26 -38.76 -1.82
CA THR A 453 -36.79 -38.85 -3.18
C THR A 453 -38.23 -39.33 -3.15
N ASP A 454 -38.53 -40.32 -2.31
CA ASP A 454 -39.91 -40.81 -2.28
C ASP A 454 -40.86 -39.75 -1.77
N ILE A 455 -40.47 -39.04 -0.70
CA ILE A 455 -41.34 -38.00 -0.15
C ILE A 455 -41.58 -36.89 -1.15
N VAL A 456 -40.58 -36.59 -1.98
CA VAL A 456 -40.77 -35.55 -2.99
C VAL A 456 -41.64 -36.08 -4.11
N THR A 457 -41.65 -37.40 -4.31
CA THR A 457 -42.43 -37.95 -5.41
C THR A 457 -43.85 -38.34 -5.00
N GLY A 458 -44.00 -39.46 -4.32
CA GLY A 458 -45.25 -39.76 -3.68
C GLY A 458 -45.37 -39.04 -2.36
N ARG A 459 -46.35 -38.15 -2.20
CA ARG A 459 -46.79 -37.60 -0.91
C ARG A 459 -47.75 -36.48 -1.25
N LYS A 460 -48.36 -35.86 -0.23
CA LYS A 460 -49.17 -34.67 -0.46
C LYS A 460 -48.24 -33.47 -0.42
N GLY A 461 -47.90 -32.97 0.78
CA GLY A 461 -46.85 -31.99 0.96
C GLY A 461 -46.79 -31.00 -0.17
N LYS A 462 -47.94 -30.61 -0.75
CA LYS A 462 -47.89 -29.99 -2.07
C LYS A 462 -47.45 -28.55 -1.95
N GLU A 463 -46.28 -28.27 -2.52
CA GLU A 463 -45.82 -26.95 -2.88
C GLU A 463 -45.01 -27.12 -4.15
N ASN A 464 -45.21 -26.23 -5.10
CA ASN A 464 -44.53 -26.32 -6.38
C ASN A 464 -43.08 -25.90 -6.24
N THR A 465 -42.16 -26.75 -6.75
CA THR A 465 -40.74 -26.53 -6.55
C THR A 465 -40.27 -25.20 -7.15
N PHE A 466 -40.86 -24.79 -8.27
CA PHE A 466 -40.48 -23.53 -8.90
C PHE A 466 -41.01 -22.30 -8.19
N LYS A 467 -42.02 -22.44 -7.33
CA LYS A 467 -42.42 -21.25 -6.57
C LYS A 467 -41.48 -21.02 -5.40
N ILE A 468 -41.04 -22.07 -4.73
CA ILE A 468 -40.05 -21.90 -3.67
C ILE A 468 -38.71 -21.43 -4.25
N ARG A 469 -38.35 -21.92 -5.45
CA ARG A 469 -37.15 -21.43 -6.14
C ARG A 469 -37.25 -19.93 -6.45
N ASP A 470 -38.30 -19.52 -7.19
CA ASP A 470 -38.40 -18.13 -7.62
C ASP A 470 -38.68 -17.18 -6.46
N GLU A 471 -39.49 -17.60 -5.48
CA GLU A 471 -39.68 -16.78 -4.27
C GLU A 471 -38.36 -16.62 -3.52
N MET A 472 -37.54 -17.67 -3.48
CA MET A 472 -36.20 -17.55 -2.92
C MET A 472 -35.43 -16.47 -3.66
N HIS A 473 -35.42 -16.52 -5.00
CA HIS A 473 -34.71 -15.53 -5.84
C HIS A 473 -35.09 -14.10 -5.52
N ASP A 474 -36.38 -13.83 -5.40
CA ASP A 474 -36.80 -12.50 -5.02
C ASP A 474 -36.31 -12.17 -3.61
N ILE A 475 -36.38 -13.14 -2.69
CA ILE A 475 -35.96 -12.89 -1.31
C ILE A 475 -34.49 -12.48 -1.26
N MET A 476 -33.63 -13.15 -2.04
CA MET A 476 -32.20 -12.84 -2.02
C MET A 476 -31.90 -11.55 -2.78
N MET A 477 -32.54 -11.33 -3.91
CA MET A 477 -32.28 -10.11 -4.67
C MET A 477 -32.63 -8.88 -3.84
N GLU A 478 -33.79 -8.88 -3.19
CA GLU A 478 -34.15 -7.69 -2.41
C GLU A 478 -33.43 -7.65 -1.05
N GLY A 479 -33.43 -8.77 -0.34
CA GLY A 479 -32.91 -8.75 1.01
C GLY A 479 -31.42 -8.48 1.09
N VAL A 480 -30.60 -9.35 0.49
CA VAL A 480 -29.14 -9.25 0.53
C VAL A 480 -28.63 -8.95 -0.87
N GLY A 481 -28.27 -7.68 -1.08
CA GLY A 481 -27.69 -7.16 -2.31
C GLY A 481 -26.23 -6.80 -2.10
N ILE A 482 -25.76 -5.78 -2.82
CA ILE A 482 -24.49 -5.17 -2.50
C ILE A 482 -24.59 -4.38 -1.21
N PHE A 483 -25.60 -3.50 -1.10
CA PHE A 483 -25.79 -2.63 0.05
C PHE A 483 -26.79 -3.22 1.03
N ARG A 484 -26.35 -3.41 2.28
CA ARG A 484 -27.13 -4.18 3.24
C ARG A 484 -27.35 -3.40 4.52
N ASN A 485 -28.54 -3.56 5.07
CA ASN A 485 -28.93 -2.96 6.34
C ASN A 485 -29.40 -4.05 7.28
N GLY A 486 -29.46 -3.74 8.56
CA GLY A 486 -29.85 -4.75 9.53
C GLY A 486 -31.28 -5.27 9.30
N THR A 487 -32.22 -4.36 9.10
CA THR A 487 -33.64 -4.74 9.17
C THR A 487 -34.12 -5.49 7.93
N ASP A 488 -33.67 -5.11 6.74
CA ASP A 488 -34.08 -5.89 5.57
C ASP A 488 -33.50 -7.30 5.65
N LEU A 489 -32.32 -7.43 6.26
CA LEU A 489 -31.70 -8.74 6.45
C LEU A 489 -32.56 -9.62 7.34
N GLN A 490 -32.89 -9.16 8.53
CA GLN A 490 -33.71 -10.00 9.40
C GLN A 490 -35.07 -10.29 8.77
N LYS A 491 -35.67 -9.29 8.10
CA LYS A 491 -36.95 -9.57 7.45
C LYS A 491 -36.79 -10.72 6.48
N ALA A 492 -35.74 -10.67 5.68
CA ALA A 492 -35.43 -11.75 4.76
C ALA A 492 -35.26 -13.10 5.47
N VAL A 493 -34.38 -13.16 6.47
CA VAL A 493 -34.12 -14.42 7.17
C VAL A 493 -35.41 -14.99 7.73
N ASN A 494 -36.31 -14.14 8.20
CA ASN A 494 -37.57 -14.66 8.71
C ASN A 494 -38.35 -15.35 7.59
N LYS A 495 -38.55 -14.66 6.46
CA LYS A 495 -39.30 -15.39 5.43
C LYS A 495 -38.51 -16.56 4.85
N LEU A 496 -37.17 -16.53 4.91
CA LEU A 496 -36.41 -17.67 4.40
C LEU A 496 -36.54 -18.86 5.31
N GLU A 497 -36.65 -18.63 6.61
CA GLU A 497 -36.86 -19.74 7.53
C GLU A 497 -38.21 -20.39 7.24
N GLU A 498 -39.28 -19.58 7.17
CA GLU A 498 -40.58 -20.19 6.86
C GLU A 498 -40.54 -20.87 5.47
N LEU A 499 -39.70 -20.37 4.55
CA LEU A 499 -39.65 -20.99 3.24
C LEU A 499 -38.93 -22.32 3.30
N TYR A 500 -38.02 -22.48 4.26
CA TYR A 500 -37.39 -23.78 4.48
C TYR A 500 -38.40 -24.80 4.97
N ASP A 501 -39.27 -24.41 5.92
CA ASP A 501 -40.39 -25.27 6.29
C ASP A 501 -41.21 -25.68 5.08
N ARG A 502 -41.60 -24.68 4.27
CA ARG A 502 -42.40 -24.92 3.07
C ARG A 502 -41.67 -25.80 2.09
N SER A 503 -40.34 -25.73 2.08
CA SER A 503 -39.43 -26.44 1.17
C SER A 503 -39.16 -27.85 1.62
N GLN A 504 -39.59 -28.19 2.83
CA GLN A 504 -39.59 -29.58 3.25
C GLN A 504 -40.82 -30.32 2.73
N LYS A 505 -41.92 -29.64 2.56
CA LYS A 505 -43.09 -30.25 1.95
C LYS A 505 -43.06 -29.83 0.50
N ILE A 506 -42.68 -30.75 -0.39
CA ILE A 506 -42.50 -30.42 -1.80
C ILE A 506 -43.34 -31.40 -2.61
N SER A 507 -43.84 -30.92 -3.74
CA SER A 507 -44.54 -31.77 -4.69
C SER A 507 -44.04 -31.50 -6.09
N LEU A 508 -44.26 -32.47 -6.97
CA LEU A 508 -43.84 -32.35 -8.35
C LEU A 508 -45.07 -32.16 -9.24
N SER A 509 -44.97 -31.22 -10.18
CA SER A 509 -46.02 -31.00 -11.16
C SER A 509 -46.19 -32.18 -12.07
N SER A 510 -45.31 -33.18 -11.99
CA SER A 510 -45.18 -34.17 -13.04
C SER A 510 -45.72 -35.54 -12.70
N ALA A 511 -45.63 -36.38 -13.74
CA ALA A 511 -45.92 -37.80 -13.76
C ALA A 511 -44.59 -38.54 -13.77
N CYS A 512 -44.29 -39.21 -12.66
CA CYS A 512 -43.05 -39.95 -12.41
C CYS A 512 -42.57 -40.72 -13.63
N LYS A 513 -41.26 -40.77 -13.79
CA LYS A 513 -40.69 -41.56 -14.87
C LYS A 513 -39.29 -42.00 -14.43
N GLY A 514 -38.70 -42.98 -15.11
CA GLY A 514 -37.31 -43.29 -14.87
C GLY A 514 -36.50 -42.08 -15.28
N MET A 515 -35.69 -41.52 -14.35
CA MET A 515 -35.08 -40.20 -14.55
C MET A 515 -36.03 -39.02 -14.81
N ASN A 516 -36.69 -38.53 -13.79
CA ASN A 516 -37.45 -37.33 -14.09
C ASN A 516 -36.56 -36.11 -13.92
N PRO A 517 -36.46 -35.23 -14.93
CA PRO A 517 -35.58 -34.04 -14.78
C PRO A 517 -36.09 -33.01 -13.81
N GLU A 518 -37.38 -33.04 -13.46
CA GLU A 518 -37.88 -32.11 -12.45
C GLU A 518 -37.32 -32.44 -11.09
N LEU A 519 -37.40 -33.70 -10.70
CA LEU A 519 -36.93 -34.12 -9.39
C LEU A 519 -35.50 -33.67 -9.11
N SER A 520 -34.64 -33.61 -10.14
CA SER A 520 -33.27 -33.10 -9.95
C SER A 520 -33.27 -31.75 -9.26
N THR A 521 -34.13 -30.84 -9.72
CA THR A 521 -34.18 -29.54 -9.07
C THR A 521 -35.00 -29.58 -7.79
N ALA A 522 -36.14 -30.28 -7.82
CA ALA A 522 -37.05 -30.25 -6.69
C ALA A 522 -36.39 -30.77 -5.43
N LEU A 523 -35.56 -31.81 -5.55
CA LEU A 523 -35.01 -32.30 -4.30
C LEU A 523 -33.93 -31.39 -3.78
N ARG A 524 -33.37 -30.54 -4.63
CA ARG A 524 -32.33 -29.66 -4.15
C ARG A 524 -32.83 -28.27 -3.81
N ILE A 525 -34.13 -28.01 -3.97
CA ILE A 525 -34.68 -26.74 -3.48
C ILE A 525 -34.40 -26.58 -2.00
N ARG A 526 -34.73 -27.59 -1.19
CA ARG A 526 -34.43 -27.45 0.22
C ARG A 526 -32.98 -27.03 0.41
N GLY A 527 -32.05 -27.69 -0.30
CA GLY A 527 -30.63 -27.38 -0.12
C GLY A 527 -30.27 -25.96 -0.53
N MET A 528 -30.77 -25.53 -1.68
CA MET A 528 -30.56 -24.17 -2.14
C MET A 528 -30.94 -23.16 -1.05
N LEU A 529 -32.21 -23.24 -0.60
CA LEU A 529 -32.69 -22.40 0.49
C LEU A 529 -31.76 -22.44 1.69
N LYS A 530 -31.33 -23.64 2.07
CA LYS A 530 -30.48 -23.74 3.25
C LYS A 530 -29.19 -22.92 3.11
N LEU A 531 -28.35 -23.21 2.11
CA LEU A 531 -27.11 -22.43 2.20
C LEU A 531 -27.37 -20.95 1.90
N ALA A 532 -28.56 -20.63 1.33
CA ALA A 532 -28.96 -19.22 1.11
C ALA A 532 -29.21 -18.50 2.42
N GLN A 533 -29.83 -19.18 3.38
CA GLN A 533 -29.98 -18.57 4.69
C GLN A 533 -28.71 -18.62 5.51
N CYS A 534 -27.80 -19.53 5.19
CA CYS A 534 -26.43 -19.46 5.73
C CYS A 534 -25.74 -18.17 5.34
N THR A 535 -25.93 -17.76 4.09
CA THR A 535 -25.38 -16.48 3.64
C THR A 535 -26.09 -15.29 4.29
N ALA A 536 -27.45 -15.36 4.37
CA ALA A 536 -28.30 -14.27 4.91
C ALA A 536 -28.13 -14.06 6.41
N TYR A 537 -28.39 -15.10 7.20
CA TYR A 537 -28.19 -15.06 8.64
C TYR A 537 -26.71 -14.90 8.98
N GLY A 538 -25.82 -15.31 8.09
CA GLY A 538 -24.43 -14.99 8.31
C GLY A 538 -24.20 -13.51 8.24
N ALA A 539 -24.89 -12.84 7.30
CA ALA A 539 -24.74 -11.39 7.10
C ALA A 539 -25.51 -10.54 8.12
N LEU A 540 -26.68 -11.00 8.57
CA LEU A 540 -27.46 -10.28 9.56
C LEU A 540 -26.70 -10.15 10.87
N ASP A 541 -26.28 -11.27 11.45
CA ASP A 541 -25.61 -11.27 12.73
C ASP A 541 -24.16 -10.86 12.66
N ARG A 542 -23.64 -10.56 11.45
CA ARG A 542 -22.31 -9.96 11.31
C ARG A 542 -22.56 -8.47 11.14
N THR A 543 -22.31 -7.69 12.22
CA THR A 543 -22.54 -6.24 12.24
C THR A 543 -21.18 -5.55 12.16
N GLU A 544 -20.86 -5.13 10.94
CA GLU A 544 -19.62 -4.54 10.50
C GLU A 544 -19.79 -4.53 9.01
N SER A 545 -18.98 -3.78 8.28
CA SER A 545 -18.86 -3.93 6.83
C SER A 545 -17.43 -4.29 6.48
N ARG A 546 -17.27 -5.46 5.86
CA ARG A 546 -16.01 -6.00 5.38
C ARG A 546 -16.27 -6.63 4.03
N GLY A 547 -15.33 -6.41 3.13
CA GLY A 547 -15.42 -7.00 1.81
C GLY A 547 -16.72 -6.73 1.09
N ALA A 548 -17.19 -7.73 0.39
CA ALA A 548 -18.41 -7.47 -0.35
C ALA A 548 -19.64 -7.35 0.54
N HIS A 549 -19.50 -7.62 1.83
CA HIS A 549 -20.58 -7.53 2.78
C HIS A 549 -20.55 -6.11 3.29
N THR A 550 -21.54 -5.32 2.92
CA THR A 550 -21.52 -3.92 3.29
C THR A 550 -22.82 -3.60 3.98
N ARG A 551 -22.72 -3.31 5.27
CA ARG A 551 -23.86 -3.01 6.12
C ARG A 551 -24.08 -1.52 6.29
N GLU A 552 -25.30 -1.09 5.96
CA GLU A 552 -25.57 0.33 6.02
C GLU A 552 -25.64 0.80 7.46
N ASP A 553 -26.03 -0.07 8.39
CA ASP A 553 -26.02 0.38 9.77
C ASP A 553 -24.67 0.23 10.44
N PHE A 554 -23.72 -0.52 9.89
CA PHE A 554 -22.40 -0.67 10.50
C PHE A 554 -21.32 -0.54 9.45
N PRO A 555 -21.11 0.67 8.96
CA PRO A 555 -20.25 0.84 7.79
C PRO A 555 -18.75 0.64 8.06
N GLU A 556 -18.27 0.93 9.25
CA GLU A 556 -16.86 0.77 9.48
C GLU A 556 -16.48 -0.71 9.36
N ARG A 557 -15.17 -0.97 9.23
CA ARG A 557 -14.68 -2.33 9.03
C ARG A 557 -14.69 -3.12 10.34
N ASN A 558 -14.39 -2.47 11.46
CA ASN A 558 -14.54 -3.10 12.77
C ASN A 558 -13.66 -4.33 12.91
N ASP A 559 -12.36 -4.08 12.85
CA ASP A 559 -11.35 -5.12 13.04
C ASP A 559 -11.30 -5.59 14.47
N LYS A 560 -11.67 -4.75 15.43
CA LYS A 560 -11.60 -5.19 16.82
C LYS A 560 -12.52 -6.36 17.04
N GLU A 561 -13.81 -6.20 16.82
CA GLU A 561 -14.70 -7.26 17.25
C GLU A 561 -15.17 -8.21 16.12
N TRP A 562 -14.87 -7.93 14.86
CA TRP A 562 -14.94 -9.02 13.89
C TRP A 562 -13.70 -8.94 13.02
N LEU A 563 -12.71 -9.77 13.28
CA LEU A 563 -11.67 -10.09 12.30
C LEU A 563 -11.77 -11.58 12.29
N ASN A 564 -12.55 -12.14 11.38
CA ASN A 564 -12.93 -13.52 11.62
C ASN A 564 -13.71 -14.09 10.43
N ARG A 565 -14.26 -15.28 10.67
CA ARG A 565 -14.86 -16.14 9.67
C ARG A 565 -16.16 -16.67 10.22
N THR A 566 -17.25 -16.52 9.45
CA THR A 566 -18.57 -16.92 9.96
C THR A 566 -18.85 -18.35 9.54
N LEU A 567 -18.79 -19.30 10.50
CA LEU A 567 -18.94 -20.73 10.25
C LEU A 567 -20.37 -21.15 10.56
N SER A 568 -21.06 -21.73 9.60
CA SER A 568 -22.46 -22.07 9.80
C SER A 568 -22.63 -23.58 9.73
N TYR A 569 -23.07 -24.17 10.85
CA TYR A 569 -23.46 -25.56 10.87
C TYR A 569 -24.98 -25.62 10.78
N TRP A 570 -25.52 -26.82 10.78
CA TRP A 570 -26.98 -26.95 10.69
C TRP A 570 -27.59 -27.84 11.79
N LYS A 571 -27.17 -29.11 11.94
CA LYS A 571 -27.61 -29.88 13.10
C LYS A 571 -29.12 -30.19 13.13
N GLU A 572 -29.49 -31.31 12.51
CA GLU A 572 -30.87 -31.75 12.28
C GLU A 572 -31.54 -30.75 11.33
N GLY A 573 -32.87 -30.55 11.25
CA GLY A 573 -33.98 -31.02 12.05
C GLY A 573 -34.42 -29.71 12.64
N ALA A 574 -33.55 -28.72 12.47
CA ALA A 574 -33.80 -27.34 12.85
C ALA A 574 -34.32 -26.55 11.65
N SER A 575 -34.78 -25.32 11.93
CA SER A 575 -35.17 -24.34 10.92
C SER A 575 -34.12 -23.23 10.77
N MET A 576 -33.06 -23.27 11.56
CA MET A 576 -32.09 -22.22 11.50
C MET A 576 -30.64 -22.68 11.63
N PRO A 577 -29.77 -22.11 10.83
CA PRO A 577 -28.36 -22.44 10.92
C PRO A 577 -27.80 -21.94 12.22
N THR A 578 -26.96 -22.76 12.82
CA THR A 578 -26.22 -22.29 13.99
C THR A 578 -25.00 -21.56 13.49
N LEU A 579 -24.72 -20.39 14.09
CA LEU A 579 -23.59 -19.54 13.69
C LEU A 579 -22.51 -19.50 14.76
N GLU A 580 -21.33 -19.99 14.41
CA GLU A 580 -20.16 -19.97 15.26
C GLU A 580 -19.11 -19.15 14.53
N TYR A 581 -18.13 -18.59 15.24
CA TYR A 581 -17.19 -17.69 14.59
C TYR A 581 -15.77 -18.14 14.89
N GLU A 582 -14.84 -17.78 14.02
CA GLU A 582 -13.50 -18.33 14.12
C GLU A 582 -12.48 -17.32 13.63
N GLU A 583 -11.30 -17.35 14.24
CA GLU A 583 -10.25 -16.40 13.87
C GLU A 583 -9.85 -16.51 12.40
N ALA A 584 -9.68 -15.35 11.76
CA ALA A 584 -9.08 -15.27 10.42
C ALA A 584 -7.65 -15.29 10.80
N SER A 585 -6.89 -16.11 10.09
CA SER A 585 -5.45 -16.32 10.25
C SER A 585 -4.75 -15.55 11.35
N PRO A 586 -4.28 -16.31 12.41
CA PRO A 586 -3.56 -15.54 13.42
C PRO A 586 -2.16 -15.30 12.87
N TYR A 587 -1.88 -16.00 11.77
CA TYR A 587 -0.64 -15.90 11.09
C TYR A 587 -0.21 -14.49 10.66
N TYR A 588 -0.95 -13.41 10.98
CA TYR A 588 -0.88 -12.21 10.14
C TYR A 588 0.53 -11.73 9.74
N GLU A 589 0.83 -11.86 8.45
CA GLU A 589 2.12 -11.51 7.87
C GLU A 589 2.16 -10.02 7.57
N MET A 590 1.13 -9.54 6.89
CA MET A 590 0.79 -8.15 6.67
C MET A 590 -0.33 -7.81 7.65
N PRO A 591 -0.07 -7.11 8.75
CA PRO A 591 -1.11 -6.87 9.74
C PRO A 591 -2.21 -6.02 9.14
N PRO A 592 -3.38 -5.97 9.77
CA PRO A 592 -4.50 -5.19 9.23
C PRO A 592 -4.12 -3.75 8.92
N GLY A 593 -4.48 -3.30 7.72
CA GLY A 593 -4.07 -2.02 7.19
C GLY A 593 -5.06 -1.55 6.16
N ASP A 594 -4.69 -0.51 5.42
CA ASP A 594 -5.59 0.00 4.41
C ASP A 594 -5.34 -0.58 3.03
N ARG A 595 -6.43 -0.88 2.34
CA ARG A 595 -6.33 -1.53 1.03
C ARG A 595 -5.64 -0.63 0.02
N GLY A 596 -5.79 0.68 0.16
CA GLY A 596 -5.30 1.59 -0.87
C GLY A 596 -6.28 1.82 -1.98
N TYR A 597 -7.58 1.67 -1.69
CA TYR A 597 -8.73 2.05 -2.49
C TYR A 597 -9.93 1.83 -1.60
N GLY A 598 -11.13 2.14 -2.12
CA GLY A 598 -12.36 2.07 -1.32
C GLY A 598 -12.45 3.17 -0.30
N GLY A 599 -13.61 3.33 0.34
CA GLY A 599 -13.79 4.28 1.43
C GLY A 599 -13.46 3.83 2.85
N GLY A 600 -12.46 2.97 3.00
CA GLY A 600 -12.23 2.32 4.28
C GLY A 600 -12.24 3.10 5.56
N VAL A 601 -13.17 2.73 6.45
CA VAL A 601 -13.29 3.26 7.81
C VAL A 601 -13.13 2.09 8.75
N THR A 602 -12.02 1.98 9.44
CA THR A 602 -11.83 0.75 10.20
C THR A 602 -11.87 1.05 11.68
N ILE A 603 -12.40 0.12 12.46
CA ILE A 603 -12.20 0.19 13.89
C ILE A 603 -10.94 -0.63 14.09
N ALA A 604 -9.81 0.05 14.29
CA ALA A 604 -8.54 -0.65 14.18
C ALA A 604 -8.44 -1.80 15.19
N ASN A 605 -7.85 -2.91 14.73
CA ASN A 605 -7.62 -4.08 15.56
C ASN A 605 -6.97 -3.65 16.85
N GLU A 606 -7.42 -4.20 17.99
CA GLU A 606 -6.69 -3.92 19.23
C GLU A 606 -5.89 -5.15 19.69
N LEU A 607 -6.54 -6.29 19.94
CA LEU A 607 -5.81 -7.47 20.40
C LEU A 607 -4.59 -7.83 19.54
N PRO A 608 -4.67 -7.92 18.21
CA PRO A 608 -3.64 -8.65 17.46
C PRO A 608 -2.20 -8.25 17.76
N PRO A 609 -1.85 -6.99 18.16
CA PRO A 609 -0.40 -6.67 18.27
C PRO A 609 0.42 -7.61 19.15
N GLU A 610 -0.27 -8.41 19.95
CA GLU A 610 0.39 -9.53 20.61
C GLU A 610 1.22 -10.33 19.59
N LYS A 611 0.52 -11.04 18.70
CA LYS A 611 1.07 -12.12 17.87
C LYS A 611 1.80 -11.62 16.64
N PHE A 612 1.04 -11.12 15.64
CA PHE A 612 1.51 -10.55 14.38
C PHE A 612 2.65 -11.43 13.90
N VAL A 613 3.86 -10.92 13.67
CA VAL A 613 4.81 -11.80 13.01
C VAL A 613 5.28 -12.89 13.99
N ILE A 614 4.80 -14.11 13.77
CA ILE A 614 5.32 -15.33 14.39
C ILE A 614 5.21 -16.48 13.38
N PRO A 615 5.85 -16.39 12.20
CA PRO A 615 5.76 -17.51 11.27
C PRO A 615 6.51 -18.75 11.72
N GLU A 616 6.15 -19.32 12.87
CA GLU A 616 7.09 -20.22 13.54
C GLU A 616 7.52 -21.49 12.78
N ALA A 617 6.60 -22.44 12.60
CA ALA A 617 6.86 -23.67 11.84
C ALA A 617 6.21 -23.56 10.48
N ALA A 618 7.05 -23.36 9.43
CA ALA A 618 6.59 -23.21 8.06
C ALA A 618 6.85 -24.54 7.32
N LYS A 619 5.76 -25.32 7.18
CA LYS A 619 5.54 -26.45 6.29
C LYS A 619 4.89 -25.97 5.02
N GLU A 620 4.86 -24.65 4.89
CA GLU A 620 4.74 -23.92 3.65
C GLU A 620 6.00 -24.05 2.77
N ASN A 621 7.09 -24.62 3.28
CA ASN A 621 8.21 -24.95 2.42
C ASN A 621 7.78 -26.06 1.45
N LEU A 622 7.82 -25.75 0.15
CA LEU A 622 7.37 -26.63 -0.96
C LEU A 622 8.06 -26.30 -2.28
N MET B 1 -40.43 -10.43 -29.81
CA MET B 1 -41.29 -9.28 -30.04
C MET B 1 -42.75 -9.64 -30.43
N ASN B 2 -43.49 -10.15 -29.44
CA ASN B 2 -44.94 -10.38 -29.45
C ASN B 2 -45.40 -11.44 -30.43
N ARG B 3 -44.58 -11.82 -31.39
CA ARG B 3 -45.15 -12.79 -32.30
C ARG B 3 -45.12 -14.14 -31.62
N MET B 4 -45.99 -15.03 -32.09
CA MET B 4 -46.25 -16.29 -31.42
C MET B 4 -45.38 -17.40 -32.02
N LEU B 5 -44.43 -17.85 -31.21
CA LEU B 5 -43.56 -18.95 -31.61
C LEU B 5 -44.27 -20.23 -31.21
N THR B 6 -44.38 -21.14 -32.16
CA THR B 6 -44.91 -22.48 -31.94
C THR B 6 -43.76 -23.46 -32.13
N LEU B 7 -43.59 -24.35 -31.16
CA LEU B 7 -42.49 -25.29 -31.18
C LEU B 7 -43.06 -26.70 -31.30
N ASN B 8 -42.38 -27.53 -32.09
CA ASN B 8 -42.63 -28.97 -32.17
C ASN B 8 -41.37 -29.62 -31.63
N ILE B 9 -41.50 -30.25 -30.49
CA ILE B 9 -40.39 -30.81 -29.77
C ILE B 9 -40.46 -32.32 -29.90
N PHE B 10 -39.36 -32.93 -30.35
CA PHE B 10 -39.21 -34.38 -30.29
C PHE B 10 -39.43 -34.89 -28.87
N ARG B 11 -40.19 -35.98 -28.74
CA ARG B 11 -40.47 -36.53 -27.42
C ARG B 11 -40.25 -38.03 -27.42
N TYR B 12 -39.29 -38.51 -26.63
CA TYR B 12 -39.12 -39.93 -26.48
C TYR B 12 -38.46 -40.19 -25.13
N ASN B 13 -38.73 -41.35 -24.55
CA ASN B 13 -38.14 -41.74 -23.28
C ASN B 13 -37.78 -43.20 -23.22
N PRO B 14 -36.54 -43.56 -23.52
CA PRO B 14 -36.16 -44.98 -23.55
C PRO B 14 -36.39 -45.72 -22.27
N LEU B 15 -36.57 -45.07 -21.13
CA LEU B 15 -36.63 -45.94 -19.96
C LEU B 15 -37.97 -46.60 -19.71
N ASP B 16 -39.09 -46.07 -20.21
CA ASP B 16 -40.35 -46.82 -20.16
C ASP B 16 -40.74 -47.17 -21.58
N PRO B 17 -40.93 -48.45 -21.89
CA PRO B 17 -41.11 -48.84 -23.29
C PRO B 17 -42.33 -48.23 -23.95
N ASP B 18 -43.37 -47.91 -23.16
CA ASP B 18 -44.64 -47.40 -23.67
C ASP B 18 -44.49 -46.06 -24.38
N SER B 19 -43.34 -45.40 -24.29
CA SER B 19 -43.17 -44.09 -24.88
C SER B 19 -42.63 -44.26 -26.31
N GLN B 20 -43.47 -43.99 -27.31
CA GLN B 20 -43.02 -43.97 -28.69
C GLN B 20 -42.64 -42.55 -29.09
N PRO B 21 -41.80 -42.40 -30.10
CA PRO B 21 -41.49 -41.05 -30.60
C PRO B 21 -42.75 -40.39 -31.14
N ARG B 22 -42.73 -39.06 -31.17
CA ARG B 22 -43.90 -38.28 -31.60
C ARG B 22 -43.46 -36.83 -31.75
N MET B 23 -44.39 -35.98 -32.17
CA MET B 23 -44.17 -34.54 -32.29
C MET B 23 -45.17 -33.79 -31.41
N GLN B 24 -44.66 -33.17 -30.34
CA GLN B 24 -45.45 -32.42 -29.37
C GLN B 24 -45.39 -30.92 -29.67
N THR B 25 -46.55 -30.29 -29.75
CA THR B 25 -46.66 -28.87 -30.08
C THR B 25 -46.69 -28.04 -28.80
N PHE B 26 -45.90 -26.95 -28.77
CA PHE B 26 -45.87 -25.99 -27.68
C PHE B 26 -46.17 -24.58 -28.18
N THR B 27 -46.56 -23.72 -27.24
CA THR B 27 -47.03 -22.38 -27.56
C THR B 27 -46.32 -21.40 -26.63
N VAL B 28 -45.52 -20.48 -27.20
CA VAL B 28 -44.85 -19.45 -26.42
C VAL B 28 -45.00 -18.09 -27.07
N GLN B 29 -45.27 -17.07 -26.26
CA GLN B 29 -45.21 -15.69 -26.73
C GLN B 29 -43.76 -15.25 -26.76
N GLU B 30 -43.37 -14.56 -27.82
CA GLU B 30 -41.99 -14.15 -27.99
C GLU B 30 -41.85 -12.76 -27.42
N TYR B 31 -40.81 -12.53 -26.64
CA TYR B 31 -40.51 -11.17 -26.23
C TYR B 31 -39.26 -10.73 -26.98
N ASP B 32 -38.79 -9.53 -26.72
CA ASP B 32 -37.63 -9.04 -27.46
C ASP B 32 -36.37 -9.78 -27.07
N SER B 33 -35.53 -10.07 -28.06
CA SER B 33 -34.24 -10.72 -27.91
C SER B 33 -34.36 -11.86 -26.90
N MET B 34 -35.04 -12.94 -27.31
CA MET B 34 -35.29 -14.13 -26.51
C MET B 34 -34.55 -15.27 -27.17
N THR B 35 -33.70 -15.94 -26.41
CA THR B 35 -33.05 -17.13 -26.93
C THR B 35 -33.97 -18.34 -26.82
N LEU B 36 -33.75 -19.34 -27.66
CA LEU B 36 -34.52 -20.57 -27.49
C LEU B 36 -34.26 -21.20 -26.13
N PHE B 37 -33.16 -20.82 -25.48
CA PHE B 37 -32.93 -21.18 -24.09
C PHE B 37 -34.05 -20.65 -23.21
N ILE B 38 -34.47 -19.41 -23.45
CA ILE B 38 -35.56 -18.82 -22.68
C ILE B 38 -36.84 -19.55 -23.00
N ALA B 39 -37.11 -19.74 -24.29
CA ALA B 39 -38.34 -20.40 -24.70
C ALA B 39 -38.47 -21.77 -24.05
N LEU B 40 -37.45 -22.60 -24.22
CA LEU B 40 -37.53 -23.95 -23.69
C LEU B 40 -37.59 -23.93 -22.17
N THR B 41 -36.69 -23.20 -21.50
CA THR B 41 -36.75 -23.22 -20.05
C THR B 41 -38.12 -22.76 -19.53
N GLN B 42 -38.83 -21.90 -20.27
CA GLN B 42 -40.17 -21.60 -19.76
C GLN B 42 -41.17 -22.68 -20.12
N ILE B 43 -41.01 -23.33 -21.26
CA ILE B 43 -41.83 -24.50 -21.59
C ILE B 43 -41.70 -25.58 -20.52
N ARG B 44 -40.48 -25.81 -20.05
CA ARG B 44 -40.23 -26.84 -19.04
C ARG B 44 -40.68 -26.36 -17.67
N ASP B 45 -39.98 -25.36 -17.14
CA ASP B 45 -40.20 -24.87 -15.79
C ASP B 45 -41.61 -24.34 -15.59
N GLU B 46 -42.41 -24.20 -16.65
CA GLU B 46 -43.79 -23.72 -16.55
C GLU B 46 -44.80 -24.82 -16.87
N LYS B 47 -44.86 -25.28 -18.12
CA LYS B 47 -45.93 -26.18 -18.59
C LYS B 47 -45.63 -27.64 -18.24
N ASP B 48 -44.65 -28.23 -18.94
CA ASP B 48 -44.24 -29.62 -18.72
C ASP B 48 -42.81 -29.68 -18.19
N PRO B 49 -42.62 -29.89 -16.89
CA PRO B 49 -41.25 -29.92 -16.34
C PRO B 49 -40.46 -31.17 -16.74
N THR B 50 -41.09 -32.20 -17.32
CA THR B 50 -40.37 -33.42 -17.63
C THR B 50 -39.73 -33.38 -19.00
N LEU B 51 -39.77 -32.23 -19.68
CA LEU B 51 -38.96 -32.08 -20.88
C LEU B 51 -37.50 -32.02 -20.47
N LYS B 52 -36.67 -32.81 -21.13
CA LYS B 52 -35.25 -32.87 -20.83
C LYS B 52 -34.49 -32.13 -21.92
N VAL B 53 -33.83 -31.04 -21.53
CA VAL B 53 -32.89 -30.31 -22.38
C VAL B 53 -31.58 -30.27 -21.59
N ASP B 54 -30.47 -30.10 -22.29
CA ASP B 54 -29.20 -30.02 -21.58
C ASP B 54 -28.66 -28.61 -21.71
N PHE B 55 -28.70 -27.85 -20.61
CA PHE B 55 -28.26 -26.45 -20.56
C PHE B 55 -27.11 -26.27 -19.56
N CYS B 56 -26.10 -25.48 -19.94
CA CYS B 56 -25.06 -25.31 -18.93
C CYS B 56 -24.89 -23.82 -18.65
N CYS B 57 -24.19 -23.12 -19.52
CA CYS B 57 -23.81 -21.74 -19.27
C CYS B 57 -24.78 -20.68 -19.80
N ARG B 58 -25.63 -21.02 -20.76
CA ARG B 58 -26.46 -20.11 -21.55
C ARG B 58 -25.68 -18.94 -22.10
N ALA B 59 -24.34 -19.01 -22.09
CA ALA B 59 -23.48 -18.02 -22.73
C ALA B 59 -22.88 -18.55 -24.04
N GLY B 60 -23.10 -19.83 -24.37
CA GLY B 60 -22.64 -20.46 -25.59
C GLY B 60 -21.23 -21.03 -25.64
N ILE B 61 -20.50 -21.16 -24.51
CA ILE B 61 -19.23 -21.89 -24.61
C ILE B 61 -19.14 -23.09 -23.66
N CYS B 62 -19.75 -24.20 -24.05
CA CYS B 62 -19.71 -25.43 -23.27
C CYS B 62 -20.04 -26.61 -24.20
N GLY B 63 -21.19 -26.49 -24.88
CA GLY B 63 -21.65 -27.47 -25.84
C GLY B 63 -22.76 -28.39 -25.40
N SER B 64 -23.40 -28.11 -24.28
CA SER B 64 -24.54 -28.93 -23.88
C SER B 64 -25.83 -28.54 -24.63
N CYS B 65 -25.88 -27.33 -25.16
CA CYS B 65 -27.06 -26.83 -25.87
C CYS B 65 -27.29 -27.49 -27.22
N ALA B 66 -26.41 -28.35 -27.70
CA ALA B 66 -26.51 -28.85 -29.07
C ALA B 66 -27.84 -29.54 -29.33
N MET B 67 -28.41 -29.26 -30.49
CA MET B 67 -29.60 -29.93 -31.02
C MET B 67 -29.77 -29.54 -32.48
N VAL B 68 -30.76 -30.13 -33.14
CA VAL B 68 -31.11 -29.75 -34.50
C VAL B 68 -32.18 -28.69 -34.41
N ILE B 69 -31.98 -27.56 -35.05
CA ILE B 69 -32.96 -26.50 -35.01
C ILE B 69 -33.44 -26.24 -36.43
N ASN B 70 -34.72 -26.55 -36.67
CA ASN B 70 -35.35 -26.39 -37.99
C ASN B 70 -34.43 -26.92 -39.08
N GLY B 71 -33.89 -28.11 -38.83
CA GLY B 71 -33.15 -28.89 -39.79
C GLY B 71 -31.63 -28.88 -39.65
N ARG B 72 -31.06 -27.91 -38.99
CA ARG B 72 -29.62 -27.83 -38.87
C ARG B 72 -29.25 -28.17 -37.45
N PRO B 73 -28.29 -29.04 -37.23
CA PRO B 73 -27.77 -29.14 -35.88
C PRO B 73 -27.20 -27.79 -35.52
N GLY B 74 -27.59 -27.30 -34.35
CA GLY B 74 -27.19 -25.98 -33.93
C GLY B 74 -27.28 -25.85 -32.43
N LEU B 75 -27.10 -24.63 -31.95
CA LEU B 75 -27.01 -24.37 -30.52
C LEU B 75 -28.26 -23.69 -30.01
N ALA B 76 -28.83 -24.21 -28.96
CA ALA B 76 -30.11 -23.65 -28.64
C ALA B 76 -29.95 -22.30 -27.98
N CYS B 77 -29.11 -22.25 -26.96
CA CYS B 77 -28.91 -21.02 -26.20
C CYS B 77 -28.30 -19.87 -27.01
N HIS B 78 -27.39 -20.18 -27.93
CA HIS B 78 -26.59 -19.23 -28.71
C HIS B 78 -27.28 -18.86 -30.02
N THR B 79 -28.46 -19.44 -30.24
CA THR B 79 -29.38 -19.14 -31.35
C THR B 79 -30.57 -18.35 -30.83
N GLN B 80 -30.90 -17.25 -31.51
CA GLN B 80 -31.96 -16.37 -31.06
C GLN B 80 -33.19 -16.47 -31.95
N THR B 81 -34.37 -16.35 -31.33
CA THR B 81 -35.69 -16.49 -31.96
C THR B 81 -35.97 -15.44 -33.00
N LYS B 82 -35.11 -14.44 -33.14
CA LYS B 82 -35.23 -13.53 -34.27
C LYS B 82 -35.06 -14.29 -35.58
N ASP B 83 -33.93 -15.00 -35.72
CA ASP B 83 -33.58 -15.71 -36.95
C ASP B 83 -34.44 -16.94 -37.23
N LEU B 84 -35.14 -17.38 -36.35
CA LEU B 84 -35.85 -18.58 -36.74
C LEU B 84 -37.25 -18.24 -37.28
N PRO B 85 -37.84 -19.09 -38.14
CA PRO B 85 -39.21 -18.85 -38.62
C PRO B 85 -40.25 -18.86 -37.53
N ALA B 86 -41.55 -18.78 -37.86
CA ALA B 86 -42.58 -18.67 -36.83
C ALA B 86 -42.82 -19.99 -36.12
N GLU B 87 -42.76 -21.12 -36.84
CA GLU B 87 -42.77 -22.43 -36.21
C GLU B 87 -41.34 -23.00 -36.17
N ILE B 88 -41.01 -23.67 -35.07
CA ILE B 88 -39.67 -24.20 -34.88
C ILE B 88 -39.79 -25.70 -34.66
N THR B 89 -38.79 -26.45 -35.10
CA THR B 89 -38.71 -27.89 -34.84
C THR B 89 -37.33 -28.24 -34.30
N LEU B 90 -37.31 -28.72 -33.06
CA LEU B 90 -36.10 -29.05 -32.30
C LEU B 90 -35.98 -30.58 -32.24
N HIS B 91 -34.91 -31.10 -32.79
CA HIS B 91 -34.64 -32.51 -32.76
C HIS B 91 -33.36 -32.85 -32.03
N PRO B 92 -33.30 -34.00 -31.36
CA PRO B 92 -32.06 -34.40 -30.69
C PRO B 92 -30.99 -34.63 -31.73
N LEU B 93 -29.73 -34.36 -31.35
CA LEU B 93 -28.62 -34.60 -32.27
C LEU B 93 -28.63 -36.04 -32.77
N PRO B 94 -28.33 -36.27 -34.03
CA PRO B 94 -28.18 -37.64 -34.49
C PRO B 94 -26.84 -38.23 -34.04
N PHE B 95 -26.58 -39.44 -34.51
CA PHE B 95 -25.32 -40.17 -34.35
C PHE B 95 -25.06 -40.49 -32.90
N PHE B 96 -25.65 -39.74 -32.01
CA PHE B 96 -25.29 -39.87 -30.62
C PHE B 96 -26.39 -40.61 -29.88
N GLN B 97 -25.96 -41.37 -28.89
CA GLN B 97 -26.91 -42.15 -28.14
C GLN B 97 -27.91 -41.18 -27.52
N LEU B 98 -29.16 -41.27 -27.94
CA LEU B 98 -30.19 -40.42 -27.40
C LEU B 98 -30.54 -40.90 -26.00
N LEU B 99 -30.40 -40.04 -24.99
CA LEU B 99 -30.83 -40.30 -23.62
C LEU B 99 -32.30 -39.98 -23.33
N GLY B 100 -32.83 -38.90 -23.91
CA GLY B 100 -34.25 -38.65 -23.93
C GLY B 100 -34.60 -37.27 -24.42
N ASP B 101 -35.83 -37.08 -24.92
CA ASP B 101 -36.31 -35.80 -25.39
C ASP B 101 -35.29 -35.17 -26.34
N LEU B 102 -34.68 -34.04 -25.95
CA LEU B 102 -33.65 -33.32 -26.72
C LEU B 102 -32.21 -33.66 -26.31
N SER B 103 -32.03 -34.48 -25.28
CA SER B 103 -30.73 -34.73 -24.67
C SER B 103 -30.06 -35.93 -25.29
N VAL B 104 -28.77 -35.81 -25.58
CA VAL B 104 -27.99 -36.93 -26.08
C VAL B 104 -26.71 -37.00 -25.29
N ASP B 105 -26.08 -38.16 -25.30
CA ASP B 105 -24.77 -38.31 -24.69
C ASP B 105 -23.67 -38.10 -25.73
N THR B 106 -22.91 -37.04 -25.56
CA THR B 106 -21.81 -36.73 -26.45
C THR B 106 -20.47 -37.05 -25.81
N GLY B 107 -20.20 -36.44 -24.66
CA GLY B 107 -18.89 -36.60 -24.06
C GLY B 107 -18.39 -38.02 -24.00
N SER B 108 -19.29 -39.00 -23.84
CA SER B 108 -18.84 -40.38 -23.88
C SER B 108 -18.08 -40.64 -25.18
N TRP B 109 -18.70 -40.24 -26.28
CA TRP B 109 -18.08 -40.39 -27.58
C TRP B 109 -16.78 -39.64 -27.61
N PHE B 110 -16.75 -38.45 -27.04
CA PHE B 110 -15.52 -37.71 -27.16
C PHE B 110 -14.41 -38.37 -26.40
N ARG B 111 -14.71 -39.09 -25.31
CA ARG B 111 -13.63 -39.69 -24.55
C ARG B 111 -13.16 -40.99 -25.21
N LYS B 112 -14.07 -41.86 -25.64
CA LYS B 112 -13.62 -43.00 -26.42
C LYS B 112 -12.83 -42.51 -27.61
N THR B 113 -13.40 -41.59 -28.37
CA THR B 113 -12.76 -41.18 -29.59
C THR B 113 -11.47 -40.46 -29.27
N GLY B 114 -11.41 -39.86 -28.08
CA GLY B 114 -10.19 -39.24 -27.63
C GLY B 114 -9.07 -40.23 -27.45
N LEU B 115 -9.29 -41.28 -26.64
CA LEU B 115 -8.27 -42.33 -26.51
C LEU B 115 -7.92 -42.90 -27.86
N GLN B 116 -8.91 -43.02 -28.74
CA GLN B 116 -8.63 -43.57 -30.05
C GLN B 116 -7.52 -42.76 -30.67
N ILE B 117 -7.69 -41.43 -30.67
CA ILE B 117 -6.71 -40.52 -31.26
C ILE B 117 -5.58 -40.11 -30.33
N GLU B 118 -5.66 -40.44 -29.05
CA GLU B 118 -4.71 -40.07 -28.00
C GLU B 118 -4.36 -38.58 -28.04
N ALA B 119 -5.33 -37.75 -27.65
CA ALA B 119 -5.15 -36.30 -27.75
C ALA B 119 -4.65 -35.77 -26.41
N TRP B 120 -3.34 -35.66 -26.31
CA TRP B 120 -2.61 -35.05 -25.20
C TRP B 120 -1.21 -34.78 -25.71
N CYS B 121 -0.46 -33.96 -24.98
CA CYS B 121 0.92 -33.70 -25.36
C CYS B 121 1.81 -34.86 -24.88
N HIS B 122 2.51 -35.54 -25.79
CA HIS B 122 3.32 -36.66 -25.35
C HIS B 122 4.70 -36.15 -24.98
N SER B 123 5.00 -36.22 -23.69
CA SER B 123 6.20 -35.63 -23.12
C SER B 123 7.37 -36.57 -23.26
N ASP B 124 8.38 -36.15 -24.04
CA ASP B 124 9.60 -36.95 -24.15
C ASP B 124 10.24 -37.13 -22.80
N ASP B 125 9.86 -36.29 -21.84
CA ASP B 125 10.31 -36.35 -20.46
C ASP B 125 11.83 -36.17 -20.38
N LYS B 126 12.20 -34.91 -20.61
CA LYS B 126 13.51 -34.33 -20.42
C LYS B 126 13.70 -33.89 -18.98
N ALA B 127 12.83 -34.35 -18.07
CA ALA B 127 12.89 -34.03 -16.66
C ALA B 127 12.66 -32.54 -16.43
N PHE B 128 11.59 -32.05 -17.01
CA PHE B 128 11.17 -30.66 -16.84
C PHE B 128 10.78 -30.39 -15.38
N ASP B 129 11.23 -29.24 -14.88
CA ASP B 129 10.97 -28.79 -13.51
C ASP B 129 10.20 -27.46 -13.48
N PRO B 130 8.95 -27.42 -13.00
CA PRO B 130 8.28 -26.12 -12.84
C PRO B 130 9.04 -25.15 -11.94
N THR B 131 10.11 -25.61 -11.27
CA THR B 131 11.07 -24.67 -10.68
C THR B 131 11.71 -23.79 -11.75
N ALA B 132 12.05 -24.37 -12.91
CA ALA B 132 12.78 -23.63 -13.93
C ALA B 132 11.83 -22.89 -14.87
N ASP B 133 12.41 -22.16 -15.82
CA ASP B 133 11.65 -21.36 -16.77
C ASP B 133 10.90 -22.27 -17.74
N GLU B 134 9.99 -21.66 -18.47
CA GLU B 134 8.97 -22.31 -19.29
C GLU B 134 9.39 -22.41 -20.75
N MET B 135 8.44 -22.79 -21.59
CA MET B 135 8.65 -23.13 -23.00
C MET B 135 8.76 -21.87 -23.87
N ARG B 136 9.42 -22.04 -24.99
CA ARG B 136 9.56 -21.00 -26.00
C ARG B 136 8.40 -21.14 -26.98
N MET B 137 7.58 -20.10 -27.10
CA MET B 137 6.49 -20.17 -28.07
C MET B 137 6.24 -18.83 -28.72
N ASP B 138 6.29 -18.77 -30.05
CA ASP B 138 5.89 -17.54 -30.73
C ASP B 138 4.40 -17.28 -30.52
N ASN B 139 3.99 -16.03 -30.68
CA ASN B 139 2.58 -15.73 -30.45
C ASN B 139 1.68 -16.25 -31.54
N ASP B 140 2.12 -16.28 -32.78
CA ASP B 140 1.14 -16.68 -33.78
C ASP B 140 0.91 -18.19 -33.80
N LEU B 141 1.93 -19.01 -33.53
CA LEU B 141 1.65 -20.45 -33.51
C LEU B 141 0.70 -20.75 -32.37
N ALA B 142 1.07 -20.32 -31.17
CA ALA B 142 0.18 -20.48 -30.02
C ALA B 142 -1.19 -19.83 -30.27
N ASN B 143 -1.29 -18.88 -31.20
CA ASN B 143 -2.62 -18.35 -31.47
C ASN B 143 -3.45 -19.26 -32.36
N GLU B 144 -2.87 -19.87 -33.40
CA GLU B 144 -3.70 -20.85 -34.09
C GLU B 144 -3.92 -22.06 -33.19
N ILE B 145 -2.96 -22.36 -32.32
CA ILE B 145 -3.20 -23.38 -31.35
C ILE B 145 -4.44 -23.03 -30.56
N PHE B 146 -4.61 -21.76 -30.21
CA PHE B 146 -5.82 -21.39 -29.51
C PHE B 146 -7.03 -21.54 -30.44
N GLU B 147 -6.84 -21.30 -31.73
CA GLU B 147 -7.97 -21.35 -32.64
C GLU B 147 -8.53 -22.77 -32.69
N LEU B 148 -7.66 -23.77 -32.69
CA LEU B 148 -8.10 -25.16 -32.71
C LEU B 148 -8.44 -25.69 -31.31
N ASP B 149 -7.61 -25.42 -30.29
CA ASP B 149 -7.95 -25.89 -28.95
C ASP B 149 -9.21 -25.23 -28.49
N ARG B 150 -9.66 -24.21 -29.19
CA ARG B 150 -10.90 -23.51 -28.84
C ARG B 150 -12.15 -24.32 -29.10
N CYS B 151 -12.09 -25.50 -29.67
CA CYS B 151 -13.33 -26.23 -29.93
C CYS B 151 -14.08 -26.45 -28.63
N ILE B 152 -15.41 -26.30 -28.70
CA ILE B 152 -16.27 -26.43 -27.53
C ILE B 152 -16.90 -27.82 -27.46
N GLU B 153 -16.64 -28.71 -28.44
CA GLU B 153 -16.98 -30.12 -28.27
C GLU B 153 -18.48 -30.26 -27.98
N CYS B 154 -19.24 -29.59 -28.84
CA CYS B 154 -20.69 -29.45 -28.82
C CYS B 154 -21.33 -30.67 -29.43
N GLY B 155 -20.75 -31.13 -30.51
CA GLY B 155 -21.24 -32.25 -31.26
C GLY B 155 -21.90 -31.90 -32.57
N CYS B 156 -21.77 -30.67 -33.06
CA CYS B 156 -22.50 -30.34 -34.27
C CYS B 156 -21.83 -30.85 -35.53
N CYS B 157 -20.50 -30.75 -35.65
CA CYS B 157 -19.90 -31.19 -36.91
C CYS B 157 -19.99 -32.70 -37.14
N VAL B 158 -20.11 -33.51 -36.10
CA VAL B 158 -20.36 -34.92 -36.37
C VAL B 158 -21.83 -35.15 -36.74
N ALA B 159 -22.75 -34.67 -35.92
CA ALA B 159 -24.15 -34.86 -36.23
C ALA B 159 -24.55 -34.29 -37.60
N ALA B 160 -23.72 -33.45 -38.23
CA ALA B 160 -23.99 -32.99 -39.58
C ALA B 160 -23.20 -33.73 -40.68
N CYS B 161 -22.33 -34.69 -40.31
CA CYS B 161 -21.47 -35.39 -41.29
C CYS B 161 -22.18 -36.64 -41.78
N GLY B 162 -22.56 -36.62 -43.05
CA GLY B 162 -23.15 -37.79 -43.64
C GLY B 162 -22.29 -39.01 -43.43
N THR B 163 -20.97 -38.85 -43.56
CA THR B 163 -20.11 -40.01 -43.38
C THR B 163 -20.35 -40.62 -42.02
N ALA B 164 -20.22 -39.80 -40.98
CA ALA B 164 -20.43 -40.32 -39.64
C ALA B 164 -21.81 -40.95 -39.51
N ARG B 165 -22.85 -40.21 -39.92
CA ARG B 165 -24.21 -40.71 -39.69
C ARG B 165 -24.40 -42.06 -40.40
N MET B 166 -23.69 -42.26 -41.51
CA MET B 166 -23.70 -43.46 -42.34
C MET B 166 -22.75 -44.51 -41.78
N ARG B 167 -21.57 -44.10 -41.38
CA ARG B 167 -20.61 -45.03 -40.84
C ARG B 167 -20.24 -44.59 -39.43
N THR B 168 -20.71 -45.33 -38.41
CA THR B 168 -20.53 -44.90 -37.03
C THR B 168 -19.09 -45.03 -36.57
N ASP B 169 -18.32 -45.92 -37.15
CA ASP B 169 -16.93 -45.99 -36.74
C ASP B 169 -16.08 -44.83 -37.24
N PHE B 170 -16.60 -44.01 -38.15
CA PHE B 170 -15.91 -42.80 -38.60
C PHE B 170 -15.73 -41.84 -37.44
N LEU B 171 -14.53 -41.28 -37.28
CA LEU B 171 -14.28 -40.52 -36.08
C LEU B 171 -14.41 -39.00 -36.18
N GLY B 172 -14.72 -38.42 -37.32
CA GLY B 172 -15.26 -37.07 -37.27
C GLY B 172 -14.26 -35.96 -37.51
N ALA B 173 -14.76 -34.88 -38.15
CA ALA B 173 -13.96 -33.68 -38.33
C ALA B 173 -13.32 -33.26 -37.03
N VAL B 174 -14.10 -33.37 -35.95
CA VAL B 174 -13.60 -33.14 -34.60
C VAL B 174 -12.29 -33.86 -34.39
N SER B 175 -12.29 -35.15 -34.67
CA SER B 175 -11.10 -35.90 -34.31
C SER B 175 -9.95 -35.56 -35.23
N ILE B 176 -10.25 -35.34 -36.51
CA ILE B 176 -9.20 -34.92 -37.42
C ILE B 176 -8.53 -33.64 -36.94
N MET B 177 -9.34 -32.63 -36.65
CA MET B 177 -8.80 -31.34 -36.21
C MET B 177 -8.10 -31.46 -34.87
N ARG B 178 -8.60 -32.31 -33.98
CA ARG B 178 -7.89 -32.48 -32.71
C ARG B 178 -6.47 -33.01 -32.94
N VAL B 179 -6.33 -33.99 -33.83
CA VAL B 179 -4.99 -34.46 -34.09
C VAL B 179 -4.20 -33.35 -34.73
N ALA B 180 -4.88 -32.51 -35.51
CA ALA B 180 -4.20 -31.36 -36.09
C ALA B 180 -3.61 -30.51 -34.98
N ARG B 181 -4.43 -30.19 -33.99
CA ARG B 181 -4.00 -29.35 -32.88
C ARG B 181 -2.85 -29.99 -32.11
N PHE B 182 -2.65 -31.32 -32.19
CA PHE B 182 -1.40 -31.82 -31.63
C PHE B 182 -0.29 -31.94 -32.63
N TYR B 183 -0.60 -31.86 -33.93
CA TYR B 183 0.46 -31.96 -34.92
C TYR B 183 1.30 -30.69 -34.87
N LEU B 184 0.64 -29.53 -35.05
CA LEU B 184 1.21 -28.20 -35.00
C LEU B 184 1.62 -27.79 -33.59
N ASP B 185 1.35 -28.56 -32.61
CA ASP B 185 1.96 -28.14 -31.36
C ASP B 185 3.35 -28.76 -31.24
N PRO B 186 4.36 -27.97 -30.89
CA PRO B 186 5.67 -28.57 -30.58
C PRO B 186 5.69 -29.36 -29.28
N ARG B 187 4.96 -28.90 -28.24
CA ARG B 187 5.00 -29.53 -26.91
C ARG B 187 4.60 -31.00 -26.95
N ASP B 188 3.90 -31.44 -27.99
CA ASP B 188 3.51 -32.83 -28.16
C ASP B 188 4.58 -33.51 -28.99
N LYS B 189 5.34 -34.40 -28.38
CA LYS B 189 6.44 -34.97 -29.13
C LYS B 189 5.89 -36.24 -29.74
N ARG B 190 5.55 -36.16 -31.02
CA ARG B 190 4.97 -37.28 -31.71
C ARG B 190 5.50 -37.28 -33.13
N SER B 191 6.01 -38.41 -33.58
CA SER B 191 6.46 -38.50 -34.96
C SER B 191 5.26 -38.37 -35.89
N GLU B 192 5.45 -37.74 -37.06
CA GLU B 192 4.41 -37.80 -38.08
C GLU B 192 3.93 -39.23 -38.32
N ASP B 193 4.81 -40.22 -38.17
CA ASP B 193 4.36 -41.60 -38.34
C ASP B 193 3.38 -42.01 -37.26
N ASP B 194 3.59 -41.55 -36.03
CA ASP B 194 2.62 -41.82 -34.98
C ASP B 194 1.28 -41.24 -35.37
N TYR B 195 1.28 -39.99 -35.86
CA TYR B 195 0.04 -39.33 -36.28
C TYR B 195 -0.68 -40.16 -37.34
N TYR B 196 0.06 -40.71 -38.28
CA TYR B 196 -0.60 -41.59 -39.23
C TYR B 196 -1.21 -42.80 -38.53
N ASP B 197 -0.49 -43.38 -37.57
CA ASP B 197 -1.07 -44.54 -36.90
C ASP B 197 -2.37 -44.20 -36.22
N VAL B 198 -2.55 -42.93 -35.86
CA VAL B 198 -3.76 -42.53 -35.16
C VAL B 198 -4.91 -42.26 -36.12
N ILE B 199 -4.74 -41.25 -37.00
CA ILE B 199 -5.77 -40.89 -38.00
C ILE B 199 -5.44 -41.32 -39.42
N GLY B 200 -4.25 -41.84 -39.68
CA GLY B 200 -3.89 -42.11 -41.07
C GLY B 200 -4.53 -43.36 -41.65
N ASN B 201 -4.76 -44.37 -40.84
CA ASN B 201 -5.51 -45.39 -41.51
C ASN B 201 -6.92 -44.82 -41.64
N ASP B 202 -7.74 -45.45 -42.46
CA ASP B 202 -9.05 -44.96 -42.82
C ASP B 202 -9.89 -44.80 -41.55
N GLN B 203 -11.17 -44.46 -41.72
CA GLN B 203 -12.21 -44.23 -40.70
C GLN B 203 -11.97 -42.90 -39.97
N GLY B 204 -10.79 -42.31 -40.03
CA GLY B 204 -10.76 -40.90 -39.77
C GLY B 204 -10.61 -40.00 -40.98
N VAL B 205 -9.43 -40.02 -41.57
CA VAL B 205 -9.03 -39.00 -42.53
C VAL B 205 -9.51 -39.30 -43.94
N PHE B 206 -9.22 -40.48 -44.43
CA PHE B 206 -9.62 -40.84 -45.77
C PHE B 206 -11.03 -41.38 -45.77
N GLY B 207 -11.69 -41.37 -44.63
CA GLY B 207 -13.09 -41.75 -44.62
C GLY B 207 -13.96 -40.62 -45.02
N CYS B 208 -13.44 -39.40 -44.94
CA CYS B 208 -14.15 -38.19 -45.29
C CYS B 208 -14.43 -38.12 -46.78
N MET B 209 -15.70 -37.95 -47.11
CA MET B 209 -16.16 -37.82 -48.47
C MET B 209 -16.27 -36.37 -48.91
N GLY B 210 -16.01 -35.42 -48.00
CA GLY B 210 -16.04 -34.01 -48.32
C GLY B 210 -17.41 -33.36 -48.45
N LEU B 211 -18.28 -33.64 -47.52
CA LEU B 211 -19.57 -32.97 -47.59
C LEU B 211 -19.49 -31.51 -47.15
N LEU B 212 -18.48 -31.16 -46.36
CA LEU B 212 -18.25 -29.81 -45.83
C LEU B 212 -19.36 -29.34 -44.91
N ALA B 213 -20.16 -30.26 -44.32
CA ALA B 213 -21.18 -29.86 -43.34
C ALA B 213 -20.58 -29.46 -42.01
N CYS B 214 -19.42 -30.00 -41.67
CA CYS B 214 -18.69 -29.54 -40.51
C CYS B 214 -18.51 -28.03 -40.64
N GLU B 215 -17.69 -27.62 -41.61
CA GLU B 215 -17.37 -26.21 -41.75
C GLU B 215 -18.61 -25.34 -41.69
N ASP B 216 -19.70 -25.80 -42.28
CA ASP B 216 -20.90 -24.97 -42.39
C ASP B 216 -21.83 -25.07 -41.18
N VAL B 217 -21.71 -26.08 -40.34
CA VAL B 217 -22.52 -26.08 -39.11
C VAL B 217 -21.74 -25.67 -37.86
N CYS B 218 -20.41 -25.48 -37.93
CA CYS B 218 -19.66 -25.32 -36.68
C CYS B 218 -20.03 -24.02 -36.01
N PRO B 219 -20.55 -24.06 -34.78
CA PRO B 219 -20.98 -22.82 -34.13
C PRO B 219 -19.88 -21.88 -33.79
N LYS B 220 -18.74 -22.36 -33.30
CA LYS B 220 -17.68 -21.42 -32.96
C LYS B 220 -16.74 -21.18 -34.11
N GLY B 221 -16.97 -21.81 -35.25
CA GLY B 221 -16.20 -21.50 -36.44
C GLY B 221 -14.75 -21.95 -36.42
N ILE B 222 -14.56 -23.25 -36.22
CA ILE B 222 -13.22 -23.79 -36.27
C ILE B 222 -12.86 -23.79 -37.74
N PRO B 223 -11.60 -23.74 -38.10
CA PRO B 223 -11.27 -23.83 -39.53
C PRO B 223 -11.16 -25.30 -39.90
N LEU B 224 -12.33 -25.93 -39.94
CA LEU B 224 -12.38 -27.36 -40.20
C LEU B 224 -12.02 -27.66 -41.65
N GLN B 225 -12.44 -26.79 -42.58
CA GLN B 225 -12.32 -27.15 -44.00
C GLN B 225 -10.85 -27.28 -44.40
N ASP B 226 -10.09 -26.24 -44.15
CA ASP B 226 -8.71 -26.21 -44.52
C ASP B 226 -7.79 -26.92 -43.53
N GLN B 227 -8.22 -27.14 -42.27
CA GLN B 227 -7.45 -27.97 -41.36
C GLN B 227 -7.62 -29.44 -41.70
N LEU B 228 -8.86 -29.87 -41.89
CA LEU B 228 -9.12 -31.19 -42.46
C LEU B 228 -8.33 -31.37 -43.73
N GLY B 229 -8.31 -30.34 -44.58
CA GLY B 229 -7.61 -30.45 -45.84
C GLY B 229 -6.13 -30.65 -45.66
N ILE B 230 -5.49 -29.77 -44.88
CA ILE B 230 -4.06 -29.87 -44.70
C ILE B 230 -3.70 -31.15 -43.97
N MET B 231 -4.63 -31.72 -43.21
CA MET B 231 -4.35 -33.01 -42.57
C MET B 231 -4.45 -34.18 -43.57
N ARG B 232 -5.42 -34.14 -44.50
CA ARG B 232 -5.51 -35.21 -45.50
C ARG B 232 -4.34 -35.17 -46.45
N ARG B 233 -3.78 -34.01 -46.70
CA ARG B 233 -2.53 -34.01 -47.45
C ARG B 233 -1.39 -34.56 -46.60
N MET B 234 -1.19 -34.00 -45.40
CA MET B 234 -0.01 -34.41 -44.64
C MET B 234 -0.01 -35.92 -44.43
N MET B 235 -1.17 -36.51 -44.19
CA MET B 235 -1.23 -37.96 -44.01
C MET B 235 -1.14 -38.68 -45.35
N ALA B 236 -1.88 -38.20 -46.35
CA ALA B 236 -1.86 -38.85 -47.66
C ALA B 236 -0.45 -38.86 -48.24
N MET B 237 0.37 -37.83 -47.96
CA MET B 237 1.72 -37.91 -48.50
C MET B 237 2.55 -38.98 -47.79
N HIS B 238 1.98 -39.73 -46.87
CA HIS B 238 2.67 -40.96 -46.54
C HIS B 238 2.38 -41.89 -47.71
N SER B 239 3.44 -42.07 -48.50
CA SER B 239 3.56 -42.76 -49.77
C SER B 239 5.01 -42.47 -50.20
N VAL B 240 5.54 -43.28 -51.11
CA VAL B 240 6.91 -43.12 -51.61
C VAL B 240 6.99 -43.42 -53.16
N MET C 1 2.42 -66.71 -39.75
CA MET C 1 3.40 -65.86 -39.06
C MET C 1 2.71 -64.68 -38.42
N ASN C 2 2.22 -63.78 -39.26
CA ASN C 2 1.26 -62.76 -38.89
C ASN C 2 -0.14 -63.09 -39.42
N ALA C 3 -0.35 -64.32 -39.93
CA ALA C 3 -1.56 -64.68 -40.67
C ALA C 3 -2.88 -64.53 -39.92
N SER C 4 -2.88 -64.17 -38.63
CA SER C 4 -4.18 -63.89 -38.04
C SER C 4 -4.51 -62.40 -38.02
N THR C 5 -4.16 -61.69 -36.96
CA THR C 5 -4.43 -60.25 -36.99
C THR C 5 -3.39 -59.29 -36.42
N ILE C 6 -3.69 -58.85 -35.21
CA ILE C 6 -2.96 -58.11 -34.19
C ILE C 6 -2.40 -56.77 -34.67
N THR C 7 -1.73 -56.75 -35.83
CA THR C 7 -1.48 -55.51 -36.55
C THR C 7 -0.94 -55.76 -37.96
N LEU C 8 -1.69 -55.33 -38.96
CA LEU C 8 -1.24 -55.03 -40.32
C LEU C 8 -0.32 -56.00 -41.10
N HIS C 9 0.69 -55.41 -41.73
CA HIS C 9 1.64 -56.09 -42.59
C HIS C 9 3.10 -55.89 -42.13
N VAL C 10 4.06 -56.53 -42.81
CA VAL C 10 5.48 -56.35 -42.50
C VAL C 10 5.64 -56.48 -40.99
N PRO C 11 6.73 -56.02 -40.40
CA PRO C 11 6.77 -56.16 -38.93
C PRO C 11 5.97 -55.17 -38.10
N GLN C 12 5.44 -54.07 -38.65
CA GLN C 12 4.70 -53.18 -37.77
C GLN C 12 3.36 -52.78 -38.39
N ARG C 13 3.37 -51.96 -39.45
CA ARG C 13 2.17 -51.27 -39.85
C ARG C 13 2.11 -51.06 -41.36
N SER C 14 0.88 -50.87 -41.85
CA SER C 14 0.59 -50.77 -43.27
C SER C 14 0.02 -49.41 -43.63
N LYS C 15 0.60 -48.80 -44.66
CA LYS C 15 0.26 -47.50 -45.21
C LYS C 15 -0.73 -47.61 -46.38
N ILE C 16 -1.27 -48.81 -46.64
CA ILE C 16 -2.04 -49.05 -47.86
C ILE C 16 -3.25 -48.12 -47.99
N ALA C 17 -3.85 -47.71 -46.87
CA ALA C 17 -5.08 -46.92 -46.96
C ALA C 17 -4.83 -45.54 -47.58
N GLY C 18 -3.74 -44.88 -47.16
CA GLY C 18 -3.41 -43.59 -47.73
C GLY C 18 -3.02 -43.73 -49.19
N ARG C 19 -2.08 -44.65 -49.49
CA ARG C 19 -1.69 -44.88 -50.87
C ARG C 19 -2.91 -45.03 -51.75
N MET C 20 -3.86 -45.87 -51.32
CA MET C 20 -5.00 -46.11 -52.19
C MET C 20 -5.91 -44.88 -52.22
N ASP C 21 -6.07 -44.15 -51.10
CA ASP C 21 -6.86 -42.92 -51.19
C ASP C 21 -6.20 -41.91 -52.13
N PHE C 22 -4.89 -41.71 -51.98
CA PHE C 22 -4.11 -40.91 -52.91
C PHE C 22 -4.34 -41.36 -54.34
N PHE C 23 -4.57 -42.65 -54.53
CA PHE C 23 -4.79 -43.17 -55.86
C PHE C 23 -6.22 -42.96 -56.36
N GLN C 24 -7.21 -42.90 -55.45
CA GLN C 24 -8.53 -42.43 -55.86
C GLN C 24 -8.47 -40.98 -56.31
N MET C 25 -7.71 -40.13 -55.61
CA MET C 25 -7.60 -38.73 -56.05
C MET C 25 -6.79 -38.60 -57.36
N VAL C 26 -5.71 -39.39 -57.53
CA VAL C 26 -4.95 -39.32 -58.78
C VAL C 26 -5.78 -39.86 -59.94
N SER C 27 -6.65 -40.82 -59.68
CA SER C 27 -7.55 -41.20 -60.75
C SER C 27 -8.52 -40.07 -61.03
N GLY C 28 -8.93 -39.33 -60.01
CA GLY C 28 -9.89 -38.25 -60.25
C GLY C 28 -9.33 -37.14 -61.12
N ALA C 29 -8.06 -36.77 -60.89
CA ALA C 29 -7.44 -35.74 -61.73
C ALA C 29 -7.22 -36.28 -63.13
N LEU C 30 -6.67 -37.50 -63.25
CA LEU C 30 -6.37 -37.96 -64.60
C LEU C 30 -7.64 -38.10 -65.39
N LEU C 31 -8.72 -38.54 -64.77
CA LEU C 31 -9.94 -38.68 -65.55
C LEU C 31 -10.50 -37.31 -65.88
N ILE C 32 -10.28 -36.32 -65.00
CA ILE C 32 -10.79 -34.99 -65.33
C ILE C 32 -10.04 -34.41 -66.54
N LEU C 33 -8.71 -34.62 -66.61
CA LEU C 33 -7.95 -34.12 -67.76
C LEU C 33 -8.39 -34.78 -69.06
N PHE C 34 -8.62 -36.11 -69.03
CA PHE C 34 -9.17 -36.73 -70.22
C PHE C 34 -10.47 -36.06 -70.62
N LEU C 35 -11.48 -36.06 -69.74
CA LEU C 35 -12.80 -35.55 -70.14
C LEU C 35 -12.72 -34.10 -70.60
N TRP C 36 -11.67 -33.37 -70.21
CA TRP C 36 -11.35 -32.13 -70.93
C TRP C 36 -10.87 -32.43 -72.36
N ALA C 37 -9.98 -33.41 -72.52
CA ALA C 37 -9.52 -33.73 -73.87
C ALA C 37 -10.68 -34.07 -74.79
N HIS C 38 -11.65 -34.83 -74.28
CA HIS C 38 -12.84 -35.24 -75.03
C HIS C 38 -13.74 -34.05 -75.30
N MET C 39 -13.94 -33.19 -74.32
CA MET C 39 -14.81 -32.05 -74.61
C MET C 39 -14.08 -30.89 -75.27
N MET C 40 -12.83 -31.07 -75.67
CA MET C 40 -12.21 -30.19 -76.65
C MET C 40 -12.30 -30.81 -78.05
N LEU C 41 -11.66 -31.96 -78.26
CA LEU C 41 -11.64 -32.59 -79.59
C LEU C 41 -13.04 -32.71 -80.18
N VAL C 42 -13.95 -33.37 -79.47
CA VAL C 42 -15.26 -33.72 -80.03
C VAL C 42 -16.31 -32.61 -79.92
N SER C 43 -16.03 -31.54 -79.21
CA SER C 43 -16.94 -30.42 -79.28
C SER C 43 -16.59 -29.49 -80.43
N SER C 44 -15.66 -29.89 -81.31
CA SER C 44 -15.19 -29.07 -82.41
C SER C 44 -16.09 -29.10 -83.63
N VAL C 45 -17.21 -29.81 -83.58
CA VAL C 45 -18.16 -29.77 -84.69
C VAL C 45 -18.99 -28.50 -84.68
N ILE C 46 -19.07 -27.80 -83.55
CA ILE C 46 -19.66 -26.46 -83.53
C ILE C 46 -18.83 -25.53 -84.40
N LEU C 47 -17.50 -25.62 -84.26
CA LEU C 47 -16.57 -24.78 -85.01
C LEU C 47 -16.48 -25.24 -86.46
N SER C 48 -16.06 -26.50 -86.67
CA SER C 48 -16.16 -27.13 -87.99
C SER C 48 -15.87 -28.62 -87.91
N PRO C 49 -16.63 -29.42 -88.66
CA PRO C 49 -16.35 -30.85 -88.73
C PRO C 49 -15.00 -31.15 -89.34
N SER C 50 -14.37 -30.13 -89.90
CA SER C 50 -13.03 -30.27 -90.43
C SER C 50 -12.01 -30.14 -89.31
N LEU C 51 -12.25 -29.24 -88.34
CA LEU C 51 -11.34 -29.12 -87.21
C LEU C 51 -11.37 -30.38 -86.33
N MET C 52 -12.57 -30.91 -86.10
CA MET C 52 -12.72 -32.13 -85.32
C MET C 52 -12.13 -33.32 -86.05
N ASN C 53 -12.40 -33.45 -87.35
CA ASN C 53 -11.78 -34.56 -88.09
C ASN C 53 -10.26 -34.41 -88.16
N GLY C 54 -9.77 -33.18 -88.31
CA GLY C 54 -8.34 -33.02 -88.45
C GLY C 54 -7.61 -33.31 -87.15
N ILE C 55 -8.00 -32.63 -86.08
CA ILE C 55 -7.34 -32.89 -84.82
C ILE C 55 -7.64 -34.32 -84.38
N ALA C 56 -8.66 -34.94 -84.97
CA ALA C 56 -8.99 -36.34 -84.68
C ALA C 56 -8.08 -37.33 -85.39
N TRP C 57 -7.59 -37.03 -86.59
CA TRP C 57 -6.59 -37.93 -87.15
C TRP C 57 -5.19 -37.51 -86.74
N PHE C 58 -5.07 -36.55 -85.82
CA PHE C 58 -3.78 -35.97 -85.43
C PHE C 58 -3.03 -36.87 -84.45
N PHE C 59 -3.56 -37.05 -83.24
CA PHE C 59 -2.75 -37.54 -82.11
C PHE C 59 -2.33 -39.00 -82.34
N GLU C 60 -1.01 -39.25 -82.37
CA GLU C 60 -0.43 -40.60 -82.34
C GLU C 60 -1.30 -41.57 -83.14
N ALA C 61 -1.42 -41.28 -84.42
CA ALA C 61 -2.33 -41.99 -85.34
C ALA C 61 -3.74 -42.08 -84.75
N THR C 62 -4.41 -40.92 -84.73
CA THR C 62 -5.79 -40.74 -84.24
C THR C 62 -5.95 -41.12 -82.76
N TYR C 63 -5.24 -40.38 -81.90
CA TYR C 63 -5.24 -40.54 -80.44
C TYR C 63 -4.86 -41.95 -79.96
N MET C 64 -4.19 -42.75 -80.81
CA MET C 64 -3.84 -44.13 -80.53
C MET C 64 -4.93 -44.85 -79.75
N ALA C 65 -6.04 -45.16 -80.41
CA ALA C 65 -7.08 -46.03 -79.84
C ALA C 65 -6.61 -47.47 -79.66
N GLN C 66 -5.44 -47.84 -80.17
CA GLN C 66 -4.81 -49.06 -79.71
C GLN C 66 -4.25 -48.86 -78.29
N ILE C 67 -3.34 -47.89 -78.11
CA ILE C 67 -2.67 -47.73 -76.82
C ILE C 67 -3.34 -46.75 -75.87
N GLY C 68 -4.24 -45.88 -76.33
CA GLY C 68 -4.87 -44.94 -75.42
C GLY C 68 -6.32 -45.22 -75.08
N GLY C 69 -6.95 -46.08 -75.84
CA GLY C 69 -8.31 -46.47 -75.60
C GLY C 69 -8.38 -47.35 -74.37
N PRO C 70 -7.52 -48.36 -74.34
CA PRO C 70 -7.41 -49.17 -73.12
C PRO C 70 -7.00 -48.35 -71.92
N ALA C 71 -6.31 -47.23 -72.14
CA ALA C 71 -5.96 -46.37 -71.02
C ALA C 71 -7.22 -45.95 -70.29
N VAL C 72 -8.12 -45.30 -71.02
CA VAL C 72 -9.32 -44.84 -70.37
C VAL C 72 -10.30 -45.96 -70.05
N PHE C 73 -10.24 -47.13 -70.70
CA PHE C 73 -11.18 -48.12 -70.20
C PHE C 73 -10.72 -48.65 -68.84
N VAL C 74 -9.46 -49.12 -68.77
CA VAL C 74 -8.94 -49.68 -67.52
C VAL C 74 -8.93 -48.64 -66.40
N LEU C 75 -8.61 -47.36 -66.76
CA LEU C 75 -8.56 -46.26 -65.78
C LEU C 75 -9.93 -45.86 -65.31
N MET C 76 -10.94 -45.90 -66.18
CA MET C 76 -12.27 -45.53 -65.71
C MET C 76 -12.81 -46.60 -64.77
N VAL C 77 -12.58 -47.87 -65.08
CA VAL C 77 -13.06 -48.90 -64.15
C VAL C 77 -12.23 -48.93 -62.86
N VAL C 78 -10.91 -48.68 -62.95
CA VAL C 78 -10.05 -48.62 -61.76
C VAL C 78 -10.54 -47.55 -60.81
N HIS C 79 -10.89 -46.38 -61.36
CA HIS C 79 -11.67 -45.38 -60.64
C HIS C 79 -12.91 -46.02 -60.04
N PHE C 80 -13.62 -46.82 -60.84
CA PHE C 80 -14.83 -47.44 -60.35
C PHE C 80 -14.56 -48.27 -59.10
N ILE C 81 -13.47 -49.06 -59.09
CA ILE C 81 -13.14 -49.84 -57.90
C ILE C 81 -12.80 -48.91 -56.73
N LEU C 82 -12.03 -47.86 -57.00
CA LEU C 82 -11.60 -47.07 -55.87
C LEU C 82 -12.77 -46.36 -55.24
N ALA C 83 -13.76 -45.96 -56.03
CA ALA C 83 -14.92 -45.26 -55.51
C ALA C 83 -15.97 -46.19 -54.93
N ALA C 84 -16.14 -47.36 -55.49
CA ALA C 84 -17.13 -48.22 -54.89
C ALA C 84 -16.87 -48.49 -53.41
N ARG C 85 -15.65 -48.28 -52.91
CA ARG C 85 -15.44 -48.47 -51.47
C ARG C 85 -16.54 -47.74 -50.70
N LYS C 86 -16.76 -46.48 -51.06
CA LYS C 86 -17.63 -45.55 -50.36
C LYS C 86 -19.04 -45.48 -50.95
N MET C 87 -19.32 -46.26 -51.94
CA MET C 87 -20.65 -46.08 -52.48
C MET C 87 -21.69 -46.77 -51.62
N PRO C 88 -22.92 -46.05 -51.37
CA PRO C 88 -23.87 -46.49 -50.34
C PRO C 88 -24.74 -47.66 -50.82
N PHE C 89 -24.09 -48.80 -51.09
CA PHE C 89 -24.83 -49.93 -51.62
C PHE C 89 -25.70 -50.56 -50.53
N LYS C 90 -25.19 -50.62 -49.32
CA LYS C 90 -25.94 -51.22 -48.22
C LYS C 90 -27.25 -50.46 -48.02
N GLN C 91 -28.37 -51.21 -47.86
CA GLN C 91 -29.69 -50.59 -47.81
C GLN C 91 -29.84 -49.54 -46.71
N ASP C 92 -29.10 -49.69 -45.61
CA ASP C 92 -29.09 -48.64 -44.61
C ASP C 92 -28.14 -47.49 -44.94
N GLU C 93 -27.01 -47.71 -45.61
CA GLU C 93 -26.22 -46.54 -45.96
C GLU C 93 -27.03 -45.62 -46.85
N TRP C 94 -27.73 -46.18 -47.83
CA TRP C 94 -28.65 -45.38 -48.63
C TRP C 94 -29.74 -44.78 -47.74
N LYS C 95 -30.53 -45.61 -47.07
CA LYS C 95 -31.67 -45.09 -46.35
C LYS C 95 -31.24 -43.93 -45.44
N THR C 96 -30.18 -44.12 -44.64
CA THR C 96 -29.68 -43.06 -43.76
C THR C 96 -29.22 -41.86 -44.58
N PHE C 97 -28.30 -42.06 -45.52
CA PHE C 97 -27.82 -40.91 -46.24
C PHE C 97 -28.94 -40.17 -46.95
N ARG C 98 -30.08 -40.81 -47.19
CA ARG C 98 -31.20 -40.08 -47.76
C ARG C 98 -31.98 -39.32 -46.68
N VAL C 99 -32.11 -39.91 -45.49
CA VAL C 99 -32.83 -39.22 -44.43
C VAL C 99 -32.02 -38.02 -43.92
N HIS C 100 -30.74 -38.24 -43.62
CA HIS C 100 -29.84 -37.17 -43.23
C HIS C 100 -29.70 -36.14 -44.34
N ALA C 101 -29.67 -36.59 -45.60
CA ALA C 101 -29.47 -35.68 -46.73
C ALA C 101 -30.71 -34.80 -46.97
N CYS C 102 -31.92 -35.31 -46.68
CA CYS C 102 -33.08 -34.43 -46.76
C CYS C 102 -33.26 -33.52 -45.54
N MET C 103 -32.82 -33.94 -44.35
CA MET C 103 -33.00 -33.10 -43.18
C MET C 103 -31.96 -32.02 -43.07
N LEU C 104 -30.75 -32.25 -43.55
CA LEU C 104 -29.76 -31.21 -43.34
C LEU C 104 -30.03 -30.01 -44.19
N HIS C 105 -30.72 -30.19 -45.30
CA HIS C 105 -30.97 -29.13 -46.25
C HIS C 105 -29.66 -28.53 -46.70
N HIS C 106 -28.54 -29.23 -46.49
CA HIS C 106 -27.23 -28.73 -46.81
C HIS C 106 -26.79 -29.23 -48.19
N LYS C 107 -26.15 -28.34 -48.95
CA LYS C 107 -25.98 -28.53 -50.38
C LYS C 107 -25.01 -29.65 -50.71
N ASP C 108 -23.73 -29.39 -50.48
CA ASP C 108 -22.67 -30.32 -50.88
C ASP C 108 -22.95 -31.73 -50.38
N THR C 109 -23.51 -31.82 -49.16
CA THR C 109 -24.07 -33.07 -48.65
C THR C 109 -25.00 -33.73 -49.69
N THR C 110 -25.96 -32.99 -50.23
CA THR C 110 -26.88 -33.64 -51.19
C THR C 110 -26.20 -33.96 -52.51
N MET C 111 -25.21 -33.17 -52.92
CA MET C 111 -24.55 -33.52 -54.16
C MET C 111 -23.83 -34.85 -54.07
N TRP C 112 -23.45 -35.30 -52.87
CA TRP C 112 -22.87 -36.64 -52.83
C TRP C 112 -23.84 -37.68 -53.45
N VAL C 113 -25.15 -37.53 -53.20
CA VAL C 113 -26.12 -38.46 -53.78
C VAL C 113 -26.08 -38.42 -55.32
N VAL C 114 -25.83 -37.24 -55.91
CA VAL C 114 -25.76 -37.21 -57.37
C VAL C 114 -24.47 -37.82 -57.87
N GLN C 115 -23.38 -37.68 -57.12
CA GLN C 115 -22.16 -38.38 -57.51
C GLN C 115 -22.40 -39.88 -57.59
N VAL C 116 -23.28 -40.37 -56.73
CA VAL C 116 -23.65 -41.79 -56.68
C VAL C 116 -24.57 -42.18 -57.87
N ILE C 117 -25.78 -41.61 -57.95
CA ILE C 117 -26.70 -41.99 -59.04
C ILE C 117 -26.05 -41.81 -60.40
N SER C 118 -25.44 -40.64 -60.59
CA SER C 118 -24.67 -40.42 -61.80
C SER C 118 -23.64 -41.52 -61.98
N ALA C 119 -23.03 -41.95 -60.87
CA ALA C 119 -21.96 -42.94 -60.96
C ALA C 119 -22.41 -44.24 -61.64
N ILE C 120 -23.60 -44.76 -61.29
CA ILE C 120 -24.04 -46.01 -61.93
C ILE C 120 -24.43 -45.79 -63.40
N PHE C 121 -25.09 -44.66 -63.70
CA PHE C 121 -25.49 -44.43 -65.09
C PHE C 121 -24.28 -44.30 -66.02
N ILE C 122 -23.26 -43.53 -65.61
CA ILE C 122 -22.08 -43.34 -66.43
C ILE C 122 -21.18 -44.56 -66.41
N LEU C 123 -21.35 -45.45 -65.43
CA LEU C 123 -20.71 -46.76 -65.50
C LEU C 123 -21.18 -47.55 -66.72
N VAL C 124 -22.51 -47.80 -66.79
CA VAL C 124 -23.08 -48.62 -67.86
C VAL C 124 -23.01 -47.93 -69.22
N LEU C 125 -23.73 -46.82 -69.38
CA LEU C 125 -23.75 -46.15 -70.67
C LEU C 125 -22.39 -45.58 -71.00
N GLY C 126 -21.61 -45.18 -69.98
CA GLY C 126 -20.26 -44.71 -70.28
C GLY C 126 -19.39 -45.81 -70.85
N ALA C 127 -19.52 -47.02 -70.30
CA ALA C 127 -18.78 -48.16 -70.82
C ALA C 127 -19.26 -48.54 -72.21
N VAL C 128 -20.58 -48.58 -72.40
CA VAL C 128 -21.13 -49.12 -73.65
C VAL C 128 -20.96 -48.12 -74.80
N HIS C 129 -21.08 -46.81 -74.52
CA HIS C 129 -20.75 -45.78 -75.51
C HIS C 129 -19.26 -45.73 -75.80
N MET C 130 -18.47 -45.58 -74.74
CA MET C 130 -17.04 -45.57 -74.93
C MET C 130 -16.62 -46.77 -75.73
N PHE C 131 -17.35 -47.88 -75.61
CA PHE C 131 -16.97 -49.08 -76.35
C PHE C 131 -17.36 -48.99 -77.82
N VAL C 132 -18.61 -48.61 -78.12
CA VAL C 132 -19.03 -48.61 -79.52
C VAL C 132 -18.18 -47.62 -80.32
N VAL C 133 -17.80 -46.50 -79.71
CA VAL C 133 -16.89 -45.62 -80.45
C VAL C 133 -15.43 -45.92 -80.16
N LEU C 134 -15.13 -46.78 -79.18
CA LEU C 134 -13.76 -47.06 -78.78
C LEU C 134 -13.10 -48.06 -79.70
N THR C 135 -13.89 -48.67 -80.58
CA THR C 135 -13.45 -49.75 -81.43
C THR C 135 -12.71 -49.20 -82.65
N ASP C 136 -12.61 -50.02 -83.70
CA ASP C 136 -12.07 -49.64 -85.01
C ASP C 136 -12.98 -48.56 -85.64
N LEU C 137 -12.93 -48.43 -86.97
CA LEU C 137 -13.59 -47.36 -87.71
C LEU C 137 -13.02 -45.98 -87.36
N PRO C 138 -11.83 -45.62 -87.89
CA PRO C 138 -11.27 -44.31 -87.58
C PRO C 138 -12.28 -43.20 -87.81
N ILE C 139 -12.11 -42.15 -86.99
CA ILE C 139 -13.15 -41.19 -86.64
C ILE C 139 -13.46 -40.18 -87.74
N THR C 140 -14.74 -39.88 -87.91
CA THR C 140 -15.19 -38.85 -88.83
C THR C 140 -16.23 -38.00 -88.13
N ALA C 141 -16.49 -36.82 -88.69
CA ALA C 141 -17.65 -36.08 -88.22
C ALA C 141 -18.92 -36.75 -88.72
N ALA C 142 -18.84 -37.32 -89.92
CA ALA C 142 -19.98 -37.95 -90.54
C ALA C 142 -20.49 -39.13 -89.74
N LYS C 143 -19.60 -39.86 -89.08
CA LYS C 143 -19.96 -41.15 -88.50
C LYS C 143 -21.20 -41.04 -87.61
N SER C 144 -21.66 -39.82 -87.35
CA SER C 144 -22.73 -39.66 -86.42
C SER C 144 -24.03 -39.11 -86.98
N ALA C 145 -25.12 -39.88 -87.14
CA ALA C 145 -25.23 -41.31 -87.42
C ALA C 145 -24.82 -42.32 -86.35
N ALA C 146 -23.73 -42.09 -85.61
CA ALA C 146 -23.51 -42.89 -84.41
C ALA C 146 -24.22 -42.23 -83.26
N ARG C 147 -24.84 -41.09 -83.57
CA ARG C 147 -25.77 -40.31 -82.82
C ARG C 147 -26.96 -40.03 -83.75
N LEU C 148 -27.92 -39.29 -83.22
CA LEU C 148 -28.86 -38.48 -83.97
C LEU C 148 -29.87 -39.28 -84.77
N GLN C 149 -30.19 -38.60 -85.85
CA GLN C 149 -31.14 -38.99 -86.81
C GLN C 149 -31.12 -40.47 -86.84
N SER C 150 -31.20 -40.96 -88.06
CA SER C 150 -31.31 -42.39 -88.27
C SER C 150 -30.59 -43.16 -87.16
N GLY C 151 -29.59 -42.52 -86.53
CA GLY C 151 -28.89 -43.16 -85.44
C GLY C 151 -29.81 -43.45 -84.27
N TRP C 152 -29.53 -44.57 -83.59
CA TRP C 152 -30.23 -44.96 -82.36
C TRP C 152 -29.45 -44.63 -81.08
N LEU C 153 -28.39 -43.80 -81.15
CA LEU C 153 -27.74 -43.30 -79.94
C LEU C 153 -28.41 -41.95 -79.62
N TYR C 154 -29.38 -42.01 -78.71
CA TYR C 154 -30.19 -40.93 -78.14
C TYR C 154 -29.82 -40.57 -76.69
N LEU C 155 -28.76 -41.19 -76.15
CA LEU C 155 -28.49 -41.23 -74.72
C LEU C 155 -27.61 -40.10 -74.21
N TYR C 156 -26.95 -39.34 -75.10
CA TYR C 156 -26.12 -38.22 -74.64
C TYR C 156 -26.95 -37.06 -74.15
N LEU C 157 -28.27 -37.13 -74.25
CA LEU C 157 -29.11 -36.24 -73.46
C LEU C 157 -29.20 -36.72 -72.03
N VAL C 158 -29.08 -38.02 -71.81
CA VAL C 158 -28.88 -38.59 -70.47
C VAL C 158 -27.40 -38.65 -70.08
N LEU C 159 -26.48 -39.07 -70.96
CA LEU C 159 -25.11 -39.24 -70.49
C LEU C 159 -24.50 -37.90 -70.14
N LEU C 160 -24.75 -36.87 -70.96
CA LEU C 160 -24.13 -35.56 -70.77
C LEU C 160 -24.39 -34.93 -69.41
N PRO C 161 -25.63 -34.82 -68.91
CA PRO C 161 -25.82 -34.28 -67.55
C PRO C 161 -25.18 -35.13 -66.46
N LEU C 162 -25.43 -36.43 -66.47
CA LEU C 162 -24.88 -37.25 -65.42
C LEU C 162 -23.37 -37.16 -65.44
N ALA C 163 -22.78 -37.20 -66.61
CA ALA C 163 -21.33 -37.11 -66.66
C ALA C 163 -20.81 -35.75 -66.19
N GLU C 164 -21.30 -34.65 -66.75
CA GLU C 164 -20.66 -33.38 -66.46
C GLU C 164 -20.99 -32.86 -65.05
N LEU C 165 -22.17 -33.21 -64.52
CA LEU C 165 -22.45 -33.06 -63.09
C LEU C 165 -21.42 -33.81 -62.24
N HIS C 166 -21.24 -35.12 -62.50
CA HIS C 166 -20.25 -35.89 -61.78
C HIS C 166 -18.87 -35.23 -61.87
N VAL C 167 -18.42 -34.84 -63.06
CA VAL C 167 -17.07 -34.31 -63.14
C VAL C 167 -17.00 -33.02 -62.36
N GLY C 168 -18.09 -32.26 -62.31
CA GLY C 168 -18.12 -30.98 -61.60
C GLY C 168 -17.99 -31.13 -60.10
N VAL C 169 -18.93 -31.87 -59.49
CA VAL C 169 -18.87 -32.08 -58.04
C VAL C 169 -17.54 -32.73 -57.68
N GLY C 170 -17.00 -33.54 -58.59
CA GLY C 170 -15.72 -34.17 -58.33
C GLY C 170 -14.56 -33.21 -58.41
N PHE C 171 -14.61 -32.28 -59.35
CA PHE C 171 -13.57 -31.28 -59.42
C PHE C 171 -13.61 -30.40 -58.18
N TYR C 172 -14.81 -30.02 -57.76
CA TYR C 172 -15.00 -29.23 -56.55
C TYR C 172 -14.45 -29.97 -55.33
N ARG C 173 -14.83 -31.25 -55.21
CA ARG C 173 -14.46 -32.04 -54.04
C ARG C 173 -12.97 -32.23 -53.94
N ILE C 174 -12.34 -32.67 -55.04
CA ILE C 174 -10.91 -32.92 -55.02
C ILE C 174 -10.14 -31.66 -54.63
N GLY C 175 -10.75 -30.49 -54.77
CA GLY C 175 -10.17 -29.24 -54.34
C GLY C 175 -10.19 -29.05 -52.84
N VAL C 176 -11.35 -29.26 -52.23
CA VAL C 176 -11.39 -29.22 -50.78
C VAL C 176 -10.80 -30.57 -50.41
N LYS C 177 -10.80 -30.92 -49.15
CA LYS C 177 -10.39 -32.26 -48.76
C LYS C 177 -8.91 -32.52 -49.03
N TYR C 178 -8.28 -31.91 -50.03
CA TYR C 178 -6.84 -32.06 -50.20
C TYR C 178 -6.03 -30.80 -49.96
N GLY C 179 -6.66 -29.69 -49.58
CA GLY C 179 -5.92 -28.49 -49.20
C GLY C 179 -5.85 -27.37 -50.22
N PHE C 180 -6.64 -27.42 -51.27
CA PHE C 180 -6.82 -26.36 -52.26
C PHE C 180 -8.02 -25.52 -51.89
N VAL C 181 -8.44 -25.74 -50.67
CA VAL C 181 -9.68 -25.39 -50.02
C VAL C 181 -9.76 -23.87 -49.89
N GLY C 182 -10.81 -23.42 -49.23
CA GLY C 182 -10.99 -22.09 -48.68
C GLY C 182 -10.56 -21.94 -47.23
N ARG C 183 -11.33 -21.19 -46.45
CA ARG C 183 -12.63 -20.77 -46.92
C ARG C 183 -12.56 -19.53 -47.76
N ASN C 184 -11.40 -18.87 -47.71
CA ASN C 184 -11.18 -17.68 -48.50
C ASN C 184 -11.43 -18.00 -49.97
N LYS C 185 -10.57 -18.81 -50.55
CA LYS C 185 -10.75 -19.19 -51.93
C LYS C 185 -11.96 -20.10 -52.12
N ARG C 186 -12.67 -20.45 -51.04
CA ARG C 186 -13.77 -21.42 -51.12
C ARG C 186 -14.88 -20.97 -52.05
N LYS C 187 -15.27 -19.70 -52.01
CA LYS C 187 -16.39 -19.30 -52.86
C LYS C 187 -15.99 -19.08 -54.31
N TRP C 188 -14.91 -18.33 -54.55
CA TRP C 188 -14.33 -18.16 -55.88
C TRP C 188 -14.15 -19.50 -56.56
N PHE C 189 -13.71 -20.49 -55.80
CA PHE C 189 -13.73 -21.87 -56.24
C PHE C 189 -15.15 -22.40 -56.41
N GLN C 190 -16.07 -21.99 -55.55
CA GLN C 190 -17.40 -22.56 -55.60
C GLN C 190 -18.14 -22.15 -56.88
N LYS C 191 -18.19 -20.85 -57.18
CA LYS C 191 -18.86 -20.44 -58.40
C LYS C 191 -17.96 -20.54 -59.62
N THR C 192 -16.64 -20.58 -59.44
CA THR C 192 -15.78 -21.01 -60.55
C THR C 192 -16.19 -22.41 -61.01
N GLU C 193 -16.35 -23.35 -60.07
CA GLU C 193 -16.68 -24.71 -60.45
C GLU C 193 -18.14 -24.82 -60.92
N ASN C 194 -19.06 -24.12 -60.26
CA ASN C 194 -20.45 -24.13 -60.71
C ASN C 194 -20.56 -23.59 -62.13
N LEU C 195 -19.92 -22.45 -62.38
CA LEU C 195 -19.83 -21.89 -63.72
C LEU C 195 -19.24 -22.91 -64.70
N MET C 196 -18.12 -23.55 -64.30
CA MET C 196 -17.44 -24.50 -65.17
C MET C 196 -18.36 -25.65 -65.58
N MET C 197 -19.13 -26.19 -64.61
CA MET C 197 -20.01 -27.32 -64.90
C MET C 197 -21.17 -26.93 -65.81
N ILE C 198 -21.91 -25.87 -65.47
CA ILE C 198 -23.03 -25.52 -66.35
C ILE C 198 -22.52 -25.06 -67.74
N GLY C 199 -21.30 -24.52 -67.81
CA GLY C 199 -20.75 -24.13 -69.11
C GLY C 199 -20.40 -25.32 -69.97
N PHE C 200 -19.79 -26.34 -69.37
CA PHE C 200 -19.51 -27.55 -70.15
C PHE C 200 -20.79 -28.29 -70.54
N ILE C 201 -21.83 -28.26 -69.71
CA ILE C 201 -23.07 -28.91 -70.17
C ILE C 201 -23.73 -28.11 -71.29
N THR C 202 -23.57 -26.78 -71.30
CA THR C 202 -24.18 -26.03 -72.39
C THR C 202 -23.45 -26.31 -73.70
N ILE C 203 -22.14 -26.10 -73.74
CA ILE C 203 -21.45 -26.27 -75.01
C ILE C 203 -21.44 -27.73 -75.40
N GLY C 204 -21.72 -28.61 -74.47
CA GLY C 204 -21.94 -30.00 -74.84
C GLY C 204 -23.30 -30.22 -75.50
N LEU C 205 -24.36 -29.60 -74.95
CA LEU C 205 -25.68 -29.78 -75.59
C LEU C 205 -25.71 -29.07 -76.94
N LEU C 206 -24.91 -28.02 -77.10
CA LEU C 206 -24.78 -27.29 -78.37
C LEU C 206 -23.86 -28.01 -79.35
N THR C 207 -22.81 -28.71 -78.87
CA THR C 207 -22.11 -29.70 -79.70
C THR C 207 -23.06 -30.82 -80.12
N LEU C 208 -24.05 -31.10 -79.29
CA LEU C 208 -25.00 -32.17 -79.53
C LEU C 208 -26.01 -31.74 -80.61
N VAL C 209 -26.61 -30.55 -80.50
CA VAL C 209 -27.52 -30.11 -81.55
C VAL C 209 -26.76 -29.64 -82.80
N ARG C 210 -25.60 -28.97 -82.63
CA ARG C 210 -24.76 -28.53 -83.75
C ARG C 210 -23.95 -29.67 -84.37
N PHE C 211 -24.07 -30.89 -83.83
CA PHE C 211 -23.79 -32.10 -84.58
C PHE C 211 -24.97 -32.52 -85.44
N MET C 212 -26.12 -31.89 -85.28
CA MET C 212 -27.27 -32.14 -86.15
C MET C 212 -27.58 -30.96 -87.11
N MET D 1 17.44 54.40 1.18
CA MET D 1 17.61 55.28 2.35
C MET D 1 17.90 54.39 3.57
N GLN D 2 18.12 54.97 4.74
CA GLN D 2 18.27 54.19 5.98
C GLN D 2 19.49 53.27 5.91
N ILE D 3 20.60 53.86 5.45
CA ILE D 3 21.82 53.14 5.13
C ILE D 3 22.58 52.71 6.38
N TYR D 4 23.00 51.42 6.44
CA TYR D 4 23.90 50.86 7.48
C TYR D 4 25.25 50.51 6.90
N HIS D 5 26.28 50.58 7.72
CA HIS D 5 27.62 50.19 7.33
C HIS D 5 28.07 49.08 8.23
N THR D 6 29.03 48.32 7.74
CA THR D 6 29.87 47.47 8.57
C THR D 6 31.09 47.07 7.78
N ASP D 7 31.91 46.25 8.39
CA ASP D 7 32.94 45.62 7.60
C ASP D 7 32.33 44.39 6.93
N VAL D 8 31.95 43.38 7.73
CA VAL D 8 31.49 42.05 7.26
C VAL D 8 30.00 41.87 7.56
N LEU D 9 29.20 41.79 6.50
CA LEU D 9 27.76 41.60 6.59
C LEU D 9 27.41 40.17 6.21
N CYS D 10 26.85 39.43 7.15
CA CYS D 10 26.35 38.08 6.92
C CYS D 10 24.82 38.11 6.77
N ILE D 11 24.34 37.70 5.60
CA ILE D 11 22.91 37.58 5.37
C ILE D 11 22.55 36.16 5.78
N GLY D 12 21.90 36.03 6.91
CA GLY D 12 21.69 34.75 7.56
C GLY D 12 22.62 34.52 8.74
N GLY D 13 21.99 34.06 9.82
CA GLY D 13 22.61 33.98 11.10
C GLY D 13 22.78 32.57 11.62
N ALA D 14 22.73 31.56 10.74
CA ALA D 14 22.46 30.26 11.31
C ALA D 14 23.65 29.53 11.92
N LEU D 15 24.45 28.88 11.11
CA LEU D 15 25.52 28.08 11.69
C LEU D 15 26.75 28.53 10.94
N ALA D 16 26.71 28.34 9.63
CA ALA D 16 27.66 29.00 8.76
C ALA D 16 27.67 30.50 9.03
N GLY D 17 26.51 31.16 8.89
CA GLY D 17 26.46 32.59 9.14
C GLY D 17 27.11 32.98 10.45
N GLU D 18 26.80 32.24 11.51
CA GLU D 18 27.33 32.61 12.81
C GLU D 18 28.82 32.36 12.89
N ARG D 19 29.29 31.18 12.51
CA ARG D 19 30.72 30.93 12.66
C ARG D 19 31.54 31.93 11.87
N VAL D 20 31.16 32.22 10.62
CA VAL D 20 31.91 33.21 9.87
C VAL D 20 31.86 34.54 10.60
N ALA D 21 30.71 34.86 11.19
CA ALA D 21 30.61 36.11 11.96
C ALA D 21 31.52 36.14 13.19
N VAL D 22 31.78 34.98 13.80
CA VAL D 22 32.66 34.91 14.98
C VAL D 22 34.15 34.93 14.58
N GLU D 23 34.51 34.51 13.37
CA GLU D 23 35.88 34.77 12.96
C GLU D 23 36.03 36.20 12.47
N ALA D 24 34.98 36.82 11.93
CA ALA D 24 35.06 38.26 11.64
C ALA D 24 35.22 39.11 12.91
N SER D 25 34.47 38.80 13.97
CA SER D 25 34.68 39.54 15.20
C SER D 25 35.75 38.93 16.10
N MET D 26 36.16 37.72 15.86
CA MET D 26 37.26 37.20 16.64
C MET D 26 38.56 37.91 16.25
N ALA D 27 38.71 38.22 14.96
CA ALA D 27 39.82 38.98 14.40
C ALA D 27 39.59 40.47 14.51
N GLY D 28 38.52 40.87 15.16
CA GLY D 28 38.26 42.25 15.48
C GLY D 28 37.78 43.12 14.34
N LEU D 29 36.77 42.68 13.60
CA LEU D 29 36.16 43.57 12.62
C LEU D 29 34.72 43.81 13.03
N LYS D 30 34.15 44.91 12.56
CA LYS D 30 32.76 45.23 12.86
C LYS D 30 31.87 44.46 11.90
N THR D 31 30.77 43.90 12.42
CA THR D 31 29.98 42.93 11.67
C THR D 31 28.52 42.96 12.05
N ILE D 32 27.64 42.86 11.05
CA ILE D 32 26.19 42.79 11.21
C ILE D 32 25.69 41.42 10.75
N MET D 33 24.80 40.79 11.55
CA MET D 33 24.21 39.50 11.22
C MET D 33 22.73 39.68 10.94
N LEU D 34 22.33 39.53 9.67
CA LEU D 34 20.91 39.54 9.32
C LEU D 34 20.35 38.13 9.37
N SER D 35 19.12 38.00 9.85
CA SER D 35 18.50 36.69 9.90
C SER D 35 16.98 36.87 9.88
N LEU D 36 16.32 35.90 9.26
CA LEU D 36 14.86 35.95 9.12
C LEU D 36 14.17 35.65 10.44
N VAL D 37 14.83 34.88 11.30
CA VAL D 37 14.34 34.61 12.64
C VAL D 37 15.55 34.56 13.56
N PRO D 38 15.34 34.71 14.86
CA PRO D 38 16.47 34.75 15.77
C PRO D 38 17.36 33.55 15.55
N PRO D 39 18.67 33.77 15.45
CA PRO D 39 19.57 32.70 14.97
C PRO D 39 19.52 31.39 15.74
N ARG D 40 19.16 31.44 17.02
CA ARG D 40 18.95 30.19 17.77
C ARG D 40 17.91 29.33 17.07
N ARG D 41 16.82 29.91 16.62
CA ARG D 41 15.86 29.16 15.84
C ARG D 41 16.25 29.41 14.40
N SER D 42 16.83 28.42 13.78
CA SER D 42 17.21 28.45 12.37
C SER D 42 16.82 27.08 11.89
N HIS D 43 17.28 26.68 10.73
CA HIS D 43 17.18 25.25 10.50
C HIS D 43 18.37 24.49 11.11
N SER D 44 19.49 25.16 11.36
CA SER D 44 20.60 24.45 11.99
C SER D 44 20.20 23.90 13.36
N SER D 45 19.15 24.45 13.94
CA SER D 45 18.70 24.08 15.27
C SER D 45 17.98 22.74 15.31
N ALA D 46 17.32 22.39 14.22
CA ALA D 46 16.56 21.16 14.13
C ALA D 46 17.43 19.93 13.93
N ALA D 47 18.74 20.10 13.82
CA ALA D 47 19.58 18.96 13.46
C ALA D 47 19.53 17.96 14.60
N GLN D 48 19.01 16.77 14.31
CA GLN D 48 18.96 15.72 15.30
C GLN D 48 20.07 14.69 15.17
N GLY D 49 20.72 14.61 14.00
CA GLY D 49 21.63 13.52 13.66
C GLY D 49 23.01 13.42 14.28
N GLY D 50 23.82 14.45 14.12
CA GLY D 50 25.15 14.45 14.69
C GLY D 50 26.10 15.22 13.80
N MET D 51 27.33 15.35 14.28
CA MET D 51 28.38 16.13 13.65
C MET D 51 29.57 15.23 13.38
N GLN D 52 29.92 15.09 12.12
CA GLN D 52 30.89 14.10 11.69
C GLN D 52 32.26 14.75 11.56
N ALA D 53 33.21 14.31 12.37
CA ALA D 53 34.58 14.77 12.25
C ALA D 53 35.48 13.64 12.70
N ALA D 54 36.64 13.53 12.06
CA ALA D 54 37.56 12.44 12.40
C ALA D 54 38.10 12.65 13.80
N LEU D 55 37.96 11.63 14.65
CA LEU D 55 38.37 11.71 16.05
C LEU D 55 39.40 10.65 16.41
N GLY D 56 39.03 9.37 16.34
CA GLY D 56 39.87 8.28 16.79
C GLY D 56 39.59 7.76 18.19
N ASN D 57 38.62 8.35 18.88
CA ASN D 57 38.44 8.03 20.29
C ASN D 57 37.63 6.77 20.51
N ALA D 58 36.52 6.58 19.79
CA ALA D 58 35.72 5.39 20.05
C ALA D 58 36.39 4.14 19.49
N ILE D 59 35.83 2.97 19.82
CA ILE D 59 36.37 1.71 19.30
C ILE D 59 35.85 1.44 17.90
N MET D 60 34.57 1.69 17.65
CA MET D 60 34.07 1.48 16.30
C MET D 60 34.63 2.49 15.31
N GLY D 61 35.34 3.51 15.77
CA GLY D 61 36.12 4.37 14.90
C GLY D 61 37.62 4.21 15.08
N ASP D 62 38.08 3.19 15.79
CA ASP D 62 39.46 3.12 16.26
C ASP D 62 40.49 3.22 15.13
N GLY D 63 41.36 4.23 15.24
CA GLY D 63 42.41 4.49 14.26
C GLY D 63 42.02 5.36 13.08
N ASP D 64 40.72 5.63 12.88
CA ASP D 64 40.31 6.37 11.68
C ASP D 64 40.94 7.76 11.65
N SER D 65 41.20 8.21 10.46
CA SER D 65 41.92 9.44 10.19
C SER D 65 41.26 10.14 9.01
N PRO D 66 41.58 11.41 8.75
CA PRO D 66 41.04 12.08 7.55
C PRO D 66 41.35 11.35 6.27
N ASP D 67 42.23 10.36 6.31
CA ASP D 67 42.36 9.48 5.16
C ASP D 67 41.00 8.86 4.85
N VAL D 68 40.45 8.12 5.81
CA VAL D 68 39.19 7.42 5.63
C VAL D 68 38.06 8.40 5.38
N HIS D 69 38.08 9.54 6.08
CA HIS D 69 37.02 10.52 5.90
C HIS D 69 37.07 11.12 4.49
N PHE D 70 38.27 11.54 4.04
CA PHE D 70 38.46 11.99 2.67
C PHE D 70 37.85 10.99 1.68
N ALA D 71 38.20 9.71 1.88
CA ALA D 71 37.75 8.65 0.98
C ALA D 71 36.24 8.54 0.95
N ASP D 72 35.62 8.28 2.12
CA ASP D 72 34.18 8.10 2.16
C ASP D 72 33.45 9.29 1.56
N THR D 73 33.92 10.50 1.85
CA THR D 73 33.23 11.66 1.32
C THR D 73 33.30 11.65 -0.20
N VAL D 74 34.50 11.64 -0.78
CA VAL D 74 34.59 11.70 -2.24
C VAL D 74 33.78 10.55 -2.85
N LYS D 75 33.79 9.39 -2.20
CA LYS D 75 32.99 8.26 -2.64
C LYS D 75 31.50 8.47 -2.39
N GLY D 76 31.12 9.49 -1.63
CA GLY D 76 29.71 9.75 -1.38
C GLY D 76 29.11 10.72 -2.37
N SER D 77 29.98 11.60 -2.87
CA SER D 77 29.64 12.66 -3.82
C SER D 77 29.70 12.21 -5.27
N ASP D 78 30.06 10.93 -5.50
CA ASP D 78 30.13 10.31 -6.83
C ASP D 78 31.19 10.99 -7.71
N TRP D 79 32.36 11.27 -7.13
CA TRP D 79 33.42 12.00 -7.82
C TRP D 79 32.90 13.29 -8.41
N GLY D 80 31.89 13.86 -7.76
CA GLY D 80 31.21 15.06 -8.17
C GLY D 80 31.70 16.33 -7.49
N CYS D 81 32.78 16.25 -6.73
CA CYS D 81 33.14 17.28 -5.80
C CYS D 81 34.40 18.00 -6.23
N ASP D 82 34.73 19.05 -5.49
CA ASP D 82 36.00 19.73 -5.63
C ASP D 82 36.89 19.00 -4.63
N GLN D 83 37.85 18.20 -5.12
CA GLN D 83 38.57 17.38 -4.15
C GLN D 83 39.62 18.17 -3.36
N GLU D 84 40.01 19.35 -3.84
CA GLU D 84 40.78 20.21 -2.97
C GLU D 84 39.93 20.61 -1.77
N VAL D 85 38.72 21.08 -2.07
CA VAL D 85 37.79 21.54 -1.03
C VAL D 85 37.61 20.45 0.01
N ALA D 86 37.42 19.22 -0.45
CA ALA D 86 37.27 18.10 0.48
C ALA D 86 38.58 17.80 1.21
N ARG D 87 39.74 18.01 0.58
CA ARG D 87 41.00 17.94 1.32
C ARG D 87 40.91 18.87 2.51
N ILE D 88 40.62 20.13 2.21
CA ILE D 88 40.46 21.19 3.22
C ILE D 88 39.55 20.71 4.33
N PHE D 89 38.33 20.32 3.97
CA PHE D 89 37.32 19.97 4.97
C PHE D 89 37.72 18.75 5.78
N ALA D 90 38.19 17.70 5.11
CA ALA D 90 38.48 16.45 5.79
C ALA D 90 39.56 16.63 6.84
N ASP D 91 40.57 17.45 6.52
CA ASP D 91 41.65 17.72 7.47
C ASP D 91 41.25 18.72 8.55
N THR D 92 40.33 19.65 8.24
CA THR D 92 39.96 20.73 9.16
C THR D 92 38.92 20.30 10.19
N ALA D 93 38.19 19.21 9.94
CA ALA D 93 37.17 18.77 10.88
C ALA D 93 37.67 18.56 12.30
N PRO D 94 38.80 17.88 12.54
CA PRO D 94 39.24 17.73 13.94
C PRO D 94 39.59 19.04 14.63
N ILE D 95 40.33 19.94 13.95
CA ILE D 95 40.59 21.24 14.56
C ILE D 95 39.28 21.89 14.97
N VAL D 96 38.29 21.83 14.09
CA VAL D 96 37.04 22.58 14.28
C VAL D 96 36.19 22.02 15.42
N MET D 97 36.17 20.70 15.59
CA MET D 97 35.41 20.18 16.73
C MET D 97 36.20 20.28 18.04
N ARG D 98 37.53 20.24 17.98
CA ARG D 98 38.32 20.55 19.17
C ARG D 98 38.02 21.95 19.65
N GLU D 99 38.01 22.91 18.71
CA GLU D 99 37.71 24.31 19.02
C GLU D 99 36.30 24.47 19.59
N VAL D 100 35.27 24.09 18.83
CA VAL D 100 33.90 24.28 19.31
C VAL D 100 33.63 23.41 20.53
N ALA D 101 34.33 22.28 20.63
CA ALA D 101 34.24 21.45 21.82
C ALA D 101 34.70 22.24 23.03
N HIS D 102 35.88 22.88 22.91
CA HIS D 102 36.41 23.78 23.93
C HIS D 102 35.46 24.95 24.18
N TRP D 103 34.55 25.20 23.25
CA TRP D 103 33.62 26.32 23.29
C TRP D 103 32.35 26.00 24.06
N GLY D 104 32.31 24.88 24.76
CA GLY D 104 31.21 24.60 25.67
C GLY D 104 30.01 23.86 25.15
N VAL D 105 30.16 23.00 24.17
CA VAL D 105 29.00 22.21 23.76
C VAL D 105 28.95 21.02 24.71
N PRO D 106 27.76 20.50 25.06
CA PRO D 106 27.68 19.30 25.91
C PRO D 106 27.79 18.02 25.10
N TRP D 107 28.90 17.88 24.37
CA TRP D 107 29.13 16.67 23.58
C TRP D 107 29.04 15.45 24.49
N ASN D 108 28.35 14.42 24.03
CA ASN D 108 28.45 13.14 24.71
C ASN D 108 29.79 12.50 24.36
N ARG D 109 30.44 11.95 25.38
CA ARG D 109 31.78 11.38 25.32
C ARG D 109 31.70 9.86 25.40
N VAL D 110 32.87 9.23 25.38
CA VAL D 110 32.93 7.76 25.39
C VAL D 110 32.70 7.28 26.83
N VAL D 111 32.18 6.06 26.93
CA VAL D 111 31.95 5.40 28.20
C VAL D 111 32.81 4.13 28.20
N PRO D 112 33.74 3.97 29.15
CA PRO D 112 34.52 2.74 29.20
C PRO D 112 33.69 1.53 29.61
N GLY D 113 33.89 0.44 28.89
CA GLY D 113 33.23 -0.80 29.21
C GLY D 113 32.97 -1.59 27.93
N LYS D 114 32.11 -2.58 28.08
CA LYS D 114 31.56 -3.35 26.97
C LYS D 114 30.05 -3.12 26.95
N HIS D 115 29.52 -2.73 25.79
CA HIS D 115 28.11 -2.42 25.63
C HIS D 115 27.52 -3.32 24.55
N THR D 116 26.19 -3.40 24.50
CA THR D 116 25.54 -4.21 23.47
C THR D 116 25.08 -3.28 22.37
N TYR D 117 25.83 -3.25 21.27
CA TYR D 117 25.55 -2.36 20.15
C TYR D 117 24.59 -3.05 19.20
N TYR D 118 24.15 -2.31 18.18
CA TYR D 118 23.25 -2.87 17.19
C TYR D 118 23.63 -2.35 15.82
N LYS D 119 24.01 -3.24 14.90
CA LYS D 119 24.28 -2.87 13.52
C LYS D 119 23.22 -3.52 12.66
N GLY D 120 22.34 -2.71 12.08
CA GLY D 120 21.26 -3.28 11.29
C GLY D 120 20.39 -4.10 12.23
N GLY D 121 20.22 -5.37 11.91
CA GLY D 121 19.54 -6.22 12.84
C GLY D 121 20.46 -7.10 13.66
N LYS D 122 21.76 -6.76 13.77
CA LYS D 122 22.70 -7.59 14.53
C LYS D 122 22.84 -7.05 15.95
N PRO D 123 22.21 -7.66 16.98
CA PRO D 123 22.40 -7.22 18.36
C PRO D 123 23.67 -7.76 18.99
N PHE D 124 24.79 -7.60 18.28
CA PHE D 124 26.04 -8.23 18.67
C PHE D 124 26.73 -7.40 19.76
N GLU D 125 28.01 -7.70 20.00
CA GLU D 125 28.82 -7.17 21.09
C GLU D 125 29.74 -6.06 20.61
N ALA D 126 30.01 -5.10 21.49
CA ALA D 126 31.21 -4.29 21.35
C ALA D 126 31.64 -3.75 22.71
N GLU D 127 32.97 -3.71 22.92
CA GLU D 127 33.59 -3.14 24.11
C GLU D 127 33.69 -1.63 23.88
N GLU D 128 34.45 -0.92 24.71
CA GLU D 128 34.89 0.44 24.41
C GLU D 128 36.31 0.57 24.96
N LYS D 129 37.10 1.49 24.40
CA LYS D 129 38.44 1.67 24.95
C LYS D 129 38.34 2.22 26.35
N ALA D 130 38.96 1.52 27.30
CA ALA D 130 38.98 1.98 28.68
C ALA D 130 39.93 3.14 28.86
N GLU D 131 40.88 3.30 27.95
CA GLU D 131 41.91 4.31 28.10
C GLU D 131 41.46 5.68 27.65
N LYS D 132 40.41 5.79 26.84
CA LYS D 132 39.82 7.08 26.53
C LYS D 132 38.48 7.20 27.26
N ALA D 133 38.48 7.96 28.35
CA ALA D 133 37.27 8.20 29.15
C ALA D 133 36.49 9.39 28.61
N GLY D 134 37.03 10.59 28.82
CA GLY D 134 36.38 11.84 28.55
C GLY D 134 36.47 12.38 27.15
N LEU D 135 37.02 11.63 26.19
CA LEU D 135 37.13 12.13 24.82
C LEU D 135 35.80 11.95 24.10
N ILE D 136 35.55 12.78 23.08
CA ILE D 136 34.24 12.82 22.43
C ILE D 136 33.91 11.45 21.84
N HIS D 137 32.63 11.04 22.00
CA HIS D 137 32.06 9.77 21.57
C HIS D 137 31.59 9.80 20.12
N ALA D 138 31.41 8.61 19.54
CA ALA D 138 30.96 8.48 18.16
C ALA D 138 29.70 7.61 18.10
N ARG D 139 29.15 7.43 16.89
CA ARG D 139 28.03 6.53 16.62
C ARG D 139 27.93 6.29 15.12
N ALA D 140 26.96 5.45 14.73
CA ALA D 140 26.85 4.94 13.36
C ALA D 140 25.91 5.82 12.54
N PHE D 141 26.35 6.14 11.31
CA PHE D 141 25.63 7.11 10.49
C PHE D 141 25.96 6.90 9.02
N GLY D 142 25.03 7.34 8.16
CA GLY D 142 25.25 7.54 6.73
C GLY D 142 25.86 6.36 6.04
N GLY D 143 26.75 6.65 5.07
CA GLY D 143 27.46 5.63 4.32
C GLY D 143 28.90 5.47 4.76
N THR D 144 29.17 5.88 6.00
CA THR D 144 30.51 5.92 6.57
C THR D 144 31.08 4.53 6.82
N ALA D 145 32.42 4.47 6.88
CA ALA D 145 33.17 3.24 7.20
C ALA D 145 33.39 3.10 8.71
N ALA D 146 34.28 3.92 9.26
CA ALA D 146 34.42 4.02 10.70
C ALA D 146 33.25 4.80 11.30
N TRP D 147 33.08 4.70 12.62
CA TRP D 147 32.10 5.55 13.28
C TRP D 147 32.87 6.81 13.68
N ARG D 148 32.69 7.88 12.90
CA ARG D 148 33.26 9.19 13.19
C ARG D 148 32.26 10.23 13.68
N THR D 149 30.97 9.88 13.74
CA THR D 149 29.89 10.85 13.95
C THR D 149 29.79 11.21 15.43
N CYS D 150 30.00 12.51 15.74
CA CYS D 150 30.04 13.05 17.09
C CYS D 150 28.74 13.77 17.40
N TYR D 151 28.18 13.51 18.58
CA TYR D 151 26.82 13.94 18.89
C TYR D 151 26.70 14.39 20.34
N THR D 152 25.71 15.24 20.61
CA THR D 152 25.26 15.52 21.96
C THR D 152 23.84 15.01 22.06
N ALA D 153 23.65 13.90 22.77
CA ALA D 153 22.34 13.29 23.01
C ALA D 153 21.54 13.16 21.71
N ASP D 154 20.39 13.85 21.62
CA ASP D 154 19.62 13.88 20.38
C ASP D 154 19.94 15.13 19.57
N GLY D 155 19.43 16.29 19.97
CA GLY D 155 19.73 17.49 19.21
C GLY D 155 21.16 17.96 19.40
N THR D 156 21.98 17.85 18.35
CA THR D 156 23.28 18.51 18.26
C THR D 156 23.19 19.91 17.69
N GLY D 157 22.25 20.11 16.76
CA GLY D 157 22.02 21.46 16.26
C GLY D 157 21.68 22.40 17.39
N ARG D 158 20.75 21.98 18.25
CA ARG D 158 20.40 22.81 19.39
C ARG D 158 21.65 23.22 20.16
N SER D 159 22.53 22.25 20.48
CA SER D 159 23.64 22.57 21.37
C SER D 159 24.85 23.23 20.69
N VAL D 160 25.14 22.93 19.42
CA VAL D 160 26.29 23.57 18.78
C VAL D 160 25.94 24.99 18.33
N LEU D 161 24.77 25.16 17.73
CA LEU D 161 24.33 26.52 17.44
C LEU D 161 24.17 27.30 18.74
N ASN D 162 23.71 26.65 19.81
CA ASN D 162 23.52 27.39 21.05
C ASN D 162 24.83 27.91 21.60
N THR D 163 25.87 27.07 21.72
CA THR D 163 27.08 27.65 22.31
C THR D 163 27.85 28.51 21.33
N LEU D 164 27.79 28.23 20.04
CA LEU D 164 28.35 29.21 19.10
C LEU D 164 27.68 30.57 19.31
N ASP D 165 26.35 30.59 19.42
CA ASP D 165 25.64 31.86 19.59
C ASP D 165 26.07 32.58 20.85
N THR D 166 26.21 31.85 21.95
CA THR D 166 26.68 32.57 23.12
C THR D 166 28.04 33.18 22.83
N LYS D 167 28.88 32.52 22.02
CA LYS D 167 30.14 33.19 21.67
C LYS D 167 29.90 34.44 20.84
N CYS D 168 28.85 34.47 20.02
CA CYS D 168 28.48 35.74 19.38
C CYS D 168 28.16 36.81 20.41
N LEU D 169 27.45 36.46 21.45
CA LEU D 169 27.18 37.50 22.44
C LEU D 169 28.48 38.02 23.05
N GLN D 170 29.41 37.11 23.37
CA GLN D 170 30.70 37.51 23.94
C GLN D 170 31.46 38.45 23.01
N TYR D 171 31.55 38.12 21.73
CA TYR D 171 32.28 39.01 20.85
C TYR D 171 31.44 40.16 20.32
N GLY D 172 30.19 40.27 20.74
CA GLY D 172 29.38 41.43 20.40
C GLY D 172 29.10 41.63 18.92
N VAL D 173 28.53 40.63 18.28
CA VAL D 173 28.13 40.75 16.88
C VAL D 173 26.75 41.37 16.85
N THR D 174 26.59 42.50 16.17
CA THR D 174 25.24 43.05 16.07
C THR D 174 24.42 42.25 15.08
N VAL D 175 23.23 41.84 15.53
CA VAL D 175 22.38 40.86 14.87
C VAL D 175 21.04 41.51 14.62
N HIS D 176 20.63 41.55 13.38
CA HIS D 176 19.31 42.04 13.09
C HIS D 176 18.40 40.87 12.77
N ASP D 177 17.52 40.54 13.69
CA ASP D 177 16.50 39.55 13.45
C ASP D 177 15.35 40.16 12.66
N ARG D 178 14.65 39.31 11.89
CA ARG D 178 13.47 39.68 11.09
C ARG D 178 13.76 40.71 9.98
N MET D 179 14.79 40.43 9.17
CA MET D 179 15.24 41.28 8.06
C MET D 179 15.40 40.39 6.83
N GLN D 180 14.60 40.59 5.79
CA GLN D 180 14.57 39.67 4.64
C GLN D 180 15.42 40.24 3.51
N ALA D 181 16.55 39.58 3.19
CA ALA D 181 17.37 40.05 2.08
C ALA D 181 16.59 39.99 0.77
N GLU D 182 16.87 40.92 -0.16
CA GLU D 182 16.07 41.02 -1.37
C GLU D 182 16.85 41.12 -2.67
N ALA D 183 17.68 42.14 -2.78
CA ALA D 183 18.59 42.23 -3.90
C ALA D 183 20.02 42.27 -3.37
N LEU D 184 20.96 42.04 -4.25
CA LEU D 184 22.34 42.30 -3.92
C LEU D 184 22.65 43.70 -4.44
N ILE D 185 23.50 44.41 -3.72
CA ILE D 185 23.98 45.73 -4.16
C ILE D 185 25.37 45.56 -4.75
N HIS D 186 25.45 45.79 -6.05
CA HIS D 186 26.62 45.41 -6.82
C HIS D 186 26.78 46.38 -7.97
N ASP D 187 28.01 46.46 -8.44
CA ASP D 187 28.33 46.89 -9.79
C ASP D 187 29.82 46.72 -9.95
N GLY D 188 30.21 46.63 -11.20
CA GLY D 188 31.46 46.04 -11.45
C GLY D 188 31.29 44.60 -11.01
N GLY D 189 32.43 43.98 -10.75
CA GLY D 189 32.54 42.62 -10.30
C GLY D 189 32.72 42.79 -8.81
N ASN D 190 32.16 43.87 -8.28
CA ASN D 190 32.27 44.21 -6.87
C ASN D 190 30.90 44.20 -6.20
N CYS D 191 30.85 43.56 -5.03
CA CYS D 191 29.64 43.42 -4.23
C CYS D 191 29.63 44.40 -3.07
N LEU D 192 28.65 45.30 -3.07
CA LEU D 192 28.57 46.32 -2.05
C LEU D 192 27.59 46.02 -0.93
N GLY D 193 26.82 44.95 -1.03
CA GLY D 193 25.86 44.75 0.05
C GLY D 193 24.58 44.11 -0.47
N CYS D 194 23.49 44.39 0.25
CA CYS D 194 22.17 43.96 -0.18
C CYS D 194 21.12 44.96 0.28
N ILE D 195 20.03 45.05 -0.45
CA ILE D 195 18.85 45.76 0.03
C ILE D 195 18.04 44.74 0.81
N ALA D 196 17.42 45.15 1.91
CA ALA D 196 16.64 44.14 2.61
C ALA D 196 15.25 44.68 2.92
N ARG D 197 14.48 43.83 3.57
CA ARG D 197 13.12 44.14 3.94
C ARG D 197 13.06 43.86 5.44
N CYS D 198 12.74 44.89 6.20
CA CYS D 198 12.57 44.75 7.64
C CYS D 198 11.22 44.07 7.89
N LEU D 199 11.21 42.91 8.53
CA LEU D 199 9.91 42.25 8.68
C LEU D 199 9.14 42.76 9.89
N ARG D 200 9.65 43.77 10.57
CA ARG D 200 8.88 44.46 11.58
C ARG D 200 8.22 45.67 10.96
N THR D 201 9.04 46.59 10.42
CA THR D 201 8.52 47.81 9.83
C THR D 201 7.73 47.53 8.56
N GLY D 202 8.36 46.89 7.59
CA GLY D 202 7.78 46.74 6.28
C GLY D 202 8.42 47.59 5.19
N GLU D 203 9.46 48.36 5.49
CA GLU D 203 10.16 49.04 4.42
C GLU D 203 11.60 48.56 4.39
N LEU D 204 12.25 48.87 3.28
CA LEU D 204 13.58 48.44 2.91
C LEU D 204 14.65 49.17 3.72
N VAL D 205 15.85 48.59 3.76
CA VAL D 205 16.87 49.02 4.71
C VAL D 205 18.20 49.27 4.03
N ALA D 206 18.71 48.31 3.27
CA ALA D 206 19.96 48.46 2.52
C ALA D 206 21.26 48.53 3.31
N TYR D 207 21.75 47.37 3.73
CA TYR D 207 23.08 47.20 4.31
C TYR D 207 24.23 47.43 3.30
N LEU D 208 25.22 48.23 3.71
CA LEU D 208 26.42 48.50 2.94
C LEU D 208 27.63 47.89 3.63
N ALA D 209 28.43 47.11 2.88
CA ALA D 209 29.60 46.57 3.51
C ALA D 209 30.62 46.16 2.47
N THR D 210 31.88 46.10 2.90
CA THR D 210 32.93 45.60 2.04
C THR D 210 32.63 44.16 1.64
N SER D 211 32.51 43.28 2.63
CA SER D 211 32.31 41.84 2.41
C SER D 211 30.86 41.46 2.66
N THR D 212 30.25 40.76 1.70
CA THR D 212 28.86 40.33 1.77
C THR D 212 28.81 38.80 1.63
N LEU D 213 28.02 38.12 2.49
CA LEU D 213 27.98 36.65 2.59
C LEU D 213 26.56 36.09 2.59
N ILE D 214 26.36 34.94 1.91
CA ILE D 214 25.05 34.28 1.76
C ILE D 214 25.05 32.92 2.47
N ALA D 215 24.45 32.89 3.66
CA ALA D 215 24.32 31.69 4.46
C ALA D 215 22.88 31.13 4.47
N THR D 216 21.99 31.66 3.65
CA THR D 216 20.54 31.58 3.82
C THR D 216 19.89 30.19 3.86
N GLY D 217 20.65 29.11 3.64
CA GLY D 217 20.15 27.75 3.77
C GLY D 217 19.40 27.23 2.56
N GLY D 218 18.76 26.08 2.76
CA GLY D 218 18.20 25.35 1.66
C GLY D 218 17.02 26.02 0.98
N TYR D 219 16.75 25.56 -0.25
CA TYR D 219 15.57 25.93 -1.03
C TYR D 219 14.47 24.89 -0.91
N GLY D 220 14.59 23.94 0.00
CA GLY D 220 13.70 22.81 -0.01
C GLY D 220 12.20 23.07 0.03
N ARG D 221 11.77 24.29 0.29
CA ARG D 221 10.33 24.55 0.38
C ARG D 221 9.69 24.76 -0.96
N ILE D 222 10.41 24.60 -2.08
CA ILE D 222 9.75 24.52 -3.39
C ILE D 222 9.03 23.18 -3.62
N TYR D 223 9.28 22.18 -2.79
CA TYR D 223 8.63 20.89 -2.83
C TYR D 223 7.53 20.88 -1.76
N LYS D 224 6.41 20.18 -2.00
CA LYS D 224 5.42 20.07 -0.93
C LYS D 224 6.02 19.38 0.30
N ALA D 225 6.64 18.22 0.11
CA ALA D 225 7.12 17.45 1.24
C ALA D 225 8.62 17.64 1.36
N THR D 226 9.04 18.20 2.48
CA THR D 226 10.44 18.33 2.76
C THR D 226 10.65 18.38 4.25
N THR D 227 11.83 17.94 4.66
CA THR D 227 12.26 18.03 6.04
C THR D 227 12.63 19.44 6.44
N ASN D 228 12.78 20.33 5.46
CA ASN D 228 13.25 21.69 5.70
C ASN D 228 12.17 22.56 6.34
N ALA D 229 12.62 23.48 7.20
CA ALA D 229 11.73 24.42 7.85
C ALA D 229 11.22 25.49 6.87
N VAL D 230 10.04 26.05 7.16
CA VAL D 230 9.39 26.99 6.26
C VAL D 230 10.26 28.22 5.97
N ILE D 231 11.35 28.41 6.71
CA ILE D 231 12.27 29.51 6.40
C ILE D 231 13.20 29.16 5.25
N CYS D 232 13.09 27.97 4.64
CA CYS D 232 14.07 27.63 3.61
C CYS D 232 13.42 27.87 2.24
N ASP D 233 13.59 29.08 1.72
CA ASP D 233 13.17 29.48 0.39
C ASP D 233 14.32 29.49 -0.57
N GLY D 234 15.52 29.21 -0.07
CA GLY D 234 16.71 29.48 -0.85
C GLY D 234 16.79 30.96 -1.16
N GLY D 235 16.45 31.81 -0.19
CA GLY D 235 16.34 33.25 -0.38
C GLY D 235 17.61 33.85 -0.92
N GLY D 236 18.73 33.67 -0.18
CA GLY D 236 19.98 34.27 -0.60
C GLY D 236 20.36 33.84 -1.99
N GLN D 237 20.08 32.58 -2.31
CA GLN D 237 20.27 32.11 -3.67
C GLN D 237 19.46 32.98 -4.62
N ILE D 238 18.20 33.27 -4.28
CA ILE D 238 17.41 33.95 -5.28
C ILE D 238 17.89 35.37 -5.45
N ILE D 239 18.53 35.96 -4.42
CA ILE D 239 19.01 37.35 -4.62
C ILE D 239 20.36 37.40 -5.34
N ALA D 240 21.19 36.37 -5.20
CA ALA D 240 22.40 36.35 -6.01
C ALA D 240 22.09 35.93 -7.44
N LEU D 241 20.94 35.30 -7.66
CA LEU D 241 20.59 34.88 -9.02
C LEU D 241 20.02 36.03 -9.83
N ASP D 242 19.22 36.89 -9.19
CA ASP D 242 18.59 38.00 -9.87
C ASP D 242 19.62 39.02 -10.38
N THR D 243 20.88 38.84 -10.00
CA THR D 243 21.98 39.71 -10.41
C THR D 243 22.46 39.44 -11.82
N GLY D 244 22.33 38.20 -12.27
CA GLY D 244 22.90 37.81 -13.52
C GLY D 244 24.41 37.80 -13.53
N LEU D 245 25.05 38.10 -12.41
CA LEU D 245 26.49 38.07 -12.39
C LEU D 245 27.01 36.77 -11.84
N VAL D 246 26.54 36.36 -10.66
CA VAL D 246 27.05 35.14 -10.04
C VAL D 246 26.11 33.98 -10.34
N PRO D 247 26.67 32.82 -10.72
CA PRO D 247 25.86 31.68 -11.15
C PRO D 247 25.53 30.68 -10.04
N MET D 248 24.64 29.76 -10.39
CA MET D 248 24.29 28.64 -9.52
C MET D 248 24.87 27.39 -10.11
N GLY D 249 25.63 26.67 -9.32
CA GLY D 249 26.19 25.41 -9.72
C GLY D 249 25.43 24.17 -9.29
N ASN D 250 25.57 23.12 -10.09
CA ASN D 250 25.28 21.75 -9.68
C ASN D 250 23.92 21.61 -9.01
N MET D 251 22.93 22.36 -9.49
CA MET D 251 21.68 22.51 -8.75
C MET D 251 20.74 21.33 -8.90
N GLU D 252 20.83 20.61 -10.01
CA GLU D 252 19.96 19.46 -10.19
C GLU D 252 20.10 18.43 -9.05
N ALA D 253 21.08 18.57 -8.17
CA ALA D 253 21.32 17.56 -7.14
C ALA D 253 20.45 17.92 -5.94
N VAL D 254 19.39 17.14 -5.74
CA VAL D 254 18.39 17.37 -4.72
C VAL D 254 18.34 16.05 -3.97
N GLN D 255 18.77 16.07 -2.73
CA GLN D 255 18.90 14.85 -1.97
C GLN D 255 17.65 14.61 -1.13
N PHE D 256 17.13 13.38 -1.17
CA PHE D 256 15.93 13.04 -0.42
C PHE D 256 16.30 12.13 0.73
N HIS D 257 15.84 12.42 1.83
CA HIS D 257 16.25 11.51 2.89
C HIS D 257 15.24 10.39 3.02
N PRO D 258 15.76 9.16 3.16
CA PRO D 258 14.87 7.99 3.12
C PRO D 258 13.86 7.92 4.25
N THR D 259 14.24 8.26 5.47
CA THR D 259 13.42 8.07 6.65
C THR D 259 12.58 9.27 7.07
N GLY D 260 12.40 10.28 6.24
CA GLY D 260 11.47 11.32 6.69
C GLY D 260 10.09 10.83 7.11
N THR D 261 9.62 11.18 8.32
CA THR D 261 8.33 10.71 8.82
C THR D 261 7.19 11.06 7.88
N VAL D 262 6.28 10.11 7.71
CA VAL D 262 5.30 10.19 6.65
C VAL D 262 4.31 11.33 6.81
N PRO D 263 3.49 11.35 7.86
CA PRO D 263 2.38 12.32 7.84
C PRO D 263 2.84 13.77 7.88
N THR D 264 3.82 14.09 8.72
CA THR D 264 4.23 15.47 8.89
C THR D 264 5.29 15.88 7.91
N ASP D 265 5.92 14.92 7.27
CA ASP D 265 7.10 15.06 6.42
C ASP D 265 8.33 15.37 7.26
N ILE D 266 8.16 15.55 8.57
CA ILE D 266 9.27 15.79 9.50
C ILE D 266 10.22 14.61 9.57
N LEU D 267 11.50 14.91 9.70
CA LEU D 267 12.53 13.90 9.70
C LEU D 267 12.65 13.19 11.03
N VAL D 268 12.87 11.88 10.94
CA VAL D 268 13.43 11.08 12.04
C VAL D 268 14.88 10.77 11.68
N THR D 269 15.76 10.83 12.67
CA THR D 269 17.18 10.78 12.42
C THR D 269 17.61 9.42 11.83
N GLU D 270 18.80 9.44 11.19
CA GLU D 270 19.49 8.27 10.62
C GLU D 270 20.39 7.57 11.62
N GLY D 271 20.63 8.18 12.78
CA GLY D 271 21.17 7.46 13.91
C GLY D 271 20.28 6.33 14.37
N CYS D 272 19.04 6.33 13.88
CA CYS D 272 18.10 5.24 14.13
C CYS D 272 18.55 3.97 13.41
N ARG D 273 19.01 4.10 12.17
CA ARG D 273 19.44 2.93 11.44
C ARG D 273 20.86 2.53 11.78
N GLY D 274 21.75 3.52 11.87
CA GLY D 274 23.14 3.24 12.20
C GLY D 274 23.27 2.36 13.42
N ASP D 275 22.38 2.54 14.38
CA ASP D 275 22.28 1.65 15.53
C ASP D 275 20.90 1.02 15.50
N GLY D 276 20.85 -0.28 15.21
CA GLY D 276 19.64 -1.07 15.35
C GLY D 276 18.57 -0.84 14.31
N GLY D 277 18.70 0.16 13.47
CA GLY D 277 17.65 0.43 12.53
C GLY D 277 17.36 -0.70 11.59
N THR D 278 16.08 -1.03 11.46
CA THR D 278 15.61 -2.00 10.51
C THR D 278 14.59 -1.30 9.63
N LEU D 279 14.39 -1.81 8.44
CA LEU D 279 13.44 -1.18 7.52
C LEU D 279 12.54 -2.25 6.92
N LEU D 280 11.25 -1.95 6.83
CA LEU D 280 10.26 -2.99 6.54
C LEU D 280 9.32 -2.57 5.42
N ASP D 281 8.73 -3.59 4.77
CA ASP D 281 7.75 -3.47 3.69
C ASP D 281 6.35 -3.62 4.28
N VAL D 282 5.32 -3.68 3.41
CA VAL D 282 3.96 -3.81 3.93
C VAL D 282 3.85 -5.08 4.74
N ASN D 283 4.64 -6.09 4.36
CA ASN D 283 4.70 -7.42 4.95
C ASN D 283 5.72 -7.55 6.07
N GLN D 284 6.40 -6.47 6.44
CA GLN D 284 7.40 -6.53 7.52
C GLN D 284 8.57 -7.44 7.16
N TYR D 285 8.99 -7.37 5.90
CA TYR D 285 10.18 -8.06 5.43
C TYR D 285 11.29 -7.04 5.22
N ARG D 286 12.45 -7.28 5.85
CA ARG D 286 13.56 -6.34 5.76
C ARG D 286 14.17 -6.45 4.37
N PHE D 287 13.93 -5.44 3.56
CA PHE D 287 14.12 -5.53 2.13
C PHE D 287 15.43 -4.96 1.67
N MET D 288 16.19 -4.36 2.53
CA MET D 288 17.45 -3.85 2.07
C MET D 288 18.48 -4.94 1.76
N PRO D 289 18.60 -6.00 2.56
CA PRO D 289 19.59 -7.03 2.21
C PRO D 289 19.38 -7.64 0.83
N ASP D 290 18.14 -7.65 0.33
CA ASP D 290 17.87 -8.13 -1.02
C ASP D 290 18.62 -7.28 -2.06
N TYR D 291 18.53 -5.96 -1.94
CA TYR D 291 19.07 -5.00 -2.90
C TYR D 291 20.55 -4.75 -2.64
N GLU D 292 20.86 -4.23 -1.46
CA GLU D 292 22.23 -3.95 -1.08
C GLU D 292 22.76 -5.09 -0.24
N PRO D 293 23.74 -5.77 -0.70
CA PRO D 293 24.16 -7.01 -0.05
C PRO D 293 24.75 -6.82 1.33
N ASP D 294 25.72 -5.91 1.45
CA ASP D 294 26.43 -5.75 2.71
C ASP D 294 25.92 -4.54 3.49
N LYS D 295 26.11 -3.31 2.98
CA LYS D 295 25.54 -2.14 3.63
C LYS D 295 24.04 -2.26 3.48
N ALA D 296 23.31 -2.31 4.59
CA ALA D 296 21.91 -2.67 4.41
C ALA D 296 21.06 -1.43 4.21
N GLN D 297 20.73 -0.77 5.30
CA GLN D 297 20.16 0.56 5.31
C GLN D 297 21.24 1.61 5.40
N LEU D 298 22.46 1.16 5.63
CA LEU D 298 23.66 1.94 5.91
C LEU D 298 24.28 2.49 4.65
N ALA D 299 23.69 2.21 3.51
CA ALA D 299 24.25 2.65 2.25
C ALA D 299 24.13 4.16 2.13
N SER D 300 24.49 4.66 0.96
CA SER D 300 24.32 6.05 0.60
C SER D 300 22.85 6.45 0.55
N ARG D 301 22.62 7.76 0.59
CA ARG D 301 21.25 8.25 0.57
C ARG D 301 20.63 7.99 -0.77
N ASP D 302 21.36 8.30 -1.83
CA ASP D 302 20.82 7.98 -3.15
C ASP D 302 20.53 6.49 -3.27
N VAL D 303 21.35 5.64 -2.61
CA VAL D 303 21.14 4.19 -2.66
C VAL D 303 19.87 3.81 -1.91
N VAL D 304 19.83 4.09 -0.62
CA VAL D 304 18.67 3.66 0.13
C VAL D 304 17.40 4.29 -0.42
N SER D 305 17.44 5.59 -0.76
CA SER D 305 16.22 6.24 -1.25
C SER D 305 15.76 5.63 -2.57
N ARG D 306 16.66 5.52 -3.55
CA ARG D 306 16.27 4.86 -4.78
C ARG D 306 15.65 3.51 -4.47
N ARG D 307 16.32 2.72 -3.61
CA ARG D 307 15.88 1.37 -3.32
C ARG D 307 14.47 1.36 -2.75
N MET D 308 14.20 2.28 -1.83
CA MET D 308 12.87 2.34 -1.23
C MET D 308 11.81 2.69 -2.26
N THR D 309 12.09 3.66 -3.13
CA THR D 309 11.07 3.92 -4.15
C THR D 309 10.91 2.73 -5.08
N GLU D 310 12.01 2.02 -5.39
CA GLU D 310 11.86 0.81 -6.21
C GLU D 310 10.88 -0.15 -5.57
N HIS D 311 11.23 -0.57 -4.35
CA HIS D 311 10.45 -1.54 -3.61
C HIS D 311 9.01 -1.07 -3.39
N MET D 312 8.78 0.24 -3.39
CA MET D 312 7.44 0.77 -3.27
C MET D 312 6.70 0.90 -4.60
N ARG D 313 7.43 0.87 -5.70
CA ARG D 313 6.82 0.80 -7.00
C ARG D 313 6.40 -0.63 -7.31
N LYS D 314 7.08 -1.62 -6.72
CA LYS D 314 6.69 -3.03 -6.85
C LYS D 314 5.29 -3.28 -6.31
N GLY D 315 4.86 -2.57 -5.29
CA GLY D 315 3.53 -2.82 -4.78
C GLY D 315 3.56 -3.27 -3.34
N LEU D 316 4.75 -3.17 -2.75
CA LEU D 316 5.06 -3.52 -1.38
C LEU D 316 5.01 -2.35 -0.41
N GLY D 317 4.61 -1.17 -0.86
CA GLY D 317 4.43 -0.10 0.08
C GLY D 317 3.15 -0.26 0.87
N VAL D 318 3.10 0.49 1.97
CA VAL D 318 2.00 0.44 2.90
C VAL D 318 1.02 1.48 2.45
N LYS D 319 -0.13 1.05 1.96
CA LYS D 319 -1.09 2.04 1.51
C LYS D 319 -1.55 2.90 2.69
N SER D 320 -1.67 4.21 2.44
CA SER D 320 -2.08 5.18 3.45
C SER D 320 -2.88 6.28 2.77
N PRO D 321 -3.69 7.04 3.53
CA PRO D 321 -4.36 8.19 2.93
C PRO D 321 -3.39 9.26 2.57
N TYR D 322 -2.23 9.27 3.22
CA TYR D 322 -1.19 10.22 2.86
C TYR D 322 -0.41 9.80 1.63
N GLY D 323 -0.64 8.61 1.14
CA GLY D 323 0.18 7.99 0.12
C GLY D 323 1.04 6.91 0.75
N ASP D 324 1.51 6.00 -0.08
CA ASP D 324 2.16 4.84 0.48
C ASP D 324 3.57 5.12 0.98
N HIS D 325 3.99 4.28 1.93
CA HIS D 325 5.22 4.45 2.70
C HIS D 325 5.76 3.08 3.13
N LEU D 326 6.87 3.10 3.82
CA LEU D 326 7.45 1.91 4.40
C LEU D 326 7.41 2.04 5.92
N TRP D 327 8.09 1.11 6.62
CA TRP D 327 8.21 1.07 8.08
C TRP D 327 9.67 1.17 8.53
N LEU D 328 9.85 1.72 9.72
CA LEU D 328 11.14 1.80 10.38
C LEU D 328 11.03 1.02 11.68
N ASP D 329 11.97 0.10 11.92
CA ASP D 329 11.97 -0.70 13.16
C ASP D 329 13.18 -0.33 13.99
N ILE D 330 12.98 0.48 15.03
CA ILE D 330 14.04 0.71 16.01
C ILE D 330 13.80 -0.04 17.30
N ARG D 331 12.64 -0.68 17.47
CA ARG D 331 12.41 -1.46 18.69
C ARG D 331 13.41 -2.58 18.83
N HIS D 332 14.08 -2.93 17.71
CA HIS D 332 15.15 -3.93 17.70
C HIS D 332 16.17 -3.66 18.81
N LEU D 333 16.53 -2.39 19.02
CA LEU D 333 17.50 -2.06 20.02
C LEU D 333 16.87 -1.68 21.35
N GLY D 334 15.55 -1.84 21.48
CA GLY D 334 14.80 -1.71 22.72
C GLY D 334 14.84 -0.33 23.35
N GLU D 335 14.41 -0.27 24.61
CA GLU D 335 14.28 1.00 25.33
C GLU D 335 15.53 1.30 26.17
N LYS D 336 16.48 0.35 26.20
CA LYS D 336 17.73 0.55 26.93
C LYS D 336 18.58 1.64 26.28
N HIS D 337 18.88 1.50 24.99
CA HIS D 337 19.76 2.45 24.33
C HIS D 337 18.98 3.71 24.01
N ILE D 338 18.22 3.69 22.90
CA ILE D 338 17.32 4.76 22.45
C ILE D 338 17.94 6.15 22.64
N THR D 339 19.18 6.33 22.13
CA THR D 339 19.94 7.59 22.06
C THR D 339 19.84 8.41 23.35
N THR D 340 20.60 8.03 24.38
CA THR D 340 20.51 8.64 25.71
C THR D 340 19.14 8.36 26.33
N LYS D 341 18.68 7.11 26.21
CA LYS D 341 17.57 6.56 26.98
C LYS D 341 16.20 7.14 26.59
N LEU D 342 16.23 8.24 25.83
CA LEU D 342 15.02 8.88 25.32
C LEU D 342 15.06 8.93 23.80
N ARG D 343 16.10 9.54 23.21
CA ARG D 343 16.37 9.69 21.77
C ARG D 343 15.57 10.83 21.16
N GLU D 344 14.52 11.30 21.85
CA GLU D 344 13.73 12.45 21.45
C GLU D 344 13.02 12.22 20.11
N VAL D 345 13.48 11.25 19.32
CA VAL D 345 12.61 10.77 18.26
C VAL D 345 11.44 10.07 18.93
N TYR D 346 11.63 9.62 20.17
CA TYR D 346 10.52 9.15 20.99
C TYR D 346 9.43 10.22 21.06
N ASP D 347 9.82 11.47 21.36
CA ASP D 347 8.88 12.59 21.42
C ASP D 347 8.40 13.03 20.04
N ILE D 348 9.28 13.01 19.04
CA ILE D 348 8.88 13.42 17.69
C ILE D 348 7.76 12.53 17.18
N CYS D 349 8.00 11.21 17.22
CA CYS D 349 7.01 10.24 16.78
C CYS D 349 5.83 10.18 17.74
N THR D 350 6.06 10.40 19.03
CA THR D 350 4.98 10.28 20.01
C THR D 350 3.97 11.41 19.89
N ASN D 351 4.43 12.66 19.78
CA ASN D 351 3.46 13.75 19.67
C ASN D 351 2.99 13.96 18.24
N PHE D 352 3.87 13.90 17.23
CA PHE D 352 3.37 14.17 15.88
C PHE D 352 2.70 12.97 15.24
N LEU D 353 3.08 11.77 15.64
CA LEU D 353 2.53 10.56 15.05
C LEU D 353 1.70 9.81 16.10
N GLY D 354 1.15 8.70 15.68
CA GLY D 354 0.45 7.92 16.66
C GLY D 354 1.31 6.75 17.07
N VAL D 355 2.60 6.82 16.78
CA VAL D 355 3.50 5.69 16.90
C VAL D 355 4.44 5.92 18.08
N ASN D 356 4.54 4.91 18.94
CA ASN D 356 5.58 4.87 19.94
C ASN D 356 6.72 4.03 19.42
N PRO D 357 7.88 4.60 19.18
CA PRO D 357 8.92 3.87 18.44
C PRO D 357 9.40 2.60 19.10
N ILE D 358 9.20 2.43 20.42
CA ILE D 358 9.63 1.18 21.06
C ILE D 358 8.59 0.06 21.02
N HIS D 359 7.38 0.30 20.51
CA HIS D 359 6.42 -0.78 20.27
C HIS D 359 6.21 -0.89 18.77
N GLN D 360 5.54 0.10 18.15
CA GLN D 360 5.11 0.06 16.76
C GLN D 360 6.23 0.51 15.82
N LEU D 361 5.90 0.62 14.56
CA LEU D 361 6.90 0.93 13.55
C LEU D 361 6.66 2.34 13.07
N ILE D 362 7.74 3.04 12.71
CA ILE D 362 7.66 4.43 12.31
C ILE D 362 7.35 4.45 10.80
N PRO D 363 6.19 4.94 10.38
CA PRO D 363 5.97 5.11 8.95
C PRO D 363 6.94 6.16 8.42
N VAL D 364 7.71 5.77 7.40
CA VAL D 364 8.72 6.65 6.83
C VAL D 364 8.80 6.46 5.31
N ARG D 365 9.13 7.53 4.61
CA ARG D 365 9.26 7.54 3.16
C ARG D 365 10.36 8.54 2.85
N PRO D 366 11.07 8.35 1.76
CA PRO D 366 12.00 9.39 1.33
C PRO D 366 11.25 10.70 1.12
N THR D 367 11.81 11.79 1.64
CA THR D 367 11.28 13.12 1.38
C THR D 367 12.43 14.10 1.28
N HIS D 368 12.14 15.29 0.78
CA HIS D 368 13.20 16.22 0.42
C HIS D 368 14.04 16.63 1.61
N HIS D 369 15.36 16.53 1.46
CA HIS D 369 16.18 16.85 2.62
C HIS D 369 17.23 17.91 2.36
N TYR D 370 18.41 17.48 1.93
CA TYR D 370 19.47 18.46 1.75
C TYR D 370 19.33 19.06 0.37
N SER D 371 19.86 20.26 0.20
CA SER D 371 19.93 20.91 -1.11
C SER D 371 21.41 21.08 -1.44
N MET D 372 21.91 20.25 -2.34
CA MET D 372 23.36 20.18 -2.56
C MET D 372 23.86 21.43 -3.28
N GLY D 373 23.14 21.83 -4.33
CA GLY D 373 23.50 22.96 -5.16
C GLY D 373 23.21 24.25 -4.45
N GLY D 374 23.45 25.33 -5.17
CA GLY D 374 23.30 26.65 -4.57
C GLY D 374 24.22 27.64 -5.27
N VAL D 375 24.63 28.65 -4.50
CA VAL D 375 25.61 29.62 -4.98
C VAL D 375 26.98 28.96 -5.12
N ARG D 376 27.52 28.99 -6.34
CA ARG D 376 28.84 28.41 -6.60
C ARG D 376 29.88 29.28 -5.92
N THR D 377 30.87 28.65 -5.31
CA THR D 377 31.90 29.43 -4.63
C THR D 377 33.27 28.97 -5.11
N ASN D 378 34.33 29.46 -4.51
CA ASN D 378 35.65 28.97 -4.84
C ASN D 378 36.20 28.19 -3.68
N ARG D 379 37.47 27.78 -3.81
CA ARG D 379 38.14 27.08 -2.73
C ARG D 379 38.20 27.92 -1.46
N ASP D 380 38.20 29.24 -1.59
CA ASP D 380 38.21 30.19 -0.48
C ASP D 380 36.82 30.71 -0.12
N GLY D 381 35.77 30.20 -0.75
CA GLY D 381 34.43 30.58 -0.39
C GLY D 381 33.96 31.88 -0.96
N ALA D 382 34.71 32.44 -1.90
CA ALA D 382 34.27 33.63 -2.61
C ALA D 382 33.33 33.26 -3.75
N ALA D 383 32.27 34.05 -3.92
CA ALA D 383 31.33 33.78 -5.00
C ALA D 383 32.02 33.92 -6.36
N TYR D 384 31.43 33.29 -7.38
CA TYR D 384 32.09 33.21 -8.69
C TYR D 384 31.95 34.53 -9.43
N GLY D 385 30.75 34.86 -9.90
CA GLY D 385 30.70 35.94 -10.86
C GLY D 385 30.86 37.34 -10.30
N LEU D 386 31.08 37.51 -8.99
CA LEU D 386 31.11 38.85 -8.45
C LEU D 386 32.03 38.88 -7.24
N LYS D 387 32.91 39.87 -7.15
CA LYS D 387 33.92 39.89 -6.09
C LYS D 387 33.45 40.70 -4.88
N GLY D 388 33.81 40.20 -3.70
CA GLY D 388 33.31 40.75 -2.47
C GLY D 388 32.04 40.09 -2.01
N LEU D 389 31.51 39.13 -2.80
CA LEU D 389 30.39 38.26 -2.42
C LEU D 389 30.90 36.89 -2.02
N PHE D 390 30.46 36.40 -0.88
CA PHE D 390 30.98 35.16 -0.33
C PHE D 390 29.83 34.25 0.06
N SER D 391 30.12 32.96 0.18
CA SER D 391 29.09 32.07 0.68
C SER D 391 29.68 30.83 1.30
N ALA D 392 28.93 30.27 2.24
CA ALA D 392 29.26 28.96 2.77
C ALA D 392 28.00 28.36 3.36
N GLY D 393 28.02 27.04 3.53
CA GLY D 393 26.93 26.29 4.14
C GLY D 393 25.97 25.64 3.16
N GLU D 394 24.78 25.32 3.69
CA GLU D 394 23.72 24.73 2.86
C GLU D 394 23.31 25.67 1.75
N SER D 395 23.22 26.97 2.04
CA SER D 395 22.84 27.93 1.02
C SER D 395 23.76 27.95 -0.18
N ALA D 396 25.00 27.47 -0.01
CA ALA D 396 26.12 27.63 -0.93
C ALA D 396 26.48 26.34 -1.66
N CYS D 397 27.01 26.48 -2.91
CA CYS D 397 27.68 25.37 -3.57
C CYS D 397 29.19 25.61 -3.56
N TRP D 398 29.83 24.99 -2.58
CA TRP D 398 31.27 24.82 -2.50
C TRP D 398 31.68 23.62 -3.31
N ASP D 399 30.78 22.64 -3.31
CA ASP D 399 30.91 21.30 -3.90
C ASP D 399 32.00 20.47 -3.24
N MET D 400 31.98 20.43 -1.91
CA MET D 400 32.59 19.28 -1.26
C MET D 400 31.62 18.12 -1.18
N HIS D 401 30.35 18.38 -1.44
CA HIS D 401 29.28 17.40 -1.33
C HIS D 401 28.99 16.67 -2.64
N GLY D 402 29.55 17.14 -3.76
CA GLY D 402 29.28 16.50 -5.03
C GLY D 402 27.79 16.42 -5.29
N PHE D 403 27.35 15.24 -5.76
CA PHE D 403 25.95 15.04 -6.04
C PHE D 403 25.18 14.38 -4.91
N ASN D 404 25.87 13.88 -3.88
CA ASN D 404 25.17 13.37 -2.72
C ASN D 404 25.97 13.75 -1.49
N ARG D 405 25.30 14.36 -0.54
CA ARG D 405 25.96 14.77 0.68
C ARG D 405 26.02 13.57 1.60
N LEU D 406 27.22 13.26 2.06
CA LEU D 406 27.38 12.17 3.00
C LEU D 406 26.69 12.55 4.30
N GLY D 407 25.95 11.61 4.89
CA GLY D 407 25.23 11.91 6.12
C GLY D 407 26.04 12.39 7.30
N GLY D 408 25.60 13.49 7.93
CA GLY D 408 26.27 14.07 9.09
C GLY D 408 27.45 15.00 8.81
N ASN D 409 27.85 15.16 7.55
CA ASN D 409 28.98 16.01 7.19
C ASN D 409 28.64 17.49 7.02
N SER D 410 27.35 17.87 7.01
CA SER D 410 26.96 19.28 6.78
C SER D 410 27.08 20.15 8.02
N LEU D 411 26.96 19.56 9.21
CA LEU D 411 27.50 20.24 10.37
C LEU D 411 29.00 20.47 10.16
N ALA D 412 29.73 19.41 9.81
CA ALA D 412 31.16 19.55 9.53
C ALA D 412 31.46 20.60 8.46
N GLU D 413 30.56 20.77 7.49
CA GLU D 413 30.76 21.78 6.47
C GLU D 413 30.48 23.17 6.99
N THR D 414 29.39 23.36 7.74
CA THR D 414 29.12 24.71 8.20
C THR D 414 30.24 25.18 9.14
N VAL D 415 30.77 24.29 9.96
CA VAL D 415 31.76 24.72 10.94
C VAL D 415 33.18 24.77 10.36
N VAL D 416 33.61 23.75 9.62
CA VAL D 416 34.92 23.85 8.98
C VAL D 416 34.96 25.03 8.05
N ALA D 417 33.89 25.23 7.27
CA ALA D 417 33.81 26.32 6.30
C ALA D 417 33.68 27.68 6.98
N GLY D 418 32.94 27.78 8.07
CA GLY D 418 32.93 29.04 8.79
C GLY D 418 34.32 29.43 9.24
N ARG D 419 35.10 28.47 9.74
CA ARG D 419 36.46 28.76 10.14
C ARG D 419 37.36 29.11 8.96
N TYR D 420 37.45 28.23 7.96
CA TYR D 420 38.32 28.48 6.82
C TYR D 420 37.79 29.64 5.97
N ILE D 421 36.57 29.50 5.44
CA ILE D 421 35.92 30.53 4.62
C ILE D 421 35.78 31.83 5.41
N GLY D 422 35.48 31.71 6.69
CA GLY D 422 35.38 32.90 7.50
C GLY D 422 36.70 33.62 7.54
N GLU D 423 37.74 32.89 7.96
CA GLU D 423 39.09 33.45 7.98
C GLU D 423 39.38 34.17 6.67
N ARG D 424 39.09 33.49 5.56
CA ARG D 424 39.35 34.09 4.27
C ARG D 424 38.53 35.34 4.07
N MET D 425 37.32 35.37 4.60
CA MET D 425 36.53 36.58 4.47
C MET D 425 37.19 37.73 5.21
N VAL D 426 37.70 37.45 6.42
CA VAL D 426 38.37 38.48 7.19
C VAL D 426 39.53 39.04 6.40
N GLU D 427 40.50 38.20 6.05
CA GLU D 427 41.69 38.70 5.37
C GLU D 427 41.40 39.25 3.99
N PHE D 428 40.17 39.11 3.49
CA PHE D 428 39.81 39.99 2.39
C PHE D 428 39.47 41.37 2.89
N THR D 429 38.82 41.49 4.06
CA THR D 429 38.45 42.84 4.50
C THR D 429 39.69 43.62 4.94
N LYS D 430 40.63 42.98 5.65
CA LYS D 430 41.82 43.72 6.05
C LYS D 430 42.76 44.00 4.86
N GLY D 431 42.42 43.49 3.67
CA GLY D 431 43.03 43.91 2.43
C GLY D 431 42.32 45.16 1.94
N ALA D 432 42.22 45.31 0.63
CA ALA D 432 41.70 46.54 0.07
C ALA D 432 40.29 46.82 0.57
N THR D 433 39.91 48.07 0.52
CA THR D 433 38.62 48.41 1.05
C THR D 433 37.84 49.19 -0.01
N PRO D 434 36.51 49.06 -0.04
CA PRO D 434 35.78 49.31 -1.29
C PRO D 434 35.48 50.75 -1.63
N SER D 435 34.63 50.96 -2.63
CA SER D 435 33.99 52.26 -2.85
C SER D 435 32.53 52.06 -3.23
N PHE D 436 31.63 52.52 -2.36
CA PHE D 436 30.20 52.28 -2.54
C PHE D 436 29.62 53.42 -3.34
N GLY D 437 29.40 53.23 -4.62
CA GLY D 437 28.71 54.23 -5.39
C GLY D 437 27.24 54.22 -5.05
N MET D 438 26.70 55.36 -4.62
CA MET D 438 25.27 55.37 -4.29
C MET D 438 24.40 55.20 -5.52
N GLN D 439 25.00 55.25 -6.71
CA GLN D 439 24.31 55.04 -7.97
C GLN D 439 24.09 53.56 -8.23
N TYR D 440 24.50 52.73 -7.27
CA TYR D 440 24.20 51.31 -7.24
C TYR D 440 23.18 51.01 -6.15
N VAL D 441 23.53 51.28 -4.89
CA VAL D 441 22.59 51.04 -3.80
C VAL D 441 21.26 51.73 -4.07
N GLU D 442 21.28 53.02 -4.41
CA GLU D 442 20.02 53.70 -4.70
C GLU D 442 19.47 53.29 -6.05
N ASP D 443 20.21 53.56 -7.12
CA ASP D 443 19.73 53.28 -8.47
C ASP D 443 19.55 51.78 -8.69
N ALA D 444 18.43 51.42 -9.28
CA ALA D 444 17.90 50.04 -9.27
C ALA D 444 17.77 49.66 -7.80
N HIS D 445 18.01 48.40 -7.45
CA HIS D 445 18.03 48.02 -6.04
C HIS D 445 16.81 48.63 -5.37
N LYS D 446 17.02 49.61 -4.47
CA LYS D 446 15.90 50.31 -3.85
C LYS D 446 14.84 50.69 -4.90
N LYS D 447 15.28 51.09 -6.09
CA LYS D 447 14.34 51.42 -7.17
C LYS D 447 13.76 50.19 -7.87
N VAL D 448 14.61 49.27 -8.38
CA VAL D 448 14.05 48.09 -9.05
C VAL D 448 13.33 47.21 -8.05
N GLN D 449 13.85 47.15 -6.83
CA GLN D 449 13.21 46.26 -5.89
C GLN D 449 11.92 46.85 -5.33
N GLU D 450 11.89 48.17 -5.04
CA GLU D 450 10.58 48.76 -4.75
C GLU D 450 9.65 48.62 -5.95
N ARG D 451 10.22 48.50 -7.16
CA ARG D 451 9.42 48.25 -8.34
C ARG D 451 8.82 46.85 -8.29
N ILE D 452 9.55 45.86 -7.75
CA ILE D 452 8.94 44.53 -7.61
C ILE D 452 7.85 44.55 -6.52
N THR D 453 8.02 45.32 -5.45
CA THR D 453 6.99 45.35 -4.43
C THR D 453 5.71 46.04 -4.91
N ASP D 454 5.85 47.16 -5.61
CA ASP D 454 4.68 47.81 -6.18
C ASP D 454 4.10 46.96 -7.30
N ILE D 455 4.95 46.25 -8.05
CA ILE D 455 4.44 45.33 -9.07
C ILE D 455 3.57 44.27 -8.41
N VAL D 456 3.89 43.89 -7.16
CA VAL D 456 3.02 42.95 -6.44
C VAL D 456 1.76 43.66 -5.94
N THR D 457 1.86 44.95 -5.60
CA THR D 457 0.64 45.66 -5.18
C THR D 457 0.00 46.50 -6.27
N GLY D 458 0.72 47.53 -6.68
CA GLY D 458 0.27 48.54 -7.61
C GLY D 458 0.01 48.14 -9.05
N ARG D 459 0.04 46.86 -9.36
CA ARG D 459 -0.35 46.36 -10.67
C ARG D 459 -1.51 45.44 -10.45
N LYS D 460 -2.16 45.07 -11.56
CA LYS D 460 -3.13 43.99 -11.49
C LYS D 460 -2.35 42.69 -11.49
N GLY D 461 -1.87 42.29 -12.66
CA GLY D 461 -1.10 41.07 -12.83
C GLY D 461 -1.70 39.92 -12.03
N LYS D 462 -3.03 39.89 -11.89
CA LYS D 462 -3.59 39.17 -10.76
C LYS D 462 -3.46 37.68 -10.98
N GLU D 463 -2.69 37.07 -10.11
CA GLU D 463 -2.66 35.63 -9.96
C GLU D 463 -2.47 35.43 -8.47
N ASN D 464 -3.28 34.55 -7.87
CA ASN D 464 -3.19 34.39 -6.43
C ASN D 464 -1.87 33.70 -6.16
N THR D 465 -1.09 34.30 -5.29
CA THR D 465 0.27 33.81 -5.11
C THR D 465 0.27 32.37 -4.64
N PHE D 466 -0.77 31.98 -3.89
CA PHE D 466 -0.81 30.61 -3.41
C PHE D 466 -1.06 29.63 -4.54
N LYS D 467 -1.84 30.00 -5.56
CA LYS D 467 -2.05 29.08 -6.67
C LYS D 467 -0.74 28.76 -7.34
N ILE D 468 0.06 29.79 -7.66
CA ILE D 468 1.34 29.55 -8.34
C ILE D 468 2.28 28.79 -7.43
N ARG D 469 2.22 29.05 -6.13
CA ARG D 469 3.03 28.29 -5.18
C ARG D 469 2.70 26.80 -5.28
N ASP D 470 1.41 26.48 -5.25
CA ASP D 470 1.00 25.07 -5.26
C ASP D 470 1.27 24.43 -6.62
N GLU D 471 1.05 25.16 -7.72
CA GLU D 471 1.32 24.65 -9.07
C GLU D 471 2.79 24.35 -9.26
N MET D 472 3.64 25.22 -8.73
CA MET D 472 5.08 24.94 -8.68
C MET D 472 5.32 23.65 -7.94
N HIS D 473 4.70 23.53 -6.76
CA HIS D 473 4.91 22.36 -5.92
C HIS D 473 4.66 21.09 -6.71
N ASP D 474 3.53 21.05 -7.41
CA ASP D 474 3.21 19.88 -8.20
C ASP D 474 4.24 19.64 -9.31
N ILE D 475 4.66 20.71 -10.01
CA ILE D 475 5.60 20.54 -11.12
C ILE D 475 6.84 19.83 -10.62
N MET D 476 7.32 20.25 -9.45
CA MET D 476 8.51 19.63 -8.90
C MET D 476 8.23 18.22 -8.43
N MET D 477 7.01 17.97 -7.91
CA MET D 477 6.65 16.65 -7.41
C MET D 477 6.69 15.56 -8.48
N GLU D 478 6.01 15.80 -9.60
CA GLU D 478 6.01 14.75 -10.63
C GLU D 478 7.29 14.76 -11.45
N GLY D 479 7.74 15.96 -11.86
CA GLY D 479 8.85 16.07 -12.77
C GLY D 479 10.19 15.63 -12.24
N VAL D 480 10.61 16.24 -11.15
CA VAL D 480 11.93 15.97 -10.61
C VAL D 480 11.76 15.21 -9.30
N GLY D 481 11.91 13.88 -9.40
CA GLY D 481 11.85 13.00 -8.26
C GLY D 481 13.17 12.32 -7.94
N ILE D 482 13.08 11.19 -7.24
CA ILE D 482 14.26 10.37 -7.09
C ILE D 482 14.56 9.68 -8.41
N PHE D 483 13.51 9.52 -9.23
CA PHE D 483 13.60 8.94 -10.57
C PHE D 483 13.03 9.93 -11.58
N ARG D 484 13.79 10.16 -12.65
CA ARG D 484 13.49 11.19 -13.64
C ARG D 484 13.71 10.67 -15.06
N ASN D 485 12.86 11.10 -15.99
CA ASN D 485 13.01 10.72 -17.39
C ASN D 485 13.19 11.98 -18.23
N GLY D 486 13.61 11.81 -19.47
CA GLY D 486 13.92 12.98 -20.30
C GLY D 486 12.71 13.87 -20.50
N THR D 487 11.57 13.28 -20.88
CA THR D 487 10.39 14.06 -21.30
C THR D 487 9.60 14.63 -20.13
N ASP D 488 9.53 13.93 -18.99
CA ASP D 488 8.90 14.54 -17.82
C ASP D 488 9.75 15.68 -17.26
N LEU D 489 11.08 15.55 -17.32
CA LEU D 489 11.97 16.65 -16.92
C LEU D 489 11.74 17.86 -17.80
N GLN D 490 11.80 17.64 -19.12
CA GLN D 490 11.61 18.72 -20.07
C GLN D 490 10.19 19.27 -19.93
N LYS D 491 9.22 18.38 -19.72
CA LYS D 491 7.84 18.78 -19.49
C LYS D 491 7.77 19.74 -18.33
N ALA D 492 8.47 19.42 -17.25
CA ALA D 492 8.58 20.34 -16.13
C ALA D 492 9.13 21.68 -16.59
N VAL D 493 10.26 21.65 -17.30
CA VAL D 493 10.89 22.88 -17.74
C VAL D 493 9.88 23.75 -18.49
N ASN D 494 9.03 23.12 -19.29
CA ASN D 494 8.03 23.85 -20.06
C ASN D 494 7.06 24.58 -19.15
N LYS D 495 6.39 23.82 -18.29
CA LYS D 495 5.36 24.46 -17.49
C LYS D 495 5.93 25.43 -16.45
N LEU D 496 7.19 25.24 -16.06
CA LEU D 496 7.86 26.19 -15.17
C LEU D 496 8.22 27.47 -15.90
N GLU D 497 8.49 27.38 -17.19
CA GLU D 497 8.70 28.60 -17.96
C GLU D 497 7.41 29.39 -18.12
N GLU D 498 6.33 28.71 -18.56
CA GLU D 498 5.04 29.42 -18.67
C GLU D 498 4.60 29.96 -17.32
N LEU D 499 5.00 29.28 -16.24
CA LEU D 499 4.68 29.71 -14.88
C LEU D 499 5.58 30.83 -14.36
N TYR D 500 6.87 30.90 -14.77
CA TYR D 500 7.71 32.05 -14.39
C TYR D 500 7.22 33.31 -15.07
N ASP D 501 6.88 33.20 -16.35
CA ASP D 501 6.13 34.26 -16.99
C ASP D 501 4.90 34.59 -16.18
N ARG D 502 4.20 33.55 -15.68
CA ARG D 502 3.05 33.76 -14.81
C ARG D 502 3.42 34.37 -13.45
N SER D 503 4.68 34.20 -13.01
CA SER D 503 5.16 34.60 -11.68
C SER D 503 5.47 36.08 -11.61
N GLN D 504 6.01 36.63 -12.69
CA GLN D 504 6.24 38.06 -12.73
C GLN D 504 5.02 38.83 -12.25
N LYS D 505 3.82 38.38 -12.65
CA LYS D 505 2.58 39.07 -12.31
C LYS D 505 1.84 38.35 -11.19
N ILE D 506 1.86 38.93 -9.99
CA ILE D 506 1.16 38.45 -8.80
C ILE D 506 0.37 39.60 -8.18
N SER D 507 -0.75 39.28 -7.51
CA SER D 507 -1.55 40.25 -6.77
C SER D 507 -1.86 39.69 -5.37
N LEU D 508 -2.21 40.56 -4.44
CA LEU D 508 -2.31 40.14 -3.05
C LEU D 508 -3.76 40.00 -2.61
N SER D 509 -4.07 38.88 -1.95
CA SER D 509 -5.43 38.61 -1.49
C SER D 509 -5.86 39.54 -0.38
N SER D 510 -4.95 40.30 0.19
CA SER D 510 -5.27 41.10 1.35
C SER D 510 -5.17 42.57 1.02
N ALA D 511 -5.41 43.34 2.05
CA ALA D 511 -5.18 44.78 2.09
C ALA D 511 -3.94 45.00 2.94
N CYS D 512 -2.82 45.34 2.30
CA CYS D 512 -1.55 45.53 3.01
C CYS D 512 -1.73 46.51 4.18
N LYS D 513 -1.43 46.02 5.39
CA LYS D 513 -1.68 46.76 6.62
C LYS D 513 -0.45 47.52 7.11
N GLY D 514 0.64 47.40 6.36
CA GLY D 514 2.02 47.69 6.69
C GLY D 514 2.46 46.37 7.25
N MET D 515 3.56 45.80 6.76
CA MET D 515 3.91 44.40 7.05
C MET D 515 2.71 43.45 6.84
N ASN D 516 2.43 43.22 5.57
CA ASN D 516 1.42 42.24 5.17
C ASN D 516 2.08 40.89 4.97
N PRO D 517 1.66 39.83 5.69
CA PRO D 517 2.38 38.55 5.60
C PRO D 517 2.24 37.87 4.27
N GLU D 518 1.24 38.23 3.46
CA GLU D 518 1.15 37.65 2.14
C GLU D 518 2.27 38.14 1.24
N LEU D 519 2.48 39.46 1.22
CA LEU D 519 3.56 40.01 0.39
C LEU D 519 4.87 39.32 0.68
N SER D 520 5.09 38.96 1.94
CA SER D 520 6.35 38.34 2.36
C SER D 520 6.72 37.18 1.45
N THR D 521 5.79 36.26 1.22
CA THR D 521 6.05 35.14 0.33
C THR D 521 5.85 35.54 -1.12
N ALA D 522 4.91 36.45 -1.35
CA ALA D 522 4.50 36.81 -2.70
C ALA D 522 5.68 37.35 -3.52
N LEU D 523 6.53 38.16 -2.90
CA LEU D 523 7.63 38.71 -3.68
C LEU D 523 8.70 37.66 -3.98
N ARG D 524 8.76 36.60 -3.19
CA ARG D 524 9.77 35.57 -3.43
C ARG D 524 9.23 34.39 -4.19
N ILE D 525 7.98 34.44 -4.59
CA ILE D 525 7.51 33.42 -5.52
C ILE D 525 8.42 33.36 -6.73
N ARG D 526 8.60 34.50 -7.41
CA ARG D 526 9.43 34.59 -8.62
C ARG D 526 10.81 33.97 -8.42
N GLY D 527 11.51 34.33 -7.33
CA GLY D 527 12.80 33.72 -7.08
C GLY D 527 12.70 32.23 -6.83
N MET D 528 11.71 31.81 -6.04
CA MET D 528 11.48 30.39 -5.81
C MET D 528 11.38 29.68 -7.15
N LEU D 529 10.45 30.12 -7.99
CA LEU D 529 10.32 29.51 -9.32
C LEU D 529 11.64 29.52 -10.06
N LYS D 530 12.35 30.64 -9.99
CA LYS D 530 13.60 30.81 -10.73
C LYS D 530 14.58 29.70 -10.41
N LEU D 531 14.87 29.51 -9.13
CA LEU D 531 15.84 28.46 -8.81
C LEU D 531 15.24 27.08 -8.95
N ALA D 532 13.91 26.99 -8.96
CA ALA D 532 13.27 25.69 -9.15
C ALA D 532 13.48 25.20 -10.58
N GLN D 533 13.23 26.07 -11.56
CA GLN D 533 13.55 25.72 -12.94
C GLN D 533 15.04 25.70 -13.16
N CYS D 534 15.81 26.36 -12.31
CA CYS D 534 17.24 26.15 -12.33
C CYS D 534 17.53 24.68 -12.13
N THR D 535 16.87 24.09 -11.13
CA THR D 535 17.06 22.66 -10.91
C THR D 535 16.44 21.85 -12.04
N ALA D 536 15.26 22.26 -12.53
CA ALA D 536 14.55 21.51 -13.55
C ALA D 536 15.37 21.42 -14.84
N TYR D 537 15.66 22.57 -15.44
CA TYR D 537 16.49 22.61 -16.64
C TYR D 537 17.89 22.07 -16.38
N GLY D 538 18.35 22.09 -15.13
CA GLY D 538 19.62 21.46 -14.83
C GLY D 538 19.57 19.97 -15.03
N ALA D 539 18.44 19.35 -14.63
CA ALA D 539 18.29 17.90 -14.72
C ALA D 539 17.98 17.44 -16.15
N LEU D 540 17.21 18.23 -16.91
CA LEU D 540 16.92 17.86 -18.29
C LEU D 540 18.19 17.78 -19.13
N ASP D 541 18.93 18.89 -19.22
CA ASP D 541 20.07 18.96 -20.12
C ASP D 541 21.27 18.18 -19.65
N ARG D 542 21.22 17.59 -18.48
CA ARG D 542 22.31 16.74 -18.06
C ARG D 542 21.88 15.30 -18.24
N THR D 543 22.48 14.62 -19.21
CA THR D 543 22.13 13.23 -19.46
C THR D 543 23.23 12.37 -18.86
N GLU D 544 22.94 11.88 -17.67
CA GLU D 544 23.65 10.81 -17.00
C GLU D 544 22.83 10.57 -15.75
N SER D 545 23.30 9.65 -14.93
CA SER D 545 22.73 9.47 -13.61
C SER D 545 23.87 9.36 -12.63
N ARG D 546 23.92 10.31 -11.70
CA ARG D 546 24.93 10.41 -10.66
C ARG D 546 24.23 10.88 -9.40
N GLY D 547 24.57 10.28 -8.27
CA GLY D 547 23.96 10.72 -7.04
C GLY D 547 22.44 10.68 -7.07
N ALA D 548 21.82 11.72 -6.53
CA ALA D 548 20.37 11.79 -6.46
C ALA D 548 19.71 12.08 -7.79
N HIS D 549 20.46 12.52 -8.79
CA HIS D 549 19.89 12.80 -10.10
C HIS D 549 20.00 11.52 -10.92
N THR D 550 18.87 10.87 -11.19
CA THR D 550 18.84 9.60 -11.91
C THR D 550 17.87 9.66 -13.09
N ARG D 551 18.41 9.48 -14.28
CA ARG D 551 17.64 9.42 -15.51
C ARG D 551 17.33 7.94 -15.79
N GLU D 552 16.06 7.56 -15.69
CA GLU D 552 15.68 6.21 -16.11
C GLU D 552 16.13 5.96 -17.54
N ASP D 553 16.27 7.02 -18.32
CA ASP D 553 16.68 6.94 -19.71
C ASP D 553 18.20 6.93 -19.92
N PHE D 554 19.00 7.29 -18.91
CA PHE D 554 20.46 7.33 -19.09
C PHE D 554 21.11 6.74 -17.84
N PRO D 555 20.87 5.44 -17.58
CA PRO D 555 21.06 4.91 -16.22
C PRO D 555 22.50 4.76 -15.77
N GLU D 556 23.48 4.79 -16.67
CA GLU D 556 24.86 4.59 -16.24
C GLU D 556 25.42 5.90 -15.67
N ARG D 557 26.66 5.87 -15.17
CA ARG D 557 27.16 7.07 -14.48
C ARG D 557 27.69 8.13 -15.45
N ASN D 558 28.37 7.72 -16.54
CA ASN D 558 28.94 8.60 -17.59
C ASN D 558 30.06 9.51 -17.06
N ASP D 559 31.18 8.87 -16.71
CA ASP D 559 32.36 9.63 -16.25
C ASP D 559 33.05 10.41 -17.38
N LYS D 560 32.94 9.99 -18.63
CA LYS D 560 33.78 10.59 -19.67
C LYS D 560 33.28 11.93 -20.17
N GLU D 561 31.99 12.01 -20.51
CA GLU D 561 31.45 13.21 -21.12
C GLU D 561 30.88 14.20 -20.11
N TRP D 562 30.65 13.76 -18.85
CA TRP D 562 30.33 14.67 -17.75
C TRP D 562 31.09 14.27 -16.50
N LEU D 563 32.14 15.01 -16.14
CA LEU D 563 32.63 14.99 -14.77
C LEU D 563 32.72 16.49 -14.48
N ASN D 564 31.71 17.04 -13.83
CA ASN D 564 31.54 18.49 -13.88
C ASN D 564 30.44 18.95 -12.92
N ARG D 565 30.12 20.24 -13.04
CA ARG D 565 29.24 21.00 -12.17
C ARG D 565 28.35 21.79 -13.11
N THR D 566 27.04 21.80 -12.87
CA THR D 566 26.14 22.50 -13.78
C THR D 566 25.95 23.93 -13.25
N LEU D 567 26.56 24.91 -13.92
CA LEU D 567 26.53 26.29 -13.48
C LEU D 567 25.45 27.04 -14.26
N SER D 568 24.49 27.63 -13.55
CA SER D 568 23.33 28.31 -14.14
C SER D 568 23.29 29.79 -13.76
N TYR D 569 23.38 30.66 -14.77
CA TYR D 569 23.24 32.11 -14.67
C TYR D 569 21.81 32.48 -15.06
N TRP D 570 21.54 33.79 -15.18
CA TRP D 570 20.23 34.24 -15.63
C TRP D 570 20.37 35.26 -16.78
N LYS D 571 21.12 36.36 -16.57
CA LYS D 571 21.53 37.28 -17.66
C LYS D 571 20.31 37.83 -18.38
N GLU D 572 19.79 38.91 -17.79
CA GLU D 572 18.42 39.41 -17.92
C GLU D 572 17.68 38.33 -17.08
N GLY D 573 16.35 38.13 -17.15
CA GLY D 573 15.37 38.98 -17.82
C GLY D 573 14.97 38.05 -18.92
N ALA D 574 15.79 37.02 -18.97
CA ALA D 574 15.64 35.96 -19.94
C ALA D 574 14.69 34.92 -19.35
N SER D 575 13.68 34.56 -20.14
CA SER D 575 12.68 33.58 -19.75
C SER D 575 13.23 32.20 -19.38
N MET D 576 14.52 31.94 -19.57
CA MET D 576 15.00 30.61 -19.29
C MET D 576 16.38 30.67 -18.66
N PRO D 577 16.65 29.80 -17.70
CA PRO D 577 17.96 29.80 -17.06
C PRO D 577 19.03 29.39 -18.05
N THR D 578 20.10 30.17 -18.11
CA THR D 578 21.23 29.83 -18.94
C THR D 578 22.16 28.91 -18.16
N LEU D 579 22.71 27.94 -18.87
CA LEU D 579 23.62 26.97 -18.28
C LEU D 579 25.01 27.19 -18.86
N GLU D 580 25.99 26.69 -18.14
CA GLU D 580 27.31 26.45 -18.68
C GLU D 580 27.97 25.47 -17.74
N TYR D 581 28.94 24.72 -18.25
CA TYR D 581 29.47 23.60 -17.49
C TYR D 581 30.93 23.87 -17.20
N GLU D 582 31.43 23.20 -16.18
CA GLU D 582 32.73 23.51 -15.64
C GLU D 582 33.37 22.22 -15.17
N GLU D 583 34.63 22.02 -15.52
CA GLU D 583 35.33 20.82 -15.13
C GLU D 583 35.38 20.69 -13.62
N ALA D 584 35.18 19.48 -13.10
CA ALA D 584 35.67 19.24 -11.75
C ALA D 584 37.17 19.40 -11.86
N SER D 585 37.76 20.11 -10.92
CA SER D 585 39.07 20.59 -11.34
C SER D 585 40.11 19.47 -11.20
N PRO D 586 41.14 19.43 -12.09
CA PRO D 586 42.14 18.39 -11.92
C PRO D 586 42.77 18.51 -10.54
N TYR D 587 42.67 17.40 -9.83
CA TYR D 587 43.22 17.26 -8.52
C TYR D 587 42.71 15.97 -7.88
N TYR D 588 42.44 14.93 -8.66
CA TYR D 588 41.96 13.73 -7.99
C TYR D 588 43.07 12.96 -7.31
N GLU D 589 42.95 12.87 -6.00
CA GLU D 589 43.88 12.10 -5.19
C GLU D 589 43.53 10.64 -5.32
N MET D 590 42.25 10.33 -5.18
CA MET D 590 41.70 9.00 -5.41
C MET D 590 40.88 9.01 -6.68
N PRO D 591 41.20 8.18 -7.66
CA PRO D 591 40.62 8.29 -8.99
C PRO D 591 39.19 7.80 -9.01
N PRO D 592 38.45 8.11 -10.08
CA PRO D 592 37.08 7.58 -10.23
C PRO D 592 37.06 6.06 -10.09
N GLY D 593 36.10 5.58 -9.31
CA GLY D 593 35.95 4.17 -8.97
C GLY D 593 34.52 3.93 -8.58
N ASP D 594 34.25 2.73 -8.05
CA ASP D 594 32.89 2.42 -7.63
C ASP D 594 32.75 2.86 -6.18
N ARG D 595 31.65 3.55 -5.86
CA ARG D 595 31.47 4.12 -4.53
C ARG D 595 31.57 3.06 -3.45
N GLY D 596 31.19 1.82 -3.77
CA GLY D 596 31.04 0.81 -2.76
C GLY D 596 29.63 0.57 -2.29
N TYR D 597 28.63 0.98 -3.06
CA TYR D 597 27.25 0.63 -2.80
C TYR D 597 26.42 0.81 -4.08
N GLY D 598 25.21 0.25 -4.05
CA GLY D 598 24.22 0.42 -5.10
C GLY D 598 24.56 -0.39 -6.32
N GLY D 599 23.66 -0.37 -7.29
CA GLY D 599 24.06 -1.05 -8.52
C GLY D 599 25.06 -0.15 -9.21
N GLY D 600 26.31 -0.61 -9.29
CA GLY D 600 27.32 0.23 -9.90
C GLY D 600 27.14 0.30 -11.39
N VAL D 601 26.76 1.47 -11.90
CA VAL D 601 26.65 1.67 -13.33
C VAL D 601 27.65 2.77 -13.68
N THR D 602 28.79 2.37 -14.26
CA THR D 602 29.86 3.32 -14.50
C THR D 602 30.30 3.27 -15.96
N ILE D 603 30.64 4.43 -16.51
CA ILE D 603 31.40 4.52 -17.75
C ILE D 603 32.84 4.81 -17.35
N ALA D 604 33.73 3.82 -17.48
CA ALA D 604 35.12 4.02 -17.06
C ALA D 604 35.75 5.13 -17.87
N ASN D 605 36.33 6.12 -17.17
CA ASN D 605 36.65 7.41 -17.78
C ASN D 605 38.08 7.45 -18.29
N GLU D 606 38.21 7.78 -19.59
CA GLU D 606 39.51 7.82 -20.25
C GLU D 606 40.25 9.12 -19.97
N LEU D 607 39.54 10.25 -19.92
CA LEU D 607 40.20 11.53 -19.71
C LEU D 607 40.97 11.65 -18.38
N PRO D 608 40.58 11.04 -17.27
CA PRO D 608 41.24 11.33 -15.98
C PRO D 608 42.64 10.78 -15.83
N PRO D 609 43.04 9.60 -16.46
CA PRO D 609 44.38 9.10 -16.14
C PRO D 609 45.50 10.10 -16.43
N GLU D 610 45.60 10.60 -17.66
CA GLU D 610 46.17 11.90 -18.02
C GLU D 610 47.34 12.22 -17.08
N LYS D 611 47.25 13.35 -16.39
CA LYS D 611 48.10 13.63 -15.23
C LYS D 611 47.15 13.71 -14.02
N PHE D 612 47.20 12.67 -13.18
CA PHE D 612 46.25 12.56 -12.08
C PHE D 612 46.58 13.56 -10.97
N VAL D 613 47.74 13.39 -10.33
CA VAL D 613 48.06 14.11 -9.11
C VAL D 613 48.75 15.41 -9.53
N ILE D 614 47.99 16.50 -9.55
CA ILE D 614 48.48 17.87 -9.69
C ILE D 614 49.10 18.43 -8.40
N PRO D 615 48.60 18.12 -7.15
CA PRO D 615 48.99 18.97 -6.01
C PRO D 615 50.50 19.19 -5.81
N GLU D 616 50.91 20.48 -5.88
CA GLU D 616 52.24 20.94 -5.49
C GLU D 616 52.07 22.18 -4.62
N ALA D 617 51.46 23.23 -5.20
CA ALA D 617 51.30 24.54 -4.60
C ALA D 617 50.03 24.64 -3.76
N ALA D 618 49.34 23.52 -3.51
CA ALA D 618 48.09 23.54 -2.75
C ALA D 618 48.27 24.26 -1.42
N LYS D 619 47.36 25.22 -1.18
CA LYS D 619 47.34 26.14 -0.04
C LYS D 619 46.56 25.57 1.15
N GLU D 620 46.28 24.27 1.15
CA GLU D 620 45.64 23.55 2.24
C GLU D 620 46.21 23.94 3.59
N ASN D 621 47.50 24.24 3.62
CA ASN D 621 48.20 24.48 4.87
C ASN D 621 47.45 25.52 5.71
N LEU D 622 47.09 25.15 6.95
CA LEU D 622 46.21 25.97 7.80
C LEU D 622 46.20 25.54 9.25
N MET E 1 -10.37 14.40 14.33
CA MET E 1 -11.27 13.27 14.08
C MET E 1 -12.70 13.72 13.76
N ASN E 2 -12.85 14.39 12.62
CA ASN E 2 -14.10 14.79 11.97
C ASN E 2 -14.90 15.89 12.70
N ARG E 3 -14.66 16.14 13.98
CA ARG E 3 -15.44 17.16 14.69
C ARG E 3 -14.90 18.55 14.33
N MET E 4 -15.69 19.60 14.61
CA MET E 4 -15.33 20.96 14.16
C MET E 4 -14.50 21.73 15.21
N LEU E 5 -13.96 22.88 14.77
CA LEU E 5 -13.11 23.73 15.59
C LEU E 5 -13.40 25.21 15.35
N THR E 6 -13.57 25.95 16.43
CA THR E 6 -13.65 27.41 16.41
C THR E 6 -12.43 27.97 17.10
N LEU E 7 -11.71 28.87 16.43
CA LEU E 7 -10.52 29.50 16.96
C LEU E 7 -10.81 30.98 17.13
N ASN E 8 -10.33 31.56 18.21
CA ASN E 8 -10.35 33.00 18.39
C ASN E 8 -8.90 33.44 18.40
N ILE E 9 -8.52 34.20 17.38
CA ILE E 9 -7.16 34.67 17.21
C ILE E 9 -7.13 36.16 17.55
N PHE E 10 -6.24 36.54 18.47
CA PHE E 10 -6.03 37.93 18.83
C PHE E 10 -5.74 38.71 17.55
N ARG E 11 -6.40 39.85 17.36
CA ARG E 11 -6.22 40.57 16.11
C ARG E 11 -5.91 42.04 16.38
N TYR E 12 -4.68 42.44 16.08
CA TYR E 12 -4.20 43.82 16.15
C TYR E 12 -2.95 43.93 15.29
N ASN E 13 -2.71 45.13 14.75
CA ASN E 13 -1.51 45.40 13.96
C ASN E 13 -1.04 46.80 14.32
N PRO E 14 0.00 46.96 15.17
CA PRO E 14 0.39 48.30 15.65
C PRO E 14 0.65 49.34 14.56
N LEU E 15 0.89 48.91 13.34
CA LEU E 15 1.30 49.83 12.28
C LEU E 15 0.15 50.64 11.67
N ASP E 16 -1.11 50.19 11.77
CA ASP E 16 -2.24 51.04 11.42
C ASP E 16 -3.08 51.23 12.68
N PRO E 17 -3.27 52.47 13.15
CA PRO E 17 -4.01 52.69 14.42
C PRO E 17 -5.50 52.37 14.35
N ASP E 18 -6.11 52.45 13.17
CA ASP E 18 -7.52 52.17 13.02
C ASP E 18 -7.83 50.70 13.17
N SER E 19 -6.82 49.86 13.29
CA SER E 19 -7.00 48.47 13.68
C SER E 19 -7.24 48.43 15.20
N GLN E 20 -8.47 47.98 15.63
CA GLN E 20 -8.81 47.87 17.03
C GLN E 20 -8.45 46.47 17.56
N PRO E 21 -8.24 46.32 18.88
CA PRO E 21 -7.93 44.99 19.40
C PRO E 21 -9.14 44.08 19.38
N ARG E 22 -9.41 43.45 18.23
CA ARG E 22 -10.46 42.45 18.05
C ARG E 22 -9.88 41.04 18.13
N MET E 23 -10.77 40.05 18.22
CA MET E 23 -10.34 38.66 18.19
C MET E 23 -11.19 38.00 17.10
N GLN E 24 -10.59 37.71 15.97
CA GLN E 24 -11.38 37.23 14.85
C GLN E 24 -11.55 35.73 14.99
N THR E 25 -12.80 35.31 15.05
CA THR E 25 -13.14 33.92 15.20
C THR E 25 -13.15 33.23 13.84
N PHE E 26 -12.50 32.06 13.78
CA PHE E 26 -12.37 31.26 12.57
C PHE E 26 -12.89 29.86 12.86
N THR E 27 -13.17 29.10 11.81
CA THR E 27 -13.65 27.73 11.98
C THR E 27 -12.98 26.81 10.97
N VAL E 28 -12.33 25.77 11.48
CA VAL E 28 -11.76 24.73 10.64
C VAL E 28 -12.25 23.40 11.20
N GLN E 29 -12.59 22.49 10.31
CA GLN E 29 -12.93 21.16 10.73
C GLN E 29 -11.65 20.39 10.97
N GLU E 30 -11.67 19.57 12.01
CA GLU E 30 -10.49 18.88 12.49
C GLU E 30 -10.37 17.57 11.74
N TYR E 31 -9.42 17.51 10.81
CA TYR E 31 -9.11 16.25 10.18
C TYR E 31 -7.97 15.64 10.98
N ASP E 32 -8.02 14.32 11.20
CA ASP E 32 -7.21 13.70 12.23
C ASP E 32 -5.73 13.99 12.00
N SER E 33 -4.99 14.02 13.12
CA SER E 33 -3.57 14.38 13.22
C SER E 33 -3.34 15.79 12.66
N MET E 34 -3.89 16.76 13.40
CA MET E 34 -3.80 18.17 13.06
C MET E 34 -3.22 18.96 14.22
N THR E 35 -2.10 19.63 13.98
CA THR E 35 -1.51 20.61 14.90
C THR E 35 -2.11 21.98 14.65
N LEU E 36 -2.10 22.82 15.69
CA LEU E 36 -2.53 24.21 15.56
C LEU E 36 -1.67 24.93 14.53
N PHE E 37 -0.48 24.40 14.29
CA PHE E 37 0.30 24.82 13.15
C PHE E 37 -0.50 24.63 11.85
N ILE E 38 -1.16 23.48 11.69
CA ILE E 38 -1.85 23.19 10.43
C ILE E 38 -3.05 24.10 10.24
N ALA E 39 -3.95 24.13 11.22
CA ALA E 39 -5.13 24.98 11.12
C ALA E 39 -4.74 26.43 10.87
N LEU E 40 -3.73 26.91 11.60
CA LEU E 40 -3.29 28.29 11.39
C LEU E 40 -2.74 28.48 9.97
N THR E 41 -1.82 27.61 9.55
CA THR E 41 -1.24 27.77 8.23
C THR E 41 -2.31 27.83 7.16
N GLN E 42 -3.40 27.07 7.36
CA GLN E 42 -4.48 27.07 6.40
C GLN E 42 -5.39 28.29 6.54
N ILE E 43 -5.55 28.81 7.76
CA ILE E 43 -6.25 30.07 7.91
C ILE E 43 -5.56 31.15 7.10
N ARG E 44 -4.23 31.20 7.17
CA ARG E 44 -3.48 32.25 6.50
C ARG E 44 -3.47 31.99 4.98
N ASP E 45 -2.80 30.92 4.56
CA ASP E 45 -2.65 30.65 3.14
C ASP E 45 -3.98 30.49 2.41
N GLU E 46 -5.09 30.31 3.13
CA GLU E 46 -6.36 30.01 2.49
C GLU E 46 -7.33 31.18 2.64
N LYS E 47 -7.77 31.47 3.86
CA LYS E 47 -8.87 32.40 4.08
C LYS E 47 -8.47 33.88 4.08
N ASP E 48 -7.83 34.36 5.15
CA ASP E 48 -7.38 35.75 5.24
C ASP E 48 -5.86 35.78 5.34
N PRO E 49 -5.14 36.10 4.26
CA PRO E 49 -3.68 35.95 4.28
C PRO E 49 -3.00 36.91 5.19
N THR E 50 -3.70 37.90 5.70
CA THR E 50 -3.08 38.97 6.45
C THR E 50 -2.95 38.65 7.95
N LEU E 51 -3.28 37.43 8.38
CA LEU E 51 -2.99 37.01 9.74
C LEU E 51 -1.48 36.91 9.98
N LYS E 52 -1.01 37.39 11.14
CA LYS E 52 0.41 37.41 11.46
C LYS E 52 0.75 36.29 12.48
N VAL E 53 1.39 35.22 12.00
CA VAL E 53 1.80 34.07 12.80
C VAL E 53 3.29 33.88 12.63
N ASP E 54 3.95 33.34 13.65
CA ASP E 54 5.39 33.12 13.56
C ASP E 54 5.64 31.60 13.62
N PHE E 55 5.94 30.98 12.49
CA PHE E 55 6.24 29.55 12.42
C PHE E 55 7.64 29.29 11.87
N CYS E 56 8.35 28.33 12.43
CA CYS E 56 9.61 28.12 11.76
C CYS E 56 9.72 26.72 11.21
N CYS E 57 10.02 25.76 12.08
CA CYS E 57 10.30 24.38 11.74
C CYS E 57 9.12 23.42 11.73
N ARG E 58 8.01 23.78 12.41
CA ARG E 58 6.82 22.95 12.71
C ARG E 58 7.18 21.55 13.21
N ALA E 59 8.40 21.37 13.70
CA ALA E 59 8.94 20.13 14.20
C ALA E 59 8.91 20.03 15.71
N GLY E 60 8.38 21.04 16.40
CA GLY E 60 8.22 21.01 17.84
C GLY E 60 9.48 21.26 18.64
N ILE E 61 10.55 21.67 17.99
CA ILE E 61 11.75 22.22 18.58
C ILE E 61 11.92 23.54 17.82
N CYS E 62 12.74 24.46 18.35
CA CYS E 62 13.07 25.79 17.80
C CYS E 62 12.32 27.01 18.32
N GLY E 63 11.26 26.93 19.12
CA GLY E 63 10.76 28.13 19.81
C GLY E 63 10.12 29.27 19.04
N SER E 64 9.80 29.14 17.75
CA SER E 64 9.09 30.25 17.12
C SER E 64 7.60 30.23 17.38
N CYS E 65 7.01 29.06 17.61
CA CYS E 65 5.58 28.85 17.73
C CYS E 65 5.00 29.40 19.01
N ALA E 66 5.83 29.87 19.93
CA ALA E 66 5.31 30.22 21.25
C ALA E 66 4.14 31.15 21.07
N MET E 67 3.08 30.90 21.84
CA MET E 67 1.89 31.74 21.92
C MET E 67 1.09 31.22 23.09
N VAL E 68 0.00 31.90 23.43
CA VAL E 68 -0.85 31.44 24.53
C VAL E 68 -1.98 30.63 23.95
N ILE E 69 -2.15 29.40 24.41
CA ILE E 69 -3.15 28.51 23.85
C ILE E 69 -4.18 28.26 24.94
N ASN E 70 -5.35 28.84 24.73
CA ASN E 70 -6.45 28.77 25.67
C ASN E 70 -5.96 29.05 27.09
N GLY E 71 -5.15 30.09 27.23
CA GLY E 71 -4.72 30.56 28.53
C GLY E 71 -3.34 30.13 28.96
N ARG E 72 -2.79 29.07 28.34
CA ARG E 72 -1.46 28.58 28.65
C ARG E 72 -0.53 28.82 27.48
N PRO E 73 0.61 29.48 27.69
CA PRO E 73 1.66 29.51 26.65
C PRO E 73 2.23 28.13 26.34
N GLY E 74 2.42 27.90 25.05
CA GLY E 74 2.94 26.64 24.56
C GLY E 74 3.46 26.79 23.16
N LEU E 75 3.71 25.66 22.53
CA LEU E 75 4.18 25.62 21.16
C LEU E 75 3.01 25.12 20.34
N ALA E 76 2.70 25.81 19.24
CA ALA E 76 1.50 25.45 18.49
C ALA E 76 1.73 24.24 17.60
N CYS E 77 2.87 24.20 16.95
CA CYS E 77 3.22 23.07 16.09
C CYS E 77 3.28 21.77 16.87
N HIS E 78 3.70 21.86 18.10
CA HIS E 78 3.93 20.74 18.99
C HIS E 78 2.70 20.38 19.80
N THR E 79 1.59 21.15 19.62
CA THR E 79 0.28 20.89 20.22
C THR E 79 -0.64 20.31 19.16
N GLN E 80 -1.34 19.21 19.50
CA GLN E 80 -2.28 18.55 18.60
C GLN E 80 -3.73 18.68 19.10
N THR E 81 -4.66 18.90 18.17
CA THR E 81 -6.06 19.18 18.54
C THR E 81 -6.74 18.04 19.27
N LYS E 82 -6.16 16.83 19.24
CA LYS E 82 -6.74 15.69 19.96
C LYS E 82 -6.95 16.05 21.43
N ASP E 83 -6.01 16.76 22.02
CA ASP E 83 -5.98 16.95 23.45
C ASP E 83 -6.67 18.23 23.92
N LEU E 84 -6.99 19.13 23.00
CA LEU E 84 -7.60 20.42 23.29
C LEU E 84 -9.13 20.33 23.21
N PRO E 85 -9.83 21.23 23.89
CA PRO E 85 -11.31 21.27 23.79
C PRO E 85 -11.85 21.60 22.40
N ALA E 86 -13.16 21.82 22.32
CA ALA E 86 -13.81 22.02 21.01
C ALA E 86 -13.45 23.35 20.37
N GLU E 87 -13.32 24.43 21.16
CA GLU E 87 -13.06 25.77 20.65
C GLU E 87 -11.88 26.43 21.38
N ILE E 88 -10.91 26.92 20.60
CA ILE E 88 -9.61 27.38 21.06
C ILE E 88 -9.56 28.90 21.03
N THR E 89 -8.79 29.51 21.95
CA THR E 89 -8.54 30.95 21.98
C THR E 89 -7.05 31.24 22.14
N LEU E 90 -6.44 31.83 21.11
CA LEU E 90 -5.01 32.08 21.07
C LEU E 90 -4.67 33.57 21.32
N HIS E 91 -3.88 33.84 22.33
CA HIS E 91 -3.39 35.19 22.49
C HIS E 91 -1.87 35.19 22.31
N PRO E 92 -1.29 36.23 21.74
CA PRO E 92 0.18 36.26 21.64
C PRO E 92 0.76 36.32 23.03
N LEU E 93 1.98 35.85 23.16
CA LEU E 93 2.64 35.85 24.45
C LEU E 93 2.59 37.23 25.09
N PRO E 94 2.36 37.33 26.35
CA PRO E 94 2.52 38.63 26.99
C PRO E 94 3.98 38.91 27.28
N PHE E 95 4.22 40.00 28.01
CA PHE E 95 5.55 40.37 28.47
C PHE E 95 6.44 40.74 27.29
N PHE E 96 6.08 40.27 26.11
CA PHE E 96 6.89 40.45 24.92
C PHE E 96 6.30 41.45 23.94
N GLN E 97 7.16 42.20 23.28
CA GLN E 97 6.70 43.20 22.33
C GLN E 97 5.87 42.53 21.24
N LEU E 98 4.61 42.97 21.12
CA LEU E 98 3.62 42.31 20.26
C LEU E 98 3.74 42.94 18.90
N LEU E 99 4.35 42.22 17.96
CA LEU E 99 4.57 42.72 16.61
C LEU E 99 3.29 42.78 15.83
N GLY E 100 2.41 41.84 16.08
CA GLY E 100 1.02 41.90 15.67
C GLY E 100 0.39 40.54 15.84
N ASP E 101 -0.95 40.47 15.95
CA ASP E 101 -1.65 39.20 16.00
C ASP E 101 -1.02 38.23 16.98
N LEU E 102 -0.44 37.15 16.47
CA LEU E 102 0.24 36.14 17.28
C LEU E 102 1.74 36.31 17.37
N SER E 103 2.29 37.40 16.80
CA SER E 103 3.74 37.61 16.78
C SER E 103 4.24 38.46 17.93
N VAL E 104 5.35 38.03 18.52
CA VAL E 104 6.04 38.78 19.56
C VAL E 104 7.53 38.75 19.24
N ASP E 105 8.24 39.77 19.70
CA ASP E 105 9.69 39.72 19.55
C ASP E 105 10.30 39.11 20.81
N THR E 106 10.92 37.97 20.62
CA THR E 106 11.65 37.26 21.64
C THR E 106 13.15 37.41 21.44
N GLY E 107 13.68 37.08 20.26
CA GLY E 107 15.14 37.11 20.08
C GLY E 107 15.77 38.38 20.62
N SER E 108 15.02 39.47 20.56
CA SER E 108 15.46 40.72 21.16
C SER E 108 15.76 40.56 22.65
N TRP E 109 14.78 40.06 23.41
CA TRP E 109 14.92 39.96 24.85
C TRP E 109 16.03 39.01 25.25
N PHE E 110 16.14 37.88 24.57
CA PHE E 110 17.21 36.96 24.97
C PHE E 110 18.57 37.53 24.65
N ARG E 111 18.69 38.44 23.66
CA ARG E 111 20.01 39.02 23.45
C ARG E 111 20.33 40.12 24.47
N LYS E 112 19.37 41.00 24.76
CA LYS E 112 19.50 41.95 25.86
C LYS E 112 19.93 41.27 27.14
N THR E 113 19.13 40.27 27.54
CA THR E 113 19.27 39.57 28.81
C THR E 113 20.51 38.70 28.85
N GLY E 114 20.95 38.21 27.68
CA GLY E 114 22.19 37.47 27.61
C GLY E 114 23.35 38.36 27.98
N LEU E 115 23.45 39.50 27.33
CA LEU E 115 24.51 40.44 27.72
C LEU E 115 24.44 40.79 29.21
N GLN E 116 23.23 40.99 29.75
CA GLN E 116 23.13 41.37 31.17
C GLN E 116 23.78 40.33 32.06
N ILE E 117 23.34 39.07 31.92
CA ILE E 117 23.81 37.99 32.80
C ILE E 117 25.13 37.42 32.38
N GLU E 118 25.72 37.92 31.31
CA GLU E 118 26.96 37.40 30.71
C GLU E 118 26.88 35.87 30.60
N ALA E 119 25.97 35.43 29.72
CA ALA E 119 25.70 34.02 29.59
C ALA E 119 26.48 33.48 28.41
N TRP E 120 27.69 33.00 28.70
CA TRP E 120 28.58 32.28 27.81
C TRP E 120 29.63 31.61 28.68
N CYS E 121 30.34 30.65 28.12
CA CYS E 121 31.38 30.00 28.89
C CYS E 121 32.57 30.94 29.00
N HIS E 122 32.94 31.29 30.22
CA HIS E 122 34.01 32.24 30.48
C HIS E 122 35.36 31.54 30.57
N SER E 123 36.22 31.81 29.60
CA SER E 123 37.58 31.27 29.55
C SER E 123 38.48 32.39 29.09
N ASP E 124 39.50 32.70 29.88
CA ASP E 124 40.51 33.66 29.44
C ASP E 124 41.31 33.08 28.28
N ASP E 125 41.49 33.85 27.21
CA ASP E 125 42.28 33.35 26.07
C ASP E 125 43.35 34.35 25.54
N LYS E 126 44.64 34.26 25.93
CA LYS E 126 45.20 33.63 27.16
C LYS E 126 45.21 32.10 27.53
N ALA E 127 46.28 31.39 27.12
CA ALA E 127 46.65 30.11 27.73
C ALA E 127 45.76 28.90 27.47
N PHE E 128 45.82 28.44 26.23
CA PHE E 128 45.27 27.21 25.67
C PHE E 128 46.19 26.89 24.49
N ASP E 129 45.76 26.02 23.60
CA ASP E 129 46.65 25.51 22.56
C ASP E 129 45.86 25.22 21.30
N PRO E 130 46.54 24.90 20.20
CA PRO E 130 45.87 24.31 19.03
C PRO E 130 45.76 22.78 19.01
N THR E 131 44.59 22.30 18.57
CA THR E 131 44.36 20.95 18.03
C THR E 131 44.90 19.80 18.89
N ALA E 132 45.06 19.98 20.21
CA ALA E 132 45.60 18.91 21.03
C ALA E 132 44.48 18.04 21.60
N ASP E 133 44.84 17.15 22.53
CA ASP E 133 43.85 16.32 23.22
C ASP E 133 42.78 17.20 23.85
N GLU E 134 41.53 16.91 23.54
CA GLU E 134 40.43 17.79 23.92
C GLU E 134 40.16 17.67 25.41
N MET E 135 39.10 18.33 25.84
CA MET E 135 38.75 18.34 27.24
C MET E 135 38.45 16.92 27.70
N ARG E 136 38.99 16.59 28.85
CA ARG E 136 38.59 15.36 29.51
C ARG E 136 37.35 15.71 30.33
N MET E 137 36.21 15.14 29.95
CA MET E 137 34.92 15.47 30.55
C MET E 137 33.97 14.31 30.35
N ASP E 138 32.92 14.25 31.17
CA ASP E 138 32.10 13.07 31.37
C ASP E 138 30.73 13.17 30.71
N ASN E 139 30.17 11.98 30.44
CA ASN E 139 28.88 11.85 29.76
C ASN E 139 27.73 12.34 30.64
N ASP E 140 27.82 12.17 31.97
CA ASP E 140 26.72 12.57 32.85
C ASP E 140 26.75 14.07 33.13
N LEU E 141 27.95 14.64 33.21
CA LEU E 141 28.12 16.09 33.17
C LEU E 141 27.41 16.64 31.94
N ALA E 142 27.89 16.23 30.75
CA ALA E 142 27.28 16.64 29.49
C ALA E 142 25.80 16.27 29.42
N ASN E 143 25.34 15.33 30.22
CA ASN E 143 23.91 15.04 30.21
C ASN E 143 23.14 16.06 31.02
N GLU E 144 23.63 16.48 32.20
CA GLU E 144 22.85 17.47 32.92
C GLU E 144 23.05 18.86 32.34
N ILE E 145 24.29 19.17 31.99
CA ILE E 145 24.58 20.38 31.24
C ILE E 145 23.70 20.43 30.00
N PHE E 146 23.62 19.33 29.26
CA PHE E 146 22.74 19.32 28.11
C PHE E 146 21.30 19.42 28.58
N GLU E 147 21.00 18.93 29.78
CA GLU E 147 19.65 19.01 30.29
C GLU E 147 19.19 20.45 30.38
N LEU E 148 20.09 21.35 30.74
CA LEU E 148 19.67 22.74 30.69
C LEU E 148 19.85 23.38 29.31
N ASP E 149 20.99 23.16 28.64
CA ASP E 149 21.24 23.75 27.32
C ASP E 149 20.21 23.30 26.29
N ARG E 150 19.37 22.34 26.64
CA ARG E 150 18.40 21.80 25.71
C ARG E 150 17.21 22.73 25.48
N CYS E 151 17.07 23.80 26.28
CA CYS E 151 15.95 24.70 26.04
C CYS E 151 16.01 25.29 24.64
N ILE E 152 14.82 25.50 24.06
CA ILE E 152 14.67 26.05 22.71
C ILE E 152 14.40 27.54 22.70
N GLU E 153 14.38 28.17 23.86
CA GLU E 153 14.34 29.64 24.01
C GLU E 153 13.05 30.20 23.42
N CYS E 154 11.96 29.53 23.75
CA CYS E 154 10.65 29.82 23.19
C CYS E 154 10.05 31.07 23.81
N GLY E 155 10.27 31.25 25.09
CA GLY E 155 9.70 32.38 25.78
C GLY E 155 8.49 32.06 26.60
N CYS E 156 8.22 30.79 26.90
CA CYS E 156 6.98 30.50 27.62
C CYS E 156 7.09 30.84 29.11
N CYS E 157 8.16 30.41 29.77
CA CYS E 157 8.20 30.59 31.21
C CYS E 157 8.26 32.06 31.64
N VAL E 158 8.71 32.98 30.81
CA VAL E 158 8.55 34.37 31.21
C VAL E 158 7.09 34.74 31.12
N ALA E 159 6.50 34.50 29.97
CA ALA E 159 5.13 34.90 29.76
C ALA E 159 4.17 34.24 30.73
N ALA E 160 4.56 33.19 31.42
CA ALA E 160 3.59 32.63 32.32
C ALA E 160 3.78 33.12 33.76
N CYS E 161 4.80 33.91 34.01
CA CYS E 161 5.20 34.19 35.38
C CYS E 161 4.53 35.45 35.89
N GLY E 162 3.70 35.31 36.91
CA GLY E 162 3.11 36.48 37.54
C GLY E 162 4.12 37.53 37.91
N THR E 163 5.29 37.11 38.41
CA THR E 163 6.34 38.08 38.75
C THR E 163 6.82 38.82 37.52
N ALA E 164 7.27 38.09 36.50
CA ALA E 164 7.80 38.76 35.31
C ALA E 164 6.78 39.70 34.73
N ARG E 165 5.59 39.19 34.43
CA ARG E 165 4.58 40.03 33.79
C ARG E 165 4.24 41.23 34.66
N MET E 166 4.39 41.09 35.99
CA MET E 166 4.06 42.21 36.86
C MET E 166 5.17 43.22 36.88
N ARG E 167 6.39 42.76 37.01
CA ARG E 167 7.54 43.66 37.04
C ARG E 167 8.42 43.33 35.84
N THR E 168 8.34 44.18 34.84
CA THR E 168 9.00 43.91 33.59
C THR E 168 10.51 43.88 33.73
N ASP E 169 11.08 44.48 34.77
CA ASP E 169 12.52 44.37 34.88
C ASP E 169 12.99 42.97 35.31
N PHE E 170 12.09 42.12 35.79
CA PHE E 170 12.48 40.79 36.24
C PHE E 170 13.04 39.97 35.07
N LEU E 171 14.19 39.31 35.28
CA LEU E 171 14.80 38.66 34.13
C LEU E 171 14.50 37.17 34.01
N GLY E 172 13.72 36.60 34.90
CA GLY E 172 13.11 35.40 34.38
C GLY E 172 13.74 34.08 34.77
N ALA E 173 12.87 33.07 34.91
CA ALA E 173 13.30 31.71 35.17
C ALA E 173 14.36 31.28 34.16
N VAL E 174 14.14 31.64 32.91
CA VAL E 174 15.09 31.34 31.84
C VAL E 174 16.50 31.75 32.22
N SER E 175 16.65 32.98 32.67
CA SER E 175 17.99 33.47 32.92
C SER E 175 18.59 32.84 34.16
N ILE E 176 17.79 32.64 35.22
CA ILE E 176 18.34 31.96 36.41
C ILE E 176 18.94 30.63 36.03
N MET E 177 18.15 29.82 35.32
CA MET E 177 18.58 28.50 34.93
C MET E 177 19.75 28.55 33.97
N ARG E 178 19.84 29.62 33.17
CA ARG E 178 21.02 29.78 32.35
C ARG E 178 22.24 29.98 33.24
N VAL E 179 22.09 30.72 34.35
CA VAL E 179 23.18 30.86 35.31
C VAL E 179 23.55 29.52 35.92
N ALA E 180 22.56 28.65 36.12
CA ALA E 180 22.89 27.28 36.51
C ALA E 180 23.70 26.59 35.42
N ARG E 181 23.22 26.70 34.17
CA ARG E 181 23.84 26.00 33.03
C ARG E 181 25.28 26.43 32.77
N PHE E 182 25.65 27.67 33.14
CA PHE E 182 27.07 28.01 33.11
C PHE E 182 27.75 27.86 34.46
N TYR E 183 27.01 27.66 35.55
CA TYR E 183 27.64 27.55 36.86
C TYR E 183 28.37 26.22 36.99
N LEU E 184 27.62 25.11 36.94
CA LEU E 184 28.08 23.72 37.02
C LEU E 184 28.82 23.24 35.77
N ASP E 185 28.91 24.06 34.70
CA ASP E 185 29.72 23.70 33.53
C ASP E 185 31.18 24.02 33.84
N PRO E 186 32.09 23.06 33.67
CA PRO E 186 33.50 23.36 33.94
C PRO E 186 34.13 24.30 32.95
N ARG E 187 33.79 24.17 31.66
CA ARG E 187 34.44 25.03 30.67
C ARG E 187 34.23 26.51 30.95
N ASP E 188 33.19 26.88 31.71
CA ASP E 188 32.93 28.27 32.08
C ASP E 188 33.57 28.53 33.45
N LYS E 189 34.63 29.35 33.47
CA LYS E 189 35.39 29.62 34.68
C LYS E 189 34.80 30.87 35.33
N ARG E 190 34.07 30.67 36.41
CA ARG E 190 33.55 31.82 37.12
C ARG E 190 33.52 31.45 38.59
N SER E 191 33.63 32.48 39.43
CA SER E 191 33.49 32.28 40.86
C SER E 191 32.01 32.17 41.20
N GLU E 192 31.73 31.85 42.46
CA GLU E 192 30.35 31.96 42.90
C GLU E 192 29.93 33.42 42.91
N ASP E 193 30.89 34.33 43.15
CA ASP E 193 30.55 35.74 43.29
C ASP E 193 30.27 36.40 41.94
N ASP E 194 30.87 35.93 40.83
CA ASP E 194 30.48 36.47 39.53
C ASP E 194 29.00 36.22 39.30
N TYR E 195 28.58 35.00 39.60
CA TYR E 195 27.17 34.65 39.51
C TYR E 195 26.31 35.45 40.47
N TYR E 196 26.79 35.71 41.69
CA TYR E 196 25.98 36.54 42.56
C TYR E 196 25.87 37.96 42.03
N ASP E 197 26.95 38.53 41.51
CA ASP E 197 26.86 39.89 40.97
C ASP E 197 25.92 39.93 39.79
N VAL E 198 25.74 38.80 39.13
CA VAL E 198 24.84 38.74 37.99
C VAL E 198 23.41 38.63 38.50
N ILE E 199 23.09 37.47 39.09
CA ILE E 199 21.73 37.18 39.53
C ILE E 199 21.51 37.37 41.02
N GLY E 200 22.54 37.72 41.77
CA GLY E 200 22.35 37.91 43.19
C GLY E 200 21.77 39.25 43.56
N ASN E 201 22.00 40.29 42.76
CA ASN E 201 21.56 41.66 43.14
C ASN E 201 20.07 41.85 43.06
N ASP E 202 19.39 40.70 43.10
CA ASP E 202 17.96 40.54 42.98
C ASP E 202 17.57 40.93 41.57
N GLN E 203 16.28 41.19 41.34
CA GLN E 203 15.70 41.23 40.00
C GLN E 203 15.97 39.95 39.20
N GLY E 204 16.90 39.09 39.62
CA GLY E 204 16.74 37.73 39.16
C GLY E 204 16.24 36.68 40.14
N VAL E 205 17.08 36.23 41.05
CA VAL E 205 16.67 35.04 41.79
C VAL E 205 15.84 35.40 43.02
N PHE E 206 16.19 36.43 43.77
CA PHE E 206 15.40 36.75 44.95
C PHE E 206 14.17 37.53 44.58
N GLY E 207 13.95 37.77 43.29
CA GLY E 207 12.73 38.39 42.85
C GLY E 207 11.66 37.36 42.61
N CYS E 208 12.09 36.11 42.36
CA CYS E 208 11.18 35.03 42.08
C CYS E 208 10.34 34.77 43.31
N MET E 209 9.01 34.79 43.13
CA MET E 209 8.08 34.59 44.23
C MET E 209 7.65 33.13 44.42
N GLY E 210 8.10 32.23 43.55
CA GLY E 210 7.72 30.84 43.71
C GLY E 210 6.32 30.55 43.26
N LEU E 211 5.89 31.11 42.12
CA LEU E 211 4.59 30.78 41.57
C LEU E 211 4.61 29.45 40.84
N LEU E 212 5.79 29.01 40.39
CA LEU E 212 6.05 27.74 39.70
C LEU E 212 5.35 27.61 38.34
N ALA E 213 4.95 28.71 37.71
CA ALA E 213 4.38 28.56 36.39
C ALA E 213 5.43 28.12 35.40
N CYS E 214 6.68 28.42 35.73
CA CYS E 214 7.83 28.00 34.96
C CYS E 214 7.69 26.52 34.72
N GLU E 215 7.85 25.75 35.80
CA GLU E 215 7.83 24.30 35.68
C GLU E 215 6.62 23.79 34.89
N ASP E 216 5.45 24.35 35.12
CA ASP E 216 4.26 23.68 34.66
C ASP E 216 3.85 24.00 33.22
N VAL E 217 4.33 25.08 32.59
CA VAL E 217 3.93 25.27 31.19
C VAL E 217 4.97 24.94 30.14
N CYS E 218 6.22 24.63 30.51
CA CYS E 218 7.30 24.57 29.52
C CYS E 218 7.18 23.41 28.56
N PRO E 219 7.15 23.64 27.25
CA PRO E 219 6.97 22.52 26.33
C PRO E 219 8.13 21.54 26.29
N LYS E 220 9.39 21.99 26.38
CA LYS E 220 10.49 21.04 26.28
C LYS E 220 10.89 20.44 27.61
N GLY E 221 10.21 20.82 28.70
CA GLY E 221 10.36 20.17 29.99
C GLY E 221 11.68 20.29 30.70
N ILE E 222 12.14 21.52 30.88
CA ILE E 222 13.39 21.79 31.58
C ILE E 222 13.16 21.51 33.06
N PRO E 223 14.23 21.31 33.82
CA PRO E 223 14.05 21.07 35.26
C PRO E 223 14.09 22.40 36.00
N LEU E 224 13.10 23.26 35.80
CA LEU E 224 13.19 24.59 36.37
C LEU E 224 13.13 24.58 37.89
N GLN E 225 12.24 23.76 38.48
CA GLN E 225 11.93 23.92 39.89
C GLN E 225 13.13 23.68 40.77
N ASP E 226 13.79 22.53 40.62
CA ASP E 226 14.93 22.20 41.49
C ASP E 226 16.25 22.85 41.08
N GLN E 227 16.40 23.27 39.83
CA GLN E 227 17.58 24.03 39.45
C GLN E 227 17.51 25.45 39.99
N LEU E 228 16.38 26.12 39.80
CA LEU E 228 16.17 27.39 40.49
C LEU E 228 16.30 27.23 41.99
N GLY E 229 15.75 26.15 42.55
CA GLY E 229 15.81 25.96 43.99
C GLY E 229 17.24 25.90 44.50
N ILE E 230 18.09 25.12 43.83
CA ILE E 230 19.49 25.08 44.24
C ILE E 230 20.20 26.41 43.94
N MET E 231 19.71 27.19 42.97
CA MET E 231 20.34 28.47 42.67
C MET E 231 20.03 29.52 43.73
N ARG E 232 18.77 29.57 44.19
CA ARG E 232 18.36 30.50 45.25
C ARG E 232 18.88 30.04 46.60
N ARG E 233 19.03 28.73 46.78
CA ARG E 233 19.70 28.24 47.98
C ARG E 233 21.13 28.71 47.98
N MET E 234 21.85 28.39 46.90
CA MET E 234 23.28 28.67 46.82
C MET E 234 23.56 30.17 46.93
N MET E 235 22.75 31.00 46.29
CA MET E 235 23.00 32.43 46.34
C MET E 235 22.48 33.05 47.64
N ALA E 236 21.32 32.63 48.12
CA ALA E 236 20.89 33.13 49.43
C ALA E 236 21.95 32.81 50.46
N MET E 237 22.72 31.75 50.21
CA MET E 237 23.82 31.33 51.04
C MET E 237 24.98 32.31 50.98
N HIS E 238 24.88 33.37 50.19
CA HIS E 238 25.83 34.46 50.32
C HIS E 238 25.32 35.35 51.44
N SER E 239 26.02 35.24 52.56
CA SER E 239 25.71 35.80 53.87
C SER E 239 26.78 35.26 54.81
N VAL E 240 26.97 35.97 55.94
CA VAL E 240 27.91 35.60 57.01
C VAL E 240 27.34 36.03 58.37
N MET F 1 30.48 61.72 48.95
CA MET F 1 31.62 60.99 48.45
C MET F 1 31.15 59.85 47.53
N ASN F 2 30.36 58.92 48.08
CA ASN F 2 29.63 57.95 47.26
C ASN F 2 28.13 58.25 47.14
N ALA F 3 27.67 59.43 47.57
CA ALA F 3 26.24 59.81 47.52
C ALA F 3 25.70 59.85 46.09
N SER F 4 26.55 59.61 45.09
CA SER F 4 26.21 59.54 43.67
C SER F 4 25.66 58.18 43.24
N THR F 5 25.95 57.85 41.97
CA THR F 5 25.46 56.66 41.29
C THR F 5 26.44 55.48 41.35
N ILE F 6 27.53 55.57 40.58
CA ILE F 6 28.61 54.60 40.52
C ILE F 6 28.06 53.16 40.47
N THR F 7 28.67 52.23 41.21
CA THR F 7 28.29 50.83 41.18
C THR F 7 28.17 50.32 42.62
N LEU F 8 26.95 49.93 43.00
CA LEU F 8 26.62 49.21 44.23
C LEU F 8 27.23 49.86 45.47
N HIS F 9 27.73 49.06 46.44
CA HIS F 9 28.01 49.65 47.76
C HIS F 9 29.48 49.67 48.20
N VAL F 10 30.02 48.55 48.67
CA VAL F 10 31.43 48.44 49.04
C VAL F 10 32.19 48.26 47.72
N PRO F 11 33.53 48.51 47.62
CA PRO F 11 34.11 48.71 46.29
C PRO F 11 34.20 47.48 45.37
N GLN F 12 33.15 46.63 45.35
CA GLN F 12 32.90 45.68 44.27
C GLN F 12 31.42 45.64 43.85
N ARG F 13 30.55 45.10 44.71
CA ARG F 13 29.10 44.93 44.52
C ARG F 13 28.45 45.05 45.89
N SER F 14 27.17 44.68 46.01
CA SER F 14 26.56 44.70 47.33
C SER F 14 25.71 43.48 47.57
N LYS F 15 25.89 42.88 48.75
CA LYS F 15 25.31 41.60 49.13
C LYS F 15 24.00 41.71 49.89
N ILE F 16 23.51 42.93 50.13
CA ILE F 16 22.27 43.14 50.85
C ILE F 16 21.10 42.37 50.24
N ALA F 17 21.18 42.02 48.95
CA ALA F 17 20.04 41.45 48.24
C ALA F 17 19.70 40.05 48.74
N GLY F 18 20.69 39.16 48.82
CA GLY F 18 20.43 37.80 49.27
C GLY F 18 20.12 37.65 50.74
N ARG F 19 20.93 38.27 51.59
CA ARG F 19 20.68 38.22 53.03
C ARG F 19 19.24 38.57 53.36
N MET F 20 18.72 39.63 52.77
CA MET F 20 17.42 40.09 53.22
C MET F 20 16.33 39.12 52.81
N ASP F 21 16.44 38.56 51.60
CA ASP F 21 15.53 37.50 51.22
C ASP F 21 15.62 36.34 52.21
N PHE F 22 16.87 35.99 52.59
CA PHE F 22 17.15 34.98 53.61
C PHE F 22 16.35 35.27 54.89
N PHE F 23 16.25 36.53 55.26
CA PHE F 23 15.56 36.85 56.51
C PHE F 23 14.06 36.87 56.33
N GLN F 24 13.58 37.19 55.13
CA GLN F 24 12.16 36.95 54.87
C GLN F 24 11.84 35.49 55.16
N MET F 25 12.71 34.59 54.74
CA MET F 25 12.50 33.15 54.99
C MET F 25 12.67 32.78 56.46
N VAL F 26 13.61 33.41 57.19
CA VAL F 26 13.74 33.02 58.58
C VAL F 26 12.54 33.51 59.37
N SER F 27 11.90 34.61 58.96
CA SER F 27 10.65 35.00 59.63
C SER F 27 9.49 34.09 59.25
N GLY F 28 9.46 33.57 58.02
CA GLY F 28 8.41 32.61 57.66
C GLY F 28 8.57 31.25 58.33
N ALA F 29 9.80 30.78 58.46
CA ALA F 29 10.07 29.52 59.15
C ALA F 29 9.84 29.70 60.64
N LEU F 30 10.45 30.71 61.25
CA LEU F 30 10.29 30.91 62.68
C LEU F 30 8.86 31.28 63.05
N LEU F 31 8.16 32.01 62.20
CA LEU F 31 6.77 32.32 62.48
C LEU F 31 5.90 31.09 62.24
N ILE F 32 6.27 30.23 61.29
CA ILE F 32 5.54 28.97 61.11
C ILE F 32 5.74 28.06 62.34
N LEU F 33 6.98 28.00 62.85
CA LEU F 33 7.32 27.20 64.03
C LEU F 33 6.58 27.71 65.27
N PHE F 34 6.54 29.04 65.45
CA PHE F 34 5.69 29.62 66.49
C PHE F 34 4.23 29.23 66.30
N LEU F 35 3.65 29.52 65.14
CA LEU F 35 2.22 29.30 65.00
C LEU F 35 1.89 27.86 65.32
N TRP F 36 2.82 26.96 64.99
CA TRP F 36 2.75 25.56 65.39
C TRP F 36 2.68 25.41 66.91
N ALA F 37 3.66 25.94 67.63
CA ALA F 37 3.63 25.91 69.09
C ALA F 37 2.30 26.42 69.64
N HIS F 38 1.70 27.41 68.96
CA HIS F 38 0.41 27.95 69.38
C HIS F 38 -0.71 26.93 69.17
N MET F 39 -0.73 26.28 68.02
CA MET F 39 -1.76 25.29 67.74
C MET F 39 -1.40 23.92 68.30
N MET F 40 -0.36 23.92 69.13
CA MET F 40 -0.09 22.83 70.08
C MET F 40 -0.72 23.23 71.41
N LEU F 41 -0.16 24.27 72.05
CA LEU F 41 -0.62 24.70 73.38
C LEU F 41 -2.11 25.05 73.42
N VAL F 42 -2.53 26.10 72.70
CA VAL F 42 -3.91 26.56 72.84
C VAL F 42 -4.85 25.81 71.91
N SER F 43 -4.31 25.03 71.00
CA SER F 43 -5.09 24.06 70.27
C SER F 43 -5.14 22.75 71.02
N SER F 44 -4.66 22.73 72.25
CA SER F 44 -4.78 21.50 73.01
C SER F 44 -6.17 21.40 73.59
N VAL F 45 -7.01 22.38 73.33
CA VAL F 45 -8.37 22.32 73.81
C VAL F 45 -9.35 22.71 72.72
N ILE F 46 -10.17 21.79 72.20
CA ILE F 46 -10.07 20.30 72.04
C ILE F 46 -10.14 19.27 73.16
N LEU F 47 -9.51 19.45 74.32
CA LEU F 47 -9.67 18.33 75.25
C LEU F 47 -10.56 18.77 76.39
N SER F 48 -10.15 19.76 77.14
CA SER F 48 -11.01 20.26 78.19
C SER F 48 -10.39 21.51 78.78
N PRO F 49 -11.13 22.36 79.37
CA PRO F 49 -10.46 23.52 80.00
C PRO F 49 -9.50 23.12 81.12
N SER F 50 -8.41 22.43 80.77
CA SER F 50 -7.45 22.12 81.82
C SER F 50 -5.98 22.35 81.50
N LEU F 51 -5.48 21.64 80.47
CA LEU F 51 -4.05 21.60 80.21
C LEU F 51 -3.49 22.95 79.77
N MET F 52 -4.26 23.75 79.04
CA MET F 52 -3.78 25.07 78.67
C MET F 52 -3.46 25.89 79.90
N ASN F 53 -4.32 25.79 80.93
CA ASN F 53 -4.02 26.43 82.20
C ASN F 53 -2.77 25.87 82.83
N GLY F 54 -2.57 24.55 82.72
CA GLY F 54 -1.41 23.91 83.33
C GLY F 54 -0.03 24.14 82.72
N ILE F 55 0.15 23.87 81.42
CA ILE F 55 1.44 24.17 80.82
C ILE F 55 1.59 25.67 80.73
N ALA F 56 0.47 26.39 80.67
CA ALA F 56 0.47 27.84 80.67
C ALA F 56 0.55 28.44 82.08
N TRP F 57 0.67 27.62 83.13
CA TRP F 57 0.94 28.14 84.48
C TRP F 57 2.43 28.36 84.74
N PHE F 58 3.26 27.34 84.52
CA PHE F 58 4.69 27.52 84.74
C PHE F 58 5.35 28.23 83.55
N PHE F 59 4.66 28.33 82.42
CA PHE F 59 5.01 29.27 81.35
C PHE F 59 3.91 30.32 81.32
N GLU F 60 4.16 31.58 81.70
CA GLU F 60 5.38 32.14 82.25
C GLU F 60 5.85 31.44 83.53
N ALA F 61 7.17 31.33 83.77
CA ALA F 61 8.21 31.97 82.98
C ALA F 61 9.27 31.04 82.39
N THR F 62 10.01 31.56 81.41
CA THR F 62 11.09 30.85 80.68
C THR F 62 10.62 29.59 79.96
N TYR F 63 9.90 29.72 78.82
CA TYR F 63 9.69 30.98 78.09
C TYR F 63 8.55 31.83 78.69
N MET F 64 8.14 32.89 78.01
CA MET F 64 7.14 33.79 78.58
C MET F 64 6.20 34.32 77.50
N ALA F 65 5.08 34.89 77.97
CA ALA F 65 4.18 35.61 77.06
C ALA F 65 4.64 37.04 76.83
N GLN F 66 5.11 37.74 77.87
CA GLN F 66 5.59 39.11 77.72
C GLN F 66 7.06 39.22 77.30
N ILE F 67 7.86 38.16 77.38
CA ILE F 67 9.19 38.19 76.75
C ILE F 67 9.19 37.57 75.36
N GLY F 68 8.14 36.85 75.00
CA GLY F 68 7.96 36.27 73.69
C GLY F 68 6.92 37.11 72.97
N GLY F 69 6.29 38.02 73.70
CA GLY F 69 5.32 38.91 73.12
C GLY F 69 5.97 39.93 72.21
N PRO F 70 6.97 40.67 72.71
CA PRO F 70 7.80 41.48 71.81
C PRO F 70 8.59 40.64 70.82
N ALA F 71 8.88 39.37 71.14
CA ALA F 71 9.55 38.50 70.19
C ALA F 71 8.70 38.30 68.94
N VAL F 72 7.47 37.80 69.11
CA VAL F 72 6.59 37.60 67.96
C VAL F 72 6.02 38.91 67.45
N PHE F 73 6.05 39.96 68.25
CA PHE F 73 5.61 41.25 67.72
C PHE F 73 6.64 41.87 66.80
N VAL F 74 7.84 42.14 67.31
CA VAL F 74 8.86 42.76 66.48
C VAL F 74 9.21 41.85 65.30
N LEU F 75 9.29 40.53 65.53
CA LEU F 75 9.60 39.62 64.43
C LEU F 75 8.44 39.54 63.44
N MET F 76 7.19 39.59 63.94
CA MET F 76 6.03 39.50 63.06
C MET F 76 5.86 40.76 62.22
N VAL F 77 6.06 41.94 62.83
CA VAL F 77 5.93 43.17 62.07
C VAL F 77 7.04 43.25 61.04
N VAL F 78 8.24 42.81 61.42
CA VAL F 78 9.35 42.76 60.47
C VAL F 78 9.04 41.84 59.31
N HIS F 79 8.42 40.69 59.56
CA HIS F 79 7.89 39.90 58.45
C HIS F 79 7.00 40.78 57.55
N PHE F 80 6.06 41.51 58.14
CA PHE F 80 5.21 42.35 57.31
C PHE F 80 6.01 43.30 56.44
N ILE F 81 7.02 43.94 57.02
CA ILE F 81 7.86 44.89 56.28
C ILE F 81 8.58 44.18 55.14
N LEU F 82 9.08 42.98 55.40
CA LEU F 82 9.85 42.27 54.40
C LEU F 82 8.97 41.82 53.25
N ALA F 83 7.73 41.45 53.56
CA ALA F 83 6.85 40.92 52.53
C ALA F 83 6.24 42.04 51.71
N ALA F 84 5.94 43.15 52.37
CA ALA F 84 5.38 44.29 51.66
C ALA F 84 6.26 44.74 50.49
N ARG F 85 7.55 44.38 50.47
CA ARG F 85 8.36 44.73 49.31
C ARG F 85 7.64 44.30 48.06
N LYS F 86 7.26 43.03 48.03
CA LYS F 86 6.66 42.43 46.85
C LYS F 86 5.15 42.46 46.87
N MET F 87 4.54 43.09 47.87
CA MET F 87 3.09 43.05 47.94
C MET F 87 2.51 43.99 46.88
N PRO F 88 1.60 43.47 46.06
CA PRO F 88 1.10 44.24 44.92
C PRO F 88 0.23 45.42 45.35
N PHE F 89 0.84 46.46 45.90
CA PHE F 89 0.04 47.63 46.25
C PHE F 89 -0.22 48.49 45.05
N LYS F 90 0.77 48.65 44.17
CA LYS F 90 0.61 49.46 42.97
C LYS F 90 -0.49 48.87 42.10
N GLN F 91 -1.41 49.74 41.64
CA GLN F 91 -2.58 49.28 40.91
C GLN F 91 -2.21 48.48 39.66
N ASP F 92 -1.03 48.70 39.11
CA ASP F 92 -0.71 47.94 37.93
C ASP F 92 -0.28 46.55 38.33
N GLU F 93 0.41 46.41 39.45
CA GLU F 93 0.79 45.07 39.88
C GLU F 93 -0.43 44.21 40.19
N TRP F 94 -1.42 44.79 40.87
CA TRP F 94 -2.67 44.08 41.07
C TRP F 94 -3.33 43.79 39.73
N LYS F 95 -3.68 44.84 38.99
CA LYS F 95 -4.47 44.64 37.78
C LYS F 95 -3.86 43.56 36.89
N THR F 96 -2.55 43.65 36.62
CA THR F 96 -1.93 42.61 35.80
C THR F 96 -2.07 41.26 36.50
N PHE F 97 -1.63 41.17 37.75
CA PHE F 97 -1.65 39.86 38.39
C PHE F 97 -3.04 39.26 38.41
N ARG F 98 -4.06 40.10 38.38
CA ARG F 98 -5.41 39.60 38.34
C ARG F 98 -5.75 39.12 36.94
N VAL F 99 -5.45 39.92 35.93
CA VAL F 99 -5.72 39.47 34.57
C VAL F 99 -5.00 38.17 34.29
N HIS F 100 -3.71 38.16 34.58
CA HIS F 100 -2.86 37.00 34.34
C HIS F 100 -3.37 35.80 35.13
N ALA F 101 -3.85 36.04 36.35
CA ALA F 101 -4.31 34.95 37.21
C ALA F 101 -5.62 34.35 36.74
N CYS F 102 -6.49 35.13 36.10
CA CYS F 102 -7.66 34.50 35.53
C CYS F 102 -7.34 33.85 34.19
N MET F 103 -6.33 34.34 33.49
CA MET F 103 -6.04 33.75 32.20
C MET F 103 -5.23 32.45 32.30
N LEU F 104 -4.34 32.33 33.27
CA LEU F 104 -3.40 31.20 33.25
C LEU F 104 -4.05 29.90 33.68
N HIS F 105 -5.10 29.97 34.49
CA HIS F 105 -5.68 28.82 35.20
C HIS F 105 -4.65 28.14 36.08
N HIS F 106 -3.56 28.81 36.43
CA HIS F 106 -2.52 28.17 37.20
C HIS F 106 -2.74 28.43 38.67
N LYS F 107 -2.49 27.40 39.48
CA LYS F 107 -3.02 27.36 40.83
C LYS F 107 -2.19 28.18 41.83
N ASP F 108 -0.91 27.81 42.02
CA ASP F 108 -0.03 28.51 42.96
C ASP F 108 0.14 29.99 42.65
N THR F 109 0.13 30.35 41.36
CA THR F 109 -0.03 31.74 40.97
C THR F 109 -1.20 32.40 41.70
N THR F 110 -2.37 31.73 41.71
CA THR F 110 -3.56 32.25 42.38
C THR F 110 -3.41 32.24 43.91
N MET F 111 -2.64 31.27 44.43
CA MET F 111 -2.39 31.25 45.86
C MET F 111 -1.54 32.44 46.29
N TRP F 112 -0.74 33.01 45.39
CA TRP F 112 -0.05 34.23 45.81
C TRP F 112 -1.06 35.33 46.12
N VAL F 113 -2.08 35.48 45.26
CA VAL F 113 -3.12 36.48 45.49
C VAL F 113 -3.87 36.20 46.79
N VAL F 114 -4.07 34.93 47.12
CA VAL F 114 -4.72 34.72 48.42
C VAL F 114 -3.76 35.06 49.55
N GLN F 115 -2.44 34.78 49.37
CA GLN F 115 -1.44 35.13 50.40
C GLN F 115 -1.46 36.60 50.77
N VAL F 116 -1.60 37.46 49.77
CA VAL F 116 -1.63 38.90 50.09
C VAL F 116 -2.96 39.26 50.77
N ILE F 117 -4.09 38.91 50.12
CA ILE F 117 -5.40 39.31 50.64
C ILE F 117 -5.54 38.87 52.09
N SER F 118 -5.17 37.63 52.39
CA SER F 118 -5.11 37.22 53.79
C SER F 118 -4.14 38.10 54.58
N ALA F 119 -2.96 38.38 53.99
CA ALA F 119 -1.86 39.01 54.71
C ALA F 119 -2.29 40.30 55.40
N ILE F 120 -3.14 41.08 54.75
CA ILE F 120 -3.53 42.33 55.42
C ILE F 120 -4.37 42.02 56.65
N PHE F 121 -5.29 41.07 56.51
CA PHE F 121 -6.21 40.76 57.59
C PHE F 121 -5.46 40.25 58.82
N ILE F 122 -4.47 39.37 58.61
CA ILE F 122 -3.71 38.88 59.77
C ILE F 122 -2.69 39.91 60.30
N LEU F 123 -2.36 40.94 59.51
CA LEU F 123 -1.59 42.06 60.07
C LEU F 123 -2.42 42.77 61.15
N VAL F 124 -3.61 43.23 60.74
CA VAL F 124 -4.53 43.96 61.63
C VAL F 124 -4.93 43.11 62.83
N LEU F 125 -5.71 42.05 62.54
CA LEU F 125 -6.27 41.23 63.61
C LEU F 125 -5.19 40.47 64.38
N GLY F 126 -4.12 40.04 63.72
CA GLY F 126 -3.04 39.38 64.44
C GLY F 126 -2.42 40.30 65.48
N ALA F 127 -2.22 41.58 65.11
CA ALA F 127 -1.68 42.53 66.09
C ALA F 127 -2.65 42.80 67.23
N VAL F 128 -3.97 42.94 66.94
CA VAL F 128 -4.94 43.36 67.96
C VAL F 128 -5.32 42.23 68.93
N HIS F 129 -5.47 41.00 68.42
CA HIS F 129 -5.70 39.86 69.32
C HIS F 129 -4.41 39.56 70.08
N MET F 130 -3.28 39.51 69.35
CA MET F 130 -1.98 39.36 70.00
C MET F 130 -1.83 40.36 71.14
N PHE F 131 -2.37 41.57 70.98
CA PHE F 131 -2.24 42.61 72.00
C PHE F 131 -3.23 42.40 73.14
N VAL F 132 -4.52 42.18 72.85
CA VAL F 132 -5.51 42.09 73.93
C VAL F 132 -5.25 40.89 74.84
N VAL F 133 -4.85 39.74 74.27
CA VAL F 133 -4.55 38.59 75.12
C VAL F 133 -3.09 38.52 75.53
N LEU F 134 -2.21 39.30 74.92
CA LEU F 134 -0.82 39.26 75.34
C LEU F 134 -0.57 40.12 76.57
N THR F 135 -1.46 41.05 76.88
CA THR F 135 -1.17 42.08 77.85
C THR F 135 -1.57 41.57 79.22
N ASP F 136 -0.57 41.28 80.03
CA ASP F 136 -0.76 40.81 81.41
C ASP F 136 -1.87 39.76 81.43
N LEU F 137 -2.80 39.86 82.40
CA LEU F 137 -3.94 38.95 82.59
C LEU F 137 -3.54 37.49 82.33
N PRO F 138 -2.77 36.86 83.24
CA PRO F 138 -2.35 35.47 83.02
C PRO F 138 -3.50 34.52 82.73
N ILE F 139 -3.15 33.44 82.03
CA ILE F 139 -4.09 32.60 81.28
C ILE F 139 -5.01 31.80 82.17
N THR F 140 -6.27 31.68 81.73
CA THR F 140 -7.22 30.73 82.27
C THR F 140 -7.93 30.09 81.08
N ALA F 141 -8.30 28.82 81.23
CA ALA F 141 -9.05 28.17 80.16
C ALA F 141 -10.46 28.73 80.07
N ALA F 142 -11.05 29.07 81.22
CA ALA F 142 -12.40 29.60 81.23
C ALA F 142 -12.47 30.93 80.50
N LYS F 143 -11.70 31.92 80.96
CA LYS F 143 -11.84 33.28 80.42
C LYS F 143 -11.52 33.32 78.93
N SER F 144 -10.38 32.71 78.56
CA SER F 144 -10.01 32.62 77.15
C SER F 144 -11.15 32.04 76.35
N ALA F 145 -11.85 31.08 76.93
CA ALA F 145 -13.08 30.56 76.32
C ALA F 145 -14.22 31.56 76.44
N ALA F 146 -14.56 31.96 77.67
CA ALA F 146 -15.86 32.56 77.88
C ALA F 146 -15.97 33.92 77.22
N ARG F 147 -14.86 34.66 77.12
CA ARG F 147 -14.95 35.98 76.49
C ARG F 147 -15.35 35.88 75.04
N LEU F 148 -15.19 34.72 74.42
CA LEU F 148 -15.59 34.54 73.04
C LEU F 148 -17.02 34.04 72.90
N GLN F 149 -17.77 33.95 73.99
CA GLN F 149 -19.22 33.80 73.90
C GLN F 149 -19.89 34.84 74.80
N SER F 150 -20.52 35.89 74.28
CA SER F 150 -20.57 36.16 72.87
C SER F 150 -19.08 36.32 72.64
N GLY F 151 -18.46 37.40 73.11
CA GLY F 151 -19.01 38.57 73.77
C GLY F 151 -18.94 39.66 72.69
N TRP F 152 -17.76 39.66 72.06
CA TRP F 152 -17.36 40.50 70.93
C TRP F 152 -16.74 39.63 69.84
N LEU F 153 -15.83 38.71 70.23
CA LEU F 153 -14.91 37.89 69.44
C LEU F 153 -15.59 36.69 68.74
N TYR F 154 -16.92 36.65 68.59
CA TYR F 154 -17.54 35.50 67.93
C TYR F 154 -17.07 35.35 66.49
N LEU F 155 -16.94 36.45 65.76
CA LEU F 155 -16.55 36.41 64.36
C LEU F 155 -15.07 36.25 64.20
N TYR F 156 -14.37 35.92 65.29
CA TYR F 156 -13.00 35.43 65.24
C TYR F 156 -12.85 34.29 64.22
N LEU F 157 -13.98 33.69 63.82
CA LEU F 157 -14.07 32.73 62.72
C LEU F 157 -13.46 33.23 61.41
N VAL F 158 -13.36 34.56 61.23
CA VAL F 158 -12.84 35.10 59.97
C VAL F 158 -11.31 35.08 59.92
N LEU F 159 -10.63 35.17 61.07
CA LEU F 159 -9.17 35.16 61.06
C LEU F 159 -8.59 33.79 60.70
N LEU F 160 -9.14 32.68 61.26
CA LEU F 160 -8.51 31.35 61.16
C LEU F 160 -8.35 30.81 59.74
N PRO F 161 -9.38 30.79 58.88
CA PRO F 161 -9.15 30.35 57.50
C PRO F 161 -8.13 31.18 56.73
N LEU F 162 -8.21 32.51 56.79
CA LEU F 162 -7.24 33.34 56.10
C LEU F 162 -5.82 33.06 56.58
N ALA F 163 -5.64 32.95 57.90
CA ALA F 163 -4.31 32.71 58.46
C ALA F 163 -3.74 31.37 58.00
N GLU F 164 -4.49 30.27 58.20
CA GLU F 164 -3.87 28.98 57.88
C GLU F 164 -3.73 28.80 56.37
N LEU F 165 -4.60 29.42 55.58
CA LEU F 165 -4.36 29.53 54.15
C LEU F 165 -2.98 30.13 53.90
N HIS F 166 -2.73 31.32 54.48
CA HIS F 166 -1.44 32.00 54.32
C HIS F 166 -0.28 31.10 54.71
N VAL F 167 -0.34 30.47 55.91
CA VAL F 167 0.80 29.69 56.34
C VAL F 167 0.99 28.48 55.48
N GLY F 168 -0.10 27.94 54.92
CA GLY F 168 0.02 26.75 54.10
C GLY F 168 0.76 27.09 52.83
N VAL F 169 0.21 28.05 52.11
CA VAL F 169 0.84 28.45 50.86
C VAL F 169 2.25 28.91 51.13
N GLY F 170 2.49 29.50 52.29
CA GLY F 170 3.82 30.00 52.58
C GLY F 170 4.81 28.89 52.82
N PHE F 171 4.42 27.84 53.55
CA PHE F 171 5.34 26.73 53.74
C PHE F 171 5.58 25.99 52.44
N TYR F 172 4.52 25.73 51.69
CA TYR F 172 4.74 25.15 50.38
C TYR F 172 5.72 26.04 49.65
N ARG F 173 5.48 27.35 49.72
CA ARG F 173 6.29 28.33 49.00
C ARG F 173 7.71 28.34 49.52
N ILE F 174 7.88 28.41 50.83
CA ILE F 174 9.24 28.40 51.36
C ILE F 174 9.89 27.07 51.03
N GLY F 175 9.07 26.02 50.91
CA GLY F 175 9.63 24.72 50.60
C GLY F 175 10.17 24.68 49.19
N VAL F 176 9.36 25.12 48.23
CA VAL F 176 9.86 25.20 46.87
C VAL F 176 10.85 26.34 46.93
N LYS F 177 11.55 26.58 45.83
CA LYS F 177 12.41 27.75 45.64
C LYS F 177 13.60 27.78 46.60
N TYR F 178 13.54 27.04 47.72
CA TYR F 178 14.71 26.78 48.56
C TYR F 178 15.24 25.35 48.55
N GLY F 179 14.71 24.44 47.73
CA GLY F 179 15.32 23.12 47.58
C GLY F 179 14.67 21.94 48.29
N PHE F 180 13.43 22.09 48.76
CA PHE F 180 12.67 21.06 49.46
C PHE F 180 11.73 20.26 48.57
N VAL F 181 11.93 20.26 47.26
CA VAL F 181 10.92 19.84 46.30
C VAL F 181 11.52 19.02 45.16
N GLY F 182 10.61 18.46 44.36
CA GLY F 182 10.83 17.58 43.25
C GLY F 182 11.14 18.16 41.89
N ARG F 183 10.62 17.58 40.82
CA ARG F 183 9.43 16.70 40.83
C ARG F 183 9.49 15.34 41.59
N ASN F 184 10.68 14.96 42.06
CA ASN F 184 10.81 13.83 42.96
C ASN F 184 9.72 13.93 44.02
N LYS F 185 9.88 14.86 44.94
CA LYS F 185 8.96 15.03 46.05
C LYS F 185 7.76 15.89 45.68
N ARG F 186 7.83 16.62 44.57
CA ARG F 186 6.95 17.76 44.31
C ARG F 186 5.47 17.37 44.42
N LYS F 187 5.10 16.33 43.68
CA LYS F 187 3.78 15.76 43.80
C LYS F 187 3.39 15.57 45.26
N TRP F 188 4.34 15.07 46.07
CA TRP F 188 4.05 14.81 47.47
C TRP F 188 4.00 16.07 48.30
N PHE F 189 5.00 16.95 48.16
CA PHE F 189 5.03 18.17 48.97
C PHE F 189 3.75 18.97 48.76
N GLN F 190 3.29 19.01 47.49
CA GLN F 190 2.06 19.68 47.06
C GLN F 190 0.82 18.96 47.59
N LYS F 191 0.89 17.63 47.64
CA LYS F 191 -0.23 16.86 48.18
C LYS F 191 -0.34 17.06 49.69
N THR F 192 0.74 16.81 50.41
CA THR F 192 0.77 16.83 51.87
C THR F 192 0.32 18.17 52.42
N GLU F 193 0.87 19.27 51.90
CA GLU F 193 0.62 20.55 52.54
C GLU F 193 -0.87 20.92 52.49
N ASN F 194 -1.55 20.57 51.40
CA ASN F 194 -2.98 20.83 51.28
C ASN F 194 -3.77 20.15 52.39
N LEU F 195 -3.58 18.84 52.57
CA LEU F 195 -4.30 18.12 53.61
C LEU F 195 -3.96 18.67 55.00
N MET F 196 -2.67 18.74 55.33
CA MET F 196 -2.28 19.21 56.66
C MET F 196 -2.91 20.56 56.97
N MET F 197 -3.03 21.42 55.95
CA MET F 197 -3.67 22.73 56.14
C MET F 197 -5.15 22.55 56.48
N ILE F 198 -5.87 21.71 55.71
CA ILE F 198 -7.29 21.50 56.04
C ILE F 198 -7.43 20.96 57.45
N GLY F 199 -6.41 20.24 57.91
CA GLY F 199 -6.45 19.71 59.26
C GLY F 199 -6.25 20.77 60.32
N PHE F 200 -5.34 21.71 60.08
CA PHE F 200 -5.12 22.74 61.08
C PHE F 200 -6.35 23.63 61.20
N ILE F 201 -7.03 23.90 60.09
CA ILE F 201 -8.26 24.70 60.18
C ILE F 201 -9.37 23.91 60.85
N THR F 202 -9.44 22.59 60.62
CA THR F 202 -10.51 21.81 61.25
C THR F 202 -10.28 21.61 62.77
N ILE F 203 -9.10 21.11 63.18
CA ILE F 203 -8.90 20.90 64.62
C ILE F 203 -8.86 22.25 65.32
N GLY F 204 -8.58 23.31 64.56
CA GLY F 204 -8.77 24.65 65.08
C GLY F 204 -10.25 24.95 65.26
N LEU F 205 -11.08 24.44 64.35
CA LEU F 205 -12.51 24.61 64.53
C LEU F 205 -12.98 23.90 65.80
N LEU F 206 -12.31 22.80 66.20
CA LEU F 206 -12.74 22.17 67.45
C LEU F 206 -12.20 22.93 68.67
N THR F 207 -10.98 23.49 68.58
CA THR F 207 -10.56 24.43 69.61
C THR F 207 -11.50 25.61 69.66
N LEU F 208 -12.07 25.98 68.52
CA LEU F 208 -12.88 27.17 68.41
C LEU F 208 -14.29 26.97 68.95
N VAL F 209 -15.06 26.07 68.32
CA VAL F 209 -16.43 25.88 68.76
C VAL F 209 -16.48 25.10 70.07
N ARG F 210 -15.43 24.33 70.39
CA ARG F 210 -15.35 23.76 71.74
C ARG F 210 -15.02 24.82 72.77
N PHE F 211 -14.24 25.85 72.39
CA PHE F 211 -13.99 26.98 73.29
C PHE F 211 -15.28 27.66 73.71
N MET F 212 -16.41 27.25 73.16
CA MET F 212 -17.72 27.79 73.51
C MET F 212 -18.49 26.88 74.47
N MET G 1 34.95 52.62 10.43
CA MET G 1 34.91 52.47 11.88
C MET G 1 33.75 53.24 12.47
N GLN G 2 32.65 52.53 12.65
CA GLN G 2 31.44 53.11 13.22
C GLN G 2 30.88 54.19 12.31
N ILE G 3 30.89 53.92 11.01
CA ILE G 3 30.44 54.89 10.04
C ILE G 3 28.92 54.98 10.07
N TYR G 4 28.37 56.20 10.11
CA TYR G 4 26.92 56.38 10.06
C TYR G 4 26.56 57.00 8.73
N HIS G 5 25.35 56.77 8.29
CA HIS G 5 24.88 57.46 7.10
C HIS G 5 23.66 58.30 7.41
N THR G 6 23.51 59.37 6.64
CA THR G 6 22.27 60.11 6.59
C THR G 6 22.28 60.85 5.27
N ASP G 7 21.24 61.65 5.05
CA ASP G 7 21.18 62.53 3.89
C ASP G 7 21.94 63.82 4.21
N VAL G 8 21.42 64.59 5.15
CA VAL G 8 21.92 65.92 5.48
C VAL G 8 22.61 65.82 6.82
N LEU G 9 23.92 65.96 6.86
CA LEU G 9 24.67 66.00 8.10
C LEU G 9 24.99 67.45 8.44
N CYS G 10 24.55 67.92 9.61
CA CYS G 10 24.85 69.28 10.09
C CYS G 10 25.99 69.19 11.08
N ILE G 11 27.15 69.75 10.77
CA ILE G 11 28.17 69.79 11.78
C ILE G 11 27.90 71.07 12.55
N GLY G 12 27.45 70.90 13.79
CA GLY G 12 26.90 71.95 14.62
C GLY G 12 25.38 71.94 14.68
N GLY G 13 24.94 72.08 15.92
CA GLY G 13 23.56 71.87 16.25
C GLY G 13 22.90 73.11 16.74
N ALA G 14 23.43 74.27 16.48
CA ALA G 14 22.92 75.34 17.33
C ALA G 14 21.59 75.95 16.90
N LEU G 15 21.63 76.90 15.96
CA LEU G 15 20.46 77.64 15.53
C LEU G 15 20.42 77.58 14.01
N ALA G 16 21.48 78.06 13.40
CA ALA G 16 21.67 77.81 11.98
C ALA G 16 21.53 76.32 11.71
N GLY G 17 22.39 75.55 12.38
CA GLY G 17 22.35 74.10 12.25
C GLY G 17 20.97 73.51 12.49
N GLU G 18 20.30 73.97 13.53
CA GLU G 18 19.01 73.39 13.86
C GLU G 18 17.96 73.76 12.83
N ARG G 19 17.88 75.02 12.44
CA ARG G 19 16.88 75.38 11.46
C ARG G 19 17.08 74.58 10.17
N VAL G 20 18.32 74.48 9.69
CA VAL G 20 18.56 73.71 8.48
C VAL G 20 18.21 72.22 8.70
N ALA G 21 18.51 71.69 9.88
CA ALA G 21 18.13 70.32 10.18
C ALA G 21 16.62 70.15 10.16
N VAL G 22 15.87 71.18 10.56
CA VAL G 22 14.42 71.08 10.62
C VAL G 22 13.80 71.18 9.24
N GLU G 23 14.36 71.97 8.35
CA GLU G 23 13.76 71.99 7.03
C GLU G 23 14.21 70.82 6.18
N ALA G 24 15.41 70.31 6.41
CA ALA G 24 15.77 69.05 5.77
C ALA G 24 14.80 67.95 6.21
N SER G 25 14.37 68.01 7.48
CA SER G 25 13.36 67.08 7.97
C SER G 25 11.94 67.52 7.62
N MET G 26 11.75 68.79 7.23
CA MET G 26 10.43 69.20 6.75
C MET G 26 10.17 68.58 5.38
N ALA G 27 11.19 68.55 4.53
CA ALA G 27 11.20 67.75 3.33
C ALA G 27 11.69 66.35 3.64
N GLY G 28 12.00 66.07 4.91
CA GLY G 28 12.12 64.70 5.34
C GLY G 28 13.32 63.87 4.93
N LEU G 29 14.53 64.32 5.21
CA LEU G 29 15.67 63.50 4.86
C LEU G 29 16.36 62.99 6.12
N LYS G 30 17.01 61.84 5.99
CA LYS G 30 17.78 61.29 7.10
C LYS G 30 18.83 62.32 7.45
N THR G 31 18.80 62.83 8.69
CA THR G 31 19.70 63.91 9.07
C THR G 31 20.24 63.71 10.48
N ILE G 32 21.55 63.79 10.62
CA ILE G 32 22.21 63.70 11.90
C ILE G 32 22.77 65.07 12.22
N MET G 33 22.56 65.55 13.44
CA MET G 33 23.03 66.86 13.89
C MET G 33 24.13 66.64 14.92
N LEU G 34 25.35 67.01 14.62
CA LEU G 34 26.40 66.87 15.61
C LEU G 34 26.42 68.08 16.52
N SER G 35 26.80 67.88 17.77
CA SER G 35 26.82 68.99 18.71
C SER G 35 27.96 68.83 19.69
N LEU G 36 28.49 69.99 20.09
CA LEU G 36 29.54 69.98 21.09
C LEU G 36 28.93 69.82 22.47
N VAL G 37 27.69 70.29 22.65
CA VAL G 37 26.89 70.13 23.85
C VAL G 37 25.45 70.05 23.41
N PRO G 38 24.51 69.63 24.26
CA PRO G 38 23.07 69.53 23.87
C PRO G 38 22.57 70.80 23.20
N PRO G 39 21.82 70.64 22.13
CA PRO G 39 21.46 71.81 21.33
C PRO G 39 20.74 72.91 22.08
N ARG G 40 19.95 72.57 23.10
CA ARG G 40 19.29 73.62 23.85
C ARG G 40 20.32 74.62 24.35
N ARG G 41 21.44 74.14 24.89
CA ARG G 41 22.54 74.99 25.30
C ARG G 41 23.52 75.09 24.15
N SER G 42 23.53 76.22 23.48
CA SER G 42 24.50 76.56 22.46
C SER G 42 24.82 78.00 22.73
N HIS G 43 25.52 78.67 21.83
CA HIS G 43 25.64 80.09 22.09
C HIS G 43 24.48 80.90 21.56
N SER G 44 23.77 80.40 20.56
CA SER G 44 22.59 81.11 20.11
C SER G 44 21.61 81.21 21.24
N SER G 45 21.73 80.32 22.21
CA SER G 45 20.83 80.32 23.34
C SER G 45 21.14 81.48 24.25
N ALA G 46 22.40 81.93 24.20
CA ALA G 46 22.87 83.05 25.00
C ALA G 46 22.32 84.36 24.50
N ALA G 47 21.57 84.34 23.39
CA ALA G 47 21.10 85.59 22.80
C ALA G 47 20.07 86.23 23.71
N GLN G 48 20.44 87.40 24.23
CA GLN G 48 19.60 88.24 25.04
C GLN G 48 18.99 89.40 24.28
N GLY G 49 19.54 89.75 23.13
CA GLY G 49 19.14 90.97 22.45
C GLY G 49 17.83 90.94 21.70
N GLY G 50 17.71 90.04 20.74
CA GLY G 50 16.49 89.98 19.93
C GLY G 50 16.78 89.53 18.51
N MET G 51 15.70 89.49 17.73
CA MET G 51 15.71 89.04 16.34
C MET G 51 15.09 90.14 15.49
N GLN G 52 15.85 90.66 14.54
CA GLN G 52 15.47 91.86 13.82
C GLN G 52 14.75 91.50 12.53
N ALA G 53 13.49 91.94 12.41
CA ALA G 53 12.77 91.70 11.16
C ALA G 53 11.81 92.85 10.88
N ALA G 54 11.65 93.16 9.59
CA ALA G 54 10.77 94.25 9.23
C ALA G 54 9.35 93.86 9.59
N LEU G 55 8.70 94.70 10.39
CA LEU G 55 7.37 94.38 10.91
C LEU G 55 6.33 95.41 10.49
N GLY G 56 6.43 96.65 10.96
CA GLY G 56 5.40 97.61 10.73
C GLY G 56 4.36 97.63 11.83
N ASN G 57 4.47 96.71 12.79
CA ASN G 57 3.41 96.59 13.78
C ASN G 57 3.59 97.60 14.90
N ALA G 58 4.81 97.82 15.39
CA ALA G 58 4.97 98.80 16.44
C ALA G 58 4.81 100.22 15.86
N ILE G 59 4.80 101.21 16.75
CA ILE G 59 4.66 102.62 16.31
C ILE G 59 6.00 103.25 15.93
N MET G 60 7.05 103.04 16.71
CA MET G 60 8.34 103.67 16.43
C MET G 60 8.99 103.10 15.20
N GLY G 61 8.53 101.94 14.75
CA GLY G 61 8.90 101.44 13.44
C GLY G 61 7.78 101.50 12.45
N ASP G 62 6.66 102.14 12.79
CA ASP G 62 5.47 102.05 11.96
C ASP G 62 5.82 102.54 10.56
N GLY G 63 5.55 101.69 9.58
CA GLY G 63 6.01 101.89 8.23
C GLY G 63 7.28 101.14 7.88
N ASP G 64 7.94 100.49 8.85
CA ASP G 64 9.15 99.76 8.54
C ASP G 64 8.87 98.67 7.52
N SER G 65 9.79 98.49 6.58
CA SER G 65 9.59 97.57 5.47
C SER G 65 10.89 96.86 5.13
N PRO G 66 10.82 95.79 4.35
CA PRO G 66 12.07 95.15 3.90
C PRO G 66 12.93 96.06 3.05
N ASP G 67 12.35 97.08 2.43
CA ASP G 67 13.15 98.10 1.78
C ASP G 67 14.03 98.81 2.80
N VAL G 68 13.43 99.36 3.85
CA VAL G 68 14.21 100.08 4.84
C VAL G 68 15.20 99.14 5.51
N HIS G 69 14.79 97.88 5.71
CA HIS G 69 15.70 96.92 6.34
C HIS G 69 16.95 96.72 5.47
N PHE G 70 16.76 96.41 4.20
CA PHE G 70 17.90 96.34 3.29
C PHE G 70 18.72 97.60 3.38
N ALA G 71 18.05 98.75 3.46
CA ALA G 71 18.73 100.04 3.47
C ALA G 71 19.71 100.14 4.66
N ASP G 72 19.20 100.02 5.88
CA ASP G 72 20.05 100.08 7.06
C ASP G 72 21.11 98.97 7.03
N THR G 73 20.76 97.80 6.47
CA THR G 73 21.66 96.66 6.36
C THR G 73 22.88 96.97 5.50
N VAL G 74 22.68 97.30 4.23
CA VAL G 74 23.82 97.61 3.37
C VAL G 74 24.55 98.83 3.91
N LYS G 75 23.81 99.81 4.43
CA LYS G 75 24.41 101.00 5.00
C LYS G 75 25.42 100.64 6.09
N GLY G 76 24.96 99.94 7.13
CA GLY G 76 25.84 99.62 8.24
C GLY G 76 27.05 98.78 7.86
N SER G 77 26.92 97.97 6.82
CA SER G 77 28.00 97.05 6.49
C SER G 77 29.12 97.74 5.76
N ASP G 78 29.00 99.05 5.57
CA ASP G 78 30.04 99.88 4.96
C ASP G 78 30.36 99.42 3.54
N TRP G 79 29.33 98.90 2.86
CA TRP G 79 29.41 98.47 1.47
C TRP G 79 30.40 97.33 1.32
N GLY G 80 30.42 96.45 2.31
CA GLY G 80 31.30 95.29 2.25
C GLY G 80 30.58 94.00 1.94
N CYS G 81 29.28 94.06 1.67
CA CYS G 81 28.44 92.89 1.70
C CYS G 81 27.99 92.51 0.29
N ASP G 82 27.31 91.38 0.21
CA ASP G 82 26.65 90.92 -1.00
C ASP G 82 25.24 91.47 -1.00
N GLN G 83 24.95 92.37 -1.94
CA GLN G 83 23.63 92.97 -1.87
C GLN G 83 22.56 92.02 -2.39
N GLU G 84 22.96 90.95 -3.08
CA GLU G 84 22.00 89.91 -3.42
C GLU G 84 21.51 89.24 -2.15
N VAL G 85 22.44 88.75 -1.33
CA VAL G 85 22.08 88.13 -0.07
C VAL G 85 21.35 89.12 0.83
N ALA G 86 21.82 90.37 0.89
CA ALA G 86 21.15 91.30 1.80
C ALA G 86 19.73 91.58 1.35
N ARG G 87 19.48 91.60 0.03
CA ARG G 87 18.10 91.65 -0.46
C ARG G 87 17.31 90.43 0.00
N ILE G 88 17.81 89.24 -0.34
CA ILE G 88 17.13 88.00 0.02
C ILE G 88 16.73 88.05 1.49
N PHE G 89 17.71 88.26 2.34
CA PHE G 89 17.50 88.29 3.77
C PHE G 89 16.59 89.44 4.16
N ALA G 90 16.72 90.57 3.49
CA ALA G 90 15.94 91.74 3.84
C ALA G 90 14.45 91.49 3.69
N ASP G 91 14.06 90.84 2.59
CA ASP G 91 12.65 90.51 2.37
C ASP G 91 12.21 89.28 3.14
N THR G 92 13.14 88.37 3.44
CA THR G 92 12.86 87.10 4.12
C THR G 92 12.75 87.19 5.63
N ALA G 93 13.26 88.25 6.26
CA ALA G 93 13.06 88.39 7.69
C ALA G 93 11.57 88.39 8.05
N PRO G 94 10.68 89.12 7.34
CA PRO G 94 9.25 89.05 7.70
C PRO G 94 8.65 87.66 7.51
N ILE G 95 8.90 87.03 6.36
CA ILE G 95 8.36 85.70 6.08
C ILE G 95 8.73 84.72 7.19
N VAL G 96 10.02 84.69 7.57
CA VAL G 96 10.46 83.69 8.53
C VAL G 96 9.97 84.05 9.92
N MET G 97 9.75 85.35 10.20
CA MET G 97 9.26 85.68 11.53
C MET G 97 7.79 85.31 11.69
N ARG G 98 7.00 85.44 10.62
CA ARG G 98 5.66 84.87 10.64
C ARG G 98 5.71 83.34 10.71
N GLU G 99 6.63 82.72 9.96
CA GLU G 99 6.76 81.27 9.95
C GLU G 99 7.08 80.71 11.33
N VAL G 100 8.22 81.13 11.91
CA VAL G 100 8.57 80.66 13.24
C VAL G 100 7.57 81.20 14.26
N ALA G 101 6.89 82.29 13.92
CA ALA G 101 5.85 82.84 14.79
C ALA G 101 4.74 81.81 15.04
N HIS G 102 4.17 81.27 13.97
CA HIS G 102 3.13 80.24 14.11
C HIS G 102 3.62 78.99 14.86
N TRP G 103 4.92 78.89 15.14
CA TRP G 103 5.52 77.73 15.80
C TRP G 103 5.59 77.86 17.33
N GLY G 104 5.00 78.90 17.91
CA GLY G 104 4.93 78.97 19.35
C GLY G 104 6.06 79.53 20.19
N VAL G 105 6.63 80.66 19.83
CA VAL G 105 7.62 81.31 20.70
C VAL G 105 6.80 82.21 21.62
N PRO G 106 7.25 82.51 22.86
CA PRO G 106 6.51 83.46 23.70
C PRO G 106 6.88 84.93 23.45
N TRP G 107 6.79 85.35 22.18
CA TRP G 107 7.10 86.72 21.79
C TRP G 107 6.26 87.70 22.58
N ASN G 108 6.91 88.73 23.12
CA ASN G 108 6.20 89.83 23.75
C ASN G 108 5.61 90.71 22.65
N ARG G 109 4.33 91.10 22.82
CA ARG G 109 3.57 91.85 21.83
C ARG G 109 3.36 93.32 22.23
N VAL G 110 2.65 94.04 21.34
CA VAL G 110 2.34 95.45 21.54
C VAL G 110 1.13 95.58 22.48
N VAL G 111 1.04 96.73 23.11
CA VAL G 111 -0.08 97.05 23.99
C VAL G 111 -0.77 98.29 23.41
N PRO G 112 -2.06 98.22 23.05
CA PRO G 112 -2.74 99.43 22.55
C PRO G 112 -2.86 100.47 23.66
N GLY G 113 -2.43 101.69 23.38
CA GLY G 113 -2.53 102.76 24.35
C GLY G 113 -1.36 103.72 24.26
N LYS G 114 -1.24 104.54 25.30
CA LYS G 114 -0.09 105.43 25.48
C LYS G 114 0.66 105.03 26.75
N HIS G 115 1.96 104.81 26.60
CA HIS G 115 2.89 104.52 27.70
C HIS G 115 3.99 105.57 27.66
N THR G 116 4.76 105.65 28.73
CA THR G 116 5.83 106.62 28.80
C THR G 116 7.11 105.86 28.47
N TYR G 117 7.59 106.07 27.24
CA TYR G 117 8.72 105.33 26.70
C TYR G 117 10.04 105.88 27.20
N TYR G 118 11.10 105.31 26.66
CA TYR G 118 12.44 105.85 26.76
C TYR G 118 13.09 105.66 25.40
N LYS G 119 13.47 106.76 24.74
CA LYS G 119 14.20 106.70 23.48
C LYS G 119 15.54 107.40 23.69
N GLY G 120 16.63 106.78 23.26
CA GLY G 120 17.91 107.41 23.44
C GLY G 120 18.15 107.66 24.92
N GLY G 121 18.42 108.92 25.26
CA GLY G 121 18.53 109.32 26.65
C GLY G 121 17.35 110.08 27.26
N LYS G 122 16.34 110.43 26.45
CA LYS G 122 15.25 111.28 26.93
C LYS G 122 14.02 110.48 27.32
N PRO G 123 13.65 110.45 28.60
CA PRO G 123 12.48 109.68 29.03
C PRO G 123 11.18 110.29 28.56
N PHE G 124 10.84 110.18 27.28
CA PHE G 124 9.63 110.83 26.78
C PHE G 124 8.46 109.85 26.76
N GLU G 125 7.28 110.37 26.43
CA GLU G 125 6.05 109.59 26.39
C GLU G 125 5.58 109.46 24.94
N ALA G 126 5.33 108.22 24.51
CA ALA G 126 4.96 107.94 23.13
C ALA G 126 3.80 106.98 23.07
N GLU G 127 3.01 107.11 22.01
CA GLU G 127 1.88 106.23 21.78
C GLU G 127 2.36 104.88 21.26
N GLU G 128 1.41 103.96 21.12
CA GLU G 128 1.57 102.71 20.40
C GLU G 128 0.20 102.42 19.81
N LYS G 129 0.18 101.90 18.58
CA LYS G 129 -1.07 101.79 17.84
C LYS G 129 -2.11 100.98 18.60
N ALA G 130 -3.32 101.55 18.71
CA ALA G 130 -4.41 100.88 19.39
C ALA G 130 -4.96 99.70 18.60
N GLU G 131 -4.75 99.68 17.28
CA GLU G 131 -5.29 98.64 16.42
C GLU G 131 -4.45 97.38 16.33
N LYS G 132 -3.16 97.44 16.70
CA LYS G 132 -2.31 96.24 16.69
C LYS G 132 -2.11 95.80 18.13
N ALA G 133 -2.92 94.84 18.58
CA ALA G 133 -2.82 94.31 19.95
C ALA G 133 -1.81 93.18 19.98
N GLY G 134 -2.18 92.03 19.43
CA GLY G 134 -1.41 90.82 19.47
C GLY G 134 -0.36 90.70 18.40
N LEU G 135 -0.13 91.78 17.65
CA LEU G 135 0.82 91.75 16.56
C LEU G 135 2.25 91.90 17.11
N ILE G 136 3.24 91.48 16.31
CA ILE G 136 4.63 91.42 16.76
C ILE G 136 5.12 92.82 17.14
N HIS G 137 5.82 92.92 18.27
CA HIS G 137 6.30 94.22 18.72
C HIS G 137 7.73 94.48 18.24
N ALA G 138 8.15 95.74 18.39
CA ALA G 138 9.50 96.16 18.03
C ALA G 138 10.13 96.92 19.18
N ARG G 139 11.41 97.27 19.03
CA ARG G 139 12.11 98.00 20.08
C ARG G 139 13.39 98.65 19.53
N ALA G 140 13.87 99.70 20.20
CA ALA G 140 15.06 100.40 19.74
C ALA G 140 16.31 99.60 20.04
N PHE G 141 17.13 99.41 19.00
CA PHE G 141 18.31 98.56 19.00
C PHE G 141 19.23 99.06 17.91
N GLY G 142 20.54 98.85 18.11
CA GLY G 142 21.53 99.02 17.05
C GLY G 142 21.43 100.33 16.30
N GLY G 143 21.66 100.24 14.99
CA GLY G 143 21.62 101.36 14.08
C GLY G 143 20.36 101.46 13.23
N THR G 144 19.25 100.88 13.70
CA THR G 144 18.03 100.87 12.91
C THR G 144 17.45 102.26 12.75
N ALA G 145 16.68 102.43 11.67
CA ALA G 145 15.93 103.66 11.42
C ALA G 145 14.57 103.51 12.11
N ALA G 146 13.72 102.68 11.54
CA ALA G 146 12.52 102.23 12.24
C ALA G 146 12.89 101.17 13.27
N TRP G 147 11.98 100.88 14.20
CA TRP G 147 12.21 99.81 15.16
C TRP G 147 11.74 98.54 14.47
N ARG G 148 12.70 97.72 14.04
CA ARG G 148 12.47 96.40 13.47
C ARG G 148 12.86 95.26 14.40
N THR G 149 13.38 95.58 15.59
CA THR G 149 13.98 94.60 16.50
C THR G 149 12.87 93.85 17.23
N CYS G 150 12.80 92.52 17.07
CA CYS G 150 11.75 91.72 17.67
C CYS G 150 12.31 91.00 18.90
N TYR G 151 11.55 91.01 20.00
CA TYR G 151 12.14 90.54 21.25
C TYR G 151 11.13 89.79 22.11
N THR G 152 11.63 88.85 22.93
CA THR G 152 10.89 88.28 24.06
C THR G 152 11.66 88.62 25.33
N ALA G 153 11.17 89.57 26.11
CA ALA G 153 11.80 89.89 27.39
C ALA G 153 13.31 90.06 27.31
N ASP G 154 14.05 89.19 28.00
CA ASP G 154 15.50 89.17 27.90
C ASP G 154 15.99 88.07 26.96
N GLY G 155 16.00 86.82 27.43
CA GLY G 155 16.52 85.82 26.54
C GLY G 155 15.54 85.64 25.41
N THR G 156 15.91 86.11 24.24
CA THR G 156 15.22 85.69 23.03
C THR G 156 15.87 84.45 22.46
N GLY G 157 17.20 84.33 22.60
CA GLY G 157 17.88 83.14 22.12
C GLY G 157 17.31 81.87 22.74
N ARG G 158 17.19 81.86 24.06
CA ARG G 158 16.58 80.73 24.77
C ARG G 158 15.21 80.41 24.18
N SER G 159 14.38 81.45 23.98
CA SER G 159 12.98 81.17 23.63
C SER G 159 12.76 80.83 22.15
N VAL G 160 13.55 81.37 21.23
CA VAL G 160 13.33 80.95 19.85
C VAL G 160 14.00 79.61 19.57
N LEU G 161 15.26 79.46 20.03
CA LEU G 161 15.97 78.21 19.84
C LEU G 161 15.28 77.05 20.55
N ASN G 162 14.73 77.27 21.75
CA ASN G 162 14.11 76.17 22.48
C ASN G 162 12.96 75.58 21.65
N THR G 163 12.16 76.44 21.02
CA THR G 163 11.06 75.94 20.21
C THR G 163 11.52 75.39 18.86
N LEU G 164 12.64 75.90 18.32
CA LEU G 164 13.24 75.22 17.17
C LEU G 164 13.63 73.77 17.53
N ASP G 165 14.23 73.58 18.70
CA ASP G 165 14.59 72.24 19.15
C ASP G 165 13.35 71.38 19.30
N THR G 166 12.27 71.92 19.90
CA THR G 166 11.04 71.14 20.02
C THR G 166 10.51 70.74 18.65
N LYS G 167 10.67 71.60 17.65
CA LYS G 167 10.27 71.18 16.30
C LYS G 167 11.15 70.03 15.80
N CYS G 168 12.43 70.06 16.16
CA CYS G 168 13.33 68.95 15.83
C CYS G 168 12.87 67.65 16.47
N LEU G 169 12.58 67.68 17.77
CA LEU G 169 12.10 66.48 18.45
C LEU G 169 10.81 65.98 17.81
N GLN G 170 9.91 66.89 17.47
CA GLN G 170 8.68 66.48 16.80
C GLN G 170 8.98 65.76 15.49
N TYR G 171 9.82 66.33 14.64
CA TYR G 171 10.13 65.70 13.36
C TYR G 171 11.22 64.65 13.43
N GLY G 172 11.73 64.33 14.62
CA GLY G 172 12.68 63.22 14.77
C GLY G 172 14.01 63.37 14.06
N VAL G 173 14.69 64.47 14.33
CA VAL G 173 16.05 64.66 13.87
C VAL G 173 16.98 64.08 14.92
N THR G 174 17.80 63.14 14.49
CA THR G 174 18.73 62.46 15.38
C THR G 174 19.90 63.34 15.78
N VAL G 175 20.15 63.41 17.08
CA VAL G 175 21.13 64.30 17.63
C VAL G 175 22.10 63.51 18.47
N HIS G 176 23.35 63.47 18.04
CA HIS G 176 24.38 62.86 18.82
C HIS G 176 25.10 64.02 19.46
N ASP G 177 24.82 64.25 20.74
CA ASP G 177 25.50 65.29 21.48
C ASP G 177 26.88 64.79 21.85
N ARG G 178 27.74 65.73 22.18
CA ARG G 178 29.08 65.40 22.59
C ARG G 178 29.81 64.67 21.46
N MET G 179 29.78 65.28 20.28
CA MET G 179 30.49 64.79 19.11
C MET G 179 31.28 65.94 18.55
N GLN G 180 32.62 65.84 18.57
CA GLN G 180 33.49 66.93 18.12
C GLN G 180 34.08 66.64 16.73
N ALA G 181 33.64 67.41 15.74
CA ALA G 181 34.18 67.23 14.40
C ALA G 181 35.67 67.50 14.42
N GLU G 182 36.39 66.87 13.50
CA GLU G 182 37.86 66.93 13.51
C GLU G 182 38.50 67.23 12.16
N ALA G 183 38.22 66.36 11.22
CA ALA G 183 38.62 66.50 9.85
C ALA G 183 37.35 66.49 8.99
N LEU G 184 37.49 66.98 7.76
CA LEU G 184 36.45 66.83 6.76
C LEU G 184 36.83 65.66 5.87
N ILE G 185 35.81 64.90 5.44
CA ILE G 185 35.94 63.74 4.55
C ILE G 185 35.56 64.21 3.17
N HIS G 186 36.56 64.32 2.30
CA HIS G 186 36.31 64.93 1.01
C HIS G 186 37.37 64.40 0.08
N ASP G 187 37.04 64.43 -1.22
CA ASP G 187 38.05 64.47 -2.26
C ASP G 187 37.40 64.59 -3.62
N GLY G 188 38.25 65.04 -4.55
CA GLY G 188 37.91 65.50 -5.87
C GLY G 188 37.12 66.77 -5.84
N GLY G 189 37.20 67.51 -4.75
CA GLY G 189 36.28 68.63 -4.59
C GLY G 189 34.85 68.15 -4.40
N ASN G 190 34.68 66.96 -3.83
CA ASN G 190 33.40 66.40 -3.46
C ASN G 190 33.48 66.20 -1.94
N CYS G 191 32.42 66.59 -1.20
CA CYS G 191 32.42 66.50 0.26
C CYS G 191 31.68 65.25 0.71
N LEU G 192 32.42 64.31 1.29
CA LEU G 192 31.85 63.03 1.68
C LEU G 192 31.52 62.89 3.17
N GLY G 193 31.78 63.87 4.00
CA GLY G 193 31.40 63.58 5.37
C GLY G 193 32.28 64.32 6.35
N CYS G 194 32.41 63.74 7.52
CA CYS G 194 33.36 64.24 8.49
C CYS G 194 33.82 63.09 9.37
N ILE G 195 35.02 63.16 9.82
CA ILE G 195 35.45 62.31 10.90
C ILE G 195 35.20 63.13 12.15
N ALA G 196 34.75 62.49 13.19
CA ALA G 196 34.48 63.24 14.39
C ALA G 196 35.08 62.48 15.55
N ARG G 197 34.88 63.03 16.73
CA ARG G 197 35.37 62.49 17.98
C ARG G 197 34.16 62.43 18.91
N CYS G 198 33.86 61.26 19.42
CA CYS G 198 32.79 61.15 20.40
C CYS G 198 33.31 61.75 21.72
N LEU G 199 32.59 62.73 22.26
CA LEU G 199 33.02 63.37 23.50
C LEU G 199 32.57 62.62 24.72
N ARG G 200 32.06 61.40 24.52
CA ARG G 200 31.88 60.43 25.58
C ARG G 200 32.96 59.35 25.53
N THR G 201 33.00 58.60 24.43
CA THR G 201 33.90 57.46 24.29
C THR G 201 35.36 57.87 24.26
N GLY G 202 35.71 58.70 23.28
CA GLY G 202 37.09 58.93 22.96
C GLY G 202 37.54 58.27 21.67
N GLU G 203 36.64 57.63 20.92
CA GLU G 203 37.02 57.11 19.60
C GLU G 203 36.27 57.85 18.51
N LEU G 204 36.90 57.82 17.35
CA LEU G 204 36.47 58.54 16.17
C LEU G 204 35.29 57.82 15.54
N VAL G 205 34.55 58.53 14.71
CA VAL G 205 33.26 58.00 14.29
C VAL G 205 33.05 58.04 12.78
N ALA G 206 33.20 59.19 12.14
CA ALA G 206 33.06 59.37 10.70
C ALA G 206 31.66 59.28 10.10
N TYR G 207 30.88 60.34 10.30
CA TYR G 207 29.59 60.51 9.63
C TYR G 207 29.74 60.69 8.13
N LEU G 208 28.96 59.93 7.35
CA LEU G 208 28.92 60.04 5.90
C LEU G 208 27.54 60.48 5.43
N ALA G 209 27.51 61.53 4.62
CA ALA G 209 26.24 61.97 4.08
C ALA G 209 26.52 62.75 2.82
N THR G 210 25.50 62.82 1.97
CA THR G 210 25.58 63.62 0.75
C THR G 210 25.89 65.10 1.07
N SER G 211 25.00 65.77 1.80
CA SER G 211 25.16 67.20 2.07
C SER G 211 25.61 67.41 3.51
N THR G 212 26.68 68.20 3.71
CA THR G 212 27.27 68.50 5.01
C THR G 212 27.24 70.01 5.29
N LEU G 213 26.86 70.38 6.52
CA LEU G 213 26.61 71.76 6.91
C LEU G 213 27.38 72.12 8.18
N ILE G 214 27.88 73.36 8.22
CA ILE G 214 28.69 73.88 9.33
C ILE G 214 27.92 75.01 10.04
N ALA G 215 27.47 74.73 11.26
CA ALA G 215 26.86 75.68 12.16
C ALA G 215 27.79 76.16 13.31
N THR G 216 29.09 75.81 13.29
CA THR G 216 29.94 75.80 14.49
C THR G 216 30.11 77.11 15.28
N GLY G 217 29.50 78.22 14.82
CA GLY G 217 29.47 79.45 15.60
C GLY G 217 30.80 80.19 15.63
N GLY G 218 30.85 81.23 16.46
CA GLY G 218 32.00 82.11 16.46
C GLY G 218 33.27 81.46 17.00
N TYR G 219 34.39 82.08 16.61
CA TYR G 219 35.74 81.74 17.07
C TYR G 219 36.22 82.65 18.20
N GLY G 220 35.32 83.42 18.82
CA GLY G 220 35.73 84.46 19.73
C GLY G 220 36.62 84.01 20.86
N ARG G 221 36.77 82.72 21.11
CA ARG G 221 37.61 82.34 22.24
C ARG G 221 39.09 82.36 21.88
N ILE G 222 39.47 82.81 20.68
CA ILE G 222 40.87 83.16 20.43
C ILE G 222 41.24 84.49 21.07
N TYR G 223 40.26 85.23 21.59
CA TYR G 223 40.44 86.52 22.24
C TYR G 223 40.47 86.38 23.77
N LYS G 224 41.23 87.25 24.43
CA LYS G 224 41.33 87.15 25.88
C LYS G 224 39.96 87.21 26.54
N ALA G 225 39.26 88.30 26.30
CA ALA G 225 37.93 88.53 26.86
C ALA G 225 36.94 88.56 25.71
N THR G 226 35.90 87.75 25.82
CA THR G 226 34.92 87.79 24.75
C THR G 226 33.56 87.44 25.34
N THR G 227 32.51 87.93 24.68
CA THR G 227 31.16 87.59 25.12
C THR G 227 30.77 86.19 24.71
N ASN G 228 31.59 85.52 23.91
CA ASN G 228 31.30 84.19 23.40
C ASN G 228 31.46 83.09 24.46
N ALA G 229 30.66 82.03 24.30
CA ALA G 229 30.71 80.91 25.21
C ALA G 229 31.99 80.11 25.01
N VAL G 230 32.43 79.43 26.07
CA VAL G 230 33.72 78.73 26.05
C VAL G 230 33.77 77.63 25.00
N ILE G 231 32.63 77.23 24.44
CA ILE G 231 32.62 76.25 23.36
C ILE G 231 32.91 76.86 22.01
N CYS G 232 33.15 78.16 21.92
CA CYS G 232 33.24 78.79 20.61
C CYS G 232 34.74 78.82 20.31
N ASP G 233 35.21 77.76 19.64
CA ASP G 233 36.55 77.69 19.09
C ASP G 233 36.54 77.86 17.59
N GLY G 234 35.36 77.97 16.98
CA GLY G 234 35.17 77.91 15.54
C GLY G 234 35.54 76.58 14.92
N GLY G 235 35.14 75.48 15.53
CA GLY G 235 35.62 74.19 15.08
C GLY G 235 35.46 73.98 13.59
N GLY G 236 34.24 74.10 13.10
CA GLY G 236 34.00 73.85 11.68
C GLY G 236 34.89 74.69 10.79
N GLN G 237 35.23 75.89 11.23
CA GLN G 237 36.15 76.71 10.47
C GLN G 237 37.48 76.01 10.32
N ILE G 238 38.04 75.49 11.41
CA ILE G 238 39.37 74.90 11.35
C ILE G 238 39.38 73.58 10.60
N ILE G 239 38.27 72.82 10.62
CA ILE G 239 38.22 71.57 9.85
C ILE G 239 37.94 71.83 8.39
N ALA G 240 37.33 72.97 8.09
CA ALA G 240 37.19 73.40 6.70
C ALA G 240 38.48 74.01 6.20
N LEU G 241 39.28 74.53 7.11
CA LEU G 241 40.54 75.12 6.72
C LEU G 241 41.59 74.03 6.54
N ASP G 242 41.55 73.00 7.39
CA ASP G 242 42.52 71.93 7.38
C ASP G 242 42.46 71.08 6.12
N THR G 243 41.44 71.27 5.29
CA THR G 243 41.41 70.62 3.98
C THR G 243 42.21 71.40 2.95
N GLY G 244 42.34 72.72 3.17
CA GLY G 244 42.97 73.62 2.23
C GLY G 244 42.24 73.82 0.92
N LEU G 245 41.06 73.22 0.77
CA LEU G 245 40.33 73.48 -0.45
C LEU G 245 39.30 74.58 -0.30
N VAL G 246 38.83 74.86 0.91
CA VAL G 246 37.87 75.94 1.11
C VAL G 246 38.47 77.09 1.88
N PRO G 247 38.07 78.32 1.55
CA PRO G 247 38.60 79.48 2.26
C PRO G 247 37.75 79.98 3.41
N MET G 248 38.31 80.97 4.11
CA MET G 248 37.66 81.78 5.12
C MET G 248 37.57 83.19 4.56
N GLY G 249 36.37 83.79 4.56
CA GLY G 249 36.19 85.14 4.05
C GLY G 249 36.24 86.23 5.10
N ASN G 250 36.73 87.40 4.71
CA ASN G 250 36.71 88.60 5.56
C ASN G 250 37.15 88.31 7.00
N MET G 251 38.27 87.57 7.11
CA MET G 251 38.74 87.07 8.41
C MET G 251 39.10 88.19 9.37
N GLU G 252 39.33 89.40 8.84
CA GLU G 252 39.77 90.53 9.63
C GLU G 252 38.63 91.26 10.29
N ALA G 253 37.38 90.96 9.94
CA ALA G 253 36.24 91.73 10.43
C ALA G 253 35.84 91.14 11.76
N VAL G 254 36.12 91.85 12.83
CA VAL G 254 35.90 91.33 14.17
C VAL G 254 35.20 92.43 14.93
N GLN G 255 33.97 92.17 15.34
CA GLN G 255 33.14 93.18 15.96
C GLN G 255 33.24 93.10 17.50
N PHE G 256 33.63 94.22 18.08
CA PHE G 256 33.83 94.34 19.52
C PHE G 256 32.70 95.17 20.08
N HIS G 257 31.90 94.57 20.93
CA HIS G 257 30.66 95.20 21.37
C HIS G 257 30.87 96.21 22.50
N PRO G 258 30.21 97.38 22.43
CA PRO G 258 30.51 98.44 23.40
C PRO G 258 30.19 98.13 24.84
N THR G 259 29.11 97.44 25.11
CA THR G 259 28.65 97.30 26.48
C THR G 259 29.16 96.04 27.21
N GLY G 260 30.16 95.34 26.71
CA GLY G 260 30.63 94.20 27.49
C GLY G 260 31.05 94.41 28.95
N THR G 261 30.37 93.71 29.86
CA THR G 261 30.60 93.83 31.31
C THR G 261 32.04 93.50 31.69
N VAL G 262 32.56 94.25 32.65
CA VAL G 262 33.99 94.15 32.91
C VAL G 262 34.40 92.80 33.49
N PRO G 263 33.97 92.42 34.69
CA PRO G 263 34.57 91.21 35.25
C PRO G 263 34.18 89.94 34.52
N THR G 264 32.90 89.79 34.17
CA THR G 264 32.43 88.56 33.58
C THR G 264 32.46 88.54 32.06
N ASP G 265 32.64 89.69 31.43
CA ASP G 265 32.63 89.76 29.97
C ASP G 265 31.27 89.36 29.43
N ILE G 266 30.34 89.01 30.31
CA ILE G 266 29.00 88.73 29.84
C ILE G 266 28.49 90.01 29.20
N LEU G 267 27.85 89.90 28.05
CA LEU G 267 27.36 91.10 27.39
C LEU G 267 26.05 91.51 28.03
N VAL G 268 25.92 92.80 28.29
CA VAL G 268 24.60 93.33 28.63
C VAL G 268 24.08 94.03 27.40
N THR G 269 22.81 93.83 27.12
CA THR G 269 22.26 94.14 25.82
C THR G 269 22.28 95.64 25.51
N GLU G 270 22.09 95.92 24.23
CA GLU G 270 21.76 97.27 23.78
C GLU G 270 20.27 97.50 23.90
N GLY G 271 19.53 96.42 24.20
CA GLY G 271 18.17 96.52 24.69
C GLY G 271 18.13 97.32 25.98
N CYS G 272 19.28 97.53 26.62
CA CYS G 272 19.44 98.60 27.60
C CYS G 272 19.71 99.95 26.94
N ARG G 273 20.56 99.99 25.89
CA ARG G 273 20.94 101.24 25.23
C ARG G 273 19.93 101.73 24.20
N GLY G 274 19.26 100.80 23.52
CA GLY G 274 18.25 101.21 22.55
C GLY G 274 17.15 102.04 23.17
N ASP G 275 16.60 101.57 24.28
CA ASP G 275 15.63 102.34 25.04
C ASP G 275 16.30 102.90 26.28
N GLY G 276 16.40 104.23 26.36
CA GLY G 276 16.80 104.85 27.61
C GLY G 276 18.20 104.58 28.06
N GLY G 277 19.01 103.92 27.24
CA GLY G 277 20.37 103.67 27.63
C GLY G 277 21.20 104.92 27.45
N THR G 278 22.08 105.16 28.42
CA THR G 278 23.03 106.25 28.39
C THR G 278 24.43 105.68 28.48
N LEU G 279 25.39 106.46 28.02
CA LEU G 279 26.78 106.06 27.95
C LEU G 279 27.53 107.18 28.62
N LEU G 280 28.18 106.89 29.74
CA LEU G 280 28.77 107.92 30.58
C LEU G 280 30.24 107.65 30.87
N ASP G 281 31.03 108.73 30.93
CA ASP G 281 32.46 108.69 31.25
C ASP G 281 32.64 108.56 32.78
N VAL G 282 33.86 108.78 33.28
CA VAL G 282 34.07 108.77 34.74
C VAL G 282 33.36 109.95 35.40
N ASN G 283 33.17 111.05 34.68
CA ASN G 283 32.52 112.23 35.22
C ASN G 283 31.00 112.16 35.10
N GLN G 284 30.48 111.06 34.55
CA GLN G 284 29.05 110.81 34.37
C GLN G 284 28.42 111.88 33.46
N TYR G 285 29.08 112.10 32.32
CA TYR G 285 28.67 113.06 31.30
C TYR G 285 28.54 112.34 29.97
N ARG G 286 27.39 112.54 29.30
CA ARG G 286 27.01 111.71 28.14
C ARG G 286 27.78 112.17 26.91
N PHE G 287 28.70 111.33 26.47
CA PHE G 287 29.73 111.71 25.51
C PHE G 287 29.45 111.29 24.10
N MET G 288 28.37 110.60 23.84
CA MET G 288 28.17 110.33 22.42
C MET G 288 27.86 111.62 21.66
N PRO G 289 27.09 112.57 22.22
CA PRO G 289 26.90 113.86 21.52
C PRO G 289 28.19 114.67 21.29
N ASP G 290 29.26 114.49 22.07
CA ASP G 290 30.54 115.06 21.66
C ASP G 290 30.94 114.44 20.33
N TYR G 291 30.82 113.11 20.21
CA TYR G 291 31.26 112.38 19.02
C TYR G 291 30.16 112.32 17.96
N GLU G 292 29.08 111.61 18.25
CA GLU G 292 27.99 111.53 17.29
C GLU G 292 26.85 112.46 17.66
N PRO G 293 26.54 113.45 16.84
CA PRO G 293 25.58 114.48 17.25
C PRO G 293 24.14 114.01 17.46
N ASP G 294 23.59 113.29 16.48
CA ASP G 294 22.16 112.95 16.50
C ASP G 294 21.89 111.55 17.03
N LYS G 295 22.25 110.51 16.28
CA LYS G 295 22.13 109.15 16.78
C LYS G 295 23.31 108.95 17.72
N ALA G 296 23.02 108.77 19.00
CA ALA G 296 24.11 108.88 19.96
C ALA G 296 24.60 107.51 20.35
N GLN G 297 23.85 106.83 21.21
CA GLN G 297 24.15 105.45 21.51
C GLN G 297 23.58 104.50 20.47
N LEU G 298 22.74 104.99 19.56
CA LEU G 298 22.13 104.14 18.54
C LEU G 298 22.98 104.00 17.31
N ALA G 299 24.25 104.38 17.39
CA ALA G 299 25.13 104.27 16.24
C ALA G 299 25.52 102.81 15.98
N SER G 300 26.36 102.63 14.98
CA SER G 300 26.93 101.34 14.63
C SER G 300 27.83 100.77 15.72
N ARG G 301 28.10 99.48 15.57
CA ARG G 301 28.80 98.70 16.57
C ARG G 301 30.23 99.18 16.70
N ASP G 302 30.96 99.14 15.59
CA ASP G 302 32.33 99.63 15.59
C ASP G 302 32.41 101.11 15.90
N VAL G 303 31.34 101.86 15.60
CA VAL G 303 31.33 103.29 15.91
C VAL G 303 31.31 103.51 17.42
N VAL G 304 30.27 103.04 18.08
CA VAL G 304 30.17 103.29 19.51
C VAL G 304 31.38 102.70 20.23
N SER G 305 31.82 101.49 19.83
CA SER G 305 32.98 100.89 20.50
C SER G 305 34.23 101.71 20.25
N ARG G 306 34.39 102.22 19.03
CA ARG G 306 35.58 102.95 18.66
C ARG G 306 35.65 104.30 19.35
N ARG G 307 34.53 105.05 19.34
CA ARG G 307 34.47 106.33 20.03
C ARG G 307 34.66 106.13 21.52
N MET G 308 34.07 105.08 22.09
CA MET G 308 34.24 104.83 23.51
C MET G 308 35.71 104.62 23.85
N THR G 309 36.40 103.82 23.04
CA THR G 309 37.82 103.68 23.30
C THR G 309 38.60 104.95 23.01
N GLU G 310 38.14 105.80 22.06
CA GLU G 310 38.74 107.12 21.87
C GLU G 310 38.64 107.92 23.16
N HIS G 311 37.40 108.11 23.61
CA HIS G 311 37.03 108.83 24.82
C HIS G 311 37.79 108.29 26.02
N MET G 312 38.15 107.02 25.97
CA MET G 312 38.98 106.40 26.99
C MET G 312 40.46 106.61 26.73
N ARG G 313 40.83 106.85 25.46
CA ARG G 313 42.21 107.16 25.11
C ARG G 313 42.60 108.51 25.72
N LYS G 314 41.67 109.48 25.66
CA LYS G 314 41.92 110.78 26.27
C LYS G 314 42.20 110.67 27.77
N GLY G 315 41.58 109.72 28.46
CA GLY G 315 41.77 109.57 29.89
C GLY G 315 40.51 109.68 30.74
N LEU G 316 39.35 109.75 30.10
CA LEU G 316 38.07 109.96 30.75
C LEU G 316 37.52 108.71 31.42
N GLY G 317 38.31 107.61 31.51
CA GLY G 317 37.81 106.37 32.06
C GLY G 317 38.18 106.10 33.52
N VAL G 318 37.51 105.08 34.07
CA VAL G 318 37.57 104.69 35.48
C VAL G 318 38.56 103.54 35.66
N LYS G 319 39.45 103.64 36.64
CA LYS G 319 40.43 102.56 36.85
C LYS G 319 40.09 101.72 38.07
N SER G 320 39.80 100.43 37.81
CA SER G 320 39.43 99.30 38.63
C SER G 320 40.56 98.30 38.63
N PRO G 321 40.64 97.44 39.64
CA PRO G 321 41.67 96.39 39.61
C PRO G 321 41.65 95.56 38.34
N TYR G 322 40.48 95.50 37.66
CA TYR G 322 40.30 94.82 36.37
C TYR G 322 40.69 95.61 35.12
N GLY G 323 41.05 96.89 35.22
CA GLY G 323 41.20 97.69 34.02
C GLY G 323 40.04 98.67 33.88
N ASP G 324 40.26 99.64 33.00
CA ASP G 324 39.31 100.76 32.96
C ASP G 324 38.01 100.39 32.28
N HIS G 325 36.97 101.15 32.63
CA HIS G 325 35.62 100.86 32.18
C HIS G 325 34.84 102.16 32.04
N LEU G 326 33.71 102.05 31.38
CA LEU G 326 32.75 103.13 31.26
C LEU G 326 31.53 102.75 32.02
N TRP G 327 30.49 103.56 31.89
CA TRP G 327 29.26 103.32 32.61
C TRP G 327 28.11 103.28 31.63
N LEU G 328 27.08 102.50 32.00
CA LEU G 328 25.83 102.40 31.28
C LEU G 328 24.70 102.80 32.21
N ASP G 329 23.80 103.65 31.75
CA ASP G 329 22.75 104.19 32.62
C ASP G 329 21.40 103.59 32.19
N ILE G 330 20.94 102.59 32.94
CA ILE G 330 19.58 102.11 32.84
C ILE G 330 18.69 102.54 33.99
N ARG G 331 19.25 103.18 35.02
CA ARG G 331 18.40 103.75 36.05
C ARG G 331 17.53 104.82 35.42
N HIS G 332 17.95 105.30 34.25
CA HIS G 332 17.15 106.09 33.34
C HIS G 332 15.84 105.39 32.98
N LEU G 333 15.95 104.20 32.38
CA LEU G 333 14.75 103.44 31.98
C LEU G 333 13.92 103.04 33.19
N GLY G 334 14.51 103.02 34.38
CA GLY G 334 13.76 102.89 35.62
C GLY G 334 13.14 101.53 35.82
N GLU G 335 12.53 101.31 37.00
CA GLU G 335 11.93 100.01 37.30
C GLU G 335 10.55 99.83 36.69
N LYS G 336 9.76 100.89 36.52
CA LYS G 336 8.40 100.65 36.05
C LYS G 336 8.54 99.93 34.72
N HIS G 337 8.23 98.63 34.77
CA HIS G 337 8.44 97.59 33.76
C HIS G 337 9.89 97.25 33.39
N ILE G 338 10.85 98.19 33.47
CA ILE G 338 12.26 97.92 33.15
C ILE G 338 12.42 96.82 32.07
N THR G 339 11.70 96.96 30.94
CA THR G 339 11.75 96.02 29.81
C THR G 339 11.54 94.56 30.26
N THR G 340 10.26 94.23 30.50
CA THR G 340 9.77 92.97 31.09
C THR G 340 10.18 92.85 32.56
N LYS G 341 9.59 93.74 33.40
CA LYS G 341 9.69 93.67 34.86
C LYS G 341 11.03 93.08 35.26
N LEU G 342 12.10 93.87 35.10
CA LEU G 342 13.47 93.52 35.41
C LEU G 342 14.26 92.79 34.31
N ARG G 343 13.89 92.92 33.01
CA ARG G 343 14.83 92.65 31.90
C ARG G 343 15.64 91.37 31.94
N GLU G 344 15.65 90.68 33.09
CA GLU G 344 16.35 89.43 33.31
C GLU G 344 17.87 89.55 33.06
N VAL G 345 18.32 90.70 32.54
CA VAL G 345 19.74 91.04 32.56
C VAL G 345 20.17 91.28 34.00
N TYR G 346 19.19 91.56 34.84
CA TYR G 346 19.40 91.79 36.26
C TYR G 346 20.28 90.75 36.91
N ASP G 347 20.01 89.47 36.67
CA ASP G 347 20.75 88.41 37.35
C ASP G 347 22.22 88.39 36.94
N ILE G 348 22.52 88.85 35.73
CA ILE G 348 23.88 88.88 35.20
C ILE G 348 24.79 89.67 36.12
N CYS G 349 24.57 90.99 36.14
CA CYS G 349 25.37 91.87 36.97
C CYS G 349 25.03 91.75 38.46
N THR G 350 23.79 91.53 38.82
CA THR G 350 23.52 91.47 40.25
C THR G 350 24.13 90.23 40.88
N ASN G 351 24.07 89.10 40.18
CA ASN G 351 24.69 87.92 40.74
C ASN G 351 26.21 87.90 40.46
N PHE G 352 26.63 88.28 39.23
CA PHE G 352 28.04 88.28 38.84
C PHE G 352 28.81 89.57 39.19
N LEU G 353 28.16 90.74 39.25
CA LEU G 353 28.78 92.06 39.52
C LEU G 353 28.27 92.55 40.89
N GLY G 354 28.62 93.77 41.27
CA GLY G 354 28.09 94.29 42.53
C GLY G 354 26.95 95.29 42.36
N VAL G 355 26.35 95.30 41.19
CA VAL G 355 25.49 96.41 40.77
C VAL G 355 24.03 96.03 40.81
N ASN G 356 23.20 96.91 41.35
CA ASN G 356 21.77 96.87 41.08
C ASN G 356 21.51 97.89 39.98
N PRO G 357 21.09 97.45 38.79
CA PRO G 357 21.07 98.36 37.63
C PRO G 357 20.10 99.50 37.73
N ILE G 358 19.03 99.35 38.49
CA ILE G 358 18.08 100.45 38.65
C ILE G 358 18.61 101.46 39.63
N HIS G 359 19.75 101.18 40.24
CA HIS G 359 20.40 102.12 41.14
C HIS G 359 21.76 102.58 40.60
N GLN G 360 22.78 101.73 40.70
CA GLN G 360 24.12 102.17 40.33
C GLN G 360 24.30 102.05 38.82
N LEU G 361 25.54 102.16 38.39
CA LEU G 361 25.89 102.12 36.97
C LEU G 361 26.59 100.80 36.64
N ILE G 362 26.34 100.32 35.42
CA ILE G 362 26.84 99.01 34.98
C ILE G 362 28.23 99.19 34.45
N PRO G 363 29.26 98.61 35.08
CA PRO G 363 30.63 98.69 34.52
C PRO G 363 30.72 97.93 33.20
N VAL G 364 31.14 98.65 32.14
CA VAL G 364 31.15 98.12 30.78
C VAL G 364 32.36 98.66 30.04
N ARG G 365 32.88 97.84 29.12
CA ARG G 365 33.98 98.16 28.23
C ARG G 365 33.74 97.46 26.89
N PRO G 366 34.16 98.04 25.78
CA PRO G 366 34.09 97.28 24.54
C PRO G 366 34.94 96.03 24.71
N THR G 367 34.35 94.88 24.40
CA THR G 367 35.01 93.57 24.45
C THR G 367 34.54 92.72 23.28
N HIS G 368 35.25 91.62 23.08
CA HIS G 368 35.04 90.87 21.86
C HIS G 368 33.61 90.36 21.78
N HIS G 369 32.97 90.55 20.63
CA HIS G 369 31.61 90.03 20.56
C HIS G 369 31.31 89.06 19.43
N TYR G 370 30.88 89.58 18.29
CA TYR G 370 30.54 88.75 17.14
C TYR G 370 31.76 88.48 16.25
N SER G 371 31.70 87.36 15.51
CA SER G 371 32.76 86.96 14.59
C SER G 371 32.18 87.02 13.18
N MET G 372 32.56 88.06 12.43
CA MET G 372 31.87 88.34 11.16
C MET G 372 32.31 87.34 10.09
N GLY G 373 33.62 87.16 9.96
CA GLY G 373 34.17 86.29 8.98
C GLY G 373 33.87 84.87 9.34
N GLY G 374 34.34 83.98 8.53
CA GLY G 374 34.03 82.59 8.73
C GLY G 374 34.10 81.87 7.40
N VAL G 375 33.35 80.78 7.32
CA VAL G 375 33.34 79.96 6.11
C VAL G 375 32.69 80.72 4.97
N ARG G 376 33.41 80.87 3.85
CA ARG G 376 32.91 81.58 2.68
C ARG G 376 31.79 80.81 1.99
N THR G 377 30.78 81.53 1.51
CA THR G 377 29.68 80.87 0.80
C THR G 377 29.34 81.54 -0.52
N ASN G 378 28.28 81.09 -1.18
CA ASN G 378 27.69 81.75 -2.34
C ASN G 378 26.29 82.26 -1.99
N ARG G 379 25.57 82.76 -2.99
CA ARG G 379 24.23 83.25 -2.72
C ARG G 379 23.36 82.18 -2.10
N ASP G 380 23.62 80.91 -2.43
CA ASP G 380 22.90 79.76 -1.91
C ASP G 380 23.63 79.10 -0.74
N GLY G 381 24.72 79.68 -0.27
CA GLY G 381 25.35 79.17 0.93
C GLY G 381 26.25 77.98 0.75
N ALA G 382 26.62 77.66 -0.47
CA ALA G 382 27.54 76.57 -0.68
C ALA G 382 28.96 77.02 -0.41
N ALA G 383 29.71 76.17 0.25
CA ALA G 383 31.11 76.49 0.49
C ALA G 383 31.83 76.61 -0.86
N TYR G 384 32.95 77.30 -0.83
CA TYR G 384 33.64 77.72 -2.05
C TYR G 384 34.41 76.57 -2.69
N GLY G 385 35.47 76.14 -2.06
CA GLY G 385 36.37 75.26 -2.77
C GLY G 385 35.94 73.83 -2.89
N LEU G 386 34.73 73.48 -2.47
CA LEU G 386 34.37 72.07 -2.37
C LEU G 386 32.87 71.93 -2.59
N LYS G 387 32.46 70.88 -3.31
CA LYS G 387 31.07 70.71 -3.75
C LYS G 387 30.21 69.98 -2.70
N GLY G 388 29.01 70.50 -2.51
CA GLY G 388 28.04 69.97 -1.56
C GLY G 388 28.18 70.44 -0.13
N LEU G 389 29.18 71.24 0.19
CA LEU G 389 29.37 71.71 1.54
C LEU G 389 28.61 73.01 1.67
N PHE G 390 27.91 73.17 2.77
CA PHE G 390 27.09 74.34 2.96
C PHE G 390 27.47 74.96 4.29
N SER G 391 27.10 76.23 4.48
CA SER G 391 27.23 76.84 5.79
C SER G 391 26.25 77.97 5.89
N ALA G 392 25.81 78.23 7.12
CA ALA G 392 24.97 79.35 7.46
C ALA G 392 25.20 79.69 8.91
N GLY G 393 24.81 80.89 9.30
CA GLY G 393 24.93 81.29 10.67
C GLY G 393 26.20 82.07 10.89
N GLU G 394 26.56 82.21 12.17
CA GLU G 394 27.75 82.96 12.54
C GLU G 394 29.00 82.36 11.90
N SER G 395 29.09 81.02 11.97
CA SER G 395 30.24 80.26 11.52
C SER G 395 30.62 80.50 10.07
N ALA G 396 29.70 81.00 9.27
CA ALA G 396 29.86 81.10 7.84
C ALA G 396 30.06 82.56 7.48
N CYS G 397 30.73 82.81 6.33
CA CYS G 397 30.67 84.14 5.70
C CYS G 397 29.70 83.99 4.53
N TRP G 398 28.44 84.26 4.83
CA TRP G 398 27.40 84.41 3.82
C TRP G 398 27.51 85.80 3.24
N ASP G 399 27.99 86.69 4.13
CA ASP G 399 28.16 88.14 3.99
C ASP G 399 26.87 88.87 3.70
N MET G 400 25.89 88.61 4.52
CA MET G 400 24.93 89.64 4.68
C MET G 400 25.44 90.65 5.66
N HIS G 401 26.52 90.32 6.37
CA HIS G 401 27.05 91.21 7.38
C HIS G 401 28.21 92.08 6.95
N GLY G 402 28.82 91.86 5.79
CA GLY G 402 29.88 92.76 5.36
C GLY G 402 30.96 92.97 6.40
N PHE G 403 31.41 94.22 6.54
CA PHE G 403 32.48 94.53 7.48
C PHE G 403 32.03 95.06 8.84
N ASN G 404 30.76 95.39 9.01
CA ASN G 404 30.27 95.69 10.35
C ASN G 404 28.86 95.16 10.44
N ARG G 405 28.60 94.36 11.45
CA ARG G 405 27.30 93.74 11.58
C ARG G 405 26.35 94.65 12.30
N LEU G 406 25.22 94.93 11.67
CA LEU G 406 24.22 95.74 12.35
C LEU G 406 23.64 94.89 13.48
N GLY G 407 23.46 95.51 14.65
CA GLY G 407 22.97 94.82 15.83
C GLY G 407 21.64 94.08 15.69
N GLY G 408 21.60 92.84 16.17
CA GLY G 408 20.41 92.03 16.17
C GLY G 408 20.08 91.33 14.86
N ASN G 409 20.83 91.57 13.80
CA ASN G 409 20.46 90.94 12.54
C ASN G 409 20.96 89.51 12.42
N SER G 410 21.81 89.05 13.35
CA SER G 410 22.46 87.74 13.20
C SER G 410 21.58 86.54 13.62
N LEU G 411 20.71 86.68 14.61
CA LEU G 411 19.68 85.67 14.77
C LEU G 411 18.89 85.56 13.49
N ALA G 412 18.45 86.71 12.97
CA ALA G 412 17.78 86.73 11.68
C ALA G 412 18.63 86.08 10.58
N GLU G 413 19.97 86.13 10.69
CA GLU G 413 20.82 85.48 9.69
C GLU G 413 20.81 83.97 9.84
N THR G 414 20.77 83.49 11.09
CA THR G 414 20.69 82.04 11.31
C THR G 414 19.34 81.48 10.89
N VAL G 415 18.25 82.23 11.11
CA VAL G 415 16.92 81.73 10.77
C VAL G 415 16.59 81.95 9.30
N VAL G 416 16.79 83.16 8.78
CA VAL G 416 16.60 83.39 7.36
C VAL G 416 17.58 82.52 6.58
N ALA G 417 18.84 82.48 7.02
CA ALA G 417 19.88 81.72 6.34
C ALA G 417 19.64 80.23 6.43
N GLY G 418 19.22 79.76 7.60
CA GLY G 418 18.83 78.35 7.69
C GLY G 418 17.67 78.01 6.78
N ARG G 419 16.72 78.93 6.62
CA ARG G 419 15.58 78.65 5.75
C ARG G 419 15.99 78.59 4.29
N TYR G 420 16.64 79.63 3.79
CA TYR G 420 17.01 79.66 2.38
C TYR G 420 18.12 78.65 2.09
N ILE G 421 19.26 78.78 2.79
CA ILE G 421 20.34 77.83 2.59
C ILE G 421 19.84 76.43 2.87
N GLY G 422 18.92 76.31 3.83
CA GLY G 422 18.32 75.01 4.08
C GLY G 422 17.57 74.48 2.86
N GLU G 423 16.65 75.30 2.34
CA GLU G 423 15.93 74.96 1.11
C GLU G 423 16.85 74.49 0.01
N ARG G 424 17.91 75.27 -0.27
CA ARG G 424 18.87 74.89 -1.31
C ARG G 424 19.61 73.61 -0.93
N MET G 425 19.81 73.40 0.36
CA MET G 425 20.43 72.16 0.80
C MET G 425 19.54 70.96 0.44
N VAL G 426 18.23 71.11 0.60
CA VAL G 426 17.29 70.09 0.19
C VAL G 426 17.33 69.90 -1.33
N GLU G 427 17.22 71.01 -2.08
CA GLU G 427 17.11 70.91 -3.54
C GLU G 427 18.37 70.30 -4.17
N PHE G 428 19.57 70.44 -3.53
CA PHE G 428 20.78 69.71 -3.95
C PHE G 428 20.83 68.29 -3.42
N THR G 429 20.35 68.09 -2.19
CA THR G 429 20.35 66.76 -1.55
C THR G 429 19.29 65.86 -2.19
N LYS G 430 18.05 66.36 -2.32
CA LYS G 430 17.06 65.61 -3.07
C LYS G 430 17.49 65.47 -4.51
N GLY G 431 18.57 66.14 -4.91
CA GLY G 431 19.21 65.94 -6.20
C GLY G 431 20.22 64.81 -6.19
N ALA G 432 21.28 64.99 -6.98
CA ALA G 432 22.26 63.94 -7.25
C ALA G 432 22.96 63.46 -5.99
N THR G 433 23.50 62.25 -6.06
CA THR G 433 24.08 61.64 -4.89
C THR G 433 25.48 61.10 -5.12
N PRO G 434 26.32 61.21 -4.14
CA PRO G 434 27.76 61.12 -4.36
C PRO G 434 28.21 59.70 -4.36
N SER G 435 29.52 59.49 -4.28
CA SER G 435 30.08 58.16 -4.14
C SER G 435 31.10 58.17 -3.02
N PHE G 436 30.84 57.41 -1.98
CA PHE G 436 31.66 57.49 -0.79
C PHE G 436 32.77 56.46 -0.94
N GLY G 437 33.94 56.93 -1.37
CA GLY G 437 35.10 56.08 -1.47
C GLY G 437 35.69 55.79 -0.12
N MET G 438 35.82 54.53 0.24
CA MET G 438 36.34 54.24 1.56
C MET G 438 37.83 54.49 1.67
N GLN G 439 38.48 54.85 0.57
CA GLN G 439 39.87 55.29 0.57
C GLN G 439 40.00 56.76 0.98
N TYR G 440 38.91 57.38 1.42
CA TYR G 440 38.95 58.70 2.02
C TYR G 440 38.66 58.66 3.51
N VAL G 441 37.48 58.22 3.93
CA VAL G 441 37.22 58.11 5.37
C VAL G 441 38.36 57.36 6.04
N GLU G 442 38.75 56.22 5.49
CA GLU G 442 39.86 55.45 6.07
C GLU G 442 41.20 56.10 5.74
N ASP G 443 41.55 56.17 4.45
CA ASP G 443 42.83 56.73 4.01
C ASP G 443 42.85 58.26 4.26
N ALA G 444 43.89 58.74 4.94
CA ALA G 444 43.92 60.09 5.52
C ALA G 444 42.67 60.24 6.40
N HIS G 445 42.12 61.45 6.49
CA HIS G 445 40.87 61.66 7.23
C HIS G 445 40.93 60.97 8.59
N LYS G 446 40.25 59.84 8.76
CA LYS G 446 40.42 59.04 9.98
C LYS G 446 41.89 58.83 10.33
N LYS G 447 42.70 58.51 9.32
CA LYS G 447 44.13 58.24 9.52
C LYS G 447 44.88 59.50 9.94
N VAL G 448 44.84 60.54 9.09
CA VAL G 448 45.55 61.79 9.38
C VAL G 448 45.25 62.24 10.79
N GLN G 449 43.99 62.15 11.17
CA GLN G 449 43.54 62.75 12.41
C GLN G 449 43.88 61.88 13.61
N GLU G 450 43.75 60.56 13.50
CA GLU G 450 44.33 59.80 14.62
C GLU G 450 45.83 60.02 14.67
N ARG G 451 46.45 60.40 13.55
CA ARG G 451 47.87 60.68 13.59
C ARG G 451 48.16 61.95 14.39
N ILE G 452 47.29 62.97 14.27
CA ILE G 452 47.48 64.17 15.08
C ILE G 452 47.23 63.87 16.57
N THR G 453 46.32 62.93 16.90
CA THR G 453 46.18 62.58 18.33
C THR G 453 47.42 61.85 18.85
N ASP G 454 47.97 60.91 18.08
CA ASP G 454 49.19 60.23 18.53
C ASP G 454 50.33 61.23 18.63
N ILE G 455 50.38 62.19 17.70
CA ILE G 455 51.40 63.23 17.71
C ILE G 455 51.24 64.10 18.97
N VAL G 456 50.00 64.30 19.45
CA VAL G 456 49.80 65.12 20.65
C VAL G 456 50.19 64.37 21.92
N THR G 457 49.88 63.09 22.01
CA THR G 457 50.24 62.39 23.23
C THR G 457 51.59 61.71 23.11
N GLY G 458 51.70 60.78 22.17
CA GLY G 458 52.91 60.00 22.03
C GLY G 458 54.16 60.82 22.15
N ARG G 459 54.33 61.93 21.43
CA ARG G 459 55.60 62.66 21.64
C ARG G 459 55.37 64.13 22.14
N LYS G 460 55.32 65.25 21.35
CA LYS G 460 55.87 65.51 19.98
C LYS G 460 57.42 65.66 20.00
N GLY G 461 58.03 66.65 20.67
CA GLY G 461 57.48 67.85 21.30
C GLY G 461 56.87 67.83 22.70
N LYS G 462 57.12 68.90 23.44
CA LYS G 462 56.31 69.25 24.60
C LYS G 462 56.17 70.75 24.63
N GLU G 463 54.96 71.25 24.47
CA GLU G 463 54.65 72.59 24.91
C GLU G 463 53.28 72.47 25.54
N ASN G 464 53.18 72.87 26.81
CA ASN G 464 51.96 72.61 27.55
C ASN G 464 50.91 73.60 27.07
N THR G 465 49.78 73.05 26.63
CA THR G 465 48.88 73.77 25.74
C THR G 465 48.30 75.03 26.33
N PHE G 466 48.11 75.09 27.64
CA PHE G 466 47.39 76.26 28.18
C PHE G 466 48.21 77.54 28.08
N LYS G 467 49.54 77.44 28.17
CA LYS G 467 50.35 78.64 27.97
C LYS G 467 50.28 79.11 26.52
N ILE G 468 50.03 78.20 25.59
CA ILE G 468 49.96 78.60 24.20
C ILE G 468 48.61 79.24 23.86
N ARG G 469 47.53 78.70 24.42
CA ARG G 469 46.24 79.37 24.27
C ARG G 469 46.31 80.77 24.85
N ASP G 470 46.86 80.88 26.05
CA ASP G 470 46.92 82.20 26.69
C ASP G 470 47.82 83.15 25.90
N GLU G 471 48.94 82.64 25.35
CA GLU G 471 49.79 83.51 24.55
C GLU G 471 49.06 84.04 23.34
N MET G 472 48.29 83.18 22.68
CA MET G 472 47.45 83.65 21.60
C MET G 472 46.55 84.79 22.07
N HIS G 473 45.96 84.63 23.25
CA HIS G 473 45.05 85.65 23.80
C HIS G 473 45.69 87.03 23.91
N ASP G 474 46.89 87.11 24.51
CA ASP G 474 47.55 88.42 24.59
C ASP G 474 47.91 88.94 23.20
N ILE G 475 48.46 88.07 22.33
CA ILE G 475 48.89 88.52 21.02
C ILE G 475 47.73 89.16 20.30
N MET G 476 46.52 88.59 20.47
CA MET G 476 45.35 89.17 19.82
C MET G 476 44.90 90.44 20.50
N MET G 477 44.97 90.51 21.84
CA MET G 477 44.53 91.76 22.45
C MET G 477 45.43 92.92 22.05
N GLU G 478 46.75 92.73 22.06
CA GLU G 478 47.58 93.87 21.69
C GLU G 478 47.64 94.05 20.17
N GLY G 479 47.72 92.98 19.41
CA GLY G 479 47.87 93.14 17.98
C GLY G 479 46.70 93.68 17.19
N VAL G 480 45.57 92.98 17.18
CA VAL G 480 44.43 93.41 16.40
C VAL G 480 43.30 93.74 17.36
N GLY G 481 43.15 95.02 17.67
CA GLY G 481 42.14 95.50 18.59
C GLY G 481 41.03 96.31 17.97
N ILE G 482 40.42 97.20 18.76
CA ILE G 482 39.49 98.10 18.12
C ILE G 482 40.27 99.04 17.25
N PHE G 483 41.50 99.37 17.64
CA PHE G 483 42.38 100.21 16.85
C PHE G 483 43.64 99.44 16.46
N ARG G 484 43.78 99.22 15.15
CA ARG G 484 44.84 98.39 14.61
C ARG G 484 45.78 99.30 13.82
N ASN G 485 47.07 99.08 14.01
CA ASN G 485 48.13 99.85 13.38
C ASN G 485 49.06 98.93 12.62
N GLY G 486 49.96 99.52 11.83
CA GLY G 486 50.83 98.71 11.00
C GLY G 486 51.75 97.78 11.78
N THR G 487 52.48 98.34 12.76
CA THR G 487 53.53 97.54 13.39
C THR G 487 53.01 96.58 14.45
N ASP G 488 51.97 96.97 15.21
CA ASP G 488 51.43 96.03 16.18
C ASP G 488 50.84 94.82 15.47
N LEU G 489 50.24 95.06 14.28
CA LEU G 489 49.75 94.00 13.44
C LEU G 489 50.88 93.15 12.88
N GLN G 490 51.92 93.79 12.35
CA GLN G 490 53.01 93.01 11.75
C GLN G 490 53.74 92.16 12.80
N LYS G 491 54.00 92.72 13.99
CA LYS G 491 54.56 91.91 15.09
C LYS G 491 53.62 90.78 15.45
N ALA G 492 52.32 91.09 15.56
CA ALA G 492 51.36 90.06 15.87
C ALA G 492 51.45 88.90 14.88
N VAL G 493 51.35 89.18 13.58
CA VAL G 493 51.47 88.12 12.58
C VAL G 493 52.81 87.41 12.68
N ASN G 494 53.89 88.11 13.04
CA ASN G 494 55.18 87.43 13.20
C ASN G 494 55.11 86.37 14.30
N LYS G 495 54.69 86.77 15.50
CA LYS G 495 54.66 85.84 16.61
C LYS G 495 53.54 84.81 16.45
N LEU G 496 52.49 85.14 15.70
CA LEU G 496 51.45 84.15 15.48
C LEU G 496 51.93 83.07 14.54
N GLU G 497 52.73 83.43 13.53
CA GLU G 497 53.31 82.39 12.69
C GLU G 497 54.27 81.51 13.48
N GLU G 498 55.22 82.14 14.20
CA GLU G 498 56.10 81.31 15.03
C GLU G 498 55.31 80.49 16.03
N LEU G 499 54.12 80.97 16.44
CA LEU G 499 53.33 80.25 17.42
C LEU G 499 52.57 79.07 16.81
N TYR G 500 52.13 79.16 15.55
CA TYR G 500 51.56 78.00 14.87
C TYR G 500 52.62 76.94 14.66
N ASP G 501 53.83 77.36 14.28
CA ASP G 501 54.95 76.43 14.36
C ASP G 501 55.03 75.84 15.76
N ARG G 502 54.89 76.67 16.79
CA ARG G 502 55.02 76.20 18.18
C ARG G 502 53.94 75.19 18.58
N SER G 503 52.73 75.28 18.02
CA SER G 503 51.64 74.41 18.45
C SER G 503 51.70 73.04 17.78
N GLN G 504 52.68 72.84 16.89
CA GLN G 504 52.95 71.51 16.37
C GLN G 504 53.74 70.68 17.38
N LYS G 505 54.41 71.31 18.31
CA LYS G 505 55.02 70.59 19.41
C LYS G 505 54.13 70.82 20.63
N ILE G 506 53.25 69.87 20.92
CA ILE G 506 52.36 69.95 22.08
C ILE G 506 52.42 68.62 22.80
N SER G 507 52.37 68.66 24.11
CA SER G 507 52.17 67.45 24.88
C SER G 507 51.22 67.84 25.99
N LEU G 508 50.61 66.84 26.62
CA LEU G 508 49.60 67.08 27.62
C LEU G 508 50.13 66.85 29.03
N SER G 509 49.76 67.78 29.94
CA SER G 509 50.11 67.77 31.36
C SER G 509 49.48 66.59 32.08
N SER G 510 48.64 65.82 31.37
CA SER G 510 47.82 64.73 31.84
C SER G 510 48.42 63.42 31.37
N ALA G 511 47.74 62.33 31.69
CA ALA G 511 48.14 61.00 31.28
C ALA G 511 47.33 60.59 30.04
N CYS G 512 47.65 59.42 29.50
CA CYS G 512 46.98 58.93 28.31
C CYS G 512 45.65 58.36 28.78
N LYS G 513 44.55 58.98 28.37
CA LYS G 513 43.28 58.66 28.99
C LYS G 513 42.15 58.65 27.97
N GLY G 514 41.26 57.67 28.10
CA GLY G 514 40.06 57.63 27.28
C GLY G 514 39.16 58.79 27.64
N MET G 515 38.82 59.61 26.65
CA MET G 515 38.21 60.94 26.87
C MET G 515 39.06 61.78 27.83
N ASN G 516 40.16 62.24 27.29
CA ASN G 516 40.93 63.17 28.11
C ASN G 516 40.49 64.61 27.83
N PRO G 517 40.14 65.37 28.86
CA PRO G 517 39.73 66.77 28.65
C PRO G 517 40.86 67.70 28.27
N GLU G 518 42.10 67.35 28.58
CA GLU G 518 43.21 68.18 28.13
C GLU G 518 43.42 68.06 26.63
N LEU G 519 43.52 66.83 26.12
CA LEU G 519 43.66 66.68 24.69
C LEU G 519 42.55 67.43 23.98
N SER G 520 41.36 67.45 24.57
CA SER G 520 40.20 68.14 23.99
C SER G 520 40.53 69.58 23.59
N THR G 521 41.25 70.31 24.44
CA THR G 521 41.68 71.65 24.05
C THR G 521 42.92 71.59 23.15
N ALA G 522 43.85 70.67 23.48
CA ALA G 522 45.13 70.58 22.79
C ALA G 522 44.93 70.33 21.32
N LEU G 523 43.86 69.63 20.97
CA LEU G 523 43.69 69.27 19.59
C LEU G 523 43.28 70.47 18.75
N ARG G 524 42.60 71.43 19.35
CA ARG G 524 42.13 72.59 18.60
C ARG G 524 42.94 73.84 18.82
N ILE G 525 43.96 73.80 19.67
CA ILE G 525 44.89 74.93 19.74
C ILE G 525 45.44 75.27 18.36
N ARG G 526 46.02 74.29 17.64
CA ARG G 526 46.55 74.58 16.31
C ARG G 526 45.54 75.29 15.41
N GLY G 527 44.33 74.74 15.27
CA GLY G 527 43.35 75.37 14.38
C GLY G 527 42.99 76.77 14.82
N MET G 528 42.82 76.96 16.13
CA MET G 528 42.56 78.27 16.70
C MET G 528 43.62 79.27 16.24
N LEU G 529 44.91 78.90 16.37
CA LEU G 529 45.96 79.74 15.80
C LEU G 529 45.67 80.07 14.36
N LYS G 530 45.38 79.03 13.56
CA LYS G 530 45.21 79.25 12.14
C LYS G 530 44.28 80.41 11.88
N LEU G 531 43.05 80.34 12.39
CA LEU G 531 42.12 81.41 12.05
C LEU G 531 42.42 82.70 12.82
N ALA G 532 43.22 82.62 13.88
CA ALA G 532 43.62 83.86 14.54
C ALA G 532 44.51 84.68 13.63
N GLN G 533 45.52 84.03 13.05
CA GLN G 533 46.35 84.74 12.10
C GLN G 533 45.61 85.00 10.81
N CYS G 534 44.52 84.27 10.54
CA CYS G 534 43.64 84.70 9.46
C CYS G 534 43.13 86.09 9.73
N THR G 535 42.80 86.38 10.98
CA THR G 535 42.41 87.75 11.27
C THR G 535 43.61 88.67 11.24
N ALA G 536 44.75 88.22 11.79
CA ALA G 536 45.93 89.06 11.89
C ALA G 536 46.51 89.43 10.53
N TYR G 537 46.98 88.44 9.78
CA TYR G 537 47.46 88.70 8.43
C TYR G 537 46.34 89.18 7.52
N GLY G 538 45.09 88.87 7.86
CA GLY G 538 44.00 89.40 7.06
C GLY G 538 43.92 90.91 7.15
N ALA G 539 44.10 91.44 8.36
CA ALA G 539 44.01 92.88 8.59
C ALA G 539 45.27 93.58 8.14
N LEU G 540 46.43 92.97 8.36
CA LEU G 540 47.71 93.59 8.02
C LEU G 540 47.79 93.88 6.52
N ASP G 541 47.65 92.85 5.68
CA ASP G 541 47.80 93.07 4.25
C ASP G 541 46.64 93.84 3.64
N ARG G 542 45.64 94.18 4.43
CA ARG G 542 44.52 95.02 3.99
C ARG G 542 44.80 96.41 4.48
N THR G 543 45.13 97.33 3.59
CA THR G 543 45.44 98.70 3.99
C THR G 543 44.29 99.62 3.56
N GLU G 544 43.37 99.86 4.50
CA GLU G 544 42.19 100.71 4.36
C GLU G 544 41.33 100.55 5.62
N SER G 545 40.26 101.34 5.75
CA SER G 545 39.47 101.33 6.98
C SER G 545 38.00 101.15 6.66
N ARG G 546 37.43 100.03 7.10
CA ARG G 546 36.04 99.73 6.86
C ARG G 546 35.48 99.01 8.09
N GLY G 547 34.27 99.39 8.52
CA GLY G 547 33.61 98.70 9.62
C GLY G 547 34.43 98.61 10.89
N ALA G 548 34.42 97.43 11.50
CA ALA G 548 35.21 97.20 12.70
C ALA G 548 36.70 97.11 12.43
N HIS G 549 37.10 97.09 11.18
CA HIS G 549 38.50 97.04 10.83
C HIS G 549 38.99 98.45 10.66
N THR G 550 39.79 98.94 11.60
CA THR G 550 40.23 100.33 11.59
C THR G 550 41.73 100.46 11.72
N ARG G 551 42.35 100.94 10.65
CA ARG G 551 43.78 101.18 10.58
C ARG G 551 44.04 102.64 10.89
N GLU G 552 44.78 102.91 11.97
CA GLU G 552 45.09 104.30 12.26
C GLU G 552 45.80 104.94 11.08
N ASP G 553 46.58 104.16 10.35
CA ASP G 553 47.44 104.66 9.28
C ASP G 553 46.77 104.66 7.92
N PHE G 554 45.51 104.26 7.82
CA PHE G 554 44.82 104.42 6.55
C PHE G 554 43.37 104.78 6.80
N PRO G 555 43.09 105.94 7.38
CA PRO G 555 41.73 106.21 7.90
C PRO G 555 40.64 106.32 6.83
N GLU G 556 40.96 106.87 5.68
CA GLU G 556 40.00 106.97 4.58
C GLU G 556 39.50 105.57 4.17
N ARG G 557 38.28 105.50 3.62
CA ARG G 557 37.63 104.21 3.34
C ARG G 557 38.20 103.51 2.09
N ASN G 558 38.53 104.26 1.04
CA ASN G 558 39.12 103.71 -0.17
C ASN G 558 38.21 102.67 -0.83
N ASP G 559 37.05 103.13 -1.29
CA ASP G 559 36.15 102.29 -2.07
C ASP G 559 36.76 101.97 -3.42
N LYS G 560 37.82 102.68 -3.79
CA LYS G 560 38.49 102.51 -5.07
C LYS G 560 39.34 101.25 -5.11
N GLU G 561 40.23 101.08 -4.13
CA GLU G 561 41.16 99.95 -4.08
C GLU G 561 40.67 98.76 -3.26
N TRP G 562 39.69 98.94 -2.36
CA TRP G 562 39.10 97.77 -1.70
C TRP G 562 37.58 97.86 -1.65
N LEU G 563 36.93 97.17 -2.56
CA LEU G 563 35.54 96.84 -2.39
C LEU G 563 35.68 95.36 -2.70
N ASN G 564 35.86 94.52 -1.66
CA ASN G 564 36.28 93.13 -1.87
C ASN G 564 36.24 92.35 -0.54
N ARG G 565 36.72 91.10 -0.59
CA ARG G 565 36.57 90.09 0.45
C ARG G 565 37.90 89.39 0.70
N THR G 566 38.32 89.30 1.96
CA THR G 566 39.65 88.75 2.25
C THR G 566 39.52 87.25 2.42
N LEU G 567 39.93 86.49 1.39
CA LEU G 567 39.76 85.04 1.36
C LEU G 567 41.07 84.35 1.72
N SER G 568 41.06 83.58 2.79
CA SER G 568 42.28 82.98 3.28
C SER G 568 42.16 81.46 3.20
N TYR G 569 42.96 80.87 2.35
CA TYR G 569 43.02 79.43 2.27
C TYR G 569 44.17 79.00 3.14
N TRP G 570 44.51 77.73 3.06
CA TRP G 570 45.65 77.24 3.82
C TRP G 570 46.58 76.49 2.88
N LYS G 571 46.08 75.46 2.17
CA LYS G 571 46.91 74.81 1.17
C LYS G 571 48.13 74.14 1.81
N GLU G 572 47.92 72.89 2.27
CA GLU G 572 48.73 72.04 3.18
C GLU G 572 48.74 72.72 4.58
N GLY G 573 49.74 72.66 5.47
CA GLY G 573 51.12 72.22 5.39
C GLY G 573 51.96 73.47 5.60
N ALA G 574 51.32 74.65 5.51
CA ALA G 574 51.96 75.93 5.73
C ALA G 574 51.72 76.48 7.14
N SER G 575 52.51 77.50 7.49
CA SER G 575 52.41 78.24 8.74
C SER G 575 51.76 79.59 8.58
N MET G 576 51.29 79.93 7.38
CA MET G 576 50.78 81.25 7.15
C MET G 576 49.52 81.13 6.31
N PRO G 577 48.50 81.91 6.63
CA PRO G 577 47.28 81.85 5.82
C PRO G 577 47.57 82.44 4.47
N THR G 578 47.25 81.71 3.45
CA THR G 578 47.44 82.25 2.13
C THR G 578 46.26 83.13 1.83
N LEU G 579 46.52 84.29 1.27
CA LEU G 579 45.40 85.17 1.02
C LEU G 579 45.13 85.25 -0.46
N GLU G 580 43.87 85.49 -0.79
CA GLU G 580 43.49 85.97 -2.11
C GLU G 580 42.24 86.83 -1.98
N TYR G 581 42.01 87.67 -2.98
CA TYR G 581 40.93 88.62 -2.92
C TYR G 581 39.93 88.38 -4.05
N GLU G 582 38.72 88.83 -3.79
CA GLU G 582 37.58 88.56 -4.64
C GLU G 582 36.64 89.73 -4.47
N GLU G 583 35.99 90.11 -5.55
CA GLU G 583 35.07 91.21 -5.49
C GLU G 583 33.98 91.00 -4.45
N ALA G 584 33.29 92.08 -4.14
CA ALA G 584 32.14 92.05 -3.25
C ALA G 584 30.92 91.62 -4.09
N SER G 585 31.09 91.59 -5.41
CA SER G 585 30.07 91.18 -6.40
C SER G 585 29.20 92.31 -6.97
N PRO G 586 29.16 92.41 -8.31
CA PRO G 586 28.35 93.41 -8.96
C PRO G 586 26.94 93.31 -8.38
N TYR G 587 26.08 94.17 -8.87
CA TYR G 587 24.76 94.39 -8.28
C TYR G 587 24.94 95.03 -6.88
N TYR G 588 25.68 96.14 -6.82
CA TYR G 588 25.49 97.05 -5.69
C TYR G 588 24.13 97.72 -5.85
N GLU G 589 23.21 97.49 -4.94
CA GLU G 589 21.98 98.19 -5.18
C GLU G 589 22.07 99.62 -4.68
N MET G 590 22.72 99.83 -3.53
CA MET G 590 22.91 101.15 -2.94
C MET G 590 24.34 101.59 -3.19
N PRO G 591 24.58 102.78 -3.74
CA PRO G 591 25.90 103.10 -4.26
C PRO G 591 26.88 103.29 -3.13
N PRO G 592 28.18 103.20 -3.38
CA PRO G 592 29.15 103.51 -2.33
C PRO G 592 28.85 104.90 -1.79
N GLY G 593 28.71 105.00 -0.48
CA GLY G 593 28.15 106.22 0.04
C GLY G 593 28.42 106.42 1.50
N ASP G 594 27.68 107.37 2.08
CA ASP G 594 27.84 107.73 3.47
C ASP G 594 27.04 106.79 4.35
N ARG G 595 27.65 106.47 5.49
CA ARG G 595 27.07 105.50 6.39
C ARG G 595 25.81 106.02 7.08
N GLY G 596 25.71 107.32 7.31
CA GLY G 596 24.64 107.84 8.14
C GLY G 596 25.02 108.00 9.60
N TYR G 597 26.24 107.66 9.97
CA TYR G 597 26.85 107.95 11.27
C TYR G 597 28.36 107.82 11.09
N GLY G 598 29.12 108.43 12.00
CA GLY G 598 30.56 108.30 11.92
C GLY G 598 31.09 109.23 10.84
N GLY G 599 32.32 109.72 10.97
CA GLY G 599 32.84 110.59 9.93
C GLY G 599 33.30 109.94 8.65
N GLY G 600 32.60 110.24 7.56
CA GLY G 600 32.97 109.63 6.31
C GLY G 600 34.24 110.18 5.71
N VAL G 601 35.29 109.37 5.69
CA VAL G 601 36.48 109.67 4.93
C VAL G 601 36.63 108.49 3.98
N THR G 602 36.31 108.71 2.72
CA THR G 602 36.35 107.64 1.75
C THR G 602 37.18 108.09 0.57
N ILE G 603 37.85 107.14 -0.06
CA ILE G 603 38.32 107.42 -1.39
C ILE G 603 37.11 106.95 -2.16
N ALA G 604 36.30 107.91 -2.60
CA ALA G 604 35.07 107.51 -3.27
C ALA G 604 35.47 106.75 -4.53
N ASN G 605 34.84 105.63 -4.76
CA ASN G 605 35.27 104.79 -5.86
C ASN G 605 34.71 105.35 -7.15
N GLU G 606 35.60 105.55 -8.12
CA GLU G 606 35.17 105.91 -9.46
C GLU G 606 34.85 104.66 -10.23
N LEU G 607 34.73 103.52 -9.52
CA LEU G 607 34.49 102.30 -10.26
C LEU G 607 33.20 101.61 -9.81
N PRO G 608 32.15 102.31 -9.39
CA PRO G 608 30.83 101.75 -9.48
C PRO G 608 30.04 102.21 -10.71
N PRO G 609 30.38 103.32 -11.41
CA PRO G 609 29.43 103.82 -12.43
C PRO G 609 29.15 102.89 -13.62
N GLU G 610 30.08 102.02 -14.01
CA GLU G 610 29.88 101.20 -15.20
C GLU G 610 28.67 100.31 -14.99
N LYS G 611 28.88 99.27 -14.19
CA LYS G 611 27.84 98.28 -13.97
C LYS G 611 27.34 98.37 -12.56
N PHE G 612 26.39 99.26 -12.36
CA PHE G 612 25.83 99.43 -11.04
C PHE G 612 24.55 98.64 -11.00
N VAL G 613 23.61 99.16 -10.22
CA VAL G 613 22.30 98.57 -10.08
C VAL G 613 21.77 97.85 -11.31
N ILE G 614 22.41 96.76 -11.71
CA ILE G 614 21.84 96.06 -12.85
C ILE G 614 21.31 94.73 -12.34
N PRO G 615 20.31 94.68 -11.47
CA PRO G 615 19.74 93.36 -11.17
C PRO G 615 19.10 92.84 -12.45
N GLU G 616 19.58 91.71 -12.95
CA GLU G 616 19.15 91.32 -14.30
C GLU G 616 18.10 90.22 -14.26
N ALA G 617 18.53 89.01 -13.89
CA ALA G 617 17.62 87.91 -13.59
C ALA G 617 17.55 87.78 -12.07
N ALA G 618 16.42 88.22 -11.51
CA ALA G 618 16.20 88.21 -10.07
C ALA G 618 15.54 86.90 -9.71
N LYS G 619 16.30 86.06 -9.03
CA LYS G 619 15.84 84.83 -8.41
C LYS G 619 15.36 85.11 -7.00
N GLU G 620 15.17 86.40 -6.68
CA GLU G 620 14.63 86.88 -5.41
C GLU G 620 13.21 86.42 -5.16
N ASN G 621 12.58 85.73 -6.11
CA ASN G 621 11.21 85.31 -5.86
C ASN G 621 11.23 83.93 -5.20
N LEU G 622 10.92 83.94 -3.89
CA LEU G 622 10.80 82.82 -2.97
C LEU G 622 9.94 83.31 -1.81
N MET H 1 38.35 87.05 48.46
CA MET H 1 38.62 88.20 49.32
C MET H 1 39.55 87.83 50.47
N ASN H 2 40.81 87.55 50.12
CA ASN H 2 41.90 87.27 51.04
C ASN H 2 41.65 85.92 51.71
N ARG H 3 40.41 85.42 51.64
CA ARG H 3 40.05 84.13 52.20
C ARG H 3 40.38 83.01 51.23
N MET H 4 40.78 81.87 51.78
CA MET H 4 41.14 80.71 51.00
C MET H 4 39.92 79.82 50.72
N LEU H 5 40.10 78.78 49.90
CA LEU H 5 39.02 77.90 49.49
C LEU H 5 39.49 76.46 49.57
N THR H 6 38.65 75.60 50.18
CA THR H 6 38.86 74.15 50.20
C THR H 6 37.81 73.48 49.32
N LEU H 7 38.29 72.66 48.39
CA LEU H 7 37.43 72.02 47.41
C LEU H 7 37.47 70.52 47.61
N ASN H 8 36.31 69.87 47.52
CA ASN H 8 36.23 68.41 47.42
C ASN H 8 35.53 68.06 46.10
N ILE H 9 36.28 67.46 45.18
CA ILE H 9 35.78 67.12 43.85
C ILE H 9 35.53 65.64 43.83
N PHE H 10 34.30 65.25 43.54
CA PHE H 10 34.09 63.86 43.25
C PHE H 10 35.02 63.49 42.11
N ARG H 11 35.77 62.42 42.28
CA ARG H 11 36.75 62.07 41.27
C ARG H 11 36.50 60.62 40.88
N TYR H 12 36.03 60.43 39.65
CA TYR H 12 35.77 59.09 39.16
C TYR H 12 35.80 59.12 37.64
N ASN H 13 36.08 57.96 37.07
CA ASN H 13 36.17 57.80 35.62
C ASN H 13 35.55 56.47 35.16
N PRO H 14 34.30 56.46 34.72
CA PRO H 14 33.65 55.19 34.41
C PRO H 14 34.39 54.33 33.42
N LEU H 15 35.27 54.92 32.62
CA LEU H 15 35.94 54.14 31.60
C LEU H 15 37.12 53.36 32.17
N ASP H 16 37.58 53.73 33.35
CA ASP H 16 38.63 52.98 34.03
C ASP H 16 38.07 52.33 35.28
N PRO H 17 37.99 51.00 35.36
CA PRO H 17 37.42 50.39 36.57
C PRO H 17 38.29 50.64 37.78
N ASP H 18 39.59 50.92 37.54
CA ASP H 18 40.64 51.16 38.54
C ASP H 18 40.56 52.53 39.18
N SER H 19 39.68 53.40 38.72
CA SER H 19 39.35 54.63 39.44
C SER H 19 38.09 54.32 40.24
N GLN H 20 38.21 54.22 41.54
CA GLN H 20 37.07 54.08 42.43
C GLN H 20 36.64 55.45 42.91
N PRO H 21 35.38 55.62 43.35
CA PRO H 21 34.99 56.93 43.86
C PRO H 21 35.98 57.41 44.91
N ARG H 22 36.59 58.54 44.63
CA ARG H 22 37.67 59.02 45.46
C ARG H 22 37.52 60.51 45.60
N MET H 23 38.15 61.07 46.61
CA MET H 23 37.97 62.49 46.86
C MET H 23 39.33 63.19 46.78
N GLN H 24 39.53 63.92 45.69
CA GLN H 24 40.71 64.75 45.53
C GLN H 24 40.36 66.10 46.13
N THR H 25 41.21 66.58 47.04
CA THR H 25 41.00 67.86 47.72
C THR H 25 42.04 68.86 47.22
N PHE H 26 41.57 70.04 46.80
CA PHE H 26 42.37 71.11 46.23
C PHE H 26 42.16 72.39 47.02
N THR H 27 43.07 73.36 46.81
CA THR H 27 43.03 74.64 47.53
C THR H 27 43.30 75.81 46.57
N VAL H 28 42.36 76.78 46.49
CA VAL H 28 42.55 78.00 45.69
C VAL H 28 42.21 79.24 46.51
N GLN H 29 43.00 80.31 46.34
CA GLN H 29 42.72 81.60 46.96
C GLN H 29 41.66 82.40 46.21
N GLU H 30 40.75 82.99 46.97
CA GLU H 30 39.57 83.64 46.41
C GLU H 30 39.81 85.14 46.28
N TYR H 31 40.04 85.61 45.06
CA TYR H 31 40.01 87.04 44.87
C TYR H 31 38.57 87.52 44.80
N ASP H 32 38.38 88.82 45.00
CA ASP H 32 37.04 89.40 45.07
C ASP H 32 36.21 88.97 43.86
N SER H 33 34.90 88.76 44.11
CA SER H 33 33.89 88.39 43.10
C SER H 33 34.39 87.30 42.15
N MET H 34 34.51 86.08 42.70
CA MET H 34 34.96 84.91 41.96
C MET H 34 33.88 83.86 41.97
N THR H 35 33.51 83.38 40.78
CA THR H 35 32.62 82.25 40.59
C THR H 35 33.40 80.93 40.72
N LEU H 36 32.68 79.88 41.06
CA LEU H 36 33.32 78.58 41.00
C LEU H 36 33.78 78.24 39.59
N PHE H 37 33.17 78.85 38.56
CA PHE H 37 33.65 78.67 37.19
C PHE H 37 35.10 79.09 37.07
N ILE H 38 35.45 80.23 37.67
CA ILE H 38 36.80 80.76 37.60
C ILE H 38 37.78 79.87 38.36
N ALA H 39 37.44 79.51 39.59
CA ALA H 39 38.29 78.61 40.37
C ALA H 39 38.50 77.30 39.64
N LEU H 40 37.42 76.66 39.20
CA LEU H 40 37.49 75.35 38.57
C LEU H 40 38.29 75.40 37.28
N THR H 41 37.96 76.37 36.43
CA THR H 41 38.68 76.50 35.17
C THR H 41 40.16 76.70 35.42
N GLN H 42 40.53 77.35 36.52
CA GLN H 42 41.95 77.46 36.78
C GLN H 42 42.51 76.16 37.31
N ILE H 43 41.72 75.38 38.04
CA ILE H 43 42.19 74.06 38.45
C ILE H 43 42.52 73.22 37.23
N ARG H 44 41.69 73.30 36.19
CA ARG H 44 41.92 72.50 34.98
C ARG H 44 43.03 73.07 34.10
N ASP H 45 42.80 74.25 33.48
CA ASP H 45 43.79 74.82 32.58
C ASP H 45 45.11 75.16 33.27
N GLU H 46 45.18 75.10 34.60
CA GLU H 46 46.39 75.41 35.36
C GLU H 46 46.93 74.15 36.03
N LYS H 47 46.22 73.60 37.02
CA LYS H 47 46.70 72.52 37.87
C LYS H 47 46.50 71.14 37.28
N ASP H 48 45.29 70.61 37.29
CA ASP H 48 45.05 69.30 36.70
C ASP H 48 44.10 69.36 35.52
N PRO H 49 44.62 69.26 34.30
CA PRO H 49 43.77 69.34 33.11
C PRO H 49 42.85 68.14 32.90
N THR H 50 43.04 67.03 33.63
CA THR H 50 42.24 65.82 33.38
C THR H 50 40.94 65.79 34.16
N LEU H 51 40.60 66.87 34.85
CA LEU H 51 39.29 67.00 35.46
C LEU H 51 38.19 67.10 34.40
N LYS H 52 37.04 66.44 34.66
CA LYS H 52 35.91 66.49 33.73
C LYS H 52 34.81 67.37 34.32
N VAL H 53 34.63 68.57 33.75
CA VAL H 53 33.53 69.48 34.05
C VAL H 53 32.89 69.91 32.73
N ASP H 54 31.60 70.30 32.79
CA ASP H 54 30.85 70.79 31.64
C ASP H 54 30.48 72.26 31.81
N PHE H 55 31.18 73.13 31.07
CA PHE H 55 30.93 74.57 31.06
C PHE H 55 30.65 75.02 29.62
N CYS H 56 29.69 75.93 29.44
CA CYS H 56 29.48 76.45 28.08
C CYS H 56 29.61 77.97 28.07
N CYS H 57 28.56 78.67 28.53
CA CYS H 57 28.48 80.12 28.41
C CYS H 57 29.07 80.88 29.60
N ARG H 58 29.27 80.20 30.74
CA ARG H 58 29.67 80.82 32.03
C ARG H 58 28.83 82.07 32.32
N ALA H 59 27.69 82.17 31.65
CA ALA H 59 26.79 83.29 31.75
C ALA H 59 25.58 83.02 32.61
N GLY H 60 25.40 81.81 33.12
CA GLY H 60 24.24 81.61 33.94
C GLY H 60 22.97 81.40 33.15
N ILE H 61 23.07 80.97 31.90
CA ILE H 61 21.86 80.69 31.13
C ILE H 61 21.85 79.28 30.56
N CYS H 62 22.97 78.82 30.01
CA CYS H 62 22.96 77.52 29.34
C CYS H 62 22.56 76.37 30.28
N GLY H 63 23.11 76.28 31.47
CA GLY H 63 22.68 75.19 32.34
C GLY H 63 23.49 73.92 32.25
N SER H 64 24.64 73.95 31.58
CA SER H 64 25.53 72.81 31.59
C SER H 64 26.33 72.78 32.88
N CYS H 65 26.41 73.90 33.61
CA CYS H 65 27.15 74.02 34.86
C CYS H 65 26.55 73.24 36.03
N ALA H 66 25.41 72.55 35.85
CA ALA H 66 24.77 71.88 36.98
C ALA H 66 25.73 70.90 37.64
N MET H 67 25.73 70.89 38.96
CA MET H 67 26.43 69.90 39.79
C MET H 67 25.95 70.12 41.21
N VAL H 68 26.41 69.25 42.13
CA VAL H 68 26.04 69.38 43.54
C VAL H 68 27.11 70.20 44.25
N ILE H 69 26.67 71.25 44.96
CA ILE H 69 27.57 72.18 45.66
C ILE H 69 27.29 72.05 47.15
N ASN H 70 28.25 71.46 47.89
CA ASN H 70 28.16 71.25 49.32
C ASN H 70 26.78 70.72 49.70
N GLY H 71 26.25 69.79 48.91
CA GLY H 71 24.99 69.16 49.22
C GLY H 71 23.80 69.65 48.42
N ARG H 72 23.89 70.85 47.82
CA ARG H 72 22.81 71.38 46.99
C ARG H 72 23.21 71.49 45.53
N PRO H 73 22.50 70.81 44.63
CA PRO H 73 22.65 71.03 43.19
C PRO H 73 22.22 72.43 42.76
N GLY H 74 23.01 73.02 41.87
CA GLY H 74 22.82 74.38 41.41
C GLY H 74 23.60 74.57 40.12
N LEU H 75 23.81 75.83 39.74
CA LEU H 75 24.64 76.13 38.58
C LEU H 75 25.99 76.63 39.09
N ALA H 76 27.07 76.13 38.52
CA ALA H 76 28.39 76.42 39.10
C ALA H 76 28.87 77.82 38.76
N CYS H 77 28.71 78.21 37.49
CA CYS H 77 29.08 79.55 37.01
C CYS H 77 28.25 80.66 37.66
N HIS H 78 26.99 80.38 37.95
CA HIS H 78 26.08 81.38 38.45
C HIS H 78 26.19 81.50 39.95
N THR H 79 27.06 80.71 40.57
CA THR H 79 27.34 80.78 42.00
C THR H 79 28.70 81.42 42.20
N GLN H 80 28.76 82.39 43.11
CA GLN H 80 29.99 83.10 43.44
C GLN H 80 30.51 82.64 44.79
N THR H 81 31.85 82.54 44.89
CA THR H 81 32.51 82.02 46.07
C THR H 81 32.24 82.82 47.32
N LYS H 82 31.70 84.02 47.20
CA LYS H 82 31.31 84.78 48.37
C LYS H 82 30.34 83.99 49.23
N ASP H 83 29.19 83.61 48.64
CA ASP H 83 28.16 82.93 49.42
C ASP H 83 28.59 81.58 49.94
N LEU H 84 29.68 81.02 49.44
CA LEU H 84 29.97 79.65 49.86
C LEU H 84 30.84 79.61 51.11
N PRO H 85 30.72 78.54 51.89
CA PRO H 85 31.65 78.37 53.01
C PRO H 85 33.07 78.18 52.49
N ALA H 86 34.04 77.97 53.38
CA ALA H 86 35.42 77.85 52.93
C ALA H 86 35.68 76.50 52.27
N GLU H 87 35.13 75.43 52.84
CA GLU H 87 35.26 74.08 52.28
C GLU H 87 34.11 73.83 51.31
N ILE H 88 34.45 73.66 50.06
CA ILE H 88 33.47 73.34 49.04
C ILE H 88 33.57 71.85 48.79
N THR H 89 32.43 71.25 48.48
CA THR H 89 32.37 69.84 48.09
C THR H 89 31.58 69.78 46.79
N LEU H 90 32.26 69.42 45.71
CA LEU H 90 31.64 69.35 44.38
C LEU H 90 31.44 67.90 44.02
N HIS H 91 30.18 67.51 43.89
CA HIS H 91 29.77 66.21 43.41
C HIS H 91 28.85 66.38 42.21
N PRO H 92 28.93 65.51 41.23
CA PRO H 92 28.05 65.61 40.07
C PRO H 92 26.59 65.36 40.46
N LEU H 93 25.68 65.92 39.66
CA LEU H 93 24.26 65.70 39.87
C LEU H 93 24.01 64.20 39.95
N PRO H 94 23.17 63.75 40.86
CA PRO H 94 22.83 62.32 40.82
C PRO H 94 21.72 62.12 39.83
N PHE H 95 21.21 60.89 39.78
CA PHE H 95 20.09 60.44 38.95
C PHE H 95 20.43 60.34 37.48
N PHE H 96 21.43 61.04 37.00
CA PHE H 96 21.70 61.07 35.58
C PHE H 96 22.88 60.18 35.27
N GLN H 97 22.93 59.63 34.05
CA GLN H 97 24.09 58.81 33.72
C GLN H 97 25.31 59.63 34.07
N LEU H 98 26.21 59.03 34.83
CA LEU H 98 27.44 59.70 35.22
C LEU H 98 28.46 59.54 34.10
N LEU H 99 28.89 60.66 33.53
CA LEU H 99 29.91 60.59 32.49
C LEU H 99 31.33 60.55 33.07
N GLY H 100 31.61 61.34 34.09
CA GLY H 100 32.81 61.18 34.88
C GLY H 100 33.06 62.41 35.73
N ASP H 101 33.81 62.27 36.82
CA ASP H 101 34.13 63.41 37.66
C ASP H 101 32.88 64.21 37.99
N LEU H 102 32.79 65.42 37.47
CA LEU H 102 31.67 66.29 37.75
C LEU H 102 30.59 66.30 36.67
N SER H 103 30.76 65.57 35.58
CA SER H 103 29.83 65.68 34.46
C SER H 103 28.78 64.57 34.48
N VAL H 104 27.52 64.97 34.26
CA VAL H 104 26.42 64.02 34.16
C VAL H 104 25.76 64.28 32.82
N ASP H 105 25.12 63.25 32.26
CA ASP H 105 24.44 63.40 30.99
C ASP H 105 22.98 63.70 31.27
N THR H 106 22.56 64.90 30.90
CA THR H 106 21.19 65.34 31.04
C THR H 106 20.52 65.39 29.68
N GLY H 107 21.05 66.19 28.74
CA GLY H 107 20.41 66.36 27.45
C GLY H 107 19.95 65.08 26.80
N SER H 108 20.64 63.97 27.07
CA SER H 108 20.15 62.68 26.64
C SER H 108 18.76 62.42 27.22
N TRP H 109 18.64 62.60 28.54
CA TRP H 109 17.36 62.40 29.19
C TRP H 109 16.31 63.36 28.64
N PHE H 110 16.68 64.63 28.45
CA PHE H 110 15.70 65.63 28.03
C PHE H 110 15.16 65.32 26.66
N ARG H 111 15.92 64.61 25.84
CA ARG H 111 15.36 64.21 24.56
C ARG H 111 14.47 62.98 24.67
N LYS H 112 14.87 61.99 25.48
CA LYS H 112 13.98 60.88 25.79
C LYS H 112 12.65 61.39 26.36
N THR H 113 12.74 62.23 27.39
CA THR H 113 11.57 62.73 28.08
C THR H 113 10.77 63.66 27.18
N GLY H 114 11.42 64.32 26.23
CA GLY H 114 10.64 65.05 25.28
C GLY H 114 9.79 64.14 24.41
N LEU H 115 10.38 63.15 23.72
CA LEU H 115 9.58 62.27 22.88
C LEU H 115 8.43 61.68 23.65
N GLN H 116 8.70 61.26 24.89
CA GLN H 116 7.65 60.69 25.72
C GLN H 116 6.50 61.66 25.92
N ILE H 117 6.80 62.86 26.43
CA ILE H 117 5.75 63.80 26.77
C ILE H 117 5.26 64.60 25.59
N GLU H 118 5.82 64.38 24.40
CA GLU H 118 5.45 65.17 23.21
C GLU H 118 5.52 66.66 23.49
N ALA H 119 6.75 67.16 23.66
CA ALA H 119 6.91 68.56 24.02
C ALA H 119 7.15 69.28 22.71
N TRP H 120 6.07 69.76 22.12
CA TRP H 120 6.09 70.61 20.94
C TRP H 120 4.71 71.22 20.82
N CYS H 121 4.58 72.24 19.99
CA CYS H 121 3.24 72.78 19.75
C CYS H 121 2.53 71.89 18.75
N HIS H 122 1.40 71.33 19.17
CA HIS H 122 0.67 70.44 18.29
C HIS H 122 -0.21 71.38 17.46
N SER H 123 0.07 71.47 16.17
CA SER H 123 -0.63 72.38 15.27
C SER H 123 -1.44 71.57 14.28
N ASP H 124 -2.77 71.75 14.31
CA ASP H 124 -3.64 71.04 13.38
C ASP H 124 -3.29 71.37 11.92
N ASP H 125 -2.76 72.56 11.65
CA ASP H 125 -2.22 72.92 10.34
C ASP H 125 -3.19 72.65 9.19
N LYS H 126 -2.66 72.20 8.04
CA LYS H 126 -3.38 72.00 6.78
C LYS H 126 -3.93 73.32 6.24
N ALA H 127 -3.86 74.37 7.05
CA ALA H 127 -4.20 75.75 6.71
C ALA H 127 -2.97 76.63 6.42
N PHE H 128 -1.76 76.06 6.35
CA PHE H 128 -0.52 76.80 6.58
C PHE H 128 -0.01 77.45 5.29
N ASP H 129 -0.15 78.79 5.23
CA ASP H 129 0.39 79.66 4.18
C ASP H 129 1.35 80.66 4.83
N PRO H 130 2.63 80.67 4.44
CA PRO H 130 3.64 81.42 5.24
C PRO H 130 3.36 82.92 5.41
N THR H 131 2.77 83.58 4.42
CA THR H 131 2.69 85.04 4.40
C THR H 131 1.46 85.62 5.09
N ALA H 132 0.63 84.80 5.75
CA ALA H 132 -0.62 85.28 6.31
C ALA H 132 -0.42 85.86 7.71
N ASP H 133 -1.52 86.35 8.29
CA ASP H 133 -1.49 87.09 9.54
C ASP H 133 -0.90 86.25 10.67
N GLU H 134 -0.28 86.91 11.64
CA GLU H 134 0.22 86.17 12.78
C GLU H 134 -0.88 86.02 13.83
N MET H 135 -0.51 85.46 14.98
CA MET H 135 -1.43 85.13 16.04
C MET H 135 -1.71 86.36 16.91
N ARG H 136 -2.82 86.34 17.63
CA ARG H 136 -3.11 87.36 18.62
C ARG H 136 -2.95 86.75 20.02
N MET H 137 -2.09 87.35 20.85
CA MET H 137 -1.86 86.89 22.22
C MET H 137 -1.59 88.08 23.12
N ASP H 138 -2.05 87.98 24.37
CA ASP H 138 -1.85 89.01 25.39
C ASP H 138 -0.44 88.96 25.99
N ASN H 139 -0.03 90.09 26.60
CA ASN H 139 1.30 90.22 27.20
C ASN H 139 1.49 89.38 28.47
N ASP H 140 0.43 89.18 29.27
CA ASP H 140 0.60 88.44 30.53
C ASP H 140 0.66 86.93 30.31
N LEU H 141 -0.17 86.39 29.41
CA LEU H 141 -0.07 84.98 29.10
C LEU H 141 1.04 84.67 28.11
N ALA H 142 1.48 85.66 27.33
CA ALA H 142 2.75 85.49 26.62
C ALA H 142 3.94 85.61 27.57
N ASN H 143 3.77 86.28 28.72
CA ASN H 143 4.78 86.30 29.76
C ASN H 143 4.66 85.09 30.68
N GLU H 144 3.54 84.38 30.60
CA GLU H 144 3.42 83.07 31.23
C GLU H 144 4.11 82.02 30.38
N ILE H 145 3.81 82.02 29.08
CA ILE H 145 4.56 81.15 28.19
C ILE H 145 6.04 81.48 28.25
N PHE H 146 6.39 82.78 28.34
CA PHE H 146 7.82 83.08 28.50
C PHE H 146 8.35 82.66 29.85
N GLU H 147 7.55 82.74 30.91
CA GLU H 147 8.11 82.36 32.20
C GLU H 147 8.40 80.87 32.26
N LEU H 148 7.54 80.02 31.68
CA LEU H 148 7.83 78.58 31.69
C LEU H 148 8.75 78.13 30.56
N ASP H 149 8.53 78.60 29.33
CA ASP H 149 9.38 78.23 28.22
C ASP H 149 10.82 78.68 28.45
N ARG H 150 11.03 79.48 29.47
CA ARG H 150 12.33 80.03 29.80
C ARG H 150 13.24 79.03 30.49
N CYS H 151 12.77 77.83 30.82
CA CYS H 151 13.65 76.90 31.52
C CYS H 151 14.92 76.61 30.73
N ILE H 152 16.03 76.52 31.46
CA ILE H 152 17.36 76.31 30.89
C ILE H 152 17.80 74.87 30.95
N GLU H 153 16.95 73.98 31.45
CA GLU H 153 17.16 72.54 31.31
C GLU H 153 18.40 72.08 32.05
N CYS H 154 18.50 72.50 33.32
CA CYS H 154 19.69 72.21 34.11
C CYS H 154 19.68 70.80 34.65
N GLY H 155 18.54 70.33 35.15
CA GLY H 155 18.40 69.01 35.73
C GLY H 155 18.41 68.93 37.24
N CYS H 156 18.27 70.05 37.94
CA CYS H 156 18.38 69.98 39.39
C CYS H 156 17.10 69.42 39.99
N CYS H 157 15.96 69.86 39.46
CA CYS H 157 14.70 69.46 40.06
C CYS H 157 14.46 67.97 39.97
N VAL H 158 15.09 67.26 39.04
CA VAL H 158 15.09 65.81 39.19
C VAL H 158 16.15 65.38 40.20
N ALA H 159 17.41 65.78 40.00
CA ALA H 159 18.53 65.31 40.82
C ALA H 159 18.34 65.58 42.30
N ALA H 160 17.48 66.51 42.67
CA ALA H 160 17.14 66.75 44.04
C ALA H 160 15.82 66.08 44.41
N CYS H 161 15.18 65.41 43.46
CA CYS H 161 13.86 64.87 43.72
C CYS H 161 14.01 63.45 44.21
N GLY H 162 13.70 63.23 45.48
CA GLY H 162 13.67 61.86 45.96
C GLY H 162 12.79 60.94 45.12
N THR H 163 11.64 61.43 44.69
CA THR H 163 10.77 60.60 43.87
C THR H 163 11.48 60.11 42.62
N ALA H 164 12.08 61.03 41.84
CA ALA H 164 12.86 60.65 40.66
C ALA H 164 14.02 59.74 41.04
N ARG H 165 14.76 60.14 42.04
CA ARG H 165 15.96 59.39 42.38
C ARG H 165 15.62 57.98 42.81
N MET H 166 14.44 57.77 43.39
CA MET H 166 14.01 56.45 43.83
C MET H 166 13.41 55.63 42.69
N ARG H 167 12.60 56.24 41.85
CA ARG H 167 11.96 55.54 40.75
C ARG H 167 12.48 56.20 39.45
N THR H 168 13.38 55.52 38.75
CA THR H 168 14.02 56.17 37.60
C THR H 168 13.04 56.39 36.46
N ASP H 169 11.95 55.64 36.42
CA ASP H 169 10.94 55.84 35.41
C ASP H 169 10.14 57.09 35.63
N PHE H 170 10.34 57.76 36.77
CA PHE H 170 9.63 58.99 37.09
C PHE H 170 10.03 60.08 36.09
N LEU H 171 9.07 60.85 35.59
CA LEU H 171 9.49 61.75 34.52
C LEU H 171 9.74 63.18 34.98
N GLY H 172 9.49 63.50 36.25
CA GLY H 172 10.18 64.70 36.73
C GLY H 172 9.38 65.98 36.61
N ALA H 173 9.61 66.87 37.60
CA ALA H 173 9.01 68.20 37.60
C ALA H 173 9.25 68.92 36.28
N VAL H 174 10.47 68.81 35.74
CA VAL H 174 10.79 69.33 34.40
C VAL H 174 9.76 68.88 33.37
N SER H 175 9.49 67.58 33.34
CA SER H 175 8.62 67.08 32.28
C SER H 175 7.20 67.59 32.48
N ILE H 176 6.76 67.65 33.74
CA ILE H 176 5.47 68.23 34.08
C ILE H 176 5.36 69.66 33.56
N MET H 177 6.40 70.48 33.82
CA MET H 177 6.40 71.89 33.43
C MET H 177 6.40 72.10 31.92
N ARG H 178 7.16 71.27 31.18
CA ARG H 178 7.11 71.41 29.73
C ARG H 178 5.72 71.11 29.23
N VAL H 179 5.09 70.06 29.77
CA VAL H 179 3.72 69.73 29.39
C VAL H 179 2.77 70.85 29.77
N ALA H 180 3.00 71.46 30.92
CA ALA H 180 2.20 72.59 31.32
C ALA H 180 2.35 73.75 30.33
N ARG H 181 3.58 74.12 30.03
CA ARG H 181 3.84 75.25 29.14
C ARG H 181 3.32 75.00 27.73
N PHE H 182 3.12 73.75 27.31
CA PHE H 182 2.36 73.68 26.07
C PHE H 182 0.85 73.61 26.32
N TYR H 183 0.44 73.35 27.55
CA TYR H 183 -1.00 73.32 27.87
C TYR H 183 -1.60 74.71 27.78
N LEU H 184 -1.08 75.65 28.59
CA LEU H 184 -1.56 77.02 28.63
C LEU H 184 -1.24 77.77 27.35
N ASP H 185 -0.56 77.13 26.42
CA ASP H 185 -0.30 77.69 25.11
C ASP H 185 -1.50 77.46 24.20
N PRO H 186 -2.01 78.50 23.52
CA PRO H 186 -3.11 78.28 22.59
C PRO H 186 -2.70 77.56 21.33
N ARG H 187 -1.52 77.87 20.78
CA ARG H 187 -1.05 77.32 19.52
C ARG H 187 -0.89 75.80 19.55
N ASP H 188 -0.75 75.21 20.74
CA ASP H 188 -0.64 73.77 20.91
C ASP H 188 -2.05 73.23 21.16
N LYS H 189 -2.59 72.50 20.18
CA LYS H 189 -3.97 72.04 20.24
C LYS H 189 -3.98 70.59 20.71
N ARG H 190 -4.29 70.36 21.99
CA ARG H 190 -4.38 69.01 22.50
C ARG H 190 -5.55 68.97 23.48
N SER H 191 -6.49 68.05 23.27
CA SER H 191 -7.55 67.95 24.25
C SER H 191 -6.96 67.59 25.60
N GLU H 192 -7.65 67.99 26.65
CA GLU H 192 -7.20 67.64 27.99
C GLU H 192 -7.09 66.13 28.18
N ASP H 193 -7.81 65.34 27.40
CA ASP H 193 -7.63 63.90 27.51
C ASP H 193 -6.29 63.47 26.99
N ASP H 194 -5.79 64.15 25.96
CA ASP H 194 -4.45 63.91 25.44
C ASP H 194 -3.38 64.27 26.44
N TYR H 195 -3.49 65.44 27.05
CA TYR H 195 -2.57 65.77 28.13
C TYR H 195 -2.65 64.72 29.23
N TYR H 196 -3.86 64.23 29.53
CA TYR H 196 -3.95 63.14 30.48
C TYR H 196 -3.18 61.93 29.94
N ASP H 197 -3.28 61.69 28.64
CA ASP H 197 -2.56 60.57 28.05
C ASP H 197 -1.07 60.75 28.21
N VAL H 198 -0.60 61.98 28.39
CA VAL H 198 0.84 62.21 28.48
C VAL H 198 1.38 62.01 29.91
N ILE H 199 1.06 62.91 30.84
CA ILE H 199 1.59 62.86 32.21
C ILE H 199 0.60 62.38 33.26
N GLY H 200 -0.66 62.11 32.90
CA GLY H 200 -1.65 61.71 33.88
C GLY H 200 -1.60 60.27 34.36
N ASN H 201 -1.07 59.39 33.54
CA ASN H 201 -1.05 57.96 33.74
C ASN H 201 -0.18 57.54 34.91
N ASP H 202 0.29 58.53 35.66
CA ASP H 202 1.24 58.49 36.77
C ASP H 202 2.67 58.18 36.36
N GLN H 203 3.49 57.86 37.36
CA GLN H 203 4.93 57.83 37.34
C GLN H 203 5.45 59.16 36.82
N GLY H 204 4.59 60.01 36.27
CA GLY H 204 4.87 61.43 36.25
C GLY H 204 4.19 62.33 37.26
N VAL H 205 2.88 62.51 37.11
CA VAL H 205 2.21 63.56 37.87
C VAL H 205 1.82 63.09 39.27
N PHE H 206 1.15 61.94 39.35
CA PHE H 206 0.69 61.39 40.60
C PHE H 206 1.74 60.58 41.31
N GLY H 207 2.95 60.51 40.76
CA GLY H 207 4.08 59.94 41.45
C GLY H 207 4.74 60.94 42.36
N CYS H 208 4.42 62.22 42.13
CA CYS H 208 5.00 63.32 42.88
C CYS H 208 4.52 63.26 44.32
N MET H 209 5.48 63.16 45.22
CA MET H 209 5.24 63.02 46.64
C MET H 209 5.25 64.36 47.36
N GLY H 210 5.46 65.47 46.63
CA GLY H 210 5.35 66.75 47.27
C GLY H 210 6.51 67.03 48.17
N LEU H 211 7.72 66.79 47.67
CA LEU H 211 8.91 67.13 48.43
C LEU H 211 9.27 68.62 48.32
N LEU H 212 8.92 69.27 47.21
CA LEU H 212 9.20 70.68 46.97
C LEU H 212 10.69 71.02 46.98
N ALA H 213 11.57 70.03 46.79
CA ALA H 213 12.97 70.36 46.60
C ALA H 213 13.20 71.00 45.24
N CYS H 214 12.30 70.73 44.29
CA CYS H 214 12.25 71.32 42.96
C CYS H 214 12.34 72.82 43.09
N GLU H 215 11.26 73.40 43.63
CA GLU H 215 11.17 74.84 43.83
C GLU H 215 12.45 75.39 44.42
N ASP H 216 13.03 74.66 45.37
CA ASP H 216 14.11 75.22 46.17
C ASP H 216 15.49 75.12 45.53
N VAL H 217 15.73 74.27 44.53
CA VAL H 217 17.08 74.26 43.96
C VAL H 217 17.22 75.04 42.65
N CYS H 218 16.12 75.54 42.08
CA CYS H 218 16.18 76.01 40.69
C CYS H 218 16.90 77.35 40.50
N PRO H 219 17.96 77.41 39.69
CA PRO H 219 18.66 78.70 39.52
C PRO H 219 17.86 79.73 38.76
N LYS H 220 17.12 79.35 37.73
CA LYS H 220 16.40 80.37 36.97
C LYS H 220 15.01 80.62 37.53
N GLY H 221 14.63 79.95 38.62
CA GLY H 221 13.44 80.32 39.35
C GLY H 221 12.11 80.17 38.64
N ILE H 222 11.85 78.94 38.22
CA ILE H 222 10.62 78.60 37.52
C ILE H 222 9.58 78.36 38.59
N PRO H 223 8.39 78.89 38.38
CA PRO H 223 7.32 78.74 39.38
C PRO H 223 6.72 77.34 39.35
N LEU H 224 7.50 76.38 39.84
CA LEU H 224 7.11 74.96 39.76
C LEU H 224 5.92 74.64 40.65
N GLN H 225 5.86 75.24 41.84
CA GLN H 225 4.94 74.75 42.86
C GLN H 225 3.49 74.89 42.42
N ASP H 226 3.05 76.10 42.03
CA ASP H 226 1.64 76.27 41.69
C ASP H 226 1.32 75.78 40.28
N GLN H 227 2.33 75.59 39.43
CA GLN H 227 2.10 74.97 38.13
C GLN H 227 1.84 73.46 38.28
N LEU H 228 2.70 72.78 39.05
CA LEU H 228 2.38 71.41 39.44
C LEU H 228 1.02 71.35 40.10
N GLY H 229 0.73 72.30 40.99
CA GLY H 229 -0.53 72.24 41.70
C GLY H 229 -1.73 72.30 40.77
N ILE H 230 -1.77 73.31 39.91
CA ILE H 230 -2.92 73.44 39.03
C ILE H 230 -2.96 72.34 37.98
N MET H 231 -1.81 71.76 37.62
CA MET H 231 -1.85 70.68 36.65
C MET H 231 -2.29 69.37 37.31
N ARG H 232 -1.84 69.12 38.55
CA ARG H 232 -2.23 67.92 39.28
C ARG H 232 -3.68 67.98 39.72
N ARG H 233 -4.19 69.16 40.02
CA ARG H 233 -5.61 69.26 40.19
C ARG H 233 -6.31 69.05 38.86
N MET H 234 -5.89 69.77 37.82
CA MET H 234 -6.63 69.72 36.56
C MET H 234 -6.71 68.28 36.07
N MET H 235 -5.63 67.54 36.25
CA MET H 235 -5.59 66.16 35.82
C MET H 235 -6.28 65.23 36.80
N ALA H 236 -6.06 65.42 38.11
CA ALA H 236 -6.73 64.55 39.08
C ALA H 236 -8.25 64.60 38.90
N MET H 237 -8.79 65.78 38.56
CA MET H 237 -10.20 66.01 38.27
C MET H 237 -10.63 65.48 36.91
N HIS H 238 -9.76 64.85 36.14
CA HIS H 238 -10.24 64.17 34.95
C HIS H 238 -10.73 62.82 35.47
N SER H 239 -12.05 62.71 35.58
CA SER H 239 -12.78 61.64 36.26
C SER H 239 -14.24 62.04 36.29
N VAL H 240 -15.16 61.11 36.57
CA VAL H 240 -16.56 61.48 36.77
C VAL H 240 -17.16 60.57 37.88
N MET I 1 -9.69 38.06 26.23
CA MET I 1 -10.03 38.71 24.97
C MET I 1 -8.94 39.67 24.59
N ASN I 2 -8.79 40.68 25.45
CA ASN I 2 -7.79 41.74 25.43
C ASN I 2 -6.64 41.61 26.46
N ALA I 3 -6.43 40.41 27.05
CA ALA I 3 -5.49 40.08 28.15
C ALA I 3 -3.98 40.33 27.92
N SER I 4 -3.58 40.80 26.74
CA SER I 4 -2.18 41.18 26.47
C SER I 4 -1.84 42.64 26.86
N THR I 5 -1.08 43.34 25.99
CA THR I 5 -0.65 44.72 26.28
C THR I 5 -1.56 45.80 25.69
N ILE I 6 -1.57 45.95 24.37
CA ILE I 6 -2.50 46.82 23.65
C ILE I 6 -2.34 48.29 24.07
N THR I 7 -3.47 49.02 24.15
CA THR I 7 -3.53 50.39 24.66
C THR I 7 -4.71 50.54 25.60
N LEU I 8 -4.42 50.66 26.89
CA LEU I 8 -5.29 51.06 28.01
C LEU I 8 -6.65 50.32 28.01
N HIS I 9 -7.69 51.00 28.50
CA HIS I 9 -8.98 50.42 28.92
C HIS I 9 -9.98 51.59 28.91
N VAL I 10 -11.28 51.29 28.79
CA VAL I 10 -12.32 52.29 28.46
C VAL I 10 -12.02 52.67 27.01
N PRO I 11 -13.00 53.06 26.16
CA PRO I 11 -12.63 53.16 24.74
C PRO I 11 -11.81 54.39 24.32
N GLN I 12 -10.89 54.84 25.17
CA GLN I 12 -9.69 55.57 24.75
C GLN I 12 -8.51 55.10 25.59
N ARG I 13 -8.52 55.55 26.85
CA ARG I 13 -7.56 55.22 27.89
C ARG I 13 -8.37 55.11 29.19
N SER I 14 -7.75 54.68 30.30
CA SER I 14 -8.50 54.58 31.55
C SER I 14 -7.93 55.51 32.60
N LYS I 15 -8.81 56.12 33.39
CA LYS I 15 -8.46 57.21 34.30
C LYS I 15 -8.04 56.72 35.69
N ILE I 16 -7.97 55.41 35.89
CA ILE I 16 -7.91 54.83 37.24
C ILE I 16 -6.90 55.51 38.15
N ALA I 17 -5.77 55.98 37.58
CA ALA I 17 -4.71 56.52 38.41
C ALA I 17 -5.12 57.84 39.06
N GLY I 18 -5.70 58.73 38.26
CA GLY I 18 -6.14 60.01 38.81
C GLY I 18 -7.27 59.82 39.81
N ARG I 19 -8.26 58.99 39.44
CA ARG I 19 -9.32 58.64 40.37
C ARG I 19 -8.75 58.22 41.71
N MET I 20 -7.77 57.32 41.68
CA MET I 20 -7.29 56.77 42.94
C MET I 20 -6.43 57.77 43.72
N ASP I 21 -5.60 58.57 43.04
CA ASP I 21 -4.89 59.62 43.77
C ASP I 21 -5.89 60.56 44.42
N PHE I 22 -6.95 60.90 43.67
CA PHE I 22 -8.03 61.70 44.19
C PHE I 22 -8.59 61.13 45.48
N PHE I 23 -8.82 59.83 45.54
CA PHE I 23 -9.41 59.28 46.76
C PHE I 23 -8.40 59.01 47.86
N GLN I 24 -7.12 58.91 47.54
CA GLN I 24 -6.10 59.01 48.58
C GLN I 24 -6.18 60.39 49.21
N MET I 25 -6.41 61.41 48.37
CA MET I 25 -6.62 62.77 48.85
C MET I 25 -7.93 62.85 49.65
N VAL I 26 -8.95 62.10 49.23
CA VAL I 26 -10.26 62.07 49.89
C VAL I 26 -10.15 61.38 51.25
N SER I 27 -9.23 60.41 51.37
CA SER I 27 -8.89 59.84 52.67
C SER I 27 -8.11 60.85 53.50
N GLY I 28 -7.34 61.72 52.84
CA GLY I 28 -6.67 62.76 53.58
C GLY I 28 -7.64 63.81 54.12
N ALA I 29 -8.65 64.19 53.32
CA ALA I 29 -9.64 65.16 53.77
C ALA I 29 -10.59 64.56 54.80
N LEU I 30 -11.22 63.43 54.47
CA LEU I 30 -12.18 62.84 55.40
C LEU I 30 -11.48 62.33 56.64
N LEU I 31 -10.28 61.79 56.48
CA LEU I 31 -9.51 61.32 57.62
C LEU I 31 -8.89 62.46 58.43
N ILE I 32 -8.51 63.56 57.77
CA ILE I 32 -7.97 64.71 58.47
C ILE I 32 -9.06 65.35 59.34
N LEU I 33 -10.28 65.48 58.80
CA LEU I 33 -11.42 66.03 59.55
C LEU I 33 -11.81 65.11 60.71
N PHE I 34 -11.85 63.80 60.46
CA PHE I 34 -12.11 62.88 61.56
C PHE I 34 -11.16 63.18 62.70
N LEU I 35 -9.86 63.19 62.42
CA LEU I 35 -8.96 63.40 63.53
C LEU I 35 -9.15 64.78 64.15
N TRP I 36 -9.68 65.78 63.41
CA TRP I 36 -10.10 67.03 64.06
C TRP I 36 -11.14 66.77 65.15
N ALA I 37 -12.24 66.11 64.78
CA ALA I 37 -13.34 65.87 65.71
C ALA I 37 -12.89 65.01 66.90
N HIS I 38 -12.00 64.04 66.65
CA HIS I 38 -11.48 63.21 67.75
C HIS I 38 -10.64 64.04 68.71
N MET I 39 -9.77 64.92 68.18
CA MET I 39 -8.94 65.73 69.06
C MET I 39 -9.71 66.91 69.62
N MET I 40 -11.00 66.99 69.30
CA MET I 40 -11.94 67.87 69.97
C MET I 40 -12.69 67.13 71.09
N LEU I 41 -13.45 66.07 70.76
CA LEU I 41 -14.28 65.31 71.70
C LEU I 41 -13.55 64.76 72.94
N VAL I 42 -12.59 63.84 72.76
CA VAL I 42 -11.98 63.13 73.88
C VAL I 42 -10.85 63.92 74.50
N SER I 43 -10.51 65.06 73.92
CA SER I 43 -9.53 65.94 74.53
C SER I 43 -10.15 66.82 75.62
N SER I 44 -11.42 66.57 75.97
CA SER I 44 -12.23 67.33 76.93
C SER I 44 -12.03 66.92 78.41
N VAL I 45 -11.09 66.03 78.76
CA VAL I 45 -10.83 65.73 80.17
C VAL I 45 -10.16 66.92 80.83
N ILE I 46 -9.86 67.95 80.02
CA ILE I 46 -9.40 69.24 80.55
C ILE I 46 -10.59 70.07 81.03
N LEU I 47 -11.77 69.84 80.44
CA LEU I 47 -13.00 70.51 80.84
C LEU I 47 -13.67 69.79 82.02
N SER I 48 -14.07 68.52 81.83
CA SER I 48 -14.65 67.71 82.92
C SER I 48 -14.81 66.25 82.52
N PRO I 49 -14.62 65.30 83.44
CA PRO I 49 -14.97 63.91 83.12
C PRO I 49 -16.46 63.74 82.92
N SER I 50 -17.25 64.76 83.26
CA SER I 50 -18.69 64.76 83.05
C SER I 50 -19.08 65.27 81.67
N LEU I 51 -18.49 66.37 81.23
CA LEU I 51 -18.92 66.93 79.96
C LEU I 51 -18.44 66.11 78.75
N MET I 52 -17.26 65.51 78.80
CA MET I 52 -16.81 64.72 77.64
C MET I 52 -17.74 63.54 77.41
N ASN I 53 -18.19 62.89 78.47
CA ASN I 53 -19.16 61.82 78.35
C ASN I 53 -20.51 62.33 77.85
N GLY I 54 -20.93 63.51 78.29
CA GLY I 54 -22.22 64.04 77.86
C GLY I 54 -22.19 64.42 76.40
N ILE I 55 -21.15 65.18 76.01
CA ILE I 55 -20.93 65.55 74.62
C ILE I 55 -20.56 64.33 73.76
N ALA I 56 -20.11 63.24 74.38
CA ALA I 56 -19.85 61.99 73.66
C ALA I 56 -21.15 61.23 73.42
N TRP I 57 -21.95 61.12 74.47
CA TRP I 57 -23.23 60.44 74.39
C TRP I 57 -24.19 61.15 73.45
N PHE I 58 -24.15 62.50 73.42
CA PHE I 58 -25.19 63.18 72.63
C PHE I 58 -25.09 62.92 71.13
N PHE I 59 -24.05 62.22 70.66
CA PHE I 59 -23.97 61.88 69.25
C PHE I 59 -24.21 60.37 69.10
N GLU I 60 -25.40 60.00 68.63
CA GLU I 60 -25.77 58.64 68.26
C GLU I 60 -25.27 57.59 69.25
N ALA I 61 -25.32 57.91 70.55
CA ALA I 61 -24.85 57.02 71.62
C ALA I 61 -23.35 56.68 71.47
N THR I 62 -22.53 57.70 71.77
CA THR I 62 -21.06 57.67 71.72
C THR I 62 -20.46 57.48 70.32
N TYR I 63 -20.62 58.49 69.45
CA TYR I 63 -20.05 58.55 68.08
C TYR I 63 -20.52 57.42 67.16
N MET I 64 -21.65 56.79 67.49
CA MET I 64 -22.08 55.52 66.91
C MET I 64 -20.90 54.57 66.77
N ALA I 65 -20.00 54.55 67.77
CA ALA I 65 -18.76 53.78 67.69
C ALA I 65 -19.03 52.31 67.44
N GLN I 66 -20.27 51.86 67.60
CA GLN I 66 -20.65 50.59 67.02
C GLN I 66 -20.75 50.69 65.50
N ILE I 67 -21.56 51.63 64.98
CA ILE I 67 -21.77 51.75 63.53
C ILE I 67 -20.90 52.81 62.85
N GLY I 68 -20.26 53.68 63.61
CA GLY I 68 -19.38 54.67 63.01
C GLY I 68 -17.91 54.31 63.20
N GLY I 69 -17.64 53.35 64.08
CA GLY I 69 -16.30 52.91 64.35
C GLY I 69 -15.68 52.16 63.20
N PRO I 70 -16.39 51.15 62.68
CA PRO I 70 -15.93 50.53 61.41
C PRO I 70 -15.93 51.48 60.23
N ALA I 71 -16.67 52.59 60.27
CA ALA I 71 -16.58 53.58 59.20
C ALA I 71 -15.15 54.11 59.07
N VAL I 72 -14.61 54.62 60.18
CA VAL I 72 -13.22 55.11 60.21
C VAL I 72 -12.23 53.94 60.24
N PHE I 73 -12.69 52.74 60.57
CA PHE I 73 -11.81 51.58 60.51
C PHE I 73 -11.51 51.22 59.07
N VAL I 74 -12.54 50.87 58.31
CA VAL I 74 -12.36 50.55 56.90
C VAL I 74 -11.75 51.73 56.17
N LEU I 75 -12.11 52.97 56.57
CA LEU I 75 -11.50 54.11 55.89
C LEU I 75 -10.02 54.20 56.20
N MET I 76 -9.61 53.87 57.44
CA MET I 76 -8.18 54.00 57.73
C MET I 76 -7.39 52.90 57.03
N VAL I 77 -7.94 51.69 56.92
CA VAL I 77 -7.20 50.67 56.17
C VAL I 77 -7.14 51.01 54.69
N VAL I 78 -8.23 51.58 54.13
CA VAL I 78 -8.19 51.96 52.72
C VAL I 78 -7.11 53.03 52.50
N HIS I 79 -6.98 53.97 53.45
CA HIS I 79 -5.82 54.86 53.52
C HIS I 79 -4.50 54.07 53.52
N PHE I 80 -4.40 53.05 54.37
CA PHE I 80 -3.19 52.22 54.49
C PHE I 80 -2.79 51.61 53.16
N ILE I 81 -3.77 51.05 52.44
CA ILE I 81 -3.52 50.48 51.13
C ILE I 81 -3.04 51.57 50.18
N LEU I 82 -3.70 52.74 50.19
CA LEU I 82 -3.33 53.76 49.23
C LEU I 82 -1.94 54.28 49.51
N ALA I 83 -1.54 54.28 50.78
CA ALA I 83 -0.25 54.82 51.18
C ALA I 83 0.89 53.85 50.92
N ALA I 84 0.67 52.57 51.19
CA ALA I 84 1.77 51.63 50.99
C ALA I 84 2.31 51.67 49.57
N ARG I 85 1.54 52.17 48.60
CA ARG I 85 2.04 52.27 47.24
C ARG I 85 3.38 52.96 47.20
N LYS I 86 3.48 54.13 47.84
CA LYS I 86 4.66 54.97 47.76
C LYS I 86 5.63 54.79 48.94
N MET I 87 5.22 53.87 49.82
CA MET I 87 5.96 53.51 51.00
C MET I 87 7.18 52.91 50.38
N PRO I 88 8.33 53.28 50.91
CA PRO I 88 9.62 52.81 50.33
C PRO I 88 10.07 51.46 50.88
N PHE I 89 9.32 50.40 50.54
CA PHE I 89 9.54 49.10 51.17
C PHE I 89 10.81 48.41 50.66
N LYS I 90 11.05 48.40 49.35
CA LYS I 90 12.24 47.74 48.81
C LYS I 90 13.50 48.38 49.36
N GLN I 91 14.49 47.54 49.73
CA GLN I 91 15.71 48.02 50.38
C GLN I 91 16.46 49.08 49.57
N ASP I 92 16.26 49.11 48.24
CA ASP I 92 16.94 50.16 47.49
C ASP I 92 16.24 51.51 47.68
N GLU I 93 14.91 51.52 47.77
CA GLU I 93 14.18 52.77 47.99
C GLU I 93 14.53 53.38 49.35
N TRP I 94 14.61 52.56 50.39
CA TRP I 94 15.08 53.03 51.69
C TRP I 94 16.49 53.59 51.58
N LYS I 95 17.45 52.77 51.15
CA LYS I 95 18.84 53.22 51.09
C LYS I 95 18.95 54.56 50.35
N THR I 96 18.34 54.64 49.18
CA THR I 96 18.42 55.87 48.41
C THR I 96 17.79 57.04 49.17
N PHE I 97 16.52 56.96 49.56
CA PHE I 97 15.93 58.16 50.16
C PHE I 97 16.63 58.56 51.46
N ARG I 98 17.26 57.62 52.15
CA ARG I 98 18.02 57.99 53.34
C ARG I 98 19.23 58.83 52.95
N VAL I 99 20.02 58.37 51.98
CA VAL I 99 21.18 59.16 51.55
C VAL I 99 20.75 60.48 50.92
N HIS I 100 19.75 60.44 50.01
CA HIS I 100 19.26 61.64 49.35
C HIS I 100 18.75 62.67 50.34
N ALA I 101 18.00 62.24 51.35
CA ALA I 101 17.45 63.20 52.31
C ALA I 101 18.52 63.72 53.27
N CYS I 102 19.54 62.92 53.60
CA CYS I 102 20.57 63.49 54.46
C CYS I 102 21.51 64.40 53.71
N MET I 103 21.68 64.19 52.42
CA MET I 103 22.56 65.06 51.65
C MET I 103 21.89 66.36 51.23
N LEU I 104 20.57 66.34 51.03
CA LEU I 104 19.84 67.48 50.45
C LEU I 104 19.68 68.64 51.42
N HIS I 105 19.72 68.40 52.73
CA HIS I 105 19.43 69.44 53.71
C HIS I 105 18.05 70.05 53.48
N HIS I 106 17.16 69.30 52.86
CA HIS I 106 15.84 69.78 52.56
C HIS I 106 14.92 69.31 53.69
N LYS I 107 13.99 70.18 54.08
CA LYS I 107 13.04 69.85 55.15
C LYS I 107 11.99 68.87 54.65
N ASP I 108 11.18 69.30 53.70
CA ASP I 108 9.99 68.53 53.34
C ASP I 108 10.37 67.19 52.70
N THR I 109 11.46 67.18 51.92
CA THR I 109 12.06 65.89 51.54
C THR I 109 12.24 65.02 52.78
N THR I 110 12.86 65.57 53.83
CA THR I 110 13.15 64.74 54.99
C THR I 110 11.88 64.38 55.76
N MET I 111 10.85 65.22 55.70
CA MET I 111 9.57 64.89 56.32
C MET I 111 8.89 63.70 55.65
N TRP I 112 9.22 63.41 54.38
CA TRP I 112 8.68 62.20 53.78
C TRP I 112 9.02 60.93 54.57
N VAL I 113 10.27 60.81 55.03
CA VAL I 113 10.66 59.63 55.82
C VAL I 113 9.87 59.54 57.13
N VAL I 114 9.53 60.69 57.75
CA VAL I 114 8.75 60.62 58.99
C VAL I 114 7.31 60.23 58.70
N GLN I 115 6.76 60.67 57.58
CA GLN I 115 5.44 60.15 57.22
C GLN I 115 5.47 58.62 57.13
N VAL I 116 6.58 58.06 56.69
CA VAL I 116 6.72 56.61 56.54
C VAL I 116 6.84 55.91 57.90
N ILE I 117 7.95 56.20 58.58
CA ILE I 117 8.22 55.53 59.84
C ILE I 117 7.04 55.74 60.79
N SER I 118 6.51 56.96 60.83
CA SER I 118 5.29 57.20 61.59
C SER I 118 4.17 56.27 61.12
N ALA I 119 4.10 56.05 59.80
CA ALA I 119 2.99 55.30 59.24
C ALA I 119 2.83 53.94 59.88
N ILE I 120 3.93 53.21 60.11
CA ILE I 120 3.69 51.87 60.67
C ILE I 120 3.31 51.91 62.17
N PHE I 121 3.97 52.76 62.97
CA PHE I 121 3.64 52.79 64.40
C PHE I 121 2.18 53.18 64.64
N ILE I 122 1.68 54.17 63.88
CA ILE I 122 0.27 54.57 64.02
C ILE I 122 -0.70 53.59 63.34
N LEU I 123 -0.22 52.78 62.39
CA LEU I 123 -0.99 51.66 61.84
C LEU I 123 -1.36 50.65 62.92
N VAL I 124 -0.33 50.03 63.51
CA VAL I 124 -0.54 49.02 64.56
C VAL I 124 -1.26 49.62 65.77
N LEU I 125 -0.61 50.60 66.46
CA LEU I 125 -1.17 51.09 67.72
C LEU I 125 -2.50 51.80 67.51
N GLY I 126 -2.65 52.53 66.40
CA GLY I 126 -3.93 53.13 66.13
C GLY I 126 -5.03 52.10 65.96
N ALA I 127 -4.70 50.98 65.33
CA ALA I 127 -5.69 49.94 65.19
C ALA I 127 -6.06 49.34 66.55
N VAL I 128 -5.09 49.09 67.43
CA VAL I 128 -5.46 48.35 68.64
C VAL I 128 -6.22 49.23 69.60
N HIS I 129 -5.83 50.50 69.72
CA HIS I 129 -6.57 51.42 70.59
C HIS I 129 -7.94 51.71 69.96
N MET I 130 -7.93 52.07 68.69
CA MET I 130 -9.17 52.28 67.94
C MET I 130 -10.14 51.13 68.14
N PHE I 131 -9.63 49.92 68.19
CA PHE I 131 -10.50 48.76 68.34
C PHE I 131 -10.96 48.54 69.77
N VAL I 132 -10.05 48.60 70.75
CA VAL I 132 -10.46 48.29 72.11
C VAL I 132 -11.54 49.24 72.57
N VAL I 133 -11.43 50.53 72.21
CA VAL I 133 -12.49 51.43 72.64
C VAL I 133 -13.65 51.60 71.65
N LEU I 134 -13.49 51.23 70.37
CA LEU I 134 -14.67 51.48 69.54
C LEU I 134 -15.69 50.36 69.62
N THR I 135 -15.34 49.23 70.23
CA THR I 135 -16.20 48.05 70.26
C THR I 135 -17.01 48.06 71.57
N ASP I 136 -18.32 48.30 71.45
CA ASP I 136 -19.27 48.44 72.59
C ASP I 136 -18.71 49.53 73.51
N LEU I 137 -18.66 49.31 74.85
CA LEU I 137 -18.29 50.27 75.91
C LEU I 137 -18.85 51.66 75.69
N PRO I 138 -20.14 51.89 75.90
CA PRO I 138 -20.67 53.26 75.81
C PRO I 138 -19.82 54.17 76.70
N ILE I 139 -19.78 55.46 76.35
CA ILE I 139 -18.66 56.28 76.79
C ILE I 139 -18.52 56.30 78.30
N THR I 140 -17.27 56.23 78.78
CA THR I 140 -16.93 56.38 80.20
C THR I 140 -15.75 57.30 80.33
N ALA I 141 -15.78 58.13 81.37
CA ALA I 141 -14.63 58.96 81.73
C ALA I 141 -13.62 58.19 82.57
N ALA I 142 -14.10 57.40 83.53
CA ALA I 142 -13.23 56.71 84.46
C ALA I 142 -12.37 55.65 83.77
N LYS I 143 -13.01 54.69 83.10
CA LYS I 143 -12.26 53.58 82.55
C LYS I 143 -11.31 54.05 81.46
N SER I 144 -11.74 55.00 80.62
CA SER I 144 -10.82 55.55 79.64
C SER I 144 -9.80 56.47 80.30
N ALA I 145 -10.08 56.96 81.53
CA ALA I 145 -9.03 57.57 82.32
C ALA I 145 -8.21 56.54 83.08
N ALA I 146 -8.75 55.35 83.28
CA ALA I 146 -8.09 54.35 84.09
C ALA I 146 -6.89 53.71 83.40
N ARG I 147 -6.62 54.02 82.14
CA ARG I 147 -5.67 53.26 81.36
C ARG I 147 -4.22 53.62 81.64
N LEU I 148 -3.95 54.46 82.63
CA LEU I 148 -2.60 54.55 83.19
C LEU I 148 -2.12 53.19 83.69
N GLN I 149 -3.02 52.42 84.30
CA GLN I 149 -2.72 51.08 84.79
C GLN I 149 -3.36 50.05 83.87
N SER I 150 -4.71 49.92 83.94
CA SER I 150 -5.52 48.94 83.20
C SER I 150 -6.55 49.67 82.28
N GLY I 151 -6.97 49.10 81.15
CA GLY I 151 -6.84 47.72 80.72
C GLY I 151 -5.48 47.39 80.11
N TRP I 152 -4.48 48.08 80.66
CA TRP I 152 -3.07 47.98 80.33
C TRP I 152 -2.81 48.59 78.95
N LEU I 153 -3.48 49.71 78.69
CA LEU I 153 -3.28 50.49 77.49
C LEU I 153 -2.67 51.82 77.91
N TYR I 154 -1.34 51.87 77.91
CA TYR I 154 -0.60 53.13 77.87
C TYR I 154 0.62 52.85 76.99
N LEU I 155 0.47 53.13 75.71
CA LEU I 155 1.57 53.39 74.81
C LEU I 155 1.47 54.79 74.23
N TYR I 156 0.49 55.56 74.67
CA TYR I 156 0.10 56.78 73.96
C TYR I 156 1.26 57.75 73.81
N LEU I 157 2.20 57.77 74.76
CA LEU I 157 3.41 58.57 74.57
C LEU I 157 4.06 58.28 73.23
N VAL I 158 3.94 57.04 72.76
CA VAL I 158 4.46 56.65 71.47
C VAL I 158 3.48 56.99 70.35
N LEU I 159 2.17 56.93 70.61
CA LEU I 159 1.17 57.03 69.55
C LEU I 159 0.86 58.49 69.17
N LEU I 160 0.71 59.38 70.16
CA LEU I 160 0.27 60.74 69.88
C LEU I 160 1.29 61.59 69.13
N PRO I 161 2.58 61.67 69.52
CA PRO I 161 3.53 62.45 68.71
C PRO I 161 3.64 61.96 67.28
N LEU I 162 3.82 60.65 67.06
CA LEU I 162 3.93 60.15 65.69
C LEU I 162 2.66 60.45 64.89
N ALA I 163 1.49 60.25 65.52
CA ALA I 163 0.23 60.51 64.83
C ALA I 163 0.15 61.98 64.41
N GLU I 164 0.47 62.91 65.34
CA GLU I 164 0.31 64.33 65.04
C GLU I 164 1.39 64.86 64.09
N LEU I 165 2.61 64.31 64.15
CA LEU I 165 3.59 64.57 63.10
C LEU I 165 2.99 64.22 61.75
N HIS I 166 2.47 63.00 61.64
CA HIS I 166 1.83 62.55 60.40
C HIS I 166 0.72 63.52 59.99
N VAL I 167 -0.16 63.91 60.93
CA VAL I 167 -1.27 64.75 60.51
C VAL I 167 -0.76 66.07 60.00
N GLY I 168 0.35 66.58 60.58
CA GLY I 168 0.91 67.85 60.18
C GLY I 168 1.52 67.81 58.80
N VAL I 169 2.49 66.91 58.61
CA VAL I 169 3.14 66.76 57.31
C VAL I 169 2.13 66.37 56.25
N GLY I 170 1.13 65.60 56.64
CA GLY I 170 0.12 65.14 55.68
C GLY I 170 -0.83 66.24 55.28
N PHE I 171 -1.23 67.09 56.23
CA PHE I 171 -2.06 68.20 55.84
C PHE I 171 -1.28 69.20 55.00
N TYR I 172 -0.05 69.52 55.41
CA TYR I 172 0.77 70.42 54.60
C TYR I 172 0.85 69.88 53.18
N ARG I 173 1.20 68.61 53.06
CA ARG I 173 1.34 68.03 51.74
C ARG I 173 -0.02 68.03 51.03
N ILE I 174 -1.08 67.63 51.72
CA ILE I 174 -2.37 67.57 51.03
C ILE I 174 -2.75 68.95 50.55
N GLY I 175 -2.27 70.00 51.23
CA GLY I 175 -2.54 71.36 50.79
C GLY I 175 -1.74 71.70 49.54
N VAL I 176 -0.47 71.34 49.56
CA VAL I 176 0.40 71.51 48.41
C VAL I 176 -0.11 70.52 47.39
N LYS I 177 0.52 70.46 46.24
CA LYS I 177 0.26 69.42 45.25
C LYS I 177 -1.16 69.48 44.70
N TYR I 178 -2.11 70.03 45.46
CA TYR I 178 -3.45 70.23 44.90
C TYR I 178 -3.77 71.69 44.58
N GLY I 179 -2.82 72.61 44.81
CA GLY I 179 -2.92 73.95 44.28
C GLY I 179 -3.47 75.00 45.21
N PHE I 180 -3.61 74.71 46.49
CA PHE I 180 -4.24 75.67 47.36
C PHE I 180 -3.28 76.64 48.05
N VAL I 181 -3.63 77.94 48.05
CA VAL I 181 -4.74 78.59 47.29
C VAL I 181 -4.21 79.92 46.71
N GLY I 182 -4.30 80.08 45.40
CA GLY I 182 -3.78 81.29 44.78
C GLY I 182 -2.27 81.43 44.81
N ARG I 183 -1.77 82.53 45.38
CA ARG I 183 -0.36 82.87 45.37
C ARG I 183 0.38 82.33 46.60
N ASN I 184 1.59 82.84 46.83
CA ASN I 184 2.50 82.30 47.82
C ASN I 184 1.79 82.07 49.15
N LYS I 185 1.94 80.86 49.65
CA LYS I 185 1.46 80.41 50.94
C LYS I 185 2.69 79.87 51.65
N ARG I 186 3.36 78.94 51.00
CA ARG I 186 4.31 77.99 51.58
C ARG I 186 5.13 78.56 52.74
N LYS I 187 5.54 79.82 52.67
CA LYS I 187 6.18 80.43 53.83
C LYS I 187 5.13 80.65 54.92
N TRP I 188 3.97 81.20 54.54
CA TRP I 188 2.83 81.46 55.41
C TRP I 188 2.21 80.15 55.84
N PHE I 189 1.64 79.43 54.87
CA PHE I 189 1.06 78.11 55.12
C PHE I 189 2.01 77.26 55.97
N GLN I 190 3.31 77.39 55.74
CA GLN I 190 4.29 76.58 56.46
C GLN I 190 4.22 76.90 57.94
N LYS I 191 4.26 78.20 58.26
CA LYS I 191 4.08 78.59 59.65
C LYS I 191 2.71 78.18 60.20
N THR I 192 1.64 78.39 59.43
CA THR I 192 0.29 78.14 59.91
C THR I 192 0.12 76.68 60.34
N GLU I 193 0.51 75.75 59.47
CA GLU I 193 0.31 74.34 59.80
C GLU I 193 1.29 73.90 60.88
N ASN I 194 2.54 74.37 60.86
CA ASN I 194 3.39 73.98 61.99
C ASN I 194 2.80 74.48 63.32
N LEU I 195 2.09 75.61 63.28
CA LEU I 195 1.28 76.02 64.43
C LEU I 195 0.26 74.93 64.75
N MET I 196 -0.63 74.61 63.78
CA MET I 196 -1.71 73.65 64.02
C MET I 196 -1.18 72.38 64.67
N MET I 197 -0.04 71.89 64.17
CA MET I 197 0.55 70.66 64.70
C MET I 197 1.03 70.84 66.13
N ILE I 198 1.84 71.87 66.38
CA ILE I 198 2.33 71.96 67.75
C ILE I 198 1.18 72.19 68.73
N GLY I 199 0.09 72.82 68.28
CA GLY I 199 -1.05 73.04 69.17
C GLY I 199 -1.84 71.78 69.46
N PHE I 200 -2.10 70.98 68.41
CA PHE I 200 -2.80 69.72 68.64
C PHE I 200 -1.93 68.75 69.45
N ILE I 201 -0.61 68.75 69.25
CA ILE I 201 0.24 67.83 70.00
C ILE I 201 0.33 68.27 71.46
N THR I 202 0.32 69.57 71.72
CA THR I 202 0.34 70.03 73.11
C THR I 202 -0.96 69.72 73.81
N ILE I 203 -2.09 70.09 73.19
CA ILE I 203 -3.36 69.80 73.85
C ILE I 203 -3.59 68.30 73.92
N GLY I 204 -2.90 67.51 73.10
CA GLY I 204 -2.91 66.08 73.25
C GLY I 204 -2.09 65.53 74.41
N LEU I 205 -0.84 66.01 74.59
CA LEU I 205 -0.05 65.56 75.74
C LEU I 205 -0.66 66.06 77.04
N LEU I 206 -1.29 67.24 77.02
CA LEU I 206 -1.92 67.83 78.21
C LEU I 206 -3.30 67.22 78.50
N THR I 207 -4.11 66.90 77.47
CA THR I 207 -5.28 66.05 77.73
C THR I 207 -4.84 64.70 78.27
N LEU I 208 -3.64 64.24 77.88
CA LEU I 208 -3.17 62.93 78.29
C LEU I 208 -2.83 62.92 79.77
N VAL I 209 -1.99 63.85 80.22
CA VAL I 209 -1.69 63.86 81.65
C VAL I 209 -2.85 64.42 82.47
N ARG I 210 -3.86 65.03 81.82
CA ARG I 210 -5.07 65.47 82.52
C ARG I 210 -6.04 64.33 82.75
N PHE I 211 -6.07 63.33 81.87
CA PHE I 211 -6.85 62.13 82.13
C PHE I 211 -6.39 61.40 83.38
N MET I 212 -5.25 61.81 83.93
CA MET I 212 -4.73 61.30 85.17
C MET I 212 -4.93 62.31 86.30
N MET J 1 -7.49 -53.41 -3.49
CA MET J 1 -7.00 -52.61 -4.62
C MET J 1 -7.76 -53.08 -5.86
N GLN J 2 -8.31 -52.14 -6.62
CA GLN J 2 -9.14 -52.44 -7.80
C GLN J 2 -10.37 -53.19 -7.34
N ILE J 3 -10.96 -52.72 -6.27
CA ILE J 3 -11.97 -53.46 -5.51
C ILE J 3 -13.31 -53.55 -6.21
N TYR J 4 -13.88 -54.77 -6.27
CA TYR J 4 -15.23 -54.97 -6.79
C TYR J 4 -16.20 -55.31 -5.68
N HIS J 5 -17.44 -54.85 -5.85
CA HIS J 5 -18.47 -55.21 -4.91
C HIS J 5 -19.54 -56.04 -5.56
N THR J 6 -20.15 -56.84 -4.71
CA THR J 6 -21.38 -57.56 -4.98
C THR J 6 -22.02 -57.93 -3.65
N ASP J 7 -23.19 -58.56 -3.74
CA ASP J 7 -23.82 -59.19 -2.60
C ASP J 7 -23.24 -60.60 -2.47
N VAL J 8 -23.46 -61.42 -3.49
CA VAL J 8 -23.11 -62.83 -3.47
C VAL J 8 -21.91 -63.08 -4.38
N LEU J 9 -20.80 -63.51 -3.80
CA LEU J 9 -19.62 -63.85 -4.59
C LEU J 9 -19.51 -65.36 -4.67
N CYS J 10 -19.64 -65.92 -5.89
CA CYS J 10 -19.50 -67.36 -6.15
C CYS J 10 -18.08 -67.59 -6.65
N ILE J 11 -17.26 -68.24 -5.86
CA ILE J 11 -15.91 -68.56 -6.30
C ILE J 11 -16.05 -69.90 -6.99
N GLY J 12 -16.02 -69.87 -8.31
CA GLY J 12 -16.44 -70.97 -9.18
C GLY J 12 -17.83 -70.75 -9.77
N GLY J 13 -17.89 -70.99 -11.08
CA GLY J 13 -19.06 -70.69 -11.88
C GLY J 13 -19.69 -71.90 -12.51
N ALA J 14 -19.41 -73.10 -12.00
CA ALA J 14 -19.72 -74.25 -12.84
C ALA J 14 -21.18 -74.74 -12.79
N LEU J 15 -21.57 -75.56 -11.80
CA LEU J 15 -22.93 -76.10 -11.89
C LEU J 15 -23.60 -75.84 -10.57
N ALA J 16 -22.97 -76.26 -9.47
CA ALA J 16 -23.37 -75.74 -8.16
C ALA J 16 -23.31 -74.21 -8.14
N GLY J 17 -22.14 -73.65 -8.47
CA GLY J 17 -22.00 -72.20 -8.50
C GLY J 17 -23.07 -71.51 -9.33
N GLU J 18 -23.37 -72.02 -10.52
CA GLU J 18 -24.35 -71.32 -11.34
C GLU J 18 -25.73 -71.35 -10.71
N ARG J 19 -26.15 -72.50 -10.19
CA ARG J 19 -27.48 -72.50 -9.58
C ARG J 19 -27.52 -71.47 -8.47
N VAL J 20 -26.54 -71.49 -7.58
CA VAL J 20 -26.61 -70.55 -6.46
C VAL J 20 -26.65 -69.10 -6.97
N ALA J 21 -25.87 -68.77 -8.02
CA ALA J 21 -25.96 -67.43 -8.62
C ALA J 21 -27.34 -67.18 -9.20
N VAL J 22 -28.01 -68.22 -9.67
CA VAL J 22 -29.30 -68.02 -10.31
C VAL J 22 -30.40 -67.75 -9.32
N GLU J 23 -30.33 -68.35 -8.12
CA GLU J 23 -31.39 -68.00 -7.19
C GLU J 23 -31.09 -66.69 -6.49
N ALA J 24 -29.81 -66.37 -6.22
CA ALA J 24 -29.54 -65.02 -5.69
C ALA J 24 -29.95 -63.96 -6.69
N SER J 25 -29.67 -64.20 -7.97
CA SER J 25 -30.07 -63.24 -8.97
C SER J 25 -31.57 -63.31 -9.24
N MET J 26 -32.21 -64.40 -8.85
CA MET J 26 -33.65 -64.54 -9.04
C MET J 26 -34.40 -63.68 -8.05
N ALA J 27 -33.83 -63.53 -6.87
CA ALA J 27 -34.28 -62.59 -5.86
C ALA J 27 -33.69 -61.20 -6.05
N GLY J 28 -32.87 -61.03 -7.10
CA GLY J 28 -32.37 -59.72 -7.50
C GLY J 28 -31.27 -59.16 -6.64
N LEU J 29 -30.22 -59.94 -6.38
CA LEU J 29 -29.04 -59.49 -5.64
C LEU J 29 -27.82 -59.47 -6.54
N LYS J 30 -27.00 -58.43 -6.37
CA LYS J 30 -25.73 -58.29 -7.06
C LYS J 30 -24.85 -59.51 -6.78
N THR J 31 -24.41 -60.16 -7.85
CA THR J 31 -23.69 -61.42 -7.74
C THR J 31 -22.58 -61.52 -8.76
N ILE J 32 -21.39 -61.92 -8.29
CA ILE J 32 -20.24 -62.11 -9.15
C ILE J 32 -19.88 -63.59 -9.17
N MET J 33 -19.74 -64.15 -10.35
CA MET J 33 -19.42 -65.55 -10.50
C MET J 33 -18.04 -65.59 -11.10
N LEU J 34 -17.07 -65.98 -10.31
CA LEU J 34 -15.69 -66.11 -10.78
C LEU J 34 -15.47 -67.52 -11.31
N SER J 35 -14.68 -67.65 -12.37
CA SER J 35 -14.46 -68.98 -12.92
C SER J 35 -13.08 -69.08 -13.54
N LEU J 36 -12.45 -70.24 -13.42
CA LEU J 36 -11.10 -70.36 -13.96
C LEU J 36 -11.13 -70.35 -15.48
N VAL J 37 -12.23 -70.77 -16.06
CA VAL J 37 -12.49 -70.73 -17.50
C VAL J 37 -13.97 -70.43 -17.71
N PRO J 38 -14.39 -70.07 -18.91
CA PRO J 38 -15.79 -69.75 -19.15
C PRO J 38 -16.70 -70.77 -18.53
N PRO J 39 -17.86 -70.33 -18.00
CA PRO J 39 -18.73 -71.22 -17.21
C PRO J 39 -19.21 -72.49 -17.93
N ARG J 40 -19.42 -72.42 -19.25
CA ARG J 40 -19.85 -73.60 -19.96
C ARG J 40 -18.85 -74.73 -19.78
N ARG J 41 -17.58 -74.46 -20.04
CA ARG J 41 -16.56 -75.51 -19.95
C ARG J 41 -16.02 -75.53 -18.53
N SER J 42 -16.44 -76.55 -17.81
CA SER J 42 -16.08 -76.80 -16.43
C SER J 42 -15.94 -78.30 -16.34
N HIS J 43 -15.90 -78.86 -15.13
CA HIS J 43 -15.99 -80.31 -15.15
C HIS J 43 -17.42 -80.81 -15.12
N SER J 44 -18.39 -79.98 -14.76
CA SER J 44 -19.78 -80.39 -14.83
C SER J 44 -20.22 -80.68 -16.25
N SER J 45 -19.53 -80.12 -17.22
CA SER J 45 -19.94 -80.33 -18.60
C SER J 45 -19.48 -81.67 -19.12
N ALA J 46 -18.41 -82.20 -18.56
CA ALA J 46 -17.89 -83.51 -18.94
C ALA J 46 -18.73 -84.66 -18.40
N ALA J 47 -19.79 -84.39 -17.61
CA ALA J 47 -20.58 -85.46 -17.01
C ALA J 47 -21.43 -86.08 -18.10
N GLN J 48 -21.15 -87.36 -18.35
CA GLN J 48 -21.84 -88.13 -19.36
C GLN J 48 -22.95 -89.00 -18.80
N GLY J 49 -22.95 -89.30 -17.51
CA GLY J 49 -23.89 -90.32 -17.08
C GLY J 49 -25.35 -89.89 -17.03
N GLY J 50 -25.65 -88.87 -16.26
CA GLY J 50 -27.02 -88.46 -16.06
C GLY J 50 -27.17 -87.93 -14.66
N MET J 51 -28.40 -87.56 -14.34
CA MET J 51 -28.72 -86.98 -13.04
C MET J 51 -29.81 -87.78 -12.37
N GLN J 52 -29.55 -88.21 -11.13
CA GLN J 52 -30.38 -89.17 -10.42
C GLN J 52 -31.46 -88.42 -9.65
N ALA J 53 -32.73 -88.60 -10.04
CA ALA J 53 -33.85 -87.95 -9.36
C ALA J 53 -35.14 -88.76 -9.49
N ALA J 54 -35.97 -88.68 -8.45
CA ALA J 54 -37.24 -89.40 -8.42
C ALA J 54 -38.20 -88.87 -9.48
N LEU J 55 -38.85 -89.78 -10.19
CA LEU J 55 -39.71 -89.41 -11.32
C LEU J 55 -41.18 -89.76 -11.13
N GLY J 56 -41.52 -91.05 -11.14
CA GLY J 56 -42.88 -91.53 -11.20
C GLY J 56 -43.36 -91.82 -12.62
N ASN J 57 -42.57 -91.43 -13.63
CA ASN J 57 -42.92 -91.54 -15.04
C ASN J 57 -42.44 -92.82 -15.71
N ALA J 58 -41.15 -93.15 -15.58
CA ALA J 58 -40.61 -94.28 -16.34
C ALA J 58 -41.30 -95.59 -15.96
N ILE J 59 -41.41 -96.48 -16.95
CA ILE J 59 -42.06 -97.78 -16.74
C ILE J 59 -41.15 -98.71 -15.96
N MET J 60 -39.84 -98.50 -16.05
CA MET J 60 -38.90 -99.22 -15.20
C MET J 60 -38.78 -98.60 -13.81
N GLY J 61 -39.37 -97.42 -13.60
CA GLY J 61 -39.46 -96.80 -12.30
C GLY J 61 -40.86 -96.68 -11.69
N ASP J 62 -41.87 -97.34 -12.26
CA ASP J 62 -43.26 -97.15 -11.82
C ASP J 62 -43.41 -97.45 -10.34
N GLY J 63 -43.89 -96.47 -9.57
CA GLY J 63 -43.93 -96.60 -8.12
C GLY J 63 -42.72 -96.02 -7.40
N ASP J 64 -41.71 -95.53 -8.13
CA ASP J 64 -40.47 -95.02 -7.54
C ASP J 64 -40.76 -93.85 -6.59
N SER J 65 -40.03 -93.81 -5.47
CA SER J 65 -40.23 -92.78 -4.45
C SER J 65 -38.91 -92.34 -3.84
N PRO J 66 -38.89 -91.14 -3.24
CA PRO J 66 -37.67 -90.68 -2.54
C PRO J 66 -37.30 -91.51 -1.32
N ASP J 67 -38.21 -92.33 -0.81
CA ASP J 67 -37.86 -93.24 0.27
C ASP J 67 -36.65 -94.08 -0.13
N VAL J 68 -36.78 -94.79 -1.26
CA VAL J 68 -35.73 -95.68 -1.74
C VAL J 68 -34.47 -94.88 -2.00
N HIS J 69 -34.64 -93.66 -2.50
CA HIS J 69 -33.49 -92.81 -2.80
C HIS J 69 -32.71 -92.54 -1.53
N PHE J 70 -33.39 -92.01 -0.52
CA PHE J 70 -32.80 -91.76 0.79
C PHE J 70 -32.09 -93.00 1.28
N ALA J 71 -32.77 -94.15 1.21
CA ALA J 71 -32.21 -95.39 1.75
C ALA J 71 -30.92 -95.79 1.03
N ASP J 72 -31.00 -95.98 -0.29
CA ASP J 72 -29.84 -96.46 -1.03
C ASP J 72 -28.68 -95.50 -0.86
N THR J 73 -28.99 -94.21 -0.82
CA THR J 73 -27.96 -93.20 -0.66
C THR J 73 -27.21 -93.41 0.65
N VAL J 74 -27.95 -93.44 1.76
CA VAL J 74 -27.30 -93.64 3.04
C VAL J 74 -26.46 -94.91 3.01
N LYS J 75 -27.04 -95.98 2.48
CA LYS J 75 -26.50 -97.31 2.77
C LYS J 75 -25.31 -97.68 1.89
N GLY J 76 -25.31 -97.29 0.61
CA GLY J 76 -24.13 -97.54 -0.19
C GLY J 76 -22.92 -96.79 0.33
N SER J 77 -23.18 -95.64 0.95
CA SER J 77 -22.22 -94.67 1.46
C SER J 77 -21.70 -94.95 2.87
N ASP J 78 -21.96 -96.15 3.43
CA ASP J 78 -21.65 -96.55 4.81
C ASP J 78 -22.53 -95.79 5.80
N TRP J 79 -21.98 -95.08 6.79
CA TRP J 79 -22.88 -94.18 7.53
C TRP J 79 -23.54 -93.39 6.39
N GLY J 80 -22.74 -92.68 5.56
CA GLY J 80 -21.34 -92.30 5.82
C GLY J 80 -21.50 -90.83 6.07
N CYS J 81 -22.74 -90.46 5.90
CA CYS J 81 -23.18 -89.10 5.67
C CYS J 81 -24.10 -88.59 6.77
N ASP J 82 -24.44 -87.31 6.61
CA ASP J 82 -25.44 -86.66 7.43
C ASP J 82 -26.80 -87.03 6.87
N GLN J 83 -27.59 -87.70 7.67
CA GLN J 83 -28.85 -88.21 7.16
C GLN J 83 -29.87 -87.10 6.97
N GLU J 84 -29.68 -85.95 7.62
CA GLU J 84 -30.51 -84.81 7.31
C GLU J 84 -30.22 -84.30 5.91
N VAL J 85 -28.94 -84.06 5.59
CA VAL J 85 -28.60 -83.55 4.26
C VAL J 85 -29.09 -84.52 3.20
N ALA J 86 -28.88 -85.82 3.42
CA ALA J 86 -29.27 -86.81 2.43
C ALA J 86 -30.79 -86.86 2.29
N ARG J 87 -31.50 -86.76 3.41
CA ARG J 87 -32.95 -86.66 3.35
C ARG J 87 -33.36 -85.45 2.52
N ILE J 88 -32.86 -84.27 2.91
CA ILE J 88 -33.18 -83.00 2.27
C ILE J 88 -33.06 -83.10 0.76
N PHE J 89 -31.87 -83.47 0.30
CA PHE J 89 -31.65 -83.52 -1.15
C PHE J 89 -32.52 -84.58 -1.80
N ALA J 90 -32.72 -85.71 -1.10
CA ALA J 90 -33.53 -86.76 -1.67
C ALA J 90 -34.94 -86.25 -1.96
N ASP J 91 -35.49 -85.47 -1.03
CA ASP J 91 -36.83 -84.96 -1.25
C ASP J 91 -36.84 -83.85 -2.28
N THR J 92 -35.73 -83.12 -2.36
CA THR J 92 -35.65 -81.92 -3.17
C THR J 92 -35.27 -82.19 -4.64
N ALA J 93 -34.66 -83.33 -4.95
CA ALA J 93 -34.24 -83.60 -6.32
C ALA J 93 -35.38 -83.60 -7.35
N PRO J 94 -36.52 -84.24 -7.11
CA PRO J 94 -37.58 -84.21 -8.13
C PRO J 94 -38.07 -82.80 -8.40
N ILE J 95 -38.25 -82.06 -7.30
CA ILE J 95 -38.64 -80.66 -7.38
C ILE J 95 -37.72 -79.92 -8.32
N VAL J 96 -36.41 -80.16 -8.14
CA VAL J 96 -35.35 -79.39 -8.81
C VAL J 96 -35.29 -79.72 -10.30
N MET J 97 -35.47 -80.98 -10.67
CA MET J 97 -35.43 -81.26 -12.10
C MET J 97 -36.75 -80.89 -12.79
N ARG J 98 -37.86 -80.93 -12.06
CA ARG J 98 -39.07 -80.34 -12.61
C ARG J 98 -38.84 -78.86 -12.90
N GLU J 99 -38.19 -78.16 -11.97
CA GLU J 99 -37.90 -76.75 -12.17
C GLU J 99 -37.03 -76.53 -13.42
N VAL J 100 -35.84 -77.14 -13.46
CA VAL J 100 -34.94 -76.98 -14.60
C VAL J 100 -35.62 -77.46 -15.87
N ALA J 101 -36.56 -78.40 -15.72
CA ALA J 101 -37.36 -78.84 -16.85
C ALA J 101 -38.18 -77.68 -17.42
N HIS J 102 -38.94 -76.98 -16.56
CA HIS J 102 -39.69 -75.83 -17.02
C HIS J 102 -38.79 -74.80 -17.67
N TRP J 103 -37.51 -74.79 -17.29
CA TRP J 103 -36.46 -73.92 -17.77
C TRP J 103 -35.90 -74.37 -19.12
N GLY J 104 -36.53 -75.36 -19.76
CA GLY J 104 -35.98 -75.90 -20.99
C GLY J 104 -35.15 -77.13 -20.73
N VAL J 105 -34.05 -77.30 -21.47
CA VAL J 105 -33.11 -78.44 -21.46
C VAL J 105 -33.71 -79.51 -22.37
N PRO J 106 -32.90 -80.33 -23.03
CA PRO J 106 -33.47 -81.40 -23.87
C PRO J 106 -33.72 -82.70 -23.10
N TRP J 107 -34.54 -82.63 -22.04
CA TRP J 107 -34.82 -83.87 -21.33
C TRP J 107 -35.43 -84.86 -22.31
N ASN J 108 -34.87 -86.07 -22.29
CA ASN J 108 -35.33 -87.15 -23.14
C ASN J 108 -36.64 -87.74 -22.65
N ARG J 109 -37.56 -87.98 -23.59
CA ARG J 109 -38.91 -88.43 -23.28
C ARG J 109 -39.04 -89.91 -23.67
N VAL J 110 -40.20 -90.51 -23.37
CA VAL J 110 -40.45 -91.88 -23.76
C VAL J 110 -41.26 -91.85 -25.07
N VAL J 111 -41.39 -93.01 -25.72
CA VAL J 111 -42.19 -93.11 -26.94
C VAL J 111 -43.24 -94.22 -26.79
N PRO J 112 -44.46 -94.05 -27.33
CA PRO J 112 -45.50 -95.08 -27.17
C PRO J 112 -45.14 -96.39 -27.86
N GLY J 113 -45.29 -97.51 -27.15
CA GLY J 113 -45.01 -98.81 -27.72
C GLY J 113 -44.44 -99.75 -26.67
N LYS J 114 -43.85 -100.85 -27.15
CA LYS J 114 -43.08 -101.80 -26.34
C LYS J 114 -41.67 -101.84 -26.93
N HIS J 115 -40.65 -101.68 -26.08
CA HIS J 115 -39.27 -101.53 -26.55
C HIS J 115 -38.36 -102.62 -26.00
N THR J 116 -37.16 -102.71 -26.61
CA THR J 116 -36.12 -103.65 -26.21
C THR J 116 -35.05 -102.92 -25.41
N TYR J 117 -35.00 -103.16 -24.11
CA TYR J 117 -33.90 -102.77 -23.26
C TYR J 117 -32.99 -103.96 -23.01
N TYR J 118 -31.93 -103.73 -22.26
CA TYR J 118 -31.00 -104.79 -21.88
C TYR J 118 -30.90 -104.76 -20.37
N LYS J 119 -31.24 -105.86 -19.71
CA LYS J 119 -31.15 -105.93 -18.26
C LYS J 119 -29.88 -106.72 -17.96
N GLY J 120 -28.86 -105.99 -17.54
CA GLY J 120 -27.58 -106.61 -17.34
C GLY J 120 -26.95 -107.00 -18.67
N GLY J 121 -26.54 -108.25 -18.79
CA GLY J 121 -26.03 -108.80 -20.03
C GLY J 121 -27.09 -109.63 -20.73
N LYS J 122 -28.15 -109.95 -19.99
CA LYS J 122 -29.32 -110.61 -20.57
C LYS J 122 -30.11 -109.59 -21.38
N PRO J 123 -30.29 -109.79 -22.68
CA PRO J 123 -31.13 -108.87 -23.47
C PRO J 123 -32.61 -109.24 -23.40
N PHE J 124 -33.16 -109.30 -22.17
CA PHE J 124 -34.57 -109.63 -22.00
C PHE J 124 -35.42 -108.43 -22.44
N GLU J 125 -36.74 -108.57 -22.31
CA GLU J 125 -37.67 -107.55 -22.78
C GLU J 125 -38.56 -107.04 -21.65
N ALA J 126 -39.14 -105.85 -21.89
CA ALA J 126 -40.00 -105.17 -20.93
C ALA J 126 -41.02 -104.32 -21.70
N GLU J 127 -42.19 -104.16 -21.11
CA GLU J 127 -43.27 -103.39 -21.70
C GLU J 127 -43.01 -101.89 -21.54
N GLU J 128 -43.89 -101.07 -22.15
CA GLU J 128 -43.86 -99.63 -21.98
C GLU J 128 -45.30 -99.10 -22.09
N LYS J 129 -45.61 -98.09 -21.27
CA LYS J 129 -46.95 -97.52 -21.16
C LYS J 129 -47.21 -96.46 -22.22
N ALA J 130 -48.38 -96.54 -22.85
CA ALA J 130 -48.74 -95.57 -23.88
C ALA J 130 -48.92 -94.17 -23.31
N GLU J 131 -49.12 -94.05 -22.00
CA GLU J 131 -49.36 -92.79 -21.30
C GLU J 131 -48.11 -92.01 -20.92
N LYS J 132 -46.93 -92.64 -20.94
CA LYS J 132 -45.67 -92.02 -20.54
C LYS J 132 -44.83 -91.47 -21.70
N ALA J 133 -45.39 -91.36 -22.90
CA ALA J 133 -44.64 -90.87 -24.05
C ALA J 133 -44.02 -89.48 -23.88
N GLY J 134 -44.82 -88.42 -23.90
CA GLY J 134 -44.14 -87.14 -23.95
C GLY J 134 -43.71 -86.50 -22.65
N LEU J 135 -43.90 -87.12 -21.49
CA LEU J 135 -43.47 -86.38 -20.30
C LEU J 135 -42.00 -86.60 -19.97
N ILE J 136 -41.59 -87.74 -19.42
CA ILE J 136 -40.20 -87.88 -18.97
C ILE J 136 -39.74 -89.34 -19.04
N HIS J 137 -38.50 -89.53 -19.47
CA HIS J 137 -37.82 -90.81 -19.53
C HIS J 137 -36.65 -90.86 -18.56
N ALA J 138 -36.25 -92.09 -18.24
CA ALA J 138 -35.11 -92.37 -17.37
C ALA J 138 -34.18 -93.37 -18.03
N ARG J 139 -33.17 -93.82 -17.29
CA ARG J 139 -32.37 -94.98 -17.65
C ARG J 139 -31.84 -95.61 -16.37
N ALA J 140 -30.88 -96.49 -16.50
CA ALA J 140 -30.31 -97.18 -15.36
C ALA J 140 -28.89 -96.68 -15.11
N PHE J 141 -28.56 -96.49 -13.84
CA PHE J 141 -27.27 -95.95 -13.46
C PHE J 141 -26.94 -96.42 -12.04
N GLY J 142 -25.65 -96.52 -11.74
CA GLY J 142 -25.14 -96.83 -10.40
C GLY J 142 -25.71 -98.08 -9.74
N GLY J 143 -25.87 -98.03 -8.42
CA GLY J 143 -26.35 -99.18 -7.65
C GLY J 143 -27.79 -99.12 -7.19
N THR J 144 -28.59 -98.32 -7.89
CA THR J 144 -29.99 -98.08 -7.56
C THR J 144 -30.88 -99.28 -7.84
N ALA J 145 -32.05 -99.27 -7.21
CA ALA J 145 -33.06 -100.30 -7.42
C ALA J 145 -33.96 -99.94 -8.60
N ALA J 146 -34.86 -98.97 -8.41
CA ALA J 146 -35.67 -98.42 -9.49
C ALA J 146 -34.83 -97.50 -10.37
N TRP J 147 -35.36 -97.18 -11.56
CA TRP J 147 -34.67 -96.25 -12.47
C TRP J 147 -35.10 -94.82 -12.13
N ARG J 148 -34.21 -94.08 -11.46
CA ARG J 148 -34.37 -92.65 -11.21
C ARG J 148 -33.41 -91.76 -12.01
N THR J 149 -32.51 -92.32 -12.82
CA THR J 149 -31.49 -91.50 -13.47
C THR J 149 -32.07 -90.86 -14.75
N CYS J 150 -32.08 -89.53 -14.79
CA CYS J 150 -32.57 -88.77 -15.94
C CYS J 150 -31.42 -88.15 -16.71
N TYR J 151 -31.48 -88.27 -18.02
CA TYR J 151 -30.36 -87.94 -18.88
C TYR J 151 -30.90 -87.30 -20.15
N THR J 152 -30.03 -86.54 -20.81
CA THR J 152 -30.25 -86.11 -22.18
C THR J 152 -29.16 -86.77 -23.01
N ALA J 153 -29.54 -87.81 -23.76
CA ALA J 153 -28.61 -88.52 -24.63
C ALA J 153 -27.33 -88.90 -23.87
N ASP J 154 -26.19 -88.35 -24.30
CA ASP J 154 -24.93 -88.57 -23.59
C ASP J 154 -24.71 -87.47 -22.56
N GLY J 155 -24.30 -86.27 -23.00
CA GLY J 155 -24.06 -85.24 -22.01
C GLY J 155 -25.35 -84.76 -21.38
N THR J 156 -25.55 -85.11 -20.12
CA THR J 156 -26.57 -84.45 -19.32
C THR J 156 -26.00 -83.21 -18.67
N GLY J 157 -24.72 -83.26 -18.31
CA GLY J 157 -24.07 -82.06 -17.82
C GLY J 157 -24.09 -80.96 -18.85
N ARG J 158 -23.68 -81.28 -20.08
CA ARG J 158 -23.68 -80.30 -21.17
C ARG J 158 -25.06 -79.65 -21.36
N SER J 159 -26.10 -80.46 -21.42
CA SER J 159 -27.41 -79.96 -21.79
C SER J 159 -28.12 -79.27 -20.64
N VAL J 160 -27.87 -79.67 -19.38
CA VAL J 160 -28.54 -78.93 -18.31
C VAL J 160 -27.84 -77.61 -18.07
N LEU J 161 -26.51 -77.66 -17.95
CA LEU J 161 -25.74 -76.46 -17.68
C LEU J 161 -25.88 -75.42 -18.76
N ASN J 162 -26.01 -75.83 -20.02
CA ASN J 162 -26.10 -74.83 -21.08
C ASN J 162 -27.32 -73.95 -20.92
N THR J 163 -28.49 -74.53 -20.62
CA THR J 163 -29.68 -73.71 -20.40
C THR J 163 -29.67 -73.05 -19.02
N LEU J 164 -29.02 -73.66 -18.01
CA LEU J 164 -28.81 -72.91 -16.76
C LEU J 164 -28.07 -71.61 -17.06
N ASP J 165 -26.98 -71.70 -17.83
CA ASP J 165 -26.27 -70.49 -18.17
C ASP J 165 -27.15 -69.53 -18.94
N THR J 166 -27.96 -70.04 -19.87
CA THR J 166 -28.85 -69.11 -20.56
C THR J 166 -29.74 -68.41 -19.56
N LYS J 167 -30.15 -69.09 -18.48
CA LYS J 167 -30.89 -68.35 -17.45
C LYS J 167 -30.02 -67.29 -16.78
N CYS J 168 -28.72 -67.57 -16.60
CA CYS J 168 -27.81 -66.56 -16.08
C CYS J 168 -27.73 -65.32 -16.98
N LEU J 169 -27.46 -65.50 -18.28
CA LEU J 169 -27.41 -64.35 -19.16
C LEU J 169 -28.74 -63.63 -19.15
N GLN J 170 -29.84 -64.38 -19.03
CA GLN J 170 -31.19 -63.80 -18.98
C GLN J 170 -31.35 -62.85 -17.80
N TYR J 171 -31.04 -63.31 -16.59
CA TYR J 171 -31.25 -62.50 -15.40
C TYR J 171 -30.08 -61.58 -15.11
N GLY J 172 -29.08 -61.56 -15.98
CA GLY J 172 -27.99 -60.63 -15.84
C GLY J 172 -27.06 -60.89 -14.67
N VAL J 173 -26.45 -62.06 -14.62
CA VAL J 173 -25.38 -62.31 -13.66
C VAL J 173 -24.07 -61.88 -14.29
N THR J 174 -23.37 -60.99 -13.61
CA THR J 174 -22.07 -60.58 -14.12
C THR J 174 -21.10 -61.71 -13.85
N VAL J 175 -20.32 -62.06 -14.85
CA VAL J 175 -19.38 -63.15 -14.70
C VAL J 175 -18.03 -62.62 -15.08
N HIS J 176 -17.08 -62.72 -14.17
CA HIS J 176 -15.71 -62.36 -14.49
C HIS J 176 -15.03 -63.71 -14.72
N ASP J 177 -14.85 -64.06 -15.99
CA ASP J 177 -14.16 -65.29 -16.29
C ASP J 177 -12.67 -65.09 -16.16
N ARG J 178 -11.96 -66.20 -16.04
CA ARG J 178 -10.51 -66.21 -15.93
C ARG J 178 -10.10 -65.46 -14.69
N MET J 179 -10.71 -65.83 -13.57
CA MET J 179 -10.42 -65.29 -12.23
C MET J 179 -10.16 -66.40 -11.23
N GLN J 180 -8.90 -66.48 -10.76
CA GLN J 180 -8.43 -67.55 -9.87
C GLN J 180 -8.42 -67.07 -8.42
N ALA J 181 -9.34 -67.58 -7.59
CA ALA J 181 -9.37 -67.17 -6.19
C ALA J 181 -8.04 -67.52 -5.56
N GLU J 182 -7.67 -66.77 -4.53
CA GLU J 182 -6.34 -66.97 -3.97
C GLU J 182 -6.36 -67.07 -2.45
N ALA J 183 -6.84 -66.01 -1.81
CA ALA J 183 -7.09 -66.01 -0.39
C ALA J 183 -8.55 -65.64 -0.18
N LEU J 184 -9.04 -65.92 1.03
CA LEU J 184 -10.33 -65.40 1.42
C LEU J 184 -10.07 -64.11 2.17
N ILE J 185 -11.01 -63.17 2.03
CA ILE J 185 -10.96 -61.90 2.74
C ILE J 185 -11.81 -62.06 3.99
N HIS J 186 -11.13 -62.13 5.12
CA HIS J 186 -11.76 -62.49 6.36
C HIS J 186 -10.92 -61.95 7.48
N ASP J 187 -11.55 -61.77 8.64
CA ASP J 187 -10.82 -61.84 9.88
C ASP J 187 -11.82 -61.67 11.01
N GLY J 188 -11.42 -62.17 12.17
CA GLY J 188 -12.29 -62.34 13.33
C GLY J 188 -13.40 -63.36 13.18
N GLY J 189 -13.18 -64.42 12.42
CA GLY J 189 -14.32 -65.28 12.19
C GLY J 189 -15.43 -64.59 11.43
N ASN J 190 -15.10 -63.60 10.59
CA ASN J 190 -16.04 -63.02 9.63
C ASN J 190 -15.43 -63.05 8.22
N CYS J 191 -16.22 -63.45 7.23
CA CYS J 191 -15.78 -63.49 5.84
C CYS J 191 -16.31 -62.29 5.07
N LEU J 192 -15.38 -61.48 4.56
CA LEU J 192 -15.69 -60.30 3.77
C LEU J 192 -15.56 -60.49 2.26
N GLY J 193 -15.03 -61.60 1.79
CA GLY J 193 -14.81 -61.69 0.35
C GLY J 193 -13.59 -62.56 0.04
N CYS J 194 -12.99 -62.28 -1.11
CA CYS J 194 -11.79 -62.97 -1.56
C CYS J 194 -10.92 -62.07 -2.42
N ILE J 195 -9.71 -62.38 -2.46
CA ILE J 195 -8.76 -61.86 -3.43
C ILE J 195 -8.77 -62.85 -4.57
N ALA J 196 -8.59 -62.38 -5.79
CA ALA J 196 -8.55 -63.28 -6.93
C ALA J 196 -7.34 -62.93 -7.75
N ARG J 197 -7.15 -63.62 -8.88
CA ARG J 197 -6.07 -63.29 -9.80
C ARG J 197 -6.69 -63.24 -11.17
N CYS J 198 -6.66 -62.06 -11.78
CA CYS J 198 -7.16 -61.90 -13.14
C CYS J 198 -6.19 -62.66 -14.02
N LEU J 199 -6.70 -63.66 -14.74
CA LEU J 199 -5.88 -64.54 -15.56
C LEU J 199 -5.56 -63.91 -16.88
N ARG J 200 -5.99 -62.65 -17.01
CA ARG J 200 -5.70 -61.74 -18.13
C ARG J 200 -4.62 -60.72 -17.76
N THR J 201 -4.88 -59.87 -16.78
CA THR J 201 -3.85 -58.90 -16.44
C THR J 201 -2.65 -59.58 -15.77
N GLY J 202 -2.89 -60.28 -14.66
CA GLY J 202 -1.82 -60.77 -13.82
C GLY J 202 -1.67 -60.05 -12.51
N GLU J 203 -2.60 -59.16 -12.17
CA GLU J 203 -2.62 -58.42 -10.92
C GLU J 203 -3.85 -58.84 -10.10
N LEU J 204 -3.76 -58.69 -8.79
CA LEU J 204 -4.83 -59.13 -7.92
C LEU J 204 -5.96 -58.11 -7.86
N VAL J 205 -7.14 -58.57 -7.46
CA VAL J 205 -8.38 -57.82 -7.73
C VAL J 205 -9.21 -57.60 -6.49
N ALA J 206 -9.38 -58.63 -5.69
CA ALA J 206 -10.09 -58.42 -4.41
C ALA J 206 -11.57 -58.13 -4.54
N TYR J 207 -12.36 -59.16 -4.80
CA TYR J 207 -13.81 -59.10 -4.70
C TYR J 207 -14.26 -58.93 -3.26
N LEU J 208 -15.19 -58.02 -3.05
CA LEU J 208 -15.82 -57.81 -1.75
C LEU J 208 -17.27 -58.14 -1.88
N ALA J 209 -17.77 -58.89 -0.92
CA ALA J 209 -19.19 -59.16 -0.88
C ALA J 209 -19.50 -59.65 0.52
N THR J 210 -20.79 -59.61 0.87
CA THR J 210 -21.25 -60.24 2.11
C THR J 210 -20.97 -61.76 2.14
N SER J 211 -21.58 -62.47 1.21
CA SER J 211 -21.64 -63.92 1.19
C SER J 211 -20.72 -64.48 0.11
N THR J 212 -19.84 -65.40 0.51
CA THR J 212 -18.88 -66.01 -0.40
C THR J 212 -19.06 -67.53 -0.43
N LEU J 213 -19.12 -68.12 -1.64
CA LEU J 213 -19.42 -69.54 -1.81
C LEU J 213 -18.38 -70.19 -2.71
N ILE J 214 -17.91 -71.37 -2.33
CA ILE J 214 -16.77 -72.02 -2.98
C ILE J 214 -17.32 -73.22 -3.75
N ALA J 215 -17.39 -73.10 -5.08
CA ALA J 215 -17.89 -74.16 -5.96
C ALA J 215 -16.80 -74.96 -6.65
N THR J 216 -15.53 -74.79 -6.26
CA THR J 216 -14.32 -75.14 -6.99
C THR J 216 -14.06 -76.59 -7.43
N GLY J 217 -14.90 -77.53 -7.05
CA GLY J 217 -14.78 -78.88 -7.59
C GLY J 217 -13.66 -79.69 -6.98
N GLY J 218 -13.43 -80.85 -7.60
CA GLY J 218 -12.53 -81.83 -7.03
C GLY J 218 -11.08 -81.40 -7.03
N TYR J 219 -10.31 -82.11 -6.20
CA TYR J 219 -8.86 -82.00 -6.09
C TYR J 219 -8.12 -83.06 -6.90
N GLY J 220 -8.82 -83.77 -7.77
CA GLY J 220 -8.26 -84.94 -8.37
C GLY J 220 -6.95 -84.75 -9.12
N ARG J 221 -6.53 -83.53 -9.40
CA ARG J 221 -5.31 -83.46 -10.21
C ARG J 221 -4.05 -83.61 -9.37
N ILE J 222 -4.17 -83.92 -8.08
CA ILE J 222 -3.00 -84.38 -7.33
C ILE J 222 -2.60 -85.80 -7.69
N TYR J 223 -3.46 -86.54 -8.39
CA TYR J 223 -3.20 -87.91 -8.80
C TYR J 223 -2.80 -87.89 -10.27
N LYS J 224 -1.83 -88.75 -10.63
CA LYS J 224 -1.36 -88.80 -12.02
C LYS J 224 -2.50 -89.04 -12.99
N ALA J 225 -3.30 -90.05 -12.71
CA ALA J 225 -4.42 -90.42 -13.57
C ALA J 225 -5.71 -90.02 -12.88
N THR J 226 -6.50 -89.21 -13.56
CA THR J 226 -7.81 -88.86 -13.05
C THR J 226 -8.73 -88.50 -14.20
N THR J 227 -10.02 -88.77 -14.03
CA THR J 227 -11.02 -88.30 -14.99
C THR J 227 -11.33 -86.83 -14.80
N ASN J 228 -10.74 -86.21 -13.78
CA ASN J 228 -10.93 -84.79 -13.51
C ASN J 228 -10.18 -83.96 -14.57
N ALA J 229 -10.77 -82.80 -14.90
CA ALA J 229 -10.19 -81.85 -15.83
C ALA J 229 -9.00 -81.12 -15.19
N VAL J 230 -8.04 -80.69 -16.03
CA VAL J 230 -6.80 -80.11 -15.52
C VAL J 230 -7.04 -78.84 -14.73
N ILE J 231 -8.26 -78.30 -14.78
CA ILE J 231 -8.62 -77.13 -13.97
C ILE J 231 -8.97 -77.55 -12.56
N CYS J 232 -8.90 -78.84 -12.21
CA CYS J 232 -9.37 -79.27 -10.90
C CYS J 232 -8.14 -79.38 -10.00
N ASP J 233 -7.82 -78.29 -9.34
CA ASP J 233 -6.83 -78.28 -8.28
C ASP J 233 -7.48 -78.19 -6.93
N GLY J 234 -8.80 -78.01 -6.87
CA GLY J 234 -9.44 -77.67 -5.61
C GLY J 234 -8.97 -76.34 -5.04
N GLY J 235 -8.91 -75.30 -5.88
CA GLY J 235 -8.40 -74.02 -5.44
C GLY J 235 -9.14 -73.50 -4.24
N GLY J 236 -10.45 -73.35 -4.41
CA GLY J 236 -11.27 -72.81 -3.33
C GLY J 236 -11.07 -73.58 -2.04
N GLN J 237 -10.77 -74.87 -2.16
CA GLN J 237 -10.38 -75.61 -0.98
C GLN J 237 -9.16 -74.98 -0.36
N ILE J 238 -8.09 -74.76 -1.13
CA ILE J 238 -6.90 -74.37 -0.42
C ILE J 238 -7.06 -72.96 0.09
N ILE J 239 -8.01 -72.20 -0.45
CA ILE J 239 -8.21 -70.87 0.12
C ILE J 239 -8.98 -70.97 1.41
N ALA J 240 -9.83 -72.01 1.56
CA ALA J 240 -10.49 -72.20 2.86
C ALA J 240 -9.57 -72.87 3.89
N LEU J 241 -8.58 -73.63 3.44
CA LEU J 241 -7.62 -74.24 4.37
C LEU J 241 -6.57 -73.23 4.79
N ASP J 242 -6.09 -72.39 3.87
CA ASP J 242 -5.02 -71.46 4.21
C ASP J 242 -5.43 -70.47 5.30
N THR J 243 -6.73 -70.39 5.65
CA THR J 243 -7.17 -69.54 6.76
C THR J 243 -6.89 -70.21 8.09
N GLY J 244 -6.85 -71.55 8.13
CA GLY J 244 -6.75 -72.25 9.40
C GLY J 244 -7.99 -72.10 10.25
N LEU J 245 -9.01 -71.48 9.69
CA LEU J 245 -10.26 -71.20 10.36
C LEU J 245 -11.31 -72.23 10.00
N VAL J 246 -11.53 -72.48 8.72
CA VAL J 246 -12.50 -73.49 8.31
C VAL J 246 -11.74 -74.75 7.87
N PRO J 247 -12.17 -75.96 8.30
CA PRO J 247 -11.46 -77.19 7.92
C PRO J 247 -11.99 -77.94 6.72
N MET J 248 -11.23 -78.97 6.39
CA MET J 248 -11.57 -79.93 5.36
C MET J 248 -11.98 -81.23 6.04
N GLY J 249 -13.19 -81.68 5.75
CA GLY J 249 -13.68 -82.93 6.25
C GLY J 249 -13.46 -84.04 5.23
N ASN J 250 -13.33 -85.27 5.74
CA ASN J 250 -13.32 -86.47 4.91
C ASN J 250 -12.24 -86.40 3.83
N MET J 251 -11.09 -85.77 4.15
CA MET J 251 -10.07 -85.49 3.13
C MET J 251 -9.31 -86.72 2.68
N GLU J 252 -9.52 -87.85 3.35
CA GLU J 252 -8.92 -89.12 2.98
C GLU J 252 -9.81 -89.95 2.06
N ALA J 253 -11.06 -89.54 1.84
CA ALA J 253 -12.03 -90.35 1.10
C ALA J 253 -11.90 -90.04 -0.38
N VAL J 254 -11.38 -91.01 -1.13
CA VAL J 254 -10.99 -90.83 -2.52
C VAL J 254 -11.70 -91.92 -3.32
N GLN J 255 -12.68 -91.54 -4.12
CA GLN J 255 -13.47 -92.53 -4.85
C GLN J 255 -12.80 -92.75 -6.19
N PHE J 256 -12.59 -94.00 -6.56
CA PHE J 256 -11.98 -94.30 -7.85
C PHE J 256 -13.02 -94.85 -8.82
N HIS J 257 -12.93 -94.40 -10.05
CA HIS J 257 -13.88 -94.89 -11.00
C HIS J 257 -13.29 -96.08 -11.75
N PRO J 258 -14.06 -97.16 -11.91
CA PRO J 258 -13.50 -98.36 -12.53
C PRO J 258 -13.18 -98.22 -14.00
N THR J 259 -14.06 -97.58 -14.75
CA THR J 259 -13.99 -97.59 -16.20
C THR J 259 -13.22 -96.41 -16.82
N GLY J 260 -12.51 -95.63 -16.00
CA GLY J 260 -11.68 -94.62 -16.63
C GLY J 260 -10.71 -95.25 -17.59
N THR J 261 -10.82 -94.85 -18.86
CA THR J 261 -10.03 -95.41 -19.95
C THR J 261 -8.53 -95.36 -19.68
N VAL J 262 -7.83 -96.41 -20.07
CA VAL J 262 -6.41 -96.54 -19.70
C VAL J 262 -5.53 -95.47 -20.35
N PRO J 263 -5.40 -95.34 -21.69
CA PRO J 263 -4.37 -94.42 -22.17
C PRO J 263 -4.69 -92.97 -21.86
N THR J 264 -5.92 -92.56 -22.04
CA THR J 264 -6.22 -91.15 -21.85
C THR J 264 -6.59 -90.79 -20.43
N ASP J 265 -6.98 -91.77 -19.62
CA ASP J 265 -7.53 -91.58 -18.29
C ASP J 265 -8.93 -90.99 -18.34
N ILE J 266 -9.47 -90.73 -19.53
CA ILE J 266 -10.85 -90.28 -19.68
C ILE J 266 -11.78 -91.38 -19.17
N LEU J 267 -12.90 -90.95 -18.61
CA LEU J 267 -13.96 -91.87 -18.18
C LEU J 267 -14.84 -92.29 -19.35
N VAL J 268 -15.24 -93.56 -19.38
CA VAL J 268 -16.27 -94.05 -20.27
C VAL J 268 -17.56 -94.13 -19.49
N THR J 269 -18.66 -93.73 -20.11
CA THR J 269 -19.88 -93.50 -19.34
C THR J 269 -20.46 -94.79 -18.78
N GLU J 270 -21.20 -94.64 -17.66
CA GLU J 270 -21.99 -95.67 -17.01
C GLU J 270 -23.48 -95.59 -17.39
N GLY J 271 -23.87 -94.60 -18.20
CA GLY J 271 -25.24 -94.53 -18.69
C GLY J 271 -25.70 -95.76 -19.45
N CYS J 272 -24.76 -96.64 -19.86
CA CYS J 272 -25.11 -97.93 -20.44
C CYS J 272 -25.66 -98.91 -19.40
N ARG J 273 -25.43 -98.65 -18.12
CA ARG J 273 -25.69 -99.63 -17.05
C ARG J 273 -24.91 -100.91 -17.30
N GLY J 274 -23.64 -100.75 -17.68
CA GLY J 274 -22.76 -101.89 -17.87
C GLY J 274 -23.37 -103.03 -18.67
N ASP J 275 -24.09 -102.70 -19.75
CA ASP J 275 -24.78 -103.74 -20.50
C ASP J 275 -23.74 -104.65 -21.13
N GLY J 276 -23.76 -105.93 -20.76
CA GLY J 276 -22.68 -106.82 -21.10
C GLY J 276 -21.33 -106.28 -20.67
N GLY J 277 -21.31 -105.47 -19.60
CA GLY J 277 -20.14 -104.70 -19.22
C GLY J 277 -18.88 -105.53 -19.07
N THR J 278 -18.97 -106.55 -18.22
CA THR J 278 -18.02 -107.64 -18.06
C THR J 278 -16.62 -107.13 -17.66
N LEU J 279 -15.58 -107.88 -18.06
CA LEU J 279 -14.15 -107.72 -17.80
C LEU J 279 -13.48 -109.00 -18.35
N LEU J 280 -12.15 -109.15 -18.31
CA LEU J 280 -11.48 -110.36 -18.83
C LEU J 280 -10.01 -110.42 -18.40
N ASP J 281 -9.26 -111.36 -18.97
CA ASP J 281 -7.85 -111.55 -18.66
C ASP J 281 -7.17 -112.28 -19.83
N VAL J 282 -5.98 -112.86 -19.57
CA VAL J 282 -5.11 -113.44 -20.60
C VAL J 282 -5.83 -114.42 -21.53
N ASN J 283 -6.86 -115.13 -21.05
CA ASN J 283 -7.67 -115.98 -21.91
C ASN J 283 -8.90 -115.29 -22.50
N GLN J 284 -9.17 -114.05 -22.07
CA GLN J 284 -10.27 -113.18 -22.53
C GLN J 284 -11.67 -113.81 -22.32
N TYR J 285 -12.00 -114.05 -21.05
CA TYR J 285 -13.32 -114.61 -20.75
C TYR J 285 -13.98 -113.79 -19.64
N ARG J 286 -15.13 -114.22 -19.15
CA ARG J 286 -15.98 -113.42 -18.26
C ARG J 286 -15.91 -113.94 -16.82
N PHE J 287 -15.19 -113.21 -15.95
CA PHE J 287 -14.85 -113.72 -14.61
C PHE J 287 -15.68 -113.14 -13.45
N MET J 288 -16.58 -112.17 -13.67
CA MET J 288 -17.10 -111.34 -12.57
C MET J 288 -18.03 -112.01 -11.54
N PRO J 289 -19.01 -112.89 -11.95
CA PRO J 289 -19.81 -113.60 -10.94
C PRO J 289 -18.97 -114.31 -9.89
N ASP J 290 -17.72 -114.61 -10.25
CA ASP J 290 -16.77 -115.17 -9.28
C ASP J 290 -16.57 -114.22 -8.10
N TYR J 291 -16.42 -112.92 -8.36
CA TYR J 291 -16.21 -111.97 -7.24
C TYR J 291 -17.51 -111.55 -6.57
N GLU J 292 -18.41 -110.91 -7.30
CA GLU J 292 -19.61 -110.67 -6.51
C GLU J 292 -20.63 -111.75 -6.82
N PRO J 293 -21.23 -112.36 -5.80
CA PRO J 293 -21.97 -113.60 -6.06
C PRO J 293 -23.07 -113.48 -7.08
N ASP J 294 -23.95 -112.48 -6.98
CA ASP J 294 -25.06 -112.46 -7.92
C ASP J 294 -24.75 -111.69 -9.20
N LYS J 295 -24.00 -110.60 -9.10
CA LYS J 295 -23.66 -109.79 -10.26
C LYS J 295 -22.18 -110.01 -10.49
N ALA J 296 -21.63 -110.25 -11.68
CA ALA J 296 -22.13 -110.49 -13.04
C ALA J 296 -22.69 -109.35 -13.91
N GLN J 297 -23.42 -108.33 -13.41
CA GLN J 297 -23.57 -107.10 -14.21
C GLN J 297 -23.29 -105.76 -13.54
N LEU J 298 -23.15 -105.67 -12.22
CA LEU J 298 -23.19 -104.34 -11.59
C LEU J 298 -22.75 -104.48 -10.14
N ALA J 299 -22.60 -103.34 -9.45
CA ALA J 299 -22.24 -103.33 -8.04
C ALA J 299 -22.32 -101.91 -7.49
N SER J 300 -22.00 -101.78 -6.20
CA SER J 300 -21.76 -100.47 -5.64
C SER J 300 -20.48 -99.93 -6.26
N ARG J 301 -20.30 -98.62 -6.19
CA ARG J 301 -19.25 -98.01 -6.99
C ARG J 301 -17.83 -98.26 -6.49
N ASP J 302 -17.55 -97.99 -5.20
CA ASP J 302 -16.20 -98.25 -4.67
C ASP J 302 -15.82 -99.72 -4.78
N VAL J 303 -16.84 -100.59 -4.80
CA VAL J 303 -16.66 -102.03 -4.88
C VAL J 303 -16.01 -102.42 -6.20
N VAL J 304 -16.63 -102.00 -7.30
CA VAL J 304 -16.15 -102.44 -8.60
C VAL J 304 -14.67 -102.15 -8.72
N SER J 305 -14.25 -100.95 -8.27
CA SER J 305 -12.83 -100.61 -8.31
C SER J 305 -12.03 -101.50 -7.36
N ARG J 306 -12.60 -101.78 -6.18
CA ARG J 306 -11.95 -102.66 -5.20
C ARG J 306 -11.57 -103.98 -5.85
N ARG J 307 -12.57 -104.67 -6.39
CA ARG J 307 -12.38 -106.02 -6.86
C ARG J 307 -11.63 -106.06 -8.17
N MET J 308 -11.72 -105.00 -8.98
CA MET J 308 -10.92 -104.95 -10.18
C MET J 308 -9.44 -104.95 -9.83
N THR J 309 -9.05 -104.12 -8.85
CA THR J 309 -7.65 -104.21 -8.44
C THR J 309 -7.35 -105.55 -7.78
N GLU J 310 -8.33 -106.14 -7.07
CA GLU J 310 -8.13 -107.45 -6.45
C GLU J 310 -7.75 -108.51 -7.50
N HIS J 311 -8.65 -108.79 -8.46
CA HIS J 311 -8.35 -109.72 -9.55
C HIS J 311 -7.16 -109.24 -10.37
N MET J 312 -6.83 -107.94 -10.29
CA MET J 312 -5.75 -107.35 -11.06
C MET J 312 -4.37 -107.68 -10.49
N ARG J 313 -4.26 -108.02 -9.20
CA ARG J 313 -2.94 -108.35 -8.69
C ARG J 313 -2.47 -109.72 -9.21
N LYS J 314 -3.42 -110.63 -9.52
CA LYS J 314 -3.11 -111.99 -9.96
C LYS J 314 -2.02 -112.04 -11.03
N GLY J 315 -2.41 -111.63 -12.22
CA GLY J 315 -1.58 -111.59 -13.40
C GLY J 315 -2.49 -111.48 -14.58
N LEU J 316 -1.88 -111.10 -15.71
CA LEU J 316 -2.65 -110.80 -16.92
C LEU J 316 -1.93 -111.50 -18.15
N GLY J 317 -2.27 -111.12 -19.41
CA GLY J 317 -3.31 -110.11 -19.75
C GLY J 317 -3.89 -110.03 -21.18
N VAL J 318 -3.69 -108.95 -21.96
CA VAL J 318 -2.88 -107.79 -21.57
C VAL J 318 -3.40 -107.00 -20.35
N LYS J 319 -2.53 -106.50 -19.45
CA LYS J 319 -1.04 -106.42 -19.52
C LYS J 319 -0.58 -105.55 -20.70
N SER J 320 -1.16 -104.35 -20.78
CA SER J 320 -0.83 -103.32 -21.77
C SER J 320 0.53 -102.70 -21.45
N PRO J 321 1.14 -101.99 -22.41
CA PRO J 321 2.35 -101.21 -22.08
C PRO J 321 2.11 -100.03 -21.14
N TYR J 322 0.88 -99.51 -21.06
CA TYR J 322 0.56 -98.42 -20.14
C TYR J 322 0.48 -98.87 -18.70
N GLY J 323 0.68 -100.17 -18.48
CA GLY J 323 0.41 -100.85 -17.24
C GLY J 323 -0.80 -101.75 -17.38
N ASP J 324 -0.93 -102.66 -16.42
CA ASP J 324 -1.95 -103.68 -16.54
C ASP J 324 -3.32 -103.06 -16.34
N HIS J 325 -4.30 -103.58 -17.07
CA HIS J 325 -5.63 -103.02 -17.01
C HIS J 325 -6.59 -104.16 -17.31
N LEU J 326 -7.86 -103.85 -17.23
CA LEU J 326 -8.86 -104.82 -17.60
C LEU J 326 -9.56 -104.29 -18.82
N TRP J 327 -10.61 -104.97 -19.22
CA TRP J 327 -11.38 -104.59 -20.40
C TRP J 327 -12.86 -104.45 -20.06
N LEU J 328 -13.55 -103.65 -20.87
CA LEU J 328 -14.98 -103.39 -20.82
C LEU J 328 -15.65 -103.79 -22.13
N ASP J 329 -16.81 -104.44 -22.05
CA ASP J 329 -17.53 -104.84 -23.25
C ASP J 329 -18.85 -104.06 -23.34
N ILE J 330 -18.93 -103.15 -24.30
CA ILE J 330 -20.20 -102.52 -24.67
C ILE J 330 -20.79 -103.10 -25.95
N ARG J 331 -20.13 -104.07 -26.59
CA ARG J 331 -20.59 -104.62 -27.87
C ARG J 331 -21.98 -105.28 -27.83
N HIS J 332 -22.67 -105.20 -26.68
CA HIS J 332 -23.93 -105.91 -26.44
C HIS J 332 -25.00 -105.70 -27.52
N LEU J 333 -24.94 -104.66 -28.34
CA LEU J 333 -25.85 -104.64 -29.48
C LEU J 333 -25.27 -105.35 -30.71
N GLY J 334 -24.16 -106.07 -30.56
CA GLY J 334 -23.64 -106.86 -31.66
C GLY J 334 -22.64 -106.19 -32.57
N GLU J 335 -22.79 -106.38 -33.88
CA GLU J 335 -22.10 -105.57 -34.87
C GLU J 335 -22.97 -104.43 -35.41
N LYS J 336 -24.16 -104.21 -34.84
CA LYS J 336 -25.11 -103.23 -35.35
C LYS J 336 -24.94 -101.83 -34.75
N HIS J 337 -25.39 -101.60 -33.52
CA HIS J 337 -25.33 -100.25 -32.94
C HIS J 337 -24.28 -100.05 -31.88
N ILE J 338 -24.53 -100.54 -30.67
CA ILE J 338 -23.60 -100.42 -29.55
C ILE J 338 -23.46 -98.93 -29.25
N THR J 339 -24.54 -98.21 -29.47
CA THR J 339 -24.60 -96.80 -29.15
C THR J 339 -25.84 -96.53 -28.31
N THR J 340 -27.03 -96.83 -28.84
CA THR J 340 -28.33 -96.55 -28.20
C THR J 340 -28.57 -95.03 -28.10
N LYS J 341 -28.13 -94.41 -29.19
CA LYS J 341 -28.22 -92.99 -29.51
C LYS J 341 -27.92 -92.16 -28.32
N LEU J 342 -27.06 -91.15 -28.46
CA LEU J 342 -26.32 -90.69 -29.65
C LEU J 342 -24.84 -90.42 -29.26
N ARG J 343 -23.96 -91.03 -30.06
CA ARG J 343 -22.48 -91.01 -30.10
C ARG J 343 -21.80 -91.38 -28.78
N GLU J 344 -22.55 -91.40 -27.68
CA GLU J 344 -22.18 -92.07 -26.41
C GLU J 344 -20.70 -91.86 -26.08
N VAL J 345 -20.02 -92.91 -25.60
CA VAL J 345 -18.58 -93.00 -25.51
C VAL J 345 -18.02 -93.41 -26.85
N TYR J 346 -18.91 -93.76 -27.79
CA TYR J 346 -18.50 -94.12 -29.14
C TYR J 346 -17.51 -93.10 -29.71
N ASP J 347 -17.79 -91.81 -29.50
CA ASP J 347 -16.87 -90.78 -30.00
C ASP J 347 -15.54 -90.79 -29.25
N ILE J 348 -15.60 -90.80 -27.92
CA ILE J 348 -14.38 -90.71 -27.11
C ILE J 348 -13.47 -91.89 -27.40
N CYS J 349 -14.03 -93.11 -27.34
CA CYS J 349 -13.28 -94.31 -27.60
C CYS J 349 -12.77 -94.33 -29.02
N THR J 350 -13.52 -93.71 -29.94
CA THR J 350 -13.10 -93.73 -31.33
C THR J 350 -11.87 -92.84 -31.57
N ASN J 351 -11.90 -91.61 -31.07
CA ASN J 351 -10.79 -90.70 -31.41
C ASN J 351 -9.55 -90.84 -30.53
N PHE J 352 -9.72 -90.98 -29.20
CA PHE J 352 -8.56 -91.04 -28.30
C PHE J 352 -7.92 -92.42 -28.22
N LEU J 353 -8.70 -93.46 -28.50
CA LEU J 353 -8.31 -94.87 -28.41
C LEU J 353 -8.26 -95.49 -29.81
N GLY J 354 -7.93 -96.77 -29.85
CA GLY J 354 -7.88 -97.46 -31.12
C GLY J 354 -9.07 -98.36 -31.33
N VAL J 355 -10.12 -98.14 -30.53
CA VAL J 355 -11.24 -99.06 -30.46
C VAL J 355 -12.48 -98.42 -31.07
N ASN J 356 -13.14 -99.16 -31.95
CA ASN J 356 -14.49 -98.83 -32.38
C ASN J 356 -15.43 -99.72 -31.58
N PRO J 357 -16.28 -99.15 -30.73
CA PRO J 357 -17.09 -99.98 -29.82
C PRO J 357 -18.07 -100.90 -30.50
N ILE J 358 -18.49 -100.63 -31.74
CA ILE J 358 -19.48 -101.47 -32.38
C ILE J 358 -18.91 -102.79 -32.85
N HIS J 359 -17.59 -102.94 -32.77
CA HIS J 359 -16.93 -104.21 -33.07
C HIS J 359 -16.19 -104.71 -31.83
N GLN J 360 -15.11 -104.03 -31.45
CA GLN J 360 -14.09 -104.46 -30.50
C GLN J 360 -14.50 -104.13 -29.04
N LEU J 361 -13.61 -104.41 -28.09
CA LEU J 361 -13.87 -104.21 -26.67
C LEU J 361 -12.94 -103.15 -26.03
N ILE J 362 -13.51 -102.42 -25.07
CA ILE J 362 -12.98 -101.13 -24.60
C ILE J 362 -12.03 -101.34 -23.43
N PRO J 363 -10.75 -100.96 -23.52
CA PRO J 363 -9.83 -100.99 -22.35
C PRO J 363 -10.18 -99.98 -21.28
N VAL J 364 -10.29 -100.42 -20.03
CA VAL J 364 -10.61 -99.53 -18.91
C VAL J 364 -9.84 -100.00 -17.68
N ARG J 365 -9.54 -99.08 -16.78
CA ARG J 365 -8.85 -99.39 -15.53
C ARG J 365 -9.35 -98.40 -14.49
N PRO J 366 -9.45 -98.80 -13.22
CA PRO J 366 -9.80 -97.82 -12.18
C PRO J 366 -8.77 -96.69 -12.10
N THR J 367 -9.27 -95.45 -12.14
CA THR J 367 -8.48 -94.23 -12.06
C THR J 367 -9.27 -93.23 -11.21
N HIS J 368 -8.59 -92.21 -10.69
CA HIS J 368 -9.20 -91.31 -9.73
C HIS J 368 -10.40 -90.60 -10.33
N HIS J 369 -11.53 -90.53 -9.60
CA HIS J 369 -12.68 -89.85 -10.19
C HIS J 369 -13.32 -88.75 -9.34
N TYR J 370 -14.26 -89.11 -8.45
CA TYR J 370 -15.00 -88.12 -7.67
C TYR J 370 -14.19 -87.68 -6.46
N SER J 371 -14.52 -86.49 -5.95
CA SER J 371 -13.88 -85.95 -4.75
C SER J 371 -14.93 -85.71 -3.68
N MET J 372 -14.93 -86.56 -2.65
CA MET J 372 -15.95 -86.51 -1.62
C MET J 372 -15.68 -85.38 -0.64
N GLY J 373 -14.45 -85.33 -0.13
CA GLY J 373 -14.07 -84.37 0.88
C GLY J 373 -13.93 -82.96 0.34
N GLY J 374 -13.66 -82.06 1.26
CA GLY J 374 -13.65 -80.66 0.92
C GLY J 374 -13.99 -79.81 2.14
N VAL J 375 -14.56 -78.64 1.88
CA VAL J 375 -14.94 -77.73 2.95
C VAL J 375 -16.13 -78.31 3.70
N ARG J 376 -15.96 -78.57 5.00
CA ARG J 376 -17.09 -79.06 5.77
C ARG J 376 -18.08 -77.95 5.97
N THR J 377 -19.36 -78.28 5.84
CA THR J 377 -20.45 -77.30 5.89
C THR J 377 -21.47 -77.74 6.94
N ASN J 378 -22.62 -77.08 7.00
CA ASN J 378 -23.69 -77.56 7.86
C ASN J 378 -24.87 -77.97 6.97
N ARG J 379 -26.01 -78.23 7.62
CA ARG J 379 -27.22 -78.55 6.86
C ARG J 379 -27.58 -77.45 5.87
N ASP J 380 -27.24 -76.20 6.17
CA ASP J 380 -27.49 -75.07 5.27
C ASP J 380 -26.27 -74.72 4.42
N GLY J 381 -25.20 -75.50 4.53
CA GLY J 381 -24.04 -75.28 3.72
C GLY J 381 -23.18 -74.16 4.23
N ALA J 382 -23.43 -73.63 5.41
CA ALA J 382 -22.56 -72.60 5.91
C ALA J 382 -21.28 -73.25 6.36
N ALA J 383 -20.16 -72.71 5.85
CA ALA J 383 -18.83 -73.24 6.08
C ALA J 383 -18.47 -73.18 7.55
N TYR J 384 -17.44 -73.94 7.90
CA TYR J 384 -17.22 -74.17 9.31
C TYR J 384 -16.66 -72.93 9.99
N GLY J 385 -15.38 -72.65 9.77
CA GLY J 385 -14.64 -71.72 10.61
C GLY J 385 -14.81 -70.24 10.39
N LEU J 386 -15.72 -69.80 9.52
CA LEU J 386 -15.73 -68.39 9.15
C LEU J 386 -17.18 -68.01 8.87
N LYS J 387 -17.64 -66.87 9.39
CA LYS J 387 -19.06 -66.54 9.29
C LYS J 387 -19.36 -65.86 7.98
N GLY J 388 -20.45 -66.28 7.35
CA GLY J 388 -20.76 -65.78 6.04
C GLY J 388 -20.11 -66.54 4.92
N LEU J 389 -19.35 -67.59 5.24
CA LEU J 389 -18.67 -68.42 4.26
C LEU J 389 -19.57 -69.60 3.94
N PHE J 390 -19.64 -69.96 2.67
CA PHE J 390 -20.54 -71.02 2.24
C PHE J 390 -19.79 -72.04 1.40
N SER J 391 -20.45 -73.16 1.13
CA SER J 391 -19.91 -74.10 0.17
C SER J 391 -21.07 -74.95 -0.38
N ALA J 392 -20.91 -75.43 -1.61
CA ALA J 392 -21.83 -76.38 -2.23
C ALA J 392 -21.06 -77.11 -3.31
N GLY J 393 -21.60 -78.23 -3.75
CA GLY J 393 -21.03 -78.92 -4.88
C GLY J 393 -19.91 -79.86 -4.49
N GLU J 394 -19.17 -80.29 -5.51
CA GLU J 394 -18.04 -81.21 -5.33
C GLU J 394 -16.97 -80.61 -4.43
N SER J 395 -16.71 -79.31 -4.57
CA SER J 395 -15.74 -78.64 -3.73
C SER J 395 -16.10 -78.71 -2.26
N ALA J 396 -17.37 -79.01 -1.94
CA ALA J 396 -17.92 -78.87 -0.60
C ALA J 396 -18.02 -80.22 0.10
N CYS J 397 -17.91 -80.19 1.42
CA CYS J 397 -18.30 -81.35 2.18
C CYS J 397 -19.67 -81.01 2.77
N TRP J 398 -20.72 -81.35 2.03
CA TRP J 398 -22.06 -81.35 2.58
C TRP J 398 -22.29 -82.67 3.27
N ASP J 399 -21.67 -83.71 2.71
CA ASP J 399 -21.85 -85.11 3.08
C ASP J 399 -23.27 -85.61 2.85
N MET J 400 -23.77 -85.43 1.63
CA MET J 400 -24.76 -86.38 1.17
C MET J 400 -24.10 -87.57 0.50
N HIS J 401 -22.82 -87.49 0.18
CA HIS J 401 -22.13 -88.62 -0.44
C HIS J 401 -21.35 -89.49 0.53
N GLY J 402 -21.13 -89.04 1.76
CA GLY J 402 -20.40 -89.86 2.74
C GLY J 402 -19.03 -90.34 2.28
N PHE J 403 -18.72 -91.63 2.56
CA PHE J 403 -17.44 -92.28 2.21
C PHE J 403 -17.51 -93.08 0.91
N ASN J 404 -18.70 -93.19 0.31
CA ASN J 404 -18.84 -93.69 -1.05
C ASN J 404 -19.93 -92.87 -1.75
N ARG J 405 -19.58 -92.35 -2.91
CA ARG J 405 -20.49 -91.50 -3.67
C ARG J 405 -21.44 -92.35 -4.52
N LEU J 406 -22.75 -92.13 -4.36
CA LEU J 406 -23.73 -92.85 -5.15
C LEU J 406 -23.69 -92.44 -6.62
N GLY J 407 -23.67 -93.43 -7.51
CA GLY J 407 -23.65 -93.17 -8.93
C GLY J 407 -24.81 -92.30 -9.37
N GLY J 408 -24.53 -91.26 -10.16
CA GLY J 408 -25.58 -90.37 -10.63
C GLY J 408 -26.03 -89.35 -9.61
N ASN J 409 -25.53 -89.43 -8.37
CA ASN J 409 -25.91 -88.51 -7.31
C ASN J 409 -25.10 -87.22 -7.29
N SER J 410 -24.01 -87.12 -8.03
CA SER J 410 -23.21 -85.91 -7.90
C SER J 410 -23.79 -84.76 -8.72
N LEU J 411 -24.36 -85.06 -9.89
CA LEU J 411 -25.18 -84.07 -10.59
C LEU J 411 -26.36 -83.64 -9.74
N ALA J 412 -27.08 -84.63 -9.19
CA ALA J 412 -28.20 -84.32 -8.31
C ALA J 412 -27.78 -83.45 -7.14
N GLU J 413 -26.57 -83.63 -6.61
CA GLU J 413 -26.14 -82.82 -5.48
C GLU J 413 -25.81 -81.41 -5.90
N THR J 414 -25.19 -81.21 -7.07
CA THR J 414 -24.91 -79.82 -7.41
C THR J 414 -26.19 -79.04 -7.65
N VAL J 415 -27.17 -79.61 -8.34
CA VAL J 415 -28.34 -78.74 -8.58
C VAL J 415 -29.25 -78.68 -7.36
N VAL J 416 -29.51 -79.81 -6.73
CA VAL J 416 -30.34 -79.82 -5.51
C VAL J 416 -29.72 -78.95 -4.42
N ALA J 417 -28.41 -79.13 -4.19
CA ALA J 417 -27.69 -78.39 -3.15
C ALA J 417 -27.66 -76.92 -3.48
N GLY J 418 -27.54 -76.58 -4.76
CA GLY J 418 -27.69 -75.20 -5.14
C GLY J 418 -29.06 -74.64 -4.80
N ARG J 419 -30.12 -75.42 -5.00
CA ARG J 419 -31.43 -74.91 -4.66
C ARG J 419 -31.52 -74.66 -3.17
N TYR J 420 -31.18 -75.67 -2.37
CA TYR J 420 -31.32 -75.58 -0.92
C TYR J 420 -30.33 -74.59 -0.28
N ILE J 421 -29.02 -74.82 -0.44
CA ILE J 421 -28.01 -73.92 0.12
C ILE J 421 -28.24 -72.51 -0.39
N GLY J 422 -28.66 -72.40 -1.65
CA GLY J 422 -28.94 -71.10 -2.25
C GLY J 422 -30.05 -70.35 -1.54
N GLU J 423 -31.21 -71.00 -1.37
CA GLU J 423 -32.29 -70.42 -0.57
C GLU J 423 -31.73 -69.90 0.75
N ARG J 424 -30.95 -70.75 1.44
CA ARG J 424 -30.37 -70.33 2.70
C ARG J 424 -29.42 -69.13 2.52
N MET J 425 -28.69 -69.08 1.41
CA MET J 425 -27.78 -67.95 1.22
C MET J 425 -28.56 -66.66 1.04
N VAL J 426 -29.68 -66.68 0.30
CA VAL J 426 -30.54 -65.51 0.15
C VAL J 426 -31.10 -65.07 1.51
N GLU J 427 -31.28 -66.00 2.44
CA GLU J 427 -31.71 -65.61 3.80
C GLU J 427 -30.61 -64.89 4.58
N PHE J 428 -29.43 -65.51 4.71
CA PHE J 428 -28.33 -64.93 5.49
C PHE J 428 -27.87 -63.59 4.93
N THR J 429 -27.89 -63.44 3.60
CA THR J 429 -27.57 -62.15 3.01
C THR J 429 -28.70 -61.15 3.18
N LYS J 430 -29.94 -61.51 2.81
CA LYS J 430 -30.99 -60.50 2.83
C LYS J 430 -31.16 -59.87 4.23
N GLY J 431 -30.62 -60.52 5.26
CA GLY J 431 -30.59 -60.08 6.64
C GLY J 431 -29.47 -59.10 6.91
N ALA J 432 -28.86 -59.18 8.10
CA ALA J 432 -27.90 -58.20 8.55
C ALA J 432 -26.71 -58.14 7.60
N THR J 433 -26.01 -56.99 7.60
CA THR J 433 -24.94 -56.67 6.66
C THR J 433 -23.66 -56.20 7.35
N PRO J 434 -22.47 -56.58 6.82
CA PRO J 434 -21.18 -56.46 7.54
C PRO J 434 -20.44 -55.15 7.37
N SER J 435 -19.17 -55.11 7.77
CA SER J 435 -18.31 -53.94 7.56
C SER J 435 -16.96 -54.35 7.01
N PHE J 436 -16.62 -53.91 5.80
CA PHE J 436 -15.41 -54.42 5.18
C PHE J 436 -14.29 -53.50 5.62
N GLY J 437 -13.60 -53.93 6.67
CA GLY J 437 -12.44 -53.20 7.14
C GLY J 437 -11.32 -53.44 6.17
N MET J 438 -10.75 -52.37 5.66
CA MET J 438 -9.73 -52.58 4.68
C MET J 438 -8.41 -53.05 5.30
N GLN J 439 -8.29 -53.05 6.63
CA GLN J 439 -7.07 -53.62 7.20
C GLN J 439 -7.14 -55.13 7.16
N TYR J 440 -8.18 -55.63 6.51
CA TYR J 440 -8.30 -57.04 6.15
C TYR J 440 -8.15 -57.22 4.64
N VAL J 441 -9.05 -56.69 3.83
CA VAL J 441 -8.85 -56.80 2.39
C VAL J 441 -7.48 -56.24 1.99
N GLU J 442 -7.12 -55.06 2.49
CA GLU J 442 -5.82 -54.50 2.09
C GLU J 442 -4.71 -55.20 2.86
N ASP J 443 -4.69 -55.01 4.19
CA ASP J 443 -3.70 -55.66 5.06
C ASP J 443 -3.91 -57.17 5.08
N ALA J 444 -2.81 -57.91 4.98
CA ALA J 444 -2.82 -59.33 4.61
C ALA J 444 -3.54 -59.39 3.27
N HIS J 445 -4.23 -60.49 2.98
CA HIS J 445 -4.94 -60.61 1.72
C HIS J 445 -3.94 -60.17 0.67
N LYS J 446 -4.11 -58.98 0.07
CA LYS J 446 -3.11 -58.39 -0.82
C LYS J 446 -1.68 -58.51 -0.28
N LYS J 447 -1.46 -58.26 1.02
CA LYS J 447 -0.09 -58.24 1.55
C LYS J 447 0.54 -59.63 1.56
N VAL J 448 -0.06 -60.58 2.29
CA VAL J 448 0.57 -61.89 2.44
C VAL J 448 0.65 -62.62 1.10
N GLN J 449 -0.38 -62.46 0.28
CA GLN J 449 -0.50 -63.21 -0.94
C GLN J 449 0.33 -62.62 -2.08
N GLU J 450 0.35 -61.30 -2.23
CA GLU J 450 1.37 -60.77 -3.13
C GLU J 450 2.77 -61.10 -2.61
N ARG J 451 2.91 -61.34 -1.30
CA ARG J 451 4.19 -61.78 -0.77
C ARG J 451 4.53 -63.19 -1.28
N ILE J 452 3.52 -64.07 -1.38
CA ILE J 452 3.83 -65.40 -1.94
C ILE J 452 4.22 -65.27 -3.40
N THR J 453 3.61 -64.34 -4.15
CA THR J 453 3.99 -64.20 -5.56
C THR J 453 5.41 -63.65 -5.71
N ASP J 454 5.74 -62.60 -4.95
CA ASP J 454 7.08 -62.02 -5.07
C ASP J 454 8.16 -62.98 -4.58
N ILE J 455 7.86 -63.72 -3.51
CA ILE J 455 8.80 -64.72 -3.04
C ILE J 455 8.97 -65.82 -4.08
N VAL J 456 7.93 -66.11 -4.87
CA VAL J 456 8.07 -67.16 -5.86
C VAL J 456 8.92 -66.67 -7.04
N THR J 457 8.86 -65.39 -7.36
CA THR J 457 9.62 -65.01 -8.54
C THR J 457 11.02 -64.53 -8.25
N GLY J 458 11.11 -63.31 -7.73
CA GLY J 458 12.36 -62.63 -7.50
C GLY J 458 13.24 -63.23 -6.45
N ARG J 459 12.86 -64.33 -5.83
CA ARG J 459 13.50 -64.77 -4.60
C ARG J 459 14.28 -66.06 -4.85
N LYS J 460 14.96 -66.48 -3.79
CA LYS J 460 15.72 -67.73 -3.72
C LYS J 460 14.79 -68.81 -3.15
N GLY J 461 15.37 -69.92 -2.69
CA GLY J 461 14.59 -71.12 -2.43
C GLY J 461 14.37 -71.79 -3.77
N LYS J 462 15.46 -71.91 -4.53
CA LYS J 462 15.41 -72.31 -5.94
C LYS J 462 15.26 -73.82 -6.06
N GLU J 463 14.10 -74.25 -6.56
CA GLU J 463 13.70 -75.64 -6.83
C GLU J 463 12.64 -75.59 -7.90
N ASN J 464 12.64 -76.57 -8.79
CA ASN J 464 11.67 -76.59 -9.89
C ASN J 464 10.28 -77.08 -9.48
N THR J 465 9.26 -76.26 -9.78
CA THR J 465 7.90 -76.60 -9.35
C THR J 465 7.40 -77.86 -10.03
N PHE J 466 7.87 -78.15 -11.25
CA PHE J 466 7.39 -79.35 -11.92
C PHE J 466 7.92 -80.60 -11.23
N LYS J 467 9.24 -80.66 -10.97
CA LYS J 467 9.79 -81.82 -10.26
C LYS J 467 9.00 -82.11 -8.99
N ILE J 468 8.52 -81.05 -8.33
CA ILE J 468 7.76 -81.20 -7.10
C ILE J 468 6.33 -81.65 -7.39
N ARG J 469 5.74 -81.16 -8.48
CA ARG J 469 4.42 -81.64 -8.91
C ARG J 469 4.44 -83.13 -9.22
N ASP J 470 5.40 -83.58 -10.06
CA ASP J 470 5.45 -84.99 -10.47
C ASP J 470 5.89 -85.90 -9.33
N GLU J 471 6.84 -85.47 -8.48
CA GLU J 471 7.20 -86.26 -7.32
C GLU J 471 6.02 -86.44 -6.36
N MET J 472 5.23 -85.38 -6.14
CA MET J 472 3.98 -85.55 -5.43
C MET J 472 3.04 -86.53 -6.14
N HIS J 473 2.91 -86.42 -7.46
CA HIS J 473 2.01 -87.29 -8.20
C HIS J 473 2.34 -88.76 -7.96
N ASP J 474 3.62 -89.11 -8.07
CA ASP J 474 4.00 -90.49 -7.79
C ASP J 474 3.70 -90.85 -6.34
N ILE J 475 4.03 -89.96 -5.40
CA ILE J 475 3.81 -90.26 -3.98
C ILE J 475 2.33 -90.59 -3.71
N MET J 476 1.41 -89.88 -4.36
CA MET J 476 0.00 -90.22 -4.12
C MET J 476 -0.42 -91.50 -4.83
N MET J 477 0.05 -91.74 -6.05
CA MET J 477 -0.35 -92.97 -6.74
C MET J 477 0.09 -94.20 -5.95
N GLU J 478 1.35 -94.22 -5.50
CA GLU J 478 1.89 -95.38 -4.79
C GLU J 478 1.38 -95.44 -3.35
N GLY J 479 1.40 -94.33 -2.65
CA GLY J 479 1.03 -94.36 -1.26
C GLY J 479 -0.42 -94.73 -1.12
N VAL J 480 -1.29 -93.97 -1.75
CA VAL J 480 -2.71 -94.16 -1.64
C VAL J 480 -3.30 -94.60 -2.97
N GLY J 481 -3.64 -95.90 -3.05
CA GLY J 481 -4.41 -96.47 -4.14
C GLY J 481 -5.78 -96.82 -3.56
N ILE J 482 -6.48 -97.80 -4.11
CA ILE J 482 -7.61 -98.35 -3.35
C ILE J 482 -7.07 -99.30 -2.30
N PHE J 483 -5.83 -99.77 -2.47
CA PHE J 483 -5.18 -100.81 -1.70
C PHE J 483 -4.00 -100.17 -0.98
N ARG J 484 -4.07 -100.02 0.36
CA ARG J 484 -3.09 -99.24 1.11
C ARG J 484 -2.98 -99.72 2.56
N ASN J 485 -1.76 -99.66 3.11
CA ASN J 485 -1.51 -100.11 4.49
C ASN J 485 -1.00 -98.98 5.37
N GLY J 486 -0.89 -99.31 6.67
CA GLY J 486 -0.44 -98.33 7.65
C GLY J 486 0.99 -97.85 7.44
N THR J 487 1.90 -98.77 7.10
CA THR J 487 3.32 -98.41 7.08
C THR J 487 3.66 -97.56 5.86
N ASP J 488 3.02 -97.83 4.72
CA ASP J 488 3.18 -96.97 3.56
C ASP J 488 2.49 -95.62 3.75
N LEU J 489 1.37 -95.56 4.47
CA LEU J 489 0.76 -94.26 4.81
C LEU J 489 1.71 -93.45 5.67
N GLN J 490 2.27 -94.07 6.71
CA GLN J 490 3.18 -93.33 7.59
C GLN J 490 4.45 -92.89 6.85
N LYS J 491 5.05 -93.81 6.08
CA LYS J 491 6.22 -93.49 5.28
C LYS J 491 5.91 -92.36 4.31
N ALA J 492 4.74 -92.43 3.67
CA ALA J 492 4.26 -91.38 2.78
C ALA J 492 4.15 -90.03 3.48
N VAL J 493 3.42 -89.97 4.60
CA VAL J 493 3.22 -88.70 5.29
C VAL J 493 4.56 -88.07 5.62
N ASN J 494 5.56 -88.86 6.01
CA ASN J 494 6.87 -88.26 6.19
C ASN J 494 7.44 -87.75 4.86
N LYS J 495 7.38 -88.56 3.79
CA LYS J 495 8.05 -88.09 2.58
C LYS J 495 7.37 -86.89 1.92
N LEU J 496 6.03 -86.77 2.02
CA LEU J 496 5.34 -85.57 1.49
C LEU J 496 5.47 -84.38 2.45
N GLU J 497 5.70 -84.64 3.74
CA GLU J 497 6.15 -83.55 4.60
C GLU J 497 7.50 -83.06 4.11
N GLU J 498 8.41 -83.98 3.79
CA GLU J 498 9.69 -83.61 3.24
C GLU J 498 9.54 -82.81 1.95
N LEU J 499 8.53 -83.13 1.13
CA LEU J 499 8.30 -82.37 -0.10
C LEU J 499 7.57 -81.06 0.15
N TYR J 500 6.78 -80.96 1.23
CA TYR J 500 6.24 -79.66 1.60
C TYR J 500 7.36 -78.72 1.98
N ASP J 501 8.33 -79.23 2.78
CA ASP J 501 9.57 -78.51 3.00
C ASP J 501 10.20 -78.13 1.66
N ARG J 502 10.21 -79.08 0.69
CA ARG J 502 10.75 -78.78 -0.63
C ARG J 502 9.94 -77.71 -1.35
N SER J 503 8.66 -77.51 -1.00
CA SER J 503 7.90 -76.53 -1.75
C SER J 503 8.26 -75.16 -1.21
N GLN J 504 7.63 -74.73 -0.10
CA GLN J 504 8.08 -73.54 0.63
C GLN J 504 8.51 -72.47 -0.37
N LYS J 505 9.79 -72.10 -0.34
CA LYS J 505 10.32 -71.18 -1.35
C LYS J 505 10.69 -71.95 -2.62
N ILE J 506 10.20 -71.42 -3.74
CA ILE J 506 10.25 -72.00 -5.07
C ILE J 506 10.79 -70.92 -6.01
N SER J 507 11.27 -71.34 -7.16
CA SER J 507 11.73 -70.45 -8.21
C SER J 507 11.05 -70.90 -9.50
N LEU J 508 10.89 -69.98 -10.47
CA LEU J 508 10.27 -70.37 -11.73
C LEU J 508 11.25 -70.20 -12.90
N SER J 509 11.17 -71.15 -13.82
CA SER J 509 12.04 -71.26 -15.00
C SER J 509 11.88 -70.14 -16.03
N SER J 510 10.90 -69.24 -15.89
CA SER J 510 10.57 -68.27 -16.93
C SER J 510 10.93 -66.83 -16.56
N ALA J 511 10.63 -65.90 -17.49
CA ALA J 511 10.75 -64.45 -17.30
C ALA J 511 9.41 -63.75 -17.08
N CYS J 512 8.34 -64.49 -16.88
CA CYS J 512 7.00 -63.94 -16.64
C CYS J 512 6.44 -63.20 -17.86
N LYS J 513 6.80 -61.96 -18.03
CA LYS J 513 6.32 -61.13 -19.12
C LYS J 513 4.92 -60.61 -18.82
N GLY J 514 4.52 -60.76 -17.55
CA GLY J 514 3.22 -60.32 -17.08
C GLY J 514 2.22 -61.38 -17.54
N MET J 515 1.41 -61.83 -16.57
CA MET J 515 0.53 -63.02 -16.55
C MET J 515 1.32 -64.25 -17.02
N ASN J 516 2.17 -64.83 -16.17
CA ASN J 516 2.90 -66.06 -16.55
C ASN J 516 2.06 -67.30 -16.29
N PRO J 517 1.88 -68.18 -17.28
CA PRO J 517 1.06 -69.38 -17.04
C PRO J 517 1.69 -70.39 -16.12
N GLU J 518 3.02 -70.40 -16.00
CA GLU J 518 3.62 -71.35 -15.06
C GLU J 518 3.28 -70.96 -13.65
N LEU J 519 3.46 -69.68 -13.32
CA LEU J 519 3.11 -69.18 -12.00
C LEU J 519 1.66 -69.54 -11.65
N SER J 520 0.76 -69.59 -12.64
CA SER J 520 -0.64 -69.96 -12.40
C SER J 520 -0.73 -71.23 -11.58
N THR J 521 0.08 -72.23 -11.95
CA THR J 521 0.20 -73.49 -11.23
C THR J 521 1.18 -73.39 -10.05
N ALA J 522 2.28 -72.67 -10.27
CA ALA J 522 3.37 -72.65 -9.30
C ALA J 522 2.89 -72.20 -7.95
N LEU J 523 1.93 -71.27 -7.89
CA LEU J 523 1.57 -70.89 -6.53
C LEU J 523 0.72 -71.95 -5.86
N ARG J 524 -0.02 -72.76 -6.61
CA ARG J 524 -0.93 -73.71 -5.98
C ARG J 524 -0.36 -75.13 -5.86
N ILE J 525 0.88 -75.36 -6.28
CA ILE J 525 1.50 -76.64 -5.94
C ILE J 525 1.50 -76.82 -4.42
N ARG J 526 2.01 -75.83 -3.68
CA ARG J 526 2.06 -75.90 -2.23
C ARG J 526 0.69 -76.21 -1.62
N GLY J 527 -0.34 -75.47 -2.04
CA GLY J 527 -1.66 -75.72 -1.50
C GLY J 527 -2.18 -77.11 -1.82
N MET J 528 -1.98 -77.54 -3.07
CA MET J 528 -2.36 -78.89 -3.45
C MET J 528 -1.74 -79.91 -2.48
N LEU J 529 -0.42 -79.83 -2.26
CA LEU J 529 0.22 -80.83 -1.41
C LEU J 529 -0.28 -80.73 0.03
N LYS J 530 -0.58 -79.52 0.53
CA LYS J 530 -1.18 -79.44 1.87
C LYS J 530 -2.44 -80.29 1.93
N LEU J 531 -3.37 -80.13 0.98
CA LEU J 531 -4.58 -80.95 1.07
C LEU J 531 -4.34 -82.42 0.69
N ALA J 532 -3.22 -82.73 0.02
CA ALA J 532 -2.79 -84.10 -0.28
C ALA J 532 -2.27 -84.85 0.95
N GLN J 533 -1.44 -84.18 1.77
CA GLN J 533 -1.01 -84.71 3.06
C GLN J 533 -2.14 -84.67 4.08
N CYS J 534 -3.14 -83.80 3.86
CA CYS J 534 -4.45 -83.92 4.52
C CYS J 534 -5.12 -85.23 4.14
N THR J 535 -4.98 -85.64 2.88
CA THR J 535 -5.50 -86.94 2.47
C THR J 535 -4.68 -88.11 3.05
N ALA J 536 -3.34 -88.01 2.96
CA ALA J 536 -2.45 -89.10 3.40
C ALA J 536 -2.50 -89.32 4.90
N TYR J 537 -2.16 -88.29 5.65
CA TYR J 537 -2.34 -88.35 7.10
C TYR J 537 -3.81 -88.43 7.49
N GLY J 538 -4.71 -88.02 6.59
CA GLY J 538 -6.12 -88.24 6.87
C GLY J 538 -6.43 -89.73 6.90
N ALA J 539 -5.81 -90.49 6.01
CA ALA J 539 -5.97 -91.94 5.92
C ALA J 539 -5.14 -92.70 6.95
N LEU J 540 -3.91 -92.24 7.24
CA LEU J 540 -3.03 -92.96 8.18
C LEU J 540 -3.63 -93.01 9.57
N ASP J 541 -3.89 -91.85 10.17
CA ASP J 541 -4.24 -91.98 11.57
C ASP J 541 -5.63 -92.53 11.80
N ARG J 542 -6.37 -92.77 10.71
CA ARG J 542 -7.63 -93.50 10.76
C ARG J 542 -7.29 -94.90 10.23
N THR J 543 -7.18 -95.87 11.12
CA THR J 543 -6.74 -97.22 10.77
C THR J 543 -7.96 -98.11 10.70
N GLU J 544 -8.35 -98.46 9.48
CA GLU J 544 -9.59 -99.15 9.21
C GLU J 544 -9.89 -99.15 7.71
N SER J 545 -11.00 -99.75 7.29
CA SER J 545 -11.44 -99.73 5.89
C SER J 545 -12.89 -99.32 5.79
N ARG J 546 -13.16 -98.21 5.08
CA ARG J 546 -14.49 -97.73 4.75
C ARG J 546 -14.47 -97.11 3.36
N GLY J 547 -15.50 -97.39 2.57
CA GLY J 547 -15.62 -96.89 1.21
C GLY J 547 -14.42 -97.29 0.39
N ALA J 548 -13.97 -96.38 -0.47
CA ALA J 548 -12.80 -96.69 -1.29
C ALA J 548 -11.51 -96.65 -0.49
N HIS J 549 -11.56 -96.19 0.77
CA HIS J 549 -10.38 -96.18 1.63
C HIS J 549 -10.37 -97.53 2.33
N THR J 550 -9.40 -98.35 1.93
CA THR J 550 -9.32 -99.72 2.39
C THR J 550 -7.91 -99.99 2.89
N ARG J 551 -7.82 -100.34 4.17
CA ARG J 551 -6.58 -100.80 4.80
C ARG J 551 -6.60 -102.33 4.80
N GLU J 552 -5.59 -102.95 4.19
CA GLU J 552 -5.57 -104.41 4.19
C GLU J 552 -5.04 -104.90 5.52
N ASP J 553 -3.98 -104.24 6.03
CA ASP J 553 -3.48 -104.56 7.36
C ASP J 553 -4.56 -104.37 8.40
N PHE J 554 -5.48 -103.43 8.18
CA PHE J 554 -6.66 -103.25 9.01
C PHE J 554 -7.90 -103.28 8.12
N PRO J 555 -8.40 -104.46 7.77
CA PRO J 555 -9.59 -104.58 6.92
C PRO J 555 -10.94 -104.24 7.56
N GLU J 556 -11.05 -104.12 8.87
CA GLU J 556 -12.36 -104.08 9.52
C GLU J 556 -13.06 -102.74 9.42
N ARG J 557 -14.41 -102.77 9.48
CA ARG J 557 -15.16 -101.52 9.34
C ARG J 557 -15.03 -100.62 10.57
N ASN J 558 -15.09 -101.19 11.77
CA ASN J 558 -14.84 -100.45 13.02
C ASN J 558 -15.86 -99.31 13.21
N ASP J 559 -17.13 -99.67 13.47
CA ASP J 559 -18.19 -98.66 13.73
C ASP J 559 -18.10 -97.93 15.07
N LYS J 560 -17.33 -98.41 16.05
CA LYS J 560 -17.04 -97.56 17.20
C LYS J 560 -15.53 -97.43 17.35
N GLU J 561 -15.14 -96.24 17.81
CA GLU J 561 -13.82 -95.61 17.84
C GLU J 561 -13.62 -94.80 16.56
N TRP J 562 -14.42 -95.09 15.52
CA TRP J 562 -14.63 -94.12 14.45
C TRP J 562 -16.12 -94.22 14.07
N LEU J 563 -16.92 -93.30 14.58
CA LEU J 563 -18.24 -93.01 14.03
C LEU J 563 -18.02 -91.52 13.85
N ASN J 564 -17.54 -91.11 12.69
CA ASN J 564 -17.09 -89.71 12.63
C ASN J 564 -16.65 -89.24 11.25
N ARG J 565 -16.13 -88.02 11.25
CA ARG J 565 -15.75 -87.26 10.07
C ARG J 565 -14.39 -86.70 10.41
N THR J 566 -13.41 -86.84 9.51
CA THR J 566 -12.04 -86.42 9.83
C THR J 566 -11.83 -84.98 9.36
N LEU J 567 -11.77 -84.04 10.31
CA LEU J 567 -11.67 -82.62 10.01
C LEU J 567 -10.20 -82.20 10.14
N SER J 568 -9.63 -81.69 9.05
CA SER J 568 -8.22 -81.33 8.98
C SER J 568 -8.12 -79.83 8.75
N TYR J 569 -7.47 -79.15 9.68
CA TYR J 569 -7.13 -77.75 9.56
C TYR J 569 -5.67 -77.60 9.13
N TRP J 570 -5.26 -76.35 8.89
CA TRP J 570 -3.87 -76.03 8.65
C TRP J 570 -3.58 -74.75 9.43
N LYS J 571 -2.42 -74.69 10.08
CA LYS J 571 -2.04 -73.47 10.77
C LYS J 571 -0.54 -73.35 10.60
N GLU J 572 -0.07 -72.13 10.40
CA GLU J 572 1.30 -71.85 9.90
C GLU J 572 1.50 -72.72 8.60
N GLY J 573 2.68 -73.22 8.16
CA GLY J 573 4.02 -72.92 8.61
C GLY J 573 4.45 -74.15 9.38
N ALA J 574 3.45 -75.02 9.58
CA ALA J 574 3.55 -76.26 10.36
C ALA J 574 4.00 -77.47 9.58
N SER J 575 3.94 -77.41 8.27
CA SER J 575 4.42 -78.51 7.45
C SER J 575 3.58 -79.78 7.67
N MET J 576 2.64 -79.77 8.62
CA MET J 576 1.87 -81.02 8.68
C MET J 576 0.45 -80.73 9.19
N PRO J 577 -0.58 -81.39 8.66
CA PRO J 577 -1.95 -81.10 9.10
C PRO J 577 -2.28 -81.55 10.51
N THR J 578 -2.97 -80.68 11.24
CA THR J 578 -3.56 -81.03 12.53
C THR J 578 -4.95 -81.61 12.33
N LEU J 579 -5.24 -82.68 13.06
CA LEU J 579 -6.49 -83.41 12.93
C LEU J 579 -7.42 -83.20 14.12
N GLU J 580 -8.70 -83.04 13.82
CA GLU J 580 -9.76 -82.97 14.81
C GLU J 580 -10.97 -83.69 14.20
N TYR J 581 -11.79 -84.29 15.06
CA TYR J 581 -12.82 -85.24 14.65
C TYR J 581 -14.19 -84.76 15.12
N GLU J 582 -15.24 -85.32 14.53
CA GLU J 582 -16.61 -84.80 14.71
C GLU J 582 -17.62 -85.93 14.72
N GLU J 583 -18.63 -85.83 15.59
CA GLU J 583 -19.65 -86.86 15.56
C GLU J 583 -20.26 -86.84 14.18
N ALA J 584 -20.19 -87.96 13.51
CA ALA J 584 -20.87 -88.07 12.24
C ALA J 584 -21.41 -89.45 12.07
N SER J 585 -22.67 -89.55 11.67
CA SER J 585 -23.60 -88.43 11.65
C SER J 585 -24.66 -88.57 12.72
N PRO J 586 -24.91 -87.50 13.45
CA PRO J 586 -26.03 -87.51 14.41
C PRO J 586 -27.34 -87.77 13.69
N TYR J 587 -28.37 -88.09 14.48
CA TYR J 587 -29.76 -88.20 14.00
C TYR J 587 -30.06 -89.44 13.12
N TYR J 588 -29.26 -90.53 13.18
CA TYR J 588 -29.36 -91.61 12.18
C TYR J 588 -30.81 -92.11 11.97
N GLU J 589 -31.21 -92.26 10.70
CA GLU J 589 -32.53 -92.82 10.42
C GLU J 589 -32.53 -94.36 10.43
N MET J 590 -31.62 -94.99 9.68
CA MET J 590 -31.44 -96.44 9.69
C MET J 590 -30.01 -96.77 10.12
N PRO J 591 -29.84 -97.46 11.24
CA PRO J 591 -28.53 -97.56 11.90
C PRO J 591 -27.49 -98.25 11.02
N PRO J 592 -26.21 -98.15 11.35
CA PRO J 592 -25.18 -98.81 10.54
C PRO J 592 -25.45 -100.30 10.36
N GLY J 593 -25.42 -100.76 9.12
CA GLY J 593 -25.73 -102.14 8.83
C GLY J 593 -25.16 -102.51 7.47
N ASP J 594 -25.47 -103.74 7.05
CA ASP J 594 -25.00 -104.28 5.77
C ASP J 594 -26.08 -104.12 4.69
N ARG J 595 -25.79 -103.33 3.66
CA ARG J 595 -26.73 -103.12 2.54
C ARG J 595 -26.22 -103.45 1.12
N GLY J 596 -25.10 -102.90 0.68
CA GLY J 596 -24.07 -102.31 1.53
C GLY J 596 -23.09 -103.45 1.78
N TYR J 597 -23.22 -104.44 0.91
CA TYR J 597 -22.54 -105.74 0.94
C TYR J 597 -21.17 -105.67 0.26
N GLY J 598 -20.63 -106.86 0.00
CA GLY J 598 -19.42 -107.09 -0.75
C GLY J 598 -18.26 -106.98 0.19
N GLY J 599 -18.33 -106.06 1.15
CA GLY J 599 -17.39 -106.01 2.24
C GLY J 599 -17.85 -106.98 3.31
N GLY J 600 -19.10 -106.77 3.70
CA GLY J 600 -19.85 -107.56 4.67
C GLY J 600 -19.23 -107.83 6.03
N VAL J 601 -18.12 -107.19 6.38
CA VAL J 601 -17.53 -107.40 7.69
C VAL J 601 -17.61 -106.07 8.44
N THR J 602 -18.56 -105.96 9.37
CA THR J 602 -18.84 -104.76 10.15
C THR J 602 -18.96 -105.13 11.63
N ILE J 603 -18.53 -104.24 12.52
CA ILE J 603 -18.87 -104.32 13.94
C ILE J 603 -20.02 -103.34 14.22
N ALA J 604 -21.24 -103.85 14.36
CA ALA J 604 -22.40 -102.98 14.56
C ALA J 604 -22.22 -102.22 15.86
N ASN J 605 -22.45 -100.90 15.82
CA ASN J 605 -22.20 -100.10 17.01
C ASN J 605 -23.37 -100.20 17.97
N GLU J 606 -23.05 -100.12 19.28
CA GLU J 606 -24.03 -100.32 20.33
C GLU J 606 -24.88 -99.08 20.59
N LEU J 607 -24.25 -97.90 20.63
CA LEU J 607 -24.98 -96.67 20.91
C LEU J 607 -26.06 -96.27 19.91
N PRO J 608 -25.93 -96.49 18.59
CA PRO J 608 -26.86 -95.88 17.61
C PRO J 608 -28.34 -96.17 17.86
N PRO J 609 -28.75 -97.38 18.28
CA PRO J 609 -30.19 -97.55 18.53
C PRO J 609 -30.70 -96.64 19.64
N GLU J 610 -29.81 -96.10 20.49
CA GLU J 610 -30.19 -95.20 21.56
C GLU J 610 -30.80 -93.89 21.06
N LYS J 611 -30.66 -93.57 19.77
CA LYS J 611 -31.25 -92.36 19.22
C LYS J 611 -31.97 -92.67 17.92
N PHE J 612 -33.08 -91.97 17.69
CA PHE J 612 -33.92 -92.13 16.50
C PHE J 612 -34.63 -90.79 16.25
N VAL J 613 -35.53 -90.75 15.24
CA VAL J 613 -36.06 -89.48 14.70
C VAL J 613 -37.56 -89.61 14.37
N ILE J 614 -38.17 -88.45 14.15
CA ILE J 614 -39.57 -88.28 13.68
C ILE J 614 -39.68 -86.87 13.08
N PRO J 615 -40.85 -86.45 12.56
CA PRO J 615 -40.94 -85.08 11.98
C PRO J 615 -40.40 -83.95 12.87
N GLU J 616 -40.80 -83.89 14.14
CA GLU J 616 -40.19 -83.00 15.13
C GLU J 616 -40.28 -81.50 14.77
N ALA J 617 -41.42 -81.05 14.25
CA ALA J 617 -41.68 -79.62 13.98
C ALA J 617 -40.70 -79.03 12.97
N ALA J 618 -39.77 -79.82 12.44
CA ALA J 618 -38.67 -79.38 11.57
C ALA J 618 -39.16 -78.88 10.21
N LYS J 619 -38.24 -78.19 9.53
CA LYS J 619 -38.43 -77.39 8.32
C LYS J 619 -38.45 -78.24 7.05
N GLU J 620 -38.45 -79.56 7.18
CA GLU J 620 -38.23 -80.47 6.06
C GLU J 620 -38.97 -80.05 4.80
N ASN J 621 -40.11 -79.40 4.95
CA ASN J 621 -40.84 -78.89 3.78
C ASN J 621 -40.15 -77.65 3.21
N LEU J 622 -39.84 -77.70 1.91
CA LEU J 622 -39.20 -76.57 1.24
C LEU J 622 -39.64 -76.47 -0.21
N MET K 1 5.04 -93.76 -32.94
CA MET K 1 5.59 -94.83 -33.76
C MET K 1 6.96 -94.42 -34.30
N ASN K 2 7.92 -94.24 -33.39
CA ASN K 2 9.32 -94.05 -33.72
C ASN K 2 9.66 -92.76 -34.47
N ARG K 3 8.69 -92.11 -35.11
CA ARG K 3 9.00 -90.86 -35.80
C ARG K 3 8.93 -89.69 -34.82
N MET K 4 9.64 -88.60 -35.12
CA MET K 4 9.51 -87.38 -34.33
C MET K 4 8.77 -86.31 -35.11
N LEU K 5 8.50 -85.21 -34.42
CA LEU K 5 7.60 -84.17 -34.91
C LEU K 5 8.22 -82.80 -34.75
N THR K 6 8.03 -81.97 -35.78
CA THR K 6 8.37 -80.55 -35.76
C THR K 6 7.08 -79.76 -35.72
N LEU K 7 7.01 -78.85 -34.75
CA LEU K 7 5.89 -77.95 -34.49
C LEU K 7 6.33 -76.50 -34.63
N ASN K 8 5.45 -75.68 -35.19
CA ASN K 8 5.59 -74.24 -35.26
C ASN K 8 4.46 -73.64 -34.41
N ILE K 9 4.82 -72.99 -33.30
CA ILE K 9 3.84 -72.43 -32.38
C ILE K 9 3.92 -70.90 -32.44
N PHE K 10 2.78 -70.26 -32.71
CA PHE K 10 2.59 -68.80 -32.65
C PHE K 10 3.02 -68.24 -31.30
N ARG K 11 3.83 -67.21 -31.31
CA ARG K 11 4.35 -66.70 -30.06
C ARG K 11 4.12 -65.19 -29.97
N TYR K 12 3.28 -64.77 -29.03
CA TYR K 12 3.09 -63.34 -28.80
C TYR K 12 2.55 -63.12 -27.39
N ASN K 13 2.86 -61.93 -26.84
CA ASN K 13 2.33 -61.48 -25.56
C ASN K 13 1.94 -60.02 -25.60
N PRO K 14 0.69 -59.70 -25.95
CA PRO K 14 0.29 -58.30 -26.09
C PRO K 14 0.49 -57.45 -24.82
N LEU K 15 0.67 -58.07 -23.66
CA LEU K 15 0.78 -57.32 -22.42
C LEU K 15 2.19 -56.78 -22.24
N ASP K 16 3.13 -57.25 -23.04
CA ASP K 16 4.44 -56.62 -23.23
C ASP K 16 4.56 -56.15 -24.67
N PRO K 17 4.67 -54.86 -24.96
CA PRO K 17 4.72 -54.42 -26.38
C PRO K 17 5.98 -54.88 -27.11
N ASP K 18 6.97 -55.39 -26.36
CA ASP K 18 8.28 -55.76 -26.86
C ASP K 18 8.30 -57.09 -27.60
N SER K 19 7.34 -57.97 -27.37
CA SER K 19 7.32 -59.27 -28.02
C SER K 19 6.57 -59.13 -29.34
N GLN K 20 7.29 -59.21 -30.45
CA GLN K 20 6.55 -59.21 -31.70
C GLN K 20 6.16 -60.63 -32.09
N PRO K 21 5.14 -60.80 -32.90
CA PRO K 21 4.74 -62.15 -33.32
C PRO K 21 5.89 -62.88 -33.99
N ARG K 22 5.97 -64.18 -33.74
CA ARG K 22 7.08 -64.96 -34.23
C ARG K 22 6.66 -66.42 -34.31
N MET K 23 7.48 -67.22 -34.97
CA MET K 23 7.23 -68.65 -35.11
C MET K 23 8.39 -69.43 -34.49
N GLN K 24 8.11 -70.04 -33.34
CA GLN K 24 9.09 -70.78 -32.57
C GLN K 24 8.94 -72.24 -32.94
N THR K 25 10.03 -72.85 -33.39
CA THR K 25 10.01 -74.23 -33.88
C THR K 25 10.41 -75.19 -32.77
N PHE K 26 9.59 -76.22 -32.55
CA PHE K 26 9.84 -77.23 -31.53
C PHE K 26 9.79 -78.63 -32.10
N THR K 27 10.42 -79.56 -31.38
CA THR K 27 10.45 -80.95 -31.81
C THR K 27 10.15 -81.84 -30.60
N VAL K 28 9.16 -82.71 -30.78
CA VAL K 28 8.79 -83.71 -29.80
C VAL K 28 8.95 -85.07 -30.48
N GLN K 29 9.51 -86.02 -29.74
CA GLN K 29 9.59 -87.39 -30.21
C GLN K 29 8.20 -87.98 -30.04
N GLU K 30 7.76 -88.74 -31.03
CA GLU K 30 6.38 -89.17 -31.03
C GLU K 30 6.27 -90.50 -30.31
N TYR K 31 5.26 -90.60 -29.44
CA TYR K 31 4.83 -91.79 -28.75
C TYR K 31 3.52 -92.23 -29.38
N ASP K 32 3.21 -93.51 -29.30
CA ASP K 32 1.97 -93.98 -29.90
C ASP K 32 0.78 -93.25 -29.31
N SER K 33 -0.20 -92.97 -30.17
CA SER K 33 -1.47 -92.34 -29.83
C SER K 33 -1.28 -91.13 -28.90
N MET K 34 -0.74 -90.06 -29.50
CA MET K 34 -0.41 -88.80 -28.82
C MET K 34 -1.30 -87.70 -29.39
N THR K 35 -2.12 -87.10 -28.51
CA THR K 35 -2.98 -85.98 -28.83
C THR K 35 -2.18 -84.68 -28.78
N LEU K 36 -2.65 -83.66 -29.51
CA LEU K 36 -1.99 -82.36 -29.43
C LEU K 36 -2.04 -81.76 -28.03
N PHE K 37 -2.98 -82.20 -27.20
CA PHE K 37 -2.88 -81.89 -25.79
C PHE K 37 -1.57 -82.42 -25.22
N ILE K 38 -1.21 -83.64 -25.60
CA ILE K 38 0.01 -84.26 -25.10
C ILE K 38 1.24 -83.51 -25.59
N ALA K 39 1.29 -83.23 -26.90
CA ALA K 39 2.39 -82.48 -27.48
C ALA K 39 2.56 -81.12 -26.82
N LEU K 40 1.49 -80.32 -26.80
CA LEU K 40 1.61 -78.97 -26.29
C LEU K 40 1.98 -78.98 -24.81
N THR K 41 1.23 -79.72 -23.99
CA THR K 41 1.51 -79.76 -22.56
C THR K 41 2.91 -80.25 -22.27
N GLN K 42 3.49 -81.11 -23.13
CA GLN K 42 4.87 -81.43 -22.84
C GLN K 42 5.82 -80.34 -23.30
N ILE K 43 5.49 -79.60 -24.36
CA ILE K 43 6.34 -78.46 -24.66
C ILE K 43 6.34 -77.53 -23.46
N ARG K 44 5.17 -77.29 -22.89
CA ARG K 44 5.00 -76.28 -21.86
C ARG K 44 5.64 -76.80 -20.58
N ASP K 45 4.99 -77.80 -19.98
CA ASP K 45 5.43 -78.35 -18.70
C ASP K 45 6.83 -78.94 -18.78
N GLU K 46 7.38 -79.06 -20.00
CA GLU K 46 8.69 -79.66 -20.22
C GLU K 46 9.72 -78.66 -20.75
N LYS K 47 9.53 -78.14 -21.97
CA LYS K 47 10.56 -77.35 -22.66
C LYS K 47 10.55 -75.88 -22.24
N ASP K 48 9.52 -75.12 -22.61
CA ASP K 48 9.34 -73.75 -22.10
C ASP K 48 8.05 -73.60 -21.30
N PRO K 49 8.14 -73.40 -19.96
CA PRO K 49 6.92 -73.39 -19.14
C PRO K 49 5.98 -72.21 -19.38
N THR K 50 6.42 -71.17 -20.09
CA THR K 50 5.67 -69.94 -20.26
C THR K 50 4.76 -69.91 -21.49
N LEU K 51 4.58 -71.02 -22.18
CA LEU K 51 3.56 -71.09 -23.22
C LEU K 51 2.15 -70.93 -22.65
N LYS K 52 1.34 -70.14 -23.34
CA LYS K 52 -0.05 -69.94 -22.91
C LYS K 52 -0.93 -70.74 -23.86
N VAL K 53 -1.42 -71.86 -23.37
CA VAL K 53 -2.40 -72.67 -24.09
C VAL K 53 -3.56 -72.80 -23.15
N ASP K 54 -4.76 -72.93 -23.69
CA ASP K 54 -5.90 -73.07 -22.81
C ASP K 54 -6.44 -74.49 -22.96
N PHE K 55 -6.16 -75.33 -21.97
CA PHE K 55 -6.64 -76.70 -21.98
C PHE K 55 -7.53 -76.90 -20.76
N CYS K 56 -8.62 -77.63 -20.94
CA CYS K 56 -9.46 -77.87 -19.79
C CYS K 56 -9.57 -79.36 -19.49
N CYS K 57 -10.42 -80.09 -20.23
CA CYS K 57 -10.72 -81.51 -19.96
C CYS K 57 -9.85 -82.51 -20.73
N ARG K 58 -9.18 -82.09 -21.80
CA ARG K 58 -8.50 -82.96 -22.77
C ARG K 58 -9.42 -84.13 -23.19
N ALA K 59 -10.73 -83.94 -22.97
CA ALA K 59 -11.80 -84.90 -23.22
C ALA K 59 -12.59 -84.66 -24.49
N GLY K 60 -12.32 -83.59 -25.21
CA GLY K 60 -12.99 -83.39 -26.47
C GLY K 60 -14.43 -82.91 -26.40
N ILE K 61 -14.97 -82.59 -25.24
CA ILE K 61 -16.21 -81.83 -25.16
C ILE K 61 -15.98 -80.65 -24.22
N CYS K 62 -15.54 -79.50 -24.77
CA CYS K 62 -15.44 -78.24 -24.00
C CYS K 62 -15.41 -77.05 -24.93
N GLY K 63 -14.32 -77.00 -25.70
CA GLY K 63 -13.99 -75.93 -26.62
C GLY K 63 -12.81 -75.07 -26.21
N SER K 64 -12.11 -75.40 -25.13
CA SER K 64 -10.91 -74.68 -24.74
C SER K 64 -9.72 -75.02 -25.64
N CYS K 65 -9.73 -76.18 -26.28
CA CYS K 65 -8.63 -76.60 -27.13
C CYS K 65 -8.58 -75.86 -28.45
N ALA K 66 -9.57 -75.02 -28.74
CA ALA K 66 -9.69 -74.45 -30.07
C ALA K 66 -8.38 -73.79 -30.44
N MET K 67 -8.01 -73.94 -31.69
CA MET K 67 -6.86 -73.26 -32.28
C MET K 67 -6.93 -73.56 -33.76
N VAL K 68 -6.00 -73.01 -34.55
CA VAL K 68 -5.92 -73.36 -35.95
C VAL K 68 -4.87 -74.44 -36.09
N ILE K 69 -5.21 -75.54 -36.75
CA ILE K 69 -4.25 -76.62 -36.88
C ILE K 69 -3.90 -76.79 -38.36
N ASN K 70 -2.67 -76.44 -38.69
CA ASN K 70 -2.16 -76.48 -40.06
C ASN K 70 -3.12 -75.87 -41.05
N GLY K 71 -3.71 -74.76 -40.66
CA GLY K 71 -4.54 -74.01 -41.54
C GLY K 71 -6.01 -74.18 -41.29
N ARG K 72 -6.41 -75.21 -40.57
CA ARG K 72 -7.81 -75.41 -40.28
C ARG K 72 -8.02 -75.15 -38.81
N PRO K 73 -8.99 -74.32 -38.48
CA PRO K 73 -9.38 -74.19 -37.08
C PRO K 73 -9.89 -75.53 -36.55
N GLY K 74 -9.45 -75.88 -35.35
CA GLY K 74 -9.86 -77.16 -34.79
C GLY K 74 -9.54 -77.19 -33.32
N LEU K 75 -9.62 -78.38 -32.72
CA LEU K 75 -9.19 -78.54 -31.33
C LEU K 75 -8.09 -79.58 -31.21
N ALA K 76 -7.12 -79.26 -30.36
CA ALA K 76 -5.84 -79.96 -30.25
C ALA K 76 -5.91 -81.26 -29.47
N CYS K 77 -6.61 -81.26 -28.33
CA CYS K 77 -6.72 -82.45 -27.47
C CYS K 77 -7.35 -83.65 -28.20
N HIS K 78 -8.31 -83.37 -29.08
CA HIS K 78 -9.14 -84.28 -29.85
C HIS K 78 -8.55 -84.61 -31.23
N THR K 79 -7.40 -84.05 -31.59
CA THR K 79 -6.68 -84.35 -32.82
C THR K 79 -5.45 -85.18 -32.46
N GLN K 80 -5.24 -86.31 -33.12
CA GLN K 80 -4.07 -87.13 -32.79
C GLN K 80 -3.05 -87.05 -33.91
N THR K 81 -1.77 -86.96 -33.52
CA THR K 81 -0.69 -86.71 -34.47
C THR K 81 -0.55 -87.79 -35.52
N LYS K 82 -1.28 -88.90 -35.39
CA LYS K 82 -1.35 -89.88 -36.47
C LYS K 82 -1.69 -89.23 -37.81
N ASP K 83 -2.60 -88.28 -37.76
CA ASP K 83 -3.15 -87.69 -38.96
C ASP K 83 -2.44 -86.42 -39.35
N LEU K 84 -1.42 -85.99 -38.59
CA LEU K 84 -0.80 -84.78 -39.04
C LEU K 84 0.55 -85.07 -39.68
N PRO K 85 0.91 -84.24 -40.61
CA PRO K 85 2.19 -84.38 -41.30
C PRO K 85 3.42 -84.27 -40.43
N ALA K 86 4.58 -84.20 -41.10
CA ALA K 86 5.85 -84.12 -40.39
C ALA K 86 6.00 -82.77 -39.71
N GLU K 87 5.50 -81.70 -40.34
CA GLU K 87 5.60 -80.34 -39.84
C GLU K 87 4.19 -79.79 -39.57
N ILE K 88 4.06 -79.11 -38.42
CA ILE K 88 2.83 -78.53 -37.90
C ILE K 88 3.00 -77.02 -37.71
N THR K 89 1.90 -76.29 -37.91
CA THR K 89 1.84 -74.84 -37.71
C THR K 89 0.60 -74.53 -36.87
N LEU K 90 0.79 -74.05 -35.64
CA LEU K 90 -0.33 -73.76 -34.76
C LEU K 90 -0.56 -72.25 -34.69
N HIS K 91 -1.74 -71.83 -35.08
CA HIS K 91 -2.03 -70.43 -34.89
C HIS K 91 -3.25 -70.28 -34.00
N PRO K 92 -3.30 -69.25 -33.16
CA PRO K 92 -4.51 -69.02 -32.35
C PRO K 92 -5.67 -68.64 -33.23
N LEU K 93 -6.87 -69.06 -32.79
CA LEU K 93 -8.06 -68.74 -33.54
C LEU K 93 -8.10 -67.25 -33.78
N PRO K 94 -8.39 -66.82 -34.95
CA PRO K 94 -8.68 -65.40 -35.16
C PRO K 94 -10.13 -64.98 -34.86
N PHE K 95 -10.43 -63.74 -35.22
CA PHE K 95 -11.73 -63.12 -35.04
C PHE K 95 -11.97 -62.91 -33.56
N PHE K 96 -11.24 -63.68 -32.74
CA PHE K 96 -11.33 -63.64 -31.30
C PHE K 96 -10.14 -62.91 -30.72
N GLN K 97 -10.38 -62.15 -29.66
CA GLN K 97 -9.30 -61.40 -29.04
C GLN K 97 -8.17 -62.33 -28.62
N LEU K 98 -6.96 -62.07 -29.09
CA LEU K 98 -5.84 -62.94 -28.72
C LEU K 98 -5.40 -62.64 -27.29
N LEU K 99 -5.42 -63.62 -26.40
CA LEU K 99 -4.98 -63.37 -25.02
C LEU K 99 -3.48 -63.56 -24.83
N GLY K 100 -2.87 -64.50 -25.54
CA GLY K 100 -1.42 -64.60 -25.71
C GLY K 100 -1.11 -65.94 -26.37
N ASP K 101 0.01 -66.03 -27.09
CA ASP K 101 0.34 -67.28 -27.75
C ASP K 101 -0.85 -67.88 -28.48
N LEU K 102 -1.31 -69.02 -28.00
CA LEU K 102 -2.40 -69.70 -28.64
C LEU K 102 -3.74 -69.37 -28.05
N SER K 103 -3.81 -68.55 -27.01
CA SER K 103 -5.09 -68.36 -26.34
C SER K 103 -5.85 -67.16 -26.87
N VAL K 104 -7.17 -67.34 -27.05
CA VAL K 104 -8.06 -66.26 -27.44
C VAL K 104 -9.28 -66.27 -26.55
N ASP K 105 -9.93 -65.14 -26.46
CA ASP K 105 -11.10 -65.02 -25.61
C ASP K 105 -12.30 -65.38 -26.43
N THR K 106 -12.96 -66.45 -26.02
CA THR K 106 -14.14 -66.91 -26.69
C THR K 106 -15.41 -66.61 -25.90
N GLY K 107 -15.50 -67.15 -24.69
CA GLY K 107 -16.71 -67.00 -23.92
C GLY K 107 -17.18 -65.57 -23.81
N SER K 108 -16.24 -64.63 -23.76
CA SER K 108 -16.60 -63.22 -23.71
C SER K 108 -17.55 -62.86 -24.85
N TRP K 109 -17.14 -63.21 -26.06
CA TRP K 109 -17.96 -62.96 -27.24
C TRP K 109 -19.26 -63.71 -27.17
N PHE K 110 -19.22 -64.94 -26.67
CA PHE K 110 -20.45 -65.69 -26.60
C PHE K 110 -21.42 -65.05 -25.66
N ARG K 111 -20.94 -64.37 -24.64
CA ARG K 111 -21.86 -63.74 -23.72
C ARG K 111 -22.38 -62.41 -24.27
N LYS K 112 -21.50 -61.58 -24.86
CA LYS K 112 -21.99 -60.40 -25.55
C LYS K 112 -23.01 -60.82 -26.56
N THR K 113 -22.60 -61.70 -27.45
CA THR K 113 -23.45 -62.09 -28.54
C THR K 113 -24.68 -62.77 -27.98
N GLY K 114 -24.54 -63.35 -26.80
CA GLY K 114 -25.63 -63.97 -26.12
C GLY K 114 -26.67 -62.94 -25.76
N LEU K 115 -26.30 -61.90 -25.02
CA LEU K 115 -27.28 -60.86 -24.78
C LEU K 115 -27.81 -60.30 -26.09
N GLN K 116 -26.97 -60.23 -27.14
CA GLN K 116 -27.47 -59.72 -28.41
C GLN K 116 -28.67 -60.54 -28.89
N ILE K 117 -28.50 -61.86 -29.03
CA ILE K 117 -29.59 -62.69 -29.53
C ILE K 117 -30.56 -63.10 -28.44
N GLU K 118 -30.25 -62.75 -27.18
CA GLU K 118 -31.04 -63.12 -26.01
C GLU K 118 -31.39 -64.59 -26.15
N ALA K 119 -30.39 -65.45 -26.00
CA ALA K 119 -30.58 -66.88 -26.22
C ALA K 119 -30.85 -67.48 -24.85
N TRP K 120 -32.14 -67.66 -24.58
CA TRP K 120 -32.67 -68.34 -23.41
C TRP K 120 -34.11 -68.70 -23.69
N CYS K 121 -34.64 -69.63 -22.89
CA CYS K 121 -36.04 -70.03 -23.04
C CYS K 121 -36.91 -68.95 -22.40
N HIS K 122 -37.80 -68.36 -23.20
CA HIS K 122 -38.65 -67.26 -22.79
C HIS K 122 -39.98 -67.76 -22.23
N SER K 123 -40.20 -67.53 -20.93
CA SER K 123 -41.34 -68.04 -20.20
C SER K 123 -42.31 -66.91 -19.86
N ASP K 124 -43.61 -67.18 -20.04
CA ASP K 124 -44.67 -66.18 -19.92
C ASP K 124 -45.05 -65.83 -18.48
N ASP K 125 -44.49 -66.52 -17.48
CA ASP K 125 -44.88 -66.38 -16.07
C ASP K 125 -46.41 -66.34 -15.92
N LYS K 126 -47.07 -67.34 -16.49
CA LYS K 126 -48.51 -67.49 -16.31
C LYS K 126 -49.06 -68.45 -15.20
N ALA K 127 -48.27 -69.06 -14.33
CA ALA K 127 -46.83 -69.11 -14.33
C ALA K 127 -46.46 -70.51 -14.03
N PHE K 128 -45.67 -71.14 -14.88
CA PHE K 128 -45.24 -72.50 -14.61
C PHE K 128 -43.81 -72.64 -15.12
N ASP K 129 -42.83 -72.71 -14.23
CA ASP K 129 -42.94 -72.68 -12.76
C ASP K 129 -42.81 -74.08 -12.12
N PRO K 130 -43.05 -74.14 -10.75
CA PRO K 130 -42.90 -75.48 -10.16
C PRO K 130 -44.21 -76.25 -10.04
N THR K 131 -44.18 -77.33 -9.25
CA THR K 131 -45.38 -78.16 -9.04
C THR K 131 -45.38 -79.39 -9.98
N ALA K 132 -46.44 -80.19 -9.96
CA ALA K 132 -46.52 -81.35 -10.83
C ALA K 132 -46.66 -80.89 -12.29
N ASP K 133 -46.41 -81.84 -13.21
CA ASP K 133 -46.39 -81.91 -14.68
C ASP K 133 -45.40 -81.03 -15.48
N GLU K 134 -45.57 -80.98 -16.81
CA GLU K 134 -44.57 -80.38 -17.73
C GLU K 134 -45.20 -80.23 -19.13
N MET K 135 -44.39 -79.86 -20.13
CA MET K 135 -44.94 -79.63 -21.48
C MET K 135 -44.46 -80.74 -22.45
N ARG K 136 -45.25 -81.81 -22.56
CA ARG K 136 -45.48 -82.73 -23.67
C ARG K 136 -44.17 -82.96 -24.43
N MET K 137 -44.17 -82.98 -25.80
CA MET K 137 -43.03 -83.15 -26.74
C MET K 137 -42.18 -84.43 -26.81
N ASP K 138 -42.66 -85.43 -27.58
CA ASP K 138 -41.99 -86.72 -27.83
C ASP K 138 -40.52 -86.62 -28.25
N ASN K 139 -39.78 -87.71 -28.12
CA ASN K 139 -38.35 -87.77 -28.41
C ASN K 139 -37.98 -87.15 -29.76
N ASP K 140 -38.91 -87.09 -30.70
CA ASP K 140 -38.54 -86.76 -32.07
C ASP K 140 -38.18 -85.28 -32.26
N LEU K 141 -38.93 -84.35 -31.66
CA LEU K 141 -38.52 -82.94 -31.78
C LEU K 141 -37.44 -82.57 -30.76
N ALA K 142 -37.56 -83.08 -29.54
CA ALA K 142 -36.52 -82.94 -28.54
C ALA K 142 -35.17 -83.45 -29.04
N ASN K 143 -35.16 -84.29 -30.08
CA ASN K 143 -33.87 -84.72 -30.64
C ASN K 143 -33.26 -83.64 -31.52
N GLU K 144 -34.09 -82.90 -32.25
CA GLU K 144 -33.58 -81.73 -32.94
C GLU K 144 -33.02 -80.73 -31.94
N ILE K 145 -33.82 -80.42 -30.90
CA ILE K 145 -33.36 -79.55 -29.81
C ILE K 145 -32.02 -80.01 -29.25
N PHE K 146 -31.85 -81.31 -29.01
CA PHE K 146 -30.57 -81.76 -28.48
C PHE K 146 -29.46 -81.67 -29.52
N GLU K 147 -29.78 -81.86 -30.79
CA GLU K 147 -28.73 -81.78 -31.79
C GLU K 147 -28.17 -80.37 -31.90
N LEU K 148 -29.00 -79.35 -31.72
CA LEU K 148 -28.46 -77.98 -31.79
C LEU K 148 -27.83 -77.54 -30.47
N ASP K 149 -28.46 -77.81 -29.32
CA ASP K 149 -27.80 -77.41 -28.07
C ASP K 149 -26.52 -78.18 -27.79
N ARG K 150 -26.22 -79.22 -28.54
CA ARG K 150 -25.03 -79.94 -28.13
C ARG K 150 -23.74 -79.20 -28.46
N CYS K 151 -23.79 -78.07 -29.19
CA CYS K 151 -22.56 -77.35 -29.48
C CYS K 151 -21.84 -76.93 -28.21
N ILE K 152 -20.52 -76.92 -28.30
CA ILE K 152 -19.65 -76.62 -27.16
C ILE K 152 -19.15 -75.18 -27.13
N GLU K 153 -19.58 -74.29 -28.04
CA GLU K 153 -19.12 -72.89 -27.92
C GLU K 153 -17.60 -72.83 -28.16
N CYS K 154 -17.16 -73.51 -29.22
CA CYS K 154 -15.73 -73.71 -29.41
C CYS K 154 -15.03 -72.53 -30.08
N GLY K 155 -15.63 -71.97 -31.11
CA GLY K 155 -14.96 -70.93 -31.88
C GLY K 155 -14.36 -71.37 -33.20
N CYS K 156 -14.68 -72.55 -33.71
CA CYS K 156 -14.10 -72.99 -34.97
C CYS K 156 -14.85 -72.42 -36.17
N CYS K 157 -16.20 -72.43 -36.14
CA CYS K 157 -16.97 -71.96 -37.29
C CYS K 157 -16.95 -70.45 -37.42
N VAL K 158 -16.72 -69.70 -36.35
CA VAL K 158 -16.54 -68.27 -36.53
C VAL K 158 -15.18 -67.99 -37.15
N ALA K 159 -14.12 -68.48 -36.50
CA ALA K 159 -12.79 -68.24 -37.00
C ALA K 159 -12.61 -68.79 -38.41
N ALA K 160 -13.52 -69.64 -38.88
CA ALA K 160 -13.45 -70.10 -40.26
C ALA K 160 -14.33 -69.31 -41.21
N CYS K 161 -15.09 -68.34 -40.72
CA CYS K 161 -16.06 -67.67 -41.58
C CYS K 161 -15.34 -66.50 -42.20
N GLY K 162 -15.17 -66.55 -43.53
CA GLY K 162 -14.70 -65.37 -44.23
C GLY K 162 -15.55 -64.16 -43.93
N THR K 163 -16.87 -64.36 -43.84
CA THR K 163 -17.76 -63.26 -43.51
C THR K 163 -17.48 -62.73 -42.11
N ALA K 164 -17.53 -63.59 -41.12
CA ALA K 164 -17.25 -63.11 -39.77
C ALA K 164 -15.86 -62.49 -39.70
N ARG K 165 -14.85 -63.17 -40.26
CA ARG K 165 -13.49 -62.68 -40.14
C ARG K 165 -13.32 -61.33 -40.79
N MET K 166 -14.03 -61.06 -41.88
CA MET K 166 -13.90 -59.80 -42.60
C MET K 166 -14.70 -58.70 -41.93
N ARG K 167 -15.93 -58.99 -41.50
CA ARG K 167 -16.84 -58.04 -40.88
C ARG K 167 -17.08 -58.46 -39.44
N THR K 168 -16.53 -57.72 -38.48
CA THR K 168 -16.55 -58.14 -37.10
C THR K 168 -17.93 -58.08 -36.48
N ASP K 169 -18.81 -57.27 -37.02
CA ASP K 169 -20.13 -57.17 -36.40
C ASP K 169 -20.97 -58.41 -36.59
N PHE K 170 -20.62 -59.25 -37.56
CA PHE K 170 -21.39 -60.44 -37.90
C PHE K 170 -21.47 -61.40 -36.73
N LEU K 171 -22.66 -61.90 -36.46
CA LEU K 171 -22.84 -62.63 -35.22
C LEU K 171 -22.74 -64.13 -35.35
N GLY K 172 -22.50 -64.65 -36.53
CA GLY K 172 -21.97 -65.99 -36.59
C GLY K 172 -22.96 -67.10 -36.94
N ALA K 173 -22.44 -68.12 -37.65
CA ALA K 173 -23.17 -69.37 -37.86
C ALA K 173 -23.63 -69.94 -36.54
N VAL K 174 -22.72 -69.91 -35.57
CA VAL K 174 -23.02 -70.23 -34.18
C VAL K 174 -24.30 -69.55 -33.73
N SER K 175 -24.39 -68.23 -33.94
CA SER K 175 -25.54 -67.52 -33.41
C SER K 175 -26.80 -67.90 -34.16
N ILE K 176 -26.69 -68.08 -35.48
CA ILE K 176 -27.86 -68.51 -36.22
C ILE K 176 -28.39 -69.82 -35.64
N MET K 177 -27.49 -70.77 -35.40
CA MET K 177 -27.90 -72.07 -34.88
C MET K 177 -28.46 -71.96 -33.48
N ARG K 178 -27.91 -71.04 -32.68
CA ARG K 178 -28.45 -70.78 -31.34
C ARG K 178 -29.89 -70.28 -31.45
N VAL K 179 -30.14 -69.40 -32.42
CA VAL K 179 -31.50 -68.96 -32.66
C VAL K 179 -32.37 -70.14 -33.02
N ALA K 180 -31.83 -71.08 -33.79
CA ALA K 180 -32.60 -72.28 -34.10
C ALA K 180 -32.95 -73.08 -32.84
N ARG K 181 -31.93 -73.42 -32.02
CA ARG K 181 -32.14 -74.24 -30.84
C ARG K 181 -33.13 -73.60 -29.88
N PHE K 182 -33.35 -72.29 -29.95
CA PHE K 182 -34.51 -71.75 -29.28
C PHE K 182 -35.72 -71.59 -30.19
N TYR K 183 -35.56 -71.74 -31.49
CA TYR K 183 -36.66 -71.49 -32.42
C TYR K 183 -37.65 -72.64 -32.45
N LEU K 184 -37.19 -73.82 -32.89
CA LEU K 184 -38.01 -75.02 -33.02
C LEU K 184 -38.43 -75.56 -31.68
N ASP K 185 -37.98 -74.94 -30.61
CA ASP K 185 -38.41 -75.33 -29.27
C ASP K 185 -39.74 -74.68 -28.93
N PRO K 186 -40.73 -75.47 -28.52
CA PRO K 186 -41.98 -74.88 -28.02
C PRO K 186 -41.82 -74.24 -26.66
N ARG K 187 -40.95 -74.78 -25.80
CA ARG K 187 -40.83 -74.23 -24.46
C ARG K 187 -40.44 -72.77 -24.53
N ASP K 188 -39.79 -72.38 -25.61
CA ASP K 188 -39.39 -71.00 -25.82
C ASP K 188 -40.45 -70.30 -26.64
N LYS K 189 -41.17 -69.39 -26.02
CA LYS K 189 -42.28 -68.73 -26.66
C LYS K 189 -41.74 -67.45 -27.28
N ARG K 190 -41.64 -67.43 -28.60
CA ARG K 190 -41.10 -66.30 -29.35
C ARG K 190 -41.89 -66.13 -30.64
N SER K 191 -42.29 -64.88 -30.91
CA SER K 191 -42.89 -64.57 -32.20
C SER K 191 -41.94 -64.94 -33.33
N GLU K 192 -42.49 -65.31 -34.48
CA GLU K 192 -41.66 -65.47 -35.66
C GLU K 192 -40.96 -64.15 -35.98
N ASP K 193 -41.63 -63.04 -35.71
CA ASP K 193 -40.99 -61.77 -35.94
C ASP K 193 -40.03 -61.40 -34.82
N ASP K 194 -40.20 -61.87 -33.58
CA ASP K 194 -39.11 -61.66 -32.61
C ASP K 194 -37.83 -62.31 -33.10
N TYR K 195 -37.94 -63.52 -33.66
CA TYR K 195 -36.79 -64.16 -34.29
C TYR K 195 -36.27 -63.29 -35.42
N TYR K 196 -37.16 -62.64 -36.17
CA TYR K 196 -36.66 -61.68 -37.16
C TYR K 196 -35.94 -60.49 -36.50
N ASP K 197 -36.47 -59.95 -35.40
CA ASP K 197 -35.84 -58.78 -34.78
C ASP K 197 -34.45 -59.08 -34.28
N VAL K 198 -34.19 -60.31 -33.85
CA VAL K 198 -32.85 -60.66 -33.37
C VAL K 198 -31.93 -61.00 -34.53
N ILE K 199 -32.26 -62.06 -35.27
CA ILE K 199 -31.38 -62.53 -36.35
C ILE K 199 -31.92 -62.20 -37.75
N GLY K 200 -33.16 -61.72 -37.85
CA GLY K 200 -33.71 -61.43 -39.15
C GLY K 200 -33.22 -60.13 -39.74
N ASN K 201 -32.84 -59.17 -38.90
CA ASN K 201 -32.27 -57.96 -39.45
C ASN K 201 -30.88 -58.33 -39.94
N ASP K 202 -30.43 -57.67 -41.01
CA ASP K 202 -29.15 -57.96 -41.66
C ASP K 202 -28.07 -58.04 -40.59
N GLN K 203 -26.90 -58.59 -40.95
CA GLN K 203 -25.71 -58.82 -40.10
C GLN K 203 -25.72 -60.18 -39.37
N GLY K 204 -26.86 -60.80 -39.11
CA GLY K 204 -26.66 -62.20 -38.82
C GLY K 204 -26.95 -63.15 -39.96
N VAL K 205 -28.25 -63.31 -40.29
CA VAL K 205 -28.67 -64.39 -41.19
C VAL K 205 -28.46 -64.03 -42.65
N PHE K 206 -28.81 -62.82 -43.02
CA PHE K 206 -28.59 -62.39 -44.37
C PHE K 206 -27.13 -61.99 -44.59
N GLY K 207 -26.28 -62.17 -43.57
CA GLY K 207 -24.86 -61.97 -43.75
C GLY K 207 -24.06 -63.17 -44.23
N CYS K 208 -24.57 -64.39 -44.02
CA CYS K 208 -23.87 -65.62 -44.39
C CYS K 208 -23.79 -65.79 -45.90
N MET K 209 -22.60 -66.01 -46.43
CA MET K 209 -22.43 -66.14 -47.88
C MET K 209 -22.44 -67.59 -48.41
N GLY K 210 -22.59 -68.58 -47.55
CA GLY K 210 -22.62 -69.94 -48.04
C GLY K 210 -21.26 -70.46 -48.41
N LEU K 211 -20.25 -70.16 -47.59
CA LEU K 211 -18.92 -70.73 -47.78
C LEU K 211 -18.82 -72.14 -47.20
N LEU K 212 -19.69 -72.44 -46.24
CA LEU K 212 -19.86 -73.74 -45.63
C LEU K 212 -18.61 -74.24 -44.87
N ALA K 213 -17.66 -73.39 -44.51
CA ALA K 213 -16.62 -73.88 -43.61
C ALA K 213 -17.20 -74.05 -42.23
N CYS K 214 -18.29 -73.35 -41.98
CA CYS K 214 -19.09 -73.42 -40.79
C CYS K 214 -19.34 -74.90 -40.58
N GLU K 215 -20.17 -75.42 -41.48
CA GLU K 215 -20.48 -76.84 -41.55
C GLU K 215 -19.22 -77.69 -41.58
N ASP K 216 -18.22 -77.26 -42.35
CA ASP K 216 -17.15 -78.18 -42.69
C ASP K 216 -16.02 -78.25 -41.68
N VAL K 217 -15.88 -77.29 -40.79
CA VAL K 217 -14.81 -77.36 -39.80
C VAL K 217 -15.28 -77.72 -38.39
N CYS K 218 -16.58 -77.78 -38.14
CA CYS K 218 -17.01 -77.88 -36.77
C CYS K 218 -16.73 -79.24 -36.17
N PRO K 219 -15.99 -79.32 -35.06
CA PRO K 219 -15.65 -80.63 -34.49
C PRO K 219 -16.82 -81.44 -33.98
N LYS K 220 -17.87 -80.83 -33.44
CA LYS K 220 -19.02 -81.63 -32.99
C LYS K 220 -20.05 -81.82 -34.09
N GLY K 221 -19.80 -81.31 -35.30
CA GLY K 221 -20.61 -81.67 -36.44
C GLY K 221 -22.08 -81.34 -36.26
N ILE K 222 -22.35 -80.11 -35.90
CA ILE K 222 -23.73 -79.69 -35.77
C ILE K 222 -24.22 -79.51 -37.19
N PRO K 223 -25.53 -79.53 -37.45
CA PRO K 223 -25.99 -79.34 -38.84
C PRO K 223 -26.17 -77.89 -39.27
N LEU K 224 -25.04 -77.19 -39.46
CA LEU K 224 -25.13 -75.77 -39.80
C LEU K 224 -25.72 -75.59 -41.18
N GLN K 225 -25.39 -76.46 -42.12
CA GLN K 225 -25.80 -76.20 -43.48
C GLN K 225 -27.32 -76.15 -43.61
N ASP K 226 -28.01 -77.23 -43.25
CA ASP K 226 -29.46 -77.21 -43.46
C ASP K 226 -30.23 -76.52 -42.34
N GLN K 227 -29.67 -76.35 -41.14
CA GLN K 227 -30.40 -75.53 -40.17
C GLN K 227 -30.29 -74.05 -40.54
N LEU K 228 -29.08 -73.60 -40.89
CA LEU K 228 -28.93 -72.25 -41.45
C LEU K 228 -29.85 -72.06 -42.63
N GLY K 229 -29.88 -73.03 -43.54
CA GLY K 229 -30.68 -72.89 -44.75
C GLY K 229 -32.16 -72.74 -44.44
N ILE K 230 -32.68 -73.61 -43.58
CA ILE K 230 -34.09 -73.54 -43.25
C ILE K 230 -34.40 -72.26 -42.50
N MET K 231 -33.43 -71.72 -41.77
CA MET K 231 -33.64 -70.47 -41.04
C MET K 231 -33.65 -69.28 -41.97
N ARG K 232 -32.78 -69.30 -42.99
CA ARG K 232 -32.76 -68.23 -43.96
C ARG K 232 -33.99 -68.28 -44.86
N ARG K 233 -34.53 -69.47 -45.11
CA ARG K 233 -35.81 -69.55 -45.81
C ARG K 233 -36.93 -68.94 -44.98
N MET K 234 -37.12 -69.42 -43.74
CA MET K 234 -38.26 -68.94 -42.95
C MET K 234 -38.13 -67.46 -42.57
N MET K 235 -36.92 -66.96 -42.30
CA MET K 235 -36.82 -65.52 -42.05
C MET K 235 -36.87 -64.75 -43.35
N ALA K 236 -36.10 -65.20 -44.36
CA ALA K 236 -36.05 -64.56 -45.68
C ALA K 236 -37.41 -64.51 -46.33
N MET K 237 -38.24 -65.52 -46.09
CA MET K 237 -39.59 -65.49 -46.60
C MET K 237 -40.46 -64.53 -45.81
N HIS K 238 -39.93 -63.88 -44.79
CA HIS K 238 -40.72 -62.87 -44.12
C HIS K 238 -40.64 -61.61 -44.98
N SER K 239 -41.75 -61.30 -45.63
CA SER K 239 -41.91 -60.31 -46.68
C SER K 239 -43.35 -60.43 -47.16
N VAL K 240 -43.85 -59.38 -47.82
CA VAL K 240 -45.21 -59.35 -48.36
C VAL K 240 -45.24 -58.60 -49.69
N MET L 1 -39.26 -36.28 -37.28
CA MET L 1 -40.06 -37.06 -36.34
C MET L 1 -39.33 -38.34 -35.95
N ASN L 2 -39.06 -39.20 -36.93
CA ASN L 2 -38.13 -40.29 -36.80
C ASN L 2 -36.78 -40.01 -37.49
N ALA L 3 -36.53 -38.77 -37.92
CA ALA L 3 -35.31 -38.42 -38.66
C ALA L 3 -34.07 -38.70 -37.80
N SER L 4 -34.28 -39.09 -36.55
CA SER L 4 -33.25 -39.46 -35.57
C SER L 4 -32.84 -40.94 -35.59
N THR L 5 -32.37 -41.42 -34.42
CA THR L 5 -31.89 -42.78 -34.21
C THR L 5 -33.00 -43.81 -33.97
N ILE L 6 -33.59 -43.85 -32.77
CA ILE L 6 -34.67 -44.75 -32.37
C ILE L 6 -34.36 -46.17 -32.89
N THR L 7 -35.34 -46.85 -33.53
CA THR L 7 -35.10 -48.11 -34.23
C THR L 7 -35.90 -48.12 -35.55
N LEU L 8 -35.17 -48.10 -36.69
CA LEU L 8 -35.62 -48.26 -38.10
C LEU L 8 -36.83 -47.46 -38.56
N HIS L 9 -37.66 -48.04 -39.44
CA HIS L 9 -38.51 -47.15 -40.25
C HIS L 9 -39.98 -47.08 -39.80
N VAL L 10 -40.51 -48.11 -39.14
CA VAL L 10 -41.97 -48.08 -38.94
C VAL L 10 -42.16 -48.03 -37.41
N PRO L 11 -43.36 -48.12 -36.81
CA PRO L 11 -43.44 -48.14 -35.33
C PRO L 11 -42.79 -49.34 -34.60
N GLN L 12 -42.23 -50.38 -35.25
CA GLN L 12 -41.36 -51.31 -34.50
C GLN L 12 -39.96 -51.44 -35.09
N ARG L 13 -39.77 -52.22 -36.16
CA ARG L 13 -38.46 -52.37 -36.78
C ARG L 13 -38.64 -52.52 -38.28
N SER L 14 -37.54 -52.60 -38.98
CA SER L 14 -37.60 -52.62 -40.43
C SER L 14 -37.65 -54.05 -40.90
N LYS L 15 -38.41 -54.29 -41.96
CA LYS L 15 -38.37 -55.56 -42.67
C LYS L 15 -37.54 -55.50 -43.96
N ILE L 16 -36.91 -54.36 -44.25
CA ILE L 16 -36.20 -54.16 -45.51
C ILE L 16 -35.11 -55.20 -45.76
N ALA L 17 -34.57 -55.78 -44.69
CA ALA L 17 -33.42 -56.66 -44.85
C ALA L 17 -33.77 -57.95 -45.56
N GLY L 18 -34.78 -58.67 -45.08
CA GLY L 18 -35.15 -59.94 -45.69
C GLY L 18 -35.67 -59.78 -47.10
N ARG L 19 -36.57 -58.82 -47.31
CA ARG L 19 -37.01 -58.49 -48.64
C ARG L 19 -35.80 -58.27 -49.55
N MET L 20 -34.81 -57.53 -49.05
CA MET L 20 -33.70 -57.12 -49.90
C MET L 20 -32.83 -58.30 -50.31
N ASP L 21 -32.45 -59.15 -49.34
CA ASP L 21 -31.68 -60.37 -49.65
C ASP L 21 -32.46 -61.29 -50.58
N PHE L 22 -33.73 -61.51 -50.23
CA PHE L 22 -34.63 -62.35 -51.01
C PHE L 22 -34.65 -61.94 -52.47
N PHE L 23 -34.71 -60.64 -52.72
CA PHE L 23 -34.74 -60.18 -54.09
C PHE L 23 -33.37 -60.29 -54.76
N GLN L 24 -32.28 -60.36 -53.97
CA GLN L 24 -31.00 -60.77 -54.57
C GLN L 24 -31.06 -62.22 -55.04
N MET L 25 -31.73 -63.10 -54.25
CA MET L 25 -31.87 -64.50 -54.63
C MET L 25 -32.72 -64.68 -55.89
N VAL L 26 -33.81 -63.91 -56.00
CA VAL L 26 -34.66 -63.98 -57.19
C VAL L 26 -34.06 -63.24 -58.40
N SER L 27 -33.23 -62.20 -58.20
CA SER L 27 -32.49 -61.67 -59.34
C SER L 27 -31.45 -62.68 -59.81
N GLY L 28 -30.85 -63.43 -58.87
CA GLY L 28 -29.93 -64.49 -59.26
C GLY L 28 -30.64 -65.65 -59.94
N ALA L 29 -31.84 -66.01 -59.45
CA ALA L 29 -32.62 -67.13 -60.03
C ALA L 29 -33.21 -66.77 -61.40
N LEU L 30 -33.88 -65.62 -61.51
CA LEU L 30 -34.46 -65.20 -62.79
C LEU L 30 -33.35 -64.95 -63.81
N LEU L 31 -32.22 -64.42 -63.36
CA LEU L 31 -31.15 -64.16 -64.30
C LEU L 31 -30.48 -65.48 -64.71
N ILE L 32 -30.43 -66.46 -63.81
CA ILE L 32 -29.89 -67.77 -64.19
C ILE L 32 -30.79 -68.40 -65.26
N LEU L 33 -32.12 -68.25 -65.11
CA LEU L 33 -33.05 -68.78 -66.12
C LEU L 33 -32.84 -68.13 -67.47
N PHE L 34 -32.66 -66.81 -67.50
CA PHE L 34 -32.36 -66.18 -68.78
C PHE L 34 -31.15 -66.84 -69.41
N LEU L 35 -30.01 -66.88 -68.70
CA LEU L 35 -28.80 -67.37 -69.35
C LEU L 35 -28.96 -68.81 -69.85
N TRP L 36 -29.75 -69.62 -69.15
CA TRP L 36 -30.15 -70.90 -69.75
C TRP L 36 -30.76 -70.69 -71.13
N ALA L 37 -31.81 -69.87 -71.20
CA ALA L 37 -32.48 -69.67 -72.48
C ALA L 37 -31.54 -69.11 -73.54
N HIS L 38 -30.67 -68.18 -73.16
CA HIS L 38 -29.76 -67.59 -74.14
C HIS L 38 -28.83 -68.63 -74.69
N MET L 39 -28.24 -69.42 -73.83
CA MET L 39 -27.30 -70.40 -74.34
C MET L 39 -28.01 -71.64 -74.84
N MET L 40 -29.34 -71.64 -74.86
CA MET L 40 -30.06 -72.66 -75.60
C MET L 40 -30.45 -72.14 -76.98
N LEU L 41 -31.28 -71.10 -77.03
CA LEU L 41 -31.75 -70.56 -78.30
C LEU L 41 -30.60 -70.18 -79.23
N VAL L 42 -29.72 -69.25 -78.81
CA VAL L 42 -28.71 -68.67 -79.71
C VAL L 42 -27.44 -69.51 -79.78
N SER L 43 -27.39 -70.60 -79.05
CA SER L 43 -26.32 -71.57 -79.11
C SER L 43 -26.54 -72.58 -80.22
N SER L 44 -27.46 -72.26 -81.15
CA SER L 44 -27.87 -73.06 -82.29
C SER L 44 -27.01 -72.95 -83.54
N VAL L 45 -25.90 -72.19 -83.56
CA VAL L 45 -25.05 -72.15 -84.76
C VAL L 45 -24.66 -73.55 -85.21
N ILE L 46 -24.37 -74.42 -84.26
CA ILE L 46 -23.84 -75.71 -84.67
C ILE L 46 -24.95 -76.60 -85.18
N LEU L 47 -26.19 -76.38 -84.73
CA LEU L 47 -27.32 -77.12 -85.29
C LEU L 47 -27.61 -76.64 -86.70
N SER L 48 -27.94 -75.38 -86.86
CA SER L 48 -28.13 -74.84 -88.20
C SER L 48 -28.20 -73.35 -88.10
N PRO L 49 -27.59 -72.66 -89.04
CA PRO L 49 -27.76 -71.21 -89.06
C PRO L 49 -29.20 -70.83 -89.29
N SER L 50 -29.90 -71.61 -90.12
CA SER L 50 -31.31 -71.38 -90.36
C SER L 50 -32.12 -71.55 -89.08
N LEU L 51 -31.74 -72.53 -88.25
CA LEU L 51 -32.51 -72.78 -87.02
C LEU L 51 -32.42 -71.60 -86.07
N MET L 52 -31.22 -71.05 -85.87
CA MET L 52 -31.11 -69.89 -84.99
C MET L 52 -31.78 -68.67 -85.61
N ASN L 53 -31.66 -68.48 -86.93
CA ASN L 53 -32.34 -67.36 -87.54
C ASN L 53 -33.83 -67.46 -87.32
N GLY L 54 -34.38 -68.66 -87.46
CA GLY L 54 -35.81 -68.83 -87.30
C GLY L 54 -36.24 -68.71 -85.87
N ILE L 55 -35.55 -69.42 -84.97
CA ILE L 55 -35.89 -69.39 -83.56
C ILE L 55 -35.73 -67.98 -83.04
N ALA L 56 -34.98 -67.16 -83.76
CA ALA L 56 -34.91 -65.76 -83.39
C ALA L 56 -36.13 -65.02 -83.87
N TRP L 57 -36.50 -65.24 -85.13
CA TRP L 57 -37.80 -64.79 -85.62
C TRP L 57 -38.94 -65.50 -84.91
N PHE L 58 -38.64 -66.51 -84.08
CA PHE L 58 -39.68 -67.23 -83.36
C PHE L 58 -40.49 -66.29 -82.47
N PHE L 59 -39.82 -65.46 -81.69
CA PHE L 59 -40.49 -64.41 -80.95
C PHE L 59 -40.00 -63.08 -81.52
N GLU L 60 -40.86 -62.43 -82.29
CA GLU L 60 -40.69 -61.04 -82.69
C GLU L 60 -39.27 -60.74 -83.12
N ALA L 61 -38.76 -61.54 -84.07
CA ALA L 61 -37.54 -61.19 -84.78
C ALA L 61 -36.31 -61.00 -83.89
N THR L 62 -35.66 -62.11 -83.49
CA THR L 62 -34.58 -62.20 -82.51
C THR L 62 -35.05 -62.13 -81.06
N TYR L 63 -36.16 -62.78 -80.73
CA TYR L 63 -36.61 -62.94 -79.33
C TYR L 63 -36.89 -61.61 -78.61
N MET L 64 -37.72 -60.77 -79.24
CA MET L 64 -38.26 -59.53 -78.64
C MET L 64 -37.23 -58.81 -77.80
N ALA L 65 -36.17 -58.31 -78.44
CA ALA L 65 -35.08 -57.69 -77.72
C ALA L 65 -35.32 -56.22 -77.37
N GLN L 66 -36.43 -55.62 -77.84
CA GLN L 66 -36.81 -54.29 -77.34
C GLN L 66 -37.59 -54.40 -76.03
N ILE L 67 -38.36 -55.47 -75.82
CA ILE L 67 -38.90 -55.75 -74.50
C ILE L 67 -38.06 -56.75 -73.69
N GLY L 68 -37.14 -57.47 -74.34
CA GLY L 68 -36.28 -58.36 -73.57
C GLY L 68 -34.87 -57.87 -73.36
N GLY L 69 -34.43 -56.88 -74.15
CA GLY L 69 -33.13 -56.29 -74.03
C GLY L 69 -32.97 -55.37 -72.84
N PRO L 70 -33.86 -54.39 -72.73
CA PRO L 70 -33.93 -53.61 -71.47
C PRO L 70 -34.31 -54.46 -70.26
N ALA L 71 -34.96 -55.63 -70.45
CA ALA L 71 -35.22 -56.52 -69.33
C ALA L 71 -33.92 -57.03 -68.70
N VAL L 72 -33.08 -57.69 -69.48
CA VAL L 72 -31.84 -58.17 -68.91
C VAL L 72 -30.80 -57.07 -68.73
N PHE L 73 -30.97 -55.92 -69.39
CA PHE L 73 -30.08 -54.79 -69.17
C PHE L 73 -30.31 -54.17 -67.79
N VAL L 74 -31.51 -53.61 -67.56
CA VAL L 74 -31.80 -52.97 -66.27
C VAL L 74 -31.84 -53.99 -65.13
N LEU L 75 -32.36 -55.20 -65.39
CA LEU L 75 -32.40 -56.20 -64.31
C LEU L 75 -31.00 -56.68 -63.97
N MET L 76 -30.10 -56.78 -64.97
CA MET L 76 -28.73 -57.21 -64.69
C MET L 76 -27.98 -56.12 -63.90
N VAL L 77 -28.25 -54.84 -64.21
CA VAL L 77 -27.63 -53.78 -63.40
C VAL L 77 -28.21 -53.77 -61.99
N VAL L 78 -29.51 -54.04 -61.85
CA VAL L 78 -30.10 -54.10 -60.51
C VAL L 78 -29.52 -55.26 -59.69
N HIS L 79 -29.27 -56.40 -60.33
CA HIS L 79 -28.44 -57.44 -59.72
C HIS L 79 -27.10 -56.84 -59.25
N PHE L 80 -26.42 -56.12 -60.15
CA PHE L 80 -25.11 -55.54 -59.82
C PHE L 80 -25.18 -54.70 -58.57
N ILE L 81 -26.24 -53.90 -58.45
CA ILE L 81 -26.50 -53.04 -57.30
C ILE L 81 -26.76 -53.86 -56.04
N LEU L 82 -27.58 -54.91 -56.14
CA LEU L 82 -27.91 -55.67 -54.94
C LEU L 82 -26.73 -56.45 -54.42
N ALA L 83 -25.90 -56.98 -55.33
CA ALA L 83 -24.75 -57.79 -54.95
C ALA L 83 -23.53 -56.95 -54.58
N ALA L 84 -23.35 -55.80 -55.23
CA ALA L 84 -22.24 -54.93 -54.87
C ALA L 84 -22.26 -54.62 -53.39
N ARG L 85 -23.40 -54.83 -52.73
CA ARG L 85 -23.50 -54.66 -51.30
C ARG L 85 -22.41 -55.43 -50.60
N LYS L 86 -22.24 -56.71 -50.95
CA LYS L 86 -21.26 -57.54 -50.26
C LYS L 86 -19.91 -57.60 -50.94
N MET L 87 -19.69 -56.89 -51.97
CA MET L 87 -18.46 -57.09 -52.70
C MET L 87 -17.29 -56.50 -51.95
N PRO L 88 -16.21 -57.27 -51.78
CA PRO L 88 -15.05 -56.79 -51.04
C PRO L 88 -14.28 -55.69 -51.78
N PHE L 89 -14.81 -54.47 -51.77
CA PHE L 89 -14.08 -53.33 -52.36
C PHE L 89 -13.08 -52.74 -51.36
N LYS L 90 -13.50 -52.58 -50.11
CA LYS L 90 -12.65 -51.96 -49.12
C LYS L 90 -11.35 -52.74 -49.01
N GLN L 91 -10.22 -52.03 -49.13
CA GLN L 91 -8.93 -52.68 -49.28
C GLN L 91 -8.63 -53.64 -48.15
N ASP L 92 -9.27 -53.43 -47.03
CA ASP L 92 -9.12 -54.38 -45.94
C ASP L 92 -10.03 -55.58 -46.12
N GLU L 93 -11.23 -55.41 -46.67
CA GLU L 93 -12.07 -56.56 -46.93
C GLU L 93 -11.36 -57.50 -47.90
N TRP L 94 -10.74 -56.95 -48.94
CA TRP L 94 -9.86 -57.73 -49.79
C TRP L 94 -8.72 -58.31 -48.97
N LYS L 95 -7.93 -57.47 -48.32
CA LYS L 95 -6.74 -57.99 -47.64
C LYS L 95 -7.06 -59.19 -46.74
N THR L 96 -8.09 -59.04 -45.88
CA THR L 96 -8.48 -60.12 -44.99
C THR L 96 -8.94 -61.33 -45.77
N PHE L 97 -9.91 -61.16 -46.69
CA PHE L 97 -10.42 -62.36 -47.33
C PHE L 97 -9.32 -63.07 -48.09
N ARG L 98 -8.35 -62.35 -48.63
CA ARG L 98 -7.30 -63.07 -49.33
C ARG L 98 -6.47 -63.90 -48.37
N VAL L 99 -6.14 -63.36 -47.21
CA VAL L 99 -5.36 -64.19 -46.29
C VAL L 99 -6.20 -65.32 -45.70
N HIS L 100 -7.45 -65.04 -45.28
CA HIS L 100 -8.29 -66.11 -44.72
C HIS L 100 -8.53 -67.23 -45.71
N ALA L 101 -8.74 -66.89 -47.00
CA ALA L 101 -9.02 -67.88 -48.04
C ALA L 101 -7.78 -68.64 -48.48
N CYS L 102 -6.61 -68.01 -48.47
CA CYS L 102 -5.36 -68.71 -48.79
C CYS L 102 -4.89 -69.58 -47.62
N MET L 103 -5.21 -69.21 -46.37
CA MET L 103 -4.83 -70.05 -45.24
C MET L 103 -5.81 -71.20 -45.02
N LEU L 104 -7.07 -71.03 -45.33
CA LEU L 104 -8.02 -72.06 -44.99
C LEU L 104 -7.94 -73.28 -45.89
N HIS L 105 -7.43 -73.15 -47.13
CA HIS L 105 -7.49 -74.18 -48.17
C HIS L 105 -8.91 -74.61 -48.46
N HIS L 106 -9.93 -73.83 -48.09
CA HIS L 106 -11.34 -74.25 -48.21
C HIS L 106 -11.88 -73.80 -49.54
N LYS L 107 -12.55 -74.72 -50.23
CA LYS L 107 -12.79 -74.50 -51.65
C LYS L 107 -13.81 -73.40 -51.87
N ASP L 108 -15.02 -73.59 -51.37
CA ASP L 108 -16.12 -72.68 -51.69
C ASP L 108 -15.85 -71.26 -51.18
N THR L 109 -15.23 -71.17 -50.00
CA THR L 109 -14.67 -69.89 -49.58
C THR L 109 -13.85 -69.29 -50.72
N THR L 110 -12.92 -70.07 -51.27
CA THR L 110 -12.06 -69.54 -52.31
C THR L 110 -12.82 -69.27 -53.59
N MET L 111 -13.97 -69.96 -53.81
CA MET L 111 -14.82 -69.68 -54.97
C MET L 111 -15.54 -68.35 -54.83
N TRP L 112 -15.77 -67.86 -53.62
CA TRP L 112 -16.35 -66.53 -53.55
C TRP L 112 -15.48 -65.48 -54.22
N VAL L 113 -14.16 -65.56 -54.02
CA VAL L 113 -13.24 -64.56 -54.62
C VAL L 113 -13.29 -64.60 -56.16
N VAL L 114 -13.46 -65.79 -56.74
CA VAL L 114 -13.61 -65.82 -58.19
C VAL L 114 -14.99 -65.31 -58.58
N GLN L 115 -16.03 -65.57 -57.76
CA GLN L 115 -17.32 -64.95 -58.03
C GLN L 115 -17.14 -63.43 -58.17
N VAL L 116 -16.16 -62.88 -57.44
CA VAL L 116 -15.88 -61.44 -57.50
C VAL L 116 -15.17 -61.06 -58.80
N ILE L 117 -13.98 -61.62 -59.02
CA ILE L 117 -13.27 -61.22 -60.24
C ILE L 117 -14.16 -61.39 -61.45
N SER L 118 -14.87 -62.52 -61.51
CA SER L 118 -15.82 -62.73 -62.60
C SER L 118 -16.84 -61.59 -62.72
N ALA L 119 -17.44 -61.16 -61.57
CA ALA L 119 -18.47 -60.12 -61.62
C ALA L 119 -17.98 -58.83 -62.28
N ILE L 120 -16.75 -58.39 -61.96
CA ILE L 120 -16.34 -57.13 -62.62
C ILE L 120 -16.07 -57.40 -64.10
N PHE L 121 -15.47 -58.54 -64.45
CA PHE L 121 -15.23 -58.73 -65.88
C PHE L 121 -16.51 -58.75 -66.68
N ILE L 122 -17.57 -59.36 -66.14
CA ILE L 122 -18.77 -59.38 -66.93
C ILE L 122 -19.58 -58.08 -66.88
N LEU L 123 -19.41 -57.18 -65.91
CA LEU L 123 -20.13 -55.91 -66.04
C LEU L 123 -19.68 -55.12 -67.28
N VAL L 124 -18.38 -54.89 -67.41
CA VAL L 124 -17.73 -54.24 -68.55
C VAL L 124 -17.99 -55.03 -69.85
N LEU L 125 -17.40 -56.23 -69.98
CA LEU L 125 -17.45 -56.90 -71.29
C LEU L 125 -18.87 -57.27 -71.63
N GLY L 126 -19.64 -57.66 -70.62
CA GLY L 126 -21.03 -58.00 -70.83
C GLY L 126 -21.89 -56.81 -71.21
N ALA L 127 -21.70 -55.68 -70.55
CA ALA L 127 -22.54 -54.54 -70.89
C ALA L 127 -22.30 -54.14 -72.33
N VAL L 128 -21.04 -54.24 -72.81
CA VAL L 128 -20.75 -53.82 -74.18
C VAL L 128 -21.19 -54.89 -75.19
N HIS L 129 -21.12 -56.19 -74.84
CA HIS L 129 -21.67 -57.19 -75.75
C HIS L 129 -23.20 -57.09 -75.85
N MET L 130 -23.86 -57.21 -74.70
CA MET L 130 -25.30 -57.11 -74.64
C MET L 130 -25.77 -55.88 -75.36
N PHE L 131 -25.01 -54.79 -75.29
CA PHE L 131 -25.44 -53.55 -75.91
C PHE L 131 -25.21 -53.61 -77.43
N VAL L 132 -24.03 -54.04 -77.88
CA VAL L 132 -23.75 -54.03 -79.32
C VAL L 132 -24.74 -54.92 -80.06
N VAL L 133 -25.13 -56.05 -79.47
CA VAL L 133 -26.10 -56.89 -80.16
C VAL L 133 -27.53 -56.50 -79.83
N LEU L 134 -27.73 -55.65 -78.84
CA LEU L 134 -29.08 -55.24 -78.53
C LEU L 134 -29.57 -54.10 -79.40
N THR L 135 -28.69 -53.46 -80.18
CA THR L 135 -29.08 -52.28 -80.96
C THR L 135 -29.57 -52.72 -82.33
N ASP L 136 -30.90 -52.76 -82.48
CA ASP L 136 -31.59 -53.17 -83.70
C ASP L 136 -30.93 -54.39 -84.38
N LEU L 137 -30.69 -54.29 -85.69
CA LEU L 137 -30.14 -55.32 -86.60
C LEU L 137 -30.65 -56.69 -86.21
N PRO L 138 -31.93 -57.02 -86.49
CA PRO L 138 -32.44 -58.34 -86.13
C PRO L 138 -31.51 -59.44 -86.63
N ILE L 139 -31.48 -60.53 -85.88
CA ILE L 139 -30.37 -61.46 -85.96
C ILE L 139 -30.40 -62.26 -87.26
N THR L 140 -29.20 -62.48 -87.76
CA THR L 140 -28.90 -63.42 -88.82
C THR L 140 -27.74 -64.21 -88.26
N ALA L 141 -27.68 -65.50 -88.54
CA ALA L 141 -26.54 -66.25 -88.07
C ALA L 141 -25.32 -65.80 -88.84
N ALA L 142 -25.49 -65.53 -90.13
CA ALA L 142 -24.40 -65.06 -90.96
C ALA L 142 -23.94 -63.68 -90.56
N LYS L 143 -24.83 -62.83 -90.03
CA LYS L 143 -24.30 -61.54 -89.65
C LYS L 143 -23.59 -61.65 -88.30
N SER L 144 -23.97 -62.64 -87.48
CA SER L 144 -23.35 -62.83 -86.17
C SER L 144 -21.98 -63.46 -86.33
N ALA L 145 -21.90 -64.48 -87.19
CA ALA L 145 -20.60 -64.90 -87.67
C ALA L 145 -19.85 -63.71 -88.26
N ALA L 146 -20.54 -62.63 -88.62
CA ALA L 146 -19.87 -61.37 -88.94
C ALA L 146 -19.05 -60.95 -87.73
N ARG L 147 -19.71 -60.51 -86.65
CA ARG L 147 -19.06 -60.30 -85.35
C ARG L 147 -19.80 -61.16 -84.32
N LEU L 148 -19.24 -62.31 -83.94
CA LEU L 148 -17.85 -62.84 -84.06
C LEU L 148 -16.96 -62.84 -85.31
N GLN L 149 -15.64 -62.86 -85.07
CA GLN L 149 -14.49 -62.90 -85.98
C GLN L 149 -14.08 -61.54 -86.52
N SER L 150 -14.97 -60.56 -86.36
CA SER L 150 -14.71 -59.20 -86.82
C SER L 150 -15.69 -58.23 -86.19
N GLY L 151 -15.20 -57.03 -85.87
CA GLY L 151 -16.04 -56.01 -85.25
C GLY L 151 -15.26 -54.95 -84.49
N TRP L 152 -14.31 -55.37 -83.65
CA TRP L 152 -13.97 -56.77 -83.45
C TRP L 152 -14.42 -57.27 -82.08
N LEU L 153 -15.32 -58.25 -82.08
CA LEU L 153 -15.83 -58.83 -80.84
C LEU L 153 -14.96 -60.03 -80.46
N TYR L 154 -15.03 -61.19 -81.13
CA TYR L 154 -14.07 -62.25 -80.78
C TYR L 154 -14.11 -62.47 -79.26
N LEU L 155 -12.96 -62.68 -78.60
CA LEU L 155 -12.91 -62.88 -77.15
C LEU L 155 -14.03 -63.82 -76.75
N TYR L 156 -14.84 -63.45 -75.75
CA TYR L 156 -15.91 -64.24 -75.13
C TYR L 156 -15.29 -65.48 -74.50
N LEU L 157 -14.05 -65.77 -74.83
CA LEU L 157 -13.28 -66.72 -74.05
C LEU L 157 -12.86 -66.06 -72.78
N VAL L 158 -12.67 -64.76 -72.86
CA VAL L 158 -12.30 -63.94 -71.73
C VAL L 158 -13.63 -63.57 -71.11
N LEU L 159 -14.70 -64.12 -71.65
CA LEU L 159 -16.00 -63.94 -71.01
C LEU L 159 -16.63 -65.27 -70.62
N LEU L 160 -16.62 -66.30 -71.49
CA LEU L 160 -17.38 -67.51 -71.20
C LEU L 160 -16.96 -68.22 -69.90
N PRO L 161 -15.68 -68.52 -69.64
CA PRO L 161 -15.35 -69.11 -68.32
C PRO L 161 -15.72 -68.22 -67.14
N LEU L 162 -15.40 -66.91 -67.21
CA LEU L 162 -15.78 -65.99 -66.13
C LEU L 162 -17.30 -66.00 -65.94
N ALA L 163 -18.04 -65.96 -67.02
CA ALA L 163 -19.49 -65.92 -66.93
C ALA L 163 -20.05 -67.20 -66.31
N GLU L 164 -19.76 -68.35 -66.92
CA GLU L 164 -20.45 -69.53 -66.43
C GLU L 164 -19.87 -70.01 -65.11
N LEU L 165 -18.58 -69.73 -64.88
CA LEU L 165 -18.04 -69.90 -63.55
C LEU L 165 -18.92 -69.20 -62.54
N HIS L 166 -19.17 -67.90 -62.78
CA HIS L 166 -20.03 -67.11 -61.90
C HIS L 166 -21.42 -67.76 -61.76
N VAL L 167 -22.08 -68.07 -62.88
CA VAL L 167 -23.46 -68.53 -62.81
C VAL L 167 -23.51 -69.83 -62.06
N GLY L 168 -22.44 -70.60 -62.17
CA GLY L 168 -22.36 -71.90 -61.56
C GLY L 168 -22.30 -71.73 -60.06
N VAL L 169 -21.27 -71.03 -59.59
CA VAL L 169 -21.17 -70.86 -58.15
C VAL L 169 -22.43 -70.23 -57.65
N GLY L 170 -23.08 -69.43 -58.49
CA GLY L 170 -24.29 -68.74 -58.09
C GLY L 170 -25.44 -69.69 -57.92
N PHE L 171 -25.54 -70.68 -58.79
CA PHE L 171 -26.58 -71.66 -58.55
C PHE L 171 -26.26 -72.49 -57.32
N TYR L 172 -25.00 -72.92 -57.18
CA TYR L 172 -24.62 -73.74 -56.03
C TYR L 172 -24.93 -73.02 -54.72
N ARG L 173 -24.53 -71.77 -54.62
CA ARG L 173 -24.70 -71.00 -53.40
C ARG L 173 -26.17 -70.77 -53.11
N ILE L 174 -26.92 -70.35 -54.13
CA ILE L 174 -28.32 -70.07 -53.90
C ILE L 174 -29.02 -71.30 -53.41
N GLY L 175 -28.56 -72.48 -53.81
CA GLY L 175 -29.19 -73.69 -53.35
C GLY L 175 -28.94 -73.93 -51.87
N VAL L 176 -27.67 -73.84 -51.47
CA VAL L 176 -27.30 -74.02 -50.06
C VAL L 176 -27.94 -72.95 -49.19
N LYS L 177 -27.68 -71.68 -49.52
CA LYS L 177 -27.94 -70.60 -48.59
C LYS L 177 -29.40 -70.53 -48.13
N TYR L 178 -30.34 -70.93 -48.99
CA TYR L 178 -31.73 -70.96 -48.58
C TYR L 178 -32.21 -72.35 -48.21
N GLY L 179 -31.35 -73.37 -48.32
CA GLY L 179 -31.65 -74.69 -47.81
C GLY L 179 -32.08 -75.74 -48.79
N PHE L 180 -31.90 -75.53 -50.10
CA PHE L 180 -32.34 -76.57 -51.02
C PHE L 180 -31.37 -77.72 -51.12
N VAL L 181 -30.40 -77.83 -50.22
CA VAL L 181 -29.43 -78.91 -50.37
C VAL L 181 -29.17 -79.56 -49.02
N GLY L 182 -28.06 -80.30 -48.93
CA GLY L 182 -27.78 -81.26 -47.89
C GLY L 182 -27.49 -80.66 -46.53
N ARG L 183 -26.77 -81.32 -45.62
CA ARG L 183 -25.79 -82.41 -45.87
C ARG L 183 -26.15 -83.60 -46.74
N ASN L 184 -27.28 -84.23 -46.43
CA ASN L 184 -27.63 -85.51 -47.04
C ASN L 184 -27.41 -85.50 -48.55
N LYS L 185 -27.93 -84.48 -49.23
CA LYS L 185 -27.87 -84.39 -50.68
C LYS L 185 -26.70 -83.57 -51.17
N ARG L 186 -25.85 -83.11 -50.25
CA ARG L 186 -24.92 -82.01 -50.49
C ARG L 186 -23.96 -82.31 -51.65
N LYS L 187 -23.22 -83.40 -51.56
CA LYS L 187 -22.18 -83.66 -52.55
C LYS L 187 -22.77 -83.84 -53.95
N TRP L 188 -23.89 -84.58 -54.05
CA TRP L 188 -24.63 -84.72 -55.30
C TRP L 188 -24.85 -83.35 -55.94
N PHE L 189 -25.16 -82.35 -55.11
CA PHE L 189 -25.44 -81.04 -55.64
C PHE L 189 -24.18 -80.39 -56.13
N GLN L 190 -23.07 -80.53 -55.39
CA GLN L 190 -21.86 -79.84 -55.82
C GLN L 190 -21.25 -80.50 -57.04
N LYS L 191 -21.11 -81.83 -57.03
CA LYS L 191 -20.54 -82.55 -58.18
C LYS L 191 -21.43 -82.43 -59.41
N THR L 192 -22.74 -82.67 -59.22
CA THR L 192 -23.74 -82.40 -60.25
C THR L 192 -23.56 -81.01 -60.84
N GLU L 193 -23.45 -80.00 -59.98
CA GLU L 193 -23.43 -78.62 -60.41
C GLU L 193 -22.11 -78.29 -61.14
N ASN L 194 -20.98 -78.76 -60.61
CA ASN L 194 -19.70 -78.59 -61.30
C ASN L 194 -19.73 -79.25 -62.66
N LEU L 195 -20.53 -80.29 -62.79
CA LEU L 195 -20.72 -80.86 -64.11
C LEU L 195 -21.62 -79.97 -64.97
N MET L 196 -22.68 -79.39 -64.39
CA MET L 196 -23.51 -78.44 -65.15
C MET L 196 -22.63 -77.37 -65.78
N MET L 197 -21.72 -76.83 -64.97
CA MET L 197 -20.85 -75.77 -65.44
C MET L 197 -19.86 -76.26 -66.49
N ILE L 198 -19.13 -77.34 -66.20
CA ILE L 198 -18.13 -77.77 -67.17
C ILE L 198 -18.79 -78.11 -68.51
N GLY L 199 -20.06 -78.54 -68.46
CA GLY L 199 -20.80 -78.80 -69.68
C GLY L 199 -21.16 -77.52 -70.41
N PHE L 200 -21.52 -76.49 -69.65
CA PHE L 200 -21.79 -75.18 -70.25
C PHE L 200 -20.54 -74.57 -70.87
N ILE L 201 -19.36 -74.82 -70.31
CA ILE L 201 -18.13 -74.35 -70.96
C ILE L 201 -17.90 -75.14 -72.24
N THR L 202 -18.31 -76.41 -72.27
CA THR L 202 -18.12 -77.19 -73.50
C THR L 202 -19.05 -76.70 -74.62
N ILE L 203 -20.36 -76.68 -74.38
CA ILE L 203 -21.28 -76.33 -75.47
C ILE L 203 -21.17 -74.86 -75.81
N GLY L 204 -20.68 -74.05 -74.89
CA GLY L 204 -20.34 -72.70 -75.27
C GLY L 204 -19.04 -72.59 -76.06
N LEU L 205 -17.96 -73.29 -75.65
CA LEU L 205 -16.73 -73.11 -76.39
C LEU L 205 -16.89 -73.64 -77.80
N LEU L 206 -17.67 -74.70 -77.98
CA LEU L 206 -17.86 -75.14 -79.36
C LEU L 206 -18.94 -74.34 -80.08
N THR L 207 -19.98 -73.83 -79.38
CA THR L 207 -20.84 -72.86 -80.05
C THR L 207 -19.99 -71.70 -80.56
N LEU L 208 -18.90 -71.43 -79.88
CA LEU L 208 -17.98 -70.34 -80.15
C LEU L 208 -17.07 -70.61 -81.35
N VAL L 209 -16.35 -71.74 -81.34
CA VAL L 209 -15.45 -72.01 -82.46
C VAL L 209 -16.24 -72.40 -83.69
N ARG L 210 -17.41 -73.01 -83.51
CA ARG L 210 -18.26 -73.41 -84.63
C ARG L 210 -18.99 -72.21 -85.24
N PHE L 211 -19.33 -71.20 -84.42
CA PHE L 211 -19.74 -69.91 -84.98
C PHE L 211 -18.67 -69.31 -85.85
N MET L 212 -17.47 -69.85 -85.84
CA MET L 212 -16.45 -69.38 -86.74
C MET L 212 -16.14 -70.41 -87.84
#